data_8CDB
#
_entry.id   8CDB
#
_cell.length_a   192.100
_cell.length_b   544.400
_cell.length_c   185.500
_cell.angle_alpha   90.000
_cell.angle_beta   90.000
_cell.angle_gamma   90.000
#
_symmetry.space_group_name_H-M   'C 2 2 21'
#
loop_
_entity.id
_entity.type
_entity.pdbx_description
1 polymer Ulilysin
2 non-polymer 'ZINC ION'
3 non-polymer 'CALCIUM ION'
#
_entity_poly.entity_id   1
_entity_poly.type   'polypeptide(L)'
_entity_poly.pdbx_seq_one_letter_code
;GSSHHHHHHSSGLVPRGSMAEKFESRGIEEASSEVPTQRRCGAMEVHHRLLRSASYVRERDQIENLALKYKQGFRAISRM
EIVKIPVVVHVVWNEEEENISDAQIQSQIDILNKDFRKLNSDVSQVPSVWSNLIADLGIEFFLATKDPNGNQTTGITRTQ
TSVTFFTTSDEVKFASSGGEDAWPADRYLNIWVCHVLKSEIGQDILGYAQFPGGPAETDGVVIVDAAFGTTGTALPPFDK
GRTATHAIGHWLNLYHIWGDELRFEDPCSRSDEVDDTPNQADPNFGCPSYPHVSCSNGPNGDMFMNYMDYVDDKCMVMFT
QGQATRVNACLDGPRSSFLARVEETEKKEAPSKREMPMPR
;
_entity_poly.pdbx_strand_id   A,B,C,D,E,F,G,H,I,J,K,L,M,N
#
# COMPACT_ATOMS: atom_id res chain seq x y z
N PRO A 36 26.59 57.98 -110.92
CA PRO A 36 26.38 59.21 -110.13
C PRO A 36 24.94 59.37 -109.53
N THR A 37 24.48 58.40 -108.73
CA THR A 37 23.14 58.47 -108.12
C THR A 37 23.20 59.31 -106.85
N GLN A 38 22.57 60.48 -106.89
CA GLN A 38 22.57 61.43 -105.78
C GLN A 38 21.21 61.38 -105.09
N ARG A 39 21.20 61.71 -103.81
CA ARG A 39 19.94 61.78 -103.09
C ARG A 39 19.21 63.06 -103.46
N ARG A 40 17.95 62.93 -103.86
CA ARG A 40 17.14 64.07 -104.25
C ARG A 40 15.70 63.86 -103.79
N CYS A 41 15.24 64.73 -102.91
CA CYS A 41 13.93 64.63 -102.27
C CYS A 41 13.01 65.69 -102.85
N GLY A 42 11.95 65.27 -103.53
CA GLY A 42 11.00 66.21 -104.09
C GLY A 42 9.97 66.75 -103.13
N ALA A 43 9.97 66.29 -101.87
CA ALA A 43 8.93 66.69 -100.91
C ALA A 43 8.81 68.19 -100.80
N MET A 44 9.91 68.90 -100.94
CA MET A 44 9.85 70.34 -100.92
C MET A 44 9.33 70.91 -102.23
N GLU A 45 9.57 70.23 -103.34
CA GLU A 45 8.95 70.63 -104.60
C GLU A 45 7.43 70.55 -104.49
N VAL A 46 6.92 69.55 -103.78
CA VAL A 46 5.50 69.49 -103.47
C VAL A 46 5.08 70.71 -102.66
N HIS A 47 5.95 71.19 -101.78
CA HIS A 47 5.54 72.16 -100.78
C HIS A 47 5.16 73.52 -101.39
N HIS A 48 5.91 74.02 -102.37
CA HIS A 48 5.45 75.21 -103.09
C HIS A 48 4.08 74.96 -103.70
N ARG A 49 3.95 73.89 -104.47
CA ARG A 49 2.70 73.60 -105.13
C ARG A 49 1.58 73.34 -104.13
N LEU A 50 1.93 72.98 -102.90
CA LEU A 50 0.93 72.84 -101.84
C LEU A 50 0.30 74.19 -101.48
N LEU A 51 1.08 75.27 -101.52
CA LEU A 51 0.63 76.55 -100.98
C LEU A 51 -0.61 77.07 -101.71
N ARG A 52 -0.67 76.84 -103.02
CA ARG A 52 -1.51 77.67 -103.89
C ARG A 52 -2.99 77.62 -103.50
N SER A 53 -3.54 76.43 -103.20
CA SER A 53 -4.99 76.35 -102.96
C SER A 53 -5.41 77.06 -101.68
N ALA A 54 -4.45 77.37 -100.80
CA ALA A 54 -4.64 78.18 -99.60
C ALA A 54 -5.53 77.46 -98.60
N SER A 55 -6.16 76.37 -99.04
CA SER A 55 -6.79 75.47 -98.09
C SER A 55 -5.72 74.82 -97.24
N TYR A 56 -4.61 74.43 -97.87
CA TYR A 56 -3.41 73.97 -97.19
C TYR A 56 -2.73 75.08 -96.42
N VAL A 57 -2.96 76.35 -96.80
CA VAL A 57 -2.33 77.45 -96.11
C VAL A 57 -2.96 77.66 -94.74
N ARG A 58 -4.29 77.55 -94.64
CA ARG A 58 -4.93 77.69 -93.34
C ARG A 58 -4.37 76.67 -92.35
N GLU A 59 -4.37 75.39 -92.74
CA GLU A 59 -3.92 74.34 -91.83
C GLU A 59 -2.46 74.51 -91.46
N ARG A 60 -1.62 74.86 -92.45
CA ARG A 60 -0.18 74.89 -92.22
C ARG A 60 0.22 75.94 -91.20
N ASP A 61 -0.49 77.07 -91.16
CA ASP A 61 -0.23 78.05 -90.12
C ASP A 61 -0.57 77.50 -88.74
N GLN A 62 -1.78 76.94 -88.60
CA GLN A 62 -2.16 76.32 -87.34
C GLN A 62 -1.16 75.25 -86.94
N ILE A 63 -0.68 74.49 -87.92
CA ILE A 63 0.23 73.38 -87.63
C ILE A 63 1.55 73.89 -87.05
N GLU A 64 2.01 75.04 -87.53
CA GLU A 64 3.31 75.51 -87.06
C GLU A 64 3.25 76.22 -85.71
N ASN A 65 2.09 76.77 -85.33
CA ASN A 65 2.00 77.44 -84.04
C ASN A 65 2.15 76.47 -82.89
N LEU A 66 1.55 75.29 -83.03
CA LEU A 66 1.80 74.22 -82.08
C LEU A 66 3.28 73.85 -82.04
N ALA A 67 3.88 73.61 -83.22
CA ALA A 67 5.29 73.27 -83.28
C ALA A 67 6.18 74.43 -82.86
N LEU A 68 5.65 75.66 -82.85
CA LEU A 68 6.38 76.78 -82.28
C LEU A 68 6.22 76.83 -80.77
N LYS A 69 4.97 76.84 -80.30
CA LYS A 69 4.74 76.89 -78.86
C LYS A 69 5.37 75.69 -78.16
N TYR A 70 5.35 74.53 -78.79
CA TYR A 70 6.11 73.40 -78.26
C TYR A 70 7.59 73.74 -78.19
N LYS A 71 8.11 74.44 -79.20
CA LYS A 71 9.54 74.72 -79.26
C LYS A 71 10.00 75.58 -78.09
N GLN A 72 9.28 76.67 -77.82
CA GLN A 72 9.73 77.58 -76.76
C GLN A 72 9.67 76.88 -75.41
N GLY A 73 8.81 75.88 -75.29
CA GLY A 73 8.60 75.13 -74.06
C GLY A 73 7.20 75.23 -73.49
N PHE A 74 6.33 76.06 -74.09
CA PHE A 74 5.09 76.51 -73.46
C PHE A 74 4.28 75.35 -72.89
N ARG A 75 3.82 74.47 -73.77
CA ARG A 75 3.06 73.29 -73.37
C ARG A 75 3.83 72.06 -73.80
N ALA A 76 4.14 71.19 -72.85
CA ALA A 76 4.90 70.00 -73.15
C ALA A 76 4.34 68.81 -72.37
N ILE A 77 3.02 68.70 -72.29
CA ILE A 77 2.43 67.48 -71.75
C ILE A 77 2.79 66.37 -72.72
N SER A 78 3.68 65.48 -72.29
CA SER A 78 4.20 64.44 -73.15
C SER A 78 3.43 63.16 -72.87
N ARG A 79 3.03 62.48 -73.93
CA ARG A 79 2.51 61.13 -73.80
C ARG A 79 3.65 60.20 -73.37
N MET A 80 3.36 59.33 -72.41
CA MET A 80 4.32 58.34 -71.95
C MET A 80 3.84 56.94 -72.33
N GLU A 81 3.27 56.84 -73.53
CA GLU A 81 2.96 55.60 -74.21
C GLU A 81 3.29 55.79 -75.69
N ILE A 82 4.05 54.86 -76.26
CA ILE A 82 4.35 54.99 -77.68
C ILE A 82 3.10 54.65 -78.49
N VAL A 83 2.95 55.29 -79.65
CA VAL A 83 1.79 55.10 -80.51
C VAL A 83 2.21 54.28 -81.71
N LYS A 84 1.47 53.22 -81.99
CA LYS A 84 1.67 52.37 -83.16
C LYS A 84 0.64 52.73 -84.24
N ILE A 85 1.10 52.86 -85.48
CA ILE A 85 0.37 53.56 -86.52
C ILE A 85 0.14 52.62 -87.70
N PRO A 86 -1.10 52.47 -88.18
CA PRO A 86 -1.37 51.56 -89.29
C PRO A 86 -0.89 52.14 -90.62
N VAL A 87 -0.32 51.26 -91.44
CA VAL A 87 0.32 51.66 -92.69
C VAL A 87 -0.11 50.70 -93.80
N VAL A 88 -0.37 51.25 -94.98
CA VAL A 88 -0.66 50.47 -96.19
C VAL A 88 0.35 50.84 -97.26
N VAL A 89 0.89 49.83 -97.93
CA VAL A 89 1.85 50.02 -99.01
C VAL A 89 1.13 49.81 -100.33
N HIS A 90 1.29 50.76 -101.26
CA HIS A 90 0.75 50.66 -102.61
C HIS A 90 1.93 50.44 -103.55
N VAL A 91 2.01 49.25 -104.12
CA VAL A 91 3.02 48.96 -105.14
C VAL A 91 2.38 49.16 -106.49
N VAL A 92 3.01 49.98 -107.34
CA VAL A 92 2.56 50.16 -108.72
C VAL A 92 3.70 49.71 -109.62
N TRP A 93 3.52 48.56 -110.24
CA TRP A 93 4.56 47.92 -111.01
C TRP A 93 4.16 47.93 -112.47
N ASN A 94 5.04 48.49 -113.30
CA ASN A 94 4.90 48.32 -114.74
C ASN A 94 5.36 46.94 -115.18
N GLU A 95 6.25 46.33 -114.41
CA GLU A 95 6.71 44.96 -114.63
C GLU A 95 6.82 44.28 -113.27
N GLU A 96 6.86 42.94 -113.29
CA GLU A 96 6.93 42.19 -112.04
C GLU A 96 8.23 42.43 -111.29
N GLU A 97 9.34 42.63 -111.99
CA GLU A 97 10.60 42.94 -111.33
C GLU A 97 10.48 44.23 -110.53
N GLU A 98 9.73 45.21 -111.05
CA GLU A 98 9.39 46.41 -110.28
C GLU A 98 8.56 46.06 -109.05
N ASN A 99 7.58 45.16 -109.22
CA ASN A 99 6.79 44.70 -108.08
C ASN A 99 7.70 44.08 -107.05
N ILE A 100 7.66 44.60 -105.88
CA ILE A 100 8.63 44.24 -104.85
C ILE A 100 8.12 43.03 -104.11
N SER A 101 9.04 42.17 -103.68
CA SER A 101 8.67 41.04 -102.84
C SER A 101 8.09 41.53 -101.52
N ASP A 102 7.23 40.70 -100.93
CA ASP A 102 6.70 41.03 -99.61
C ASP A 102 7.82 41.06 -98.57
N ALA A 103 8.77 40.11 -98.67
CA ALA A 103 9.92 40.10 -97.78
C ALA A 103 10.69 41.42 -97.85
N GLN A 104 10.77 41.99 -99.06
CA GLN A 104 11.37 43.30 -99.22
C GLN A 104 10.58 44.36 -98.44
N ILE A 105 9.25 44.31 -98.54
CA ILE A 105 8.41 45.31 -97.88
C ILE A 105 8.64 45.26 -96.38
N GLN A 106 8.75 44.07 -95.81
CA GLN A 106 8.90 43.93 -94.37
C GLN A 106 10.25 44.48 -93.89
N SER A 107 11.31 44.21 -94.64
CA SER A 107 12.64 44.67 -94.24
C SER A 107 12.65 46.17 -93.99
N GLN A 108 11.88 46.92 -94.80
CA GLN A 108 11.71 48.35 -94.56
C GLN A 108 10.90 48.60 -93.29
N ILE A 109 9.79 47.88 -93.12
CA ILE A 109 8.93 48.07 -91.96
C ILE A 109 9.72 47.89 -90.68
N ASP A 110 10.54 46.85 -90.64
CA ASP A 110 11.34 46.58 -89.45
C ASP A 110 12.37 47.68 -89.22
N ILE A 111 13.05 48.14 -90.28
CA ILE A 111 14.14 49.08 -90.08
C ILE A 111 13.63 50.41 -89.54
N LEU A 112 12.38 50.76 -89.86
CA LEU A 112 11.78 51.97 -89.31
C LEU A 112 11.58 51.85 -87.81
N ASN A 113 11.00 50.72 -87.37
CA ASN A 113 10.76 50.51 -85.94
C ASN A 113 12.06 50.39 -85.15
N LYS A 114 13.18 50.04 -85.80
CA LYS A 114 14.49 50.18 -85.17
C LYS A 114 14.92 51.64 -85.11
N ASP A 115 14.70 52.41 -86.18
CA ASP A 115 15.24 53.77 -86.26
C ASP A 115 14.55 54.75 -85.31
N PHE A 116 13.26 54.57 -85.08
CA PHE A 116 12.46 55.59 -84.41
C PHE A 116 12.42 55.45 -82.91
N ARG A 117 12.82 54.31 -82.36
CA ARG A 117 12.83 54.11 -80.92
C ARG A 117 14.25 54.07 -80.35
N LYS A 118 15.24 54.56 -81.11
CA LYS A 118 16.67 54.49 -80.77
C LYS A 118 17.19 53.05 -80.77
N LEU A 119 16.62 52.19 -81.62
CA LEU A 119 16.97 50.78 -81.64
C LEU A 119 17.98 50.41 -82.71
N ASN A 120 18.29 51.31 -83.63
CA ASN A 120 19.16 50.94 -84.74
C ASN A 120 20.57 50.71 -84.25
N SER A 121 21.21 49.68 -84.82
CA SER A 121 22.61 49.42 -84.51
C SER A 121 23.48 50.63 -84.82
N ASP A 122 23.04 51.45 -85.79
CA ASP A 122 23.78 52.61 -86.31
C ASP A 122 23.87 53.77 -85.33
N VAL A 123 23.08 53.77 -84.25
CA VAL A 123 23.06 54.90 -83.32
C VAL A 123 24.42 55.15 -82.72
N SER A 124 25.27 54.12 -82.70
CA SER A 124 26.61 54.16 -82.13
C SER A 124 27.60 54.99 -82.97
N GLN A 125 27.17 55.49 -84.13
CA GLN A 125 28.08 56.27 -84.96
C GLN A 125 28.01 57.77 -84.67
N VAL A 126 27.10 58.21 -83.81
CA VAL A 126 26.98 59.62 -83.45
C VAL A 126 28.22 60.04 -82.67
N PRO A 127 28.85 61.15 -83.00
CA PRO A 127 29.94 61.65 -82.17
C PRO A 127 29.46 61.90 -80.76
N SER A 128 30.40 61.73 -79.82
CA SER A 128 30.07 61.88 -78.40
C SER A 128 29.52 63.26 -78.07
N VAL A 129 29.82 64.27 -78.91
CA VAL A 129 29.32 65.63 -78.69
C VAL A 129 27.80 65.64 -78.61
N TRP A 130 27.14 64.70 -79.25
CA TRP A 130 25.68 64.67 -79.36
C TRP A 130 25.10 63.35 -78.85
N SER A 131 25.86 62.60 -78.06
CA SER A 131 25.34 61.33 -77.55
C SER A 131 24.13 61.56 -76.66
N ASN A 132 24.13 62.64 -75.87
CA ASN A 132 22.99 62.91 -74.99
C ASN A 132 21.88 63.69 -75.70
N LEU A 133 22.05 63.98 -76.98
CA LEU A 133 21.02 64.65 -77.74
C LEU A 133 20.24 63.72 -78.64
N ILE A 134 20.73 62.48 -78.85
CA ILE A 134 19.97 61.53 -79.63
C ILE A 134 18.62 61.31 -78.98
N ALA A 135 17.63 60.95 -79.78
CA ALA A 135 16.26 60.85 -79.28
C ALA A 135 15.58 59.58 -79.75
N ASP A 136 14.59 59.17 -78.95
CA ASP A 136 13.66 58.09 -79.30
C ASP A 136 12.32 58.75 -79.57
N LEU A 137 11.87 58.66 -80.82
CA LEU A 137 10.62 59.31 -81.16
C LEU A 137 9.46 58.72 -80.40
N GLY A 138 9.66 57.55 -79.80
CA GLY A 138 8.57 56.85 -79.17
C GLY A 138 7.50 56.52 -80.19
N ILE A 139 7.89 56.00 -81.35
CA ILE A 139 6.94 55.66 -82.41
C ILE A 139 7.40 54.42 -83.17
N GLU A 140 6.47 53.46 -83.33
CA GLU A 140 6.56 52.31 -84.23
C GLU A 140 5.30 52.29 -85.08
N PHE A 141 5.26 51.44 -86.10
CA PHE A 141 4.08 51.33 -86.97
C PHE A 141 3.97 49.93 -87.55
N PHE A 142 2.77 49.62 -88.06
CA PHE A 142 2.44 48.26 -88.49
C PHE A 142 1.62 48.30 -89.77
N LEU A 143 1.54 47.14 -90.42
CA LEU A 143 0.72 46.93 -91.61
C LEU A 143 -0.66 46.45 -91.19
N ALA A 144 -1.67 47.31 -91.36
CA ALA A 144 -2.95 47.12 -90.68
C ALA A 144 -3.58 45.77 -91.00
N THR A 145 -4.08 45.11 -89.95
CA THR A 145 -4.87 43.89 -90.13
C THR A 145 -6.10 44.15 -90.97
N LYS A 146 -6.55 45.40 -91.06
CA LYS A 146 -7.82 45.76 -91.66
C LYS A 146 -7.65 46.89 -92.67
N ASP A 147 -8.36 46.76 -93.80
CA ASP A 147 -8.44 47.82 -94.80
C ASP A 147 -9.50 48.84 -94.38
N PRO A 148 -9.55 50.02 -95.01
CA PRO A 148 -10.46 51.06 -94.50
C PRO A 148 -11.92 50.67 -94.51
N ASN A 149 -12.32 49.69 -95.32
CA ASN A 149 -13.72 49.24 -95.32
C ASN A 149 -14.01 48.21 -94.23
N GLY A 150 -12.98 47.63 -93.60
CA GLY A 150 -13.14 46.77 -92.45
C GLY A 150 -12.58 45.37 -92.62
N ASN A 151 -12.56 44.86 -93.86
CA ASN A 151 -12.13 43.50 -94.10
C ASN A 151 -10.65 43.32 -93.78
N GLN A 152 -10.29 42.09 -93.44
CA GLN A 152 -8.90 41.80 -93.12
C GLN A 152 -8.02 41.98 -94.35
N THR A 153 -6.94 42.74 -94.21
CA THR A 153 -6.09 43.08 -95.34
C THR A 153 -4.61 42.90 -94.98
N THR A 154 -3.83 42.56 -96.01
CA THR A 154 -2.40 42.36 -95.80
C THR A 154 -1.72 43.65 -95.36
N GLY A 155 -2.00 44.73 -96.06
CA GLY A 155 -1.23 45.96 -95.95
C GLY A 155 -0.42 46.31 -97.19
N ILE A 156 -0.55 45.54 -98.27
CA ILE A 156 0.20 45.77 -99.50
C ILE A 156 -0.76 45.61 -100.67
N THR A 157 -1.11 46.72 -101.32
CA THR A 157 -1.86 46.69 -102.57
C THR A 157 -0.89 46.74 -103.74
N ARG A 158 -1.05 45.81 -104.69
CA ARG A 158 -0.24 45.76 -105.89
C ARG A 158 -1.11 46.13 -107.09
N THR A 159 -0.70 47.16 -107.82
CA THR A 159 -1.44 47.65 -108.98
C THR A 159 -0.54 47.64 -110.21
N GLN A 160 -0.98 46.93 -111.25
CA GLN A 160 -0.30 47.00 -112.54
C GLN A 160 -0.60 48.34 -113.19
N THR A 161 0.44 49.04 -113.63
CA THR A 161 0.30 50.34 -114.28
C THR A 161 0.96 50.31 -115.65
N SER A 162 0.32 50.98 -116.60
CA SER A 162 0.93 51.15 -117.91
C SER A 162 2.00 52.24 -117.91
N VAL A 163 1.97 53.18 -116.95
CA VAL A 163 2.95 54.26 -116.93
C VAL A 163 4.31 53.72 -116.49
N THR A 164 5.36 54.47 -116.85
CA THR A 164 6.73 54.10 -116.54
C THR A 164 7.41 55.06 -115.58
N PHE A 165 7.16 56.35 -115.73
CA PHE A 165 7.78 57.40 -114.92
C PHE A 165 6.74 57.96 -113.96
N PHE A 166 7.23 58.60 -112.89
CA PHE A 166 6.36 59.30 -111.96
C PHE A 166 7.08 60.53 -111.42
N THR A 167 6.29 61.56 -111.10
CA THR A 167 6.76 62.93 -110.93
C THR A 167 6.45 63.44 -109.53
N THR A 168 6.89 64.67 -109.28
CA THR A 168 6.42 65.46 -108.16
C THR A 168 5.02 66.00 -108.38
N SER A 169 4.38 65.61 -109.50
CA SER A 169 2.98 65.91 -109.74
C SER A 169 2.06 65.05 -108.88
N ASP A 170 2.62 64.08 -108.15
CA ASP A 170 1.89 63.16 -107.28
C ASP A 170 0.85 62.33 -108.03
N GLU A 171 0.96 62.28 -109.37
CA GLU A 171 0.02 61.53 -110.19
C GLU A 171 0.01 60.03 -109.88
N VAL A 172 1.10 59.48 -109.34
CA VAL A 172 1.11 58.07 -108.96
C VAL A 172 0.15 57.79 -107.80
N LYS A 173 -0.14 58.80 -106.98
CA LYS A 173 -1.05 58.61 -105.86
C LYS A 173 -2.46 58.28 -106.31
N PHE A 174 -2.95 58.98 -107.34
CA PHE A 174 -4.36 58.87 -107.73
C PHE A 174 -4.55 57.69 -108.68
N ALA A 175 -5.79 57.15 -108.69
CA ALA A 175 -6.09 55.95 -109.46
C ALA A 175 -6.10 56.22 -110.95
N SER A 176 -6.61 57.40 -111.36
CA SER A 176 -6.73 57.73 -112.79
C SER A 176 -5.39 57.74 -113.50
N SER A 177 -4.29 57.91 -112.76
CA SER A 177 -2.95 57.99 -113.31
C SER A 177 -2.12 56.76 -112.93
N GLY A 178 -2.74 55.58 -112.99
CA GLY A 178 -2.02 54.34 -112.78
C GLY A 178 -1.35 54.31 -111.43
N GLY A 179 -2.11 54.54 -110.37
CA GLY A 179 -1.59 54.44 -109.02
C GLY A 179 -2.69 54.31 -108.00
N GLU A 180 -2.56 53.34 -107.09
CA GLU A 180 -3.70 52.97 -106.25
C GLU A 180 -4.20 54.16 -105.44
N ASP A 181 -5.53 54.26 -105.34
CA ASP A 181 -6.16 55.31 -104.56
C ASP A 181 -5.65 55.31 -103.13
N ALA A 182 -5.37 56.50 -102.62
CA ALA A 182 -4.88 56.61 -101.26
C ALA A 182 -5.94 56.20 -100.25
N TRP A 183 -5.56 55.39 -99.27
CA TRP A 183 -6.46 55.05 -98.17
C TRP A 183 -6.62 56.26 -97.25
N PRO A 184 -7.73 56.35 -96.52
CA PRO A 184 -8.02 57.58 -95.77
C PRO A 184 -6.89 57.95 -94.83
N ALA A 185 -6.64 59.27 -94.73
CA ALA A 185 -5.42 59.77 -94.10
C ALA A 185 -5.44 59.64 -92.58
N ASP A 186 -6.62 59.72 -91.96
CA ASP A 186 -6.69 59.62 -90.51
C ASP A 186 -6.55 58.18 -90.02
N ARG A 187 -7.06 57.21 -90.78
CA ARG A 187 -6.96 55.81 -90.35
C ARG A 187 -5.58 55.23 -90.63
N TYR A 188 -5.02 55.48 -91.82
CA TYR A 188 -3.75 54.86 -92.22
C TYR A 188 -2.78 55.91 -92.71
N LEU A 189 -1.51 55.52 -92.77
CA LEU A 189 -0.48 56.34 -93.40
C LEU A 189 -0.10 55.69 -94.72
N ASN A 190 -0.35 56.40 -95.82
CA ASN A 190 -0.29 55.82 -97.15
C ASN A 190 1.14 55.81 -97.69
N ILE A 191 1.43 54.76 -98.45
CA ILE A 191 2.75 54.50 -99.00
C ILE A 191 2.60 54.19 -100.48
N TRP A 192 3.48 54.78 -101.29
CA TRP A 192 3.57 54.42 -102.71
C TRP A 192 5.00 54.02 -103.04
N VAL A 193 5.16 52.84 -103.64
CA VAL A 193 6.45 52.32 -104.05
C VAL A 193 6.39 51.99 -105.53
N CYS A 194 7.19 52.68 -106.34
CA CYS A 194 7.24 52.47 -107.79
C CYS A 194 8.69 52.43 -108.24
N HIS A 195 8.87 52.15 -109.52
CA HIS A 195 10.20 51.89 -110.05
C HIS A 195 10.97 53.15 -110.45
N VAL A 196 10.28 54.18 -110.94
CA VAL A 196 10.93 55.37 -111.49
C VAL A 196 10.30 56.62 -110.89
N LEU A 197 11.11 57.45 -110.23
CA LEU A 197 10.65 58.71 -109.67
C LEU A 197 11.51 59.85 -110.16
N LYS A 198 10.87 60.89 -110.69
CA LYS A 198 11.55 62.02 -111.32
C LYS A 198 10.97 63.33 -110.79
N SER A 199 11.79 64.38 -110.86
CA SER A 199 11.39 65.72 -110.47
C SER A 199 10.88 66.51 -111.67
N GLU A 200 10.28 67.68 -111.41
CA GLU A 200 9.92 68.58 -112.51
C GLU A 200 11.16 69.14 -113.20
N ILE A 201 12.23 69.39 -112.44
CA ILE A 201 13.54 69.70 -113.01
C ILE A 201 14.01 68.53 -113.87
N GLY A 202 13.52 67.33 -113.58
CA GLY A 202 13.92 66.12 -114.27
C GLY A 202 14.86 65.24 -113.47
N GLN A 203 15.60 65.81 -112.53
CA GLN A 203 16.56 65.04 -111.74
C GLN A 203 15.85 63.89 -111.03
N ASP A 204 16.39 62.70 -111.19
CA ASP A 204 15.75 61.50 -110.66
C ASP A 204 15.77 61.53 -109.13
N ILE A 205 14.59 61.43 -108.53
CA ILE A 205 14.46 61.49 -107.08
C ILE A 205 14.33 60.07 -106.55
N LEU A 206 14.67 59.92 -105.29
CA LEU A 206 14.49 58.66 -104.60
C LEU A 206 13.15 58.57 -103.89
N GLY A 207 12.52 59.71 -103.65
CA GLY A 207 11.23 59.74 -102.98
C GLY A 207 10.90 61.16 -102.60
N TYR A 208 9.65 61.33 -102.17
CA TYR A 208 9.19 62.62 -101.66
C TYR A 208 8.31 62.37 -100.44
N ALA A 209 7.56 63.39 -100.05
CA ALA A 209 6.66 63.33 -98.92
C ALA A 209 5.73 64.53 -99.00
N GLN A 210 4.53 64.38 -98.47
CA GLN A 210 3.58 65.48 -98.41
C GLN A 210 3.46 65.93 -96.96
N PHE A 211 3.55 67.24 -96.74
CA PHE A 211 3.58 67.72 -95.37
C PHE A 211 2.22 67.60 -94.68
N PRO A 212 2.23 67.55 -93.36
CA PRO A 212 0.99 67.31 -92.63
C PRO A 212 0.02 68.47 -92.74
N GLY A 213 -1.25 68.16 -92.51
CA GLY A 213 -2.32 69.07 -92.79
C GLY A 213 -2.60 69.23 -94.27
N GLY A 214 -1.90 68.48 -95.11
CA GLY A 214 -2.10 68.55 -96.53
C GLY A 214 -3.39 67.89 -96.95
N PRO A 215 -3.81 68.16 -98.18
CA PRO A 215 -5.05 67.57 -98.68
C PRO A 215 -5.00 66.05 -98.63
N ALA A 216 -6.16 65.46 -98.32
CA ALA A 216 -6.21 64.07 -97.84
C ALA A 216 -5.59 63.11 -98.83
N GLU A 217 -5.98 63.20 -100.09
CA GLU A 217 -5.65 62.16 -101.06
C GLU A 217 -4.17 62.08 -101.39
N THR A 218 -3.37 63.06 -100.95
CA THR A 218 -1.92 63.00 -101.06
C THR A 218 -1.23 62.82 -99.70
N ASP A 219 -2.00 62.62 -98.63
CA ASP A 219 -1.48 62.61 -97.26
C ASP A 219 -0.71 61.32 -97.00
N GLY A 220 0.45 61.22 -97.63
CA GLY A 220 1.30 60.04 -97.51
C GLY A 220 2.66 60.37 -98.07
N VAL A 221 3.42 59.31 -98.32
CA VAL A 221 4.79 59.45 -98.78
C VAL A 221 5.02 58.43 -99.88
N VAL A 222 5.96 58.75 -100.78
CA VAL A 222 6.32 57.89 -101.89
C VAL A 222 7.83 57.70 -101.88
N ILE A 223 8.26 56.45 -101.99
CA ILE A 223 9.67 56.08 -102.09
C ILE A 223 9.83 55.14 -103.28
N VAL A 224 10.89 55.35 -104.06
CA VAL A 224 11.15 54.48 -105.20
C VAL A 224 11.43 53.08 -104.69
N ASP A 225 11.32 52.10 -105.59
CA ASP A 225 11.46 50.72 -105.16
C ASP A 225 12.89 50.38 -104.74
N ALA A 226 13.89 51.05 -105.30
CA ALA A 226 15.27 50.68 -104.99
C ALA A 226 15.79 51.30 -103.70
N ALA A 227 14.97 52.09 -103.00
CA ALA A 227 15.31 52.66 -101.70
C ALA A 227 14.50 52.05 -100.57
N PHE A 228 13.64 51.09 -100.90
CA PHE A 228 12.59 50.59 -100.01
C PHE A 228 13.03 49.23 -99.48
N GLY A 229 13.52 49.21 -98.25
CA GLY A 229 13.85 47.95 -97.61
C GLY A 229 15.31 47.55 -97.76
N THR A 230 15.58 46.31 -97.31
CA THR A 230 16.93 45.80 -97.16
C THR A 230 17.21 44.58 -98.05
N THR A 231 16.36 44.28 -99.02
CA THR A 231 16.56 43.12 -99.87
C THR A 231 15.69 43.27 -101.10
N GLY A 232 15.68 42.22 -101.93
CA GLY A 232 14.92 42.28 -103.16
C GLY A 232 15.46 43.35 -104.08
N THR A 233 14.56 44.19 -104.59
CA THR A 233 14.94 45.26 -105.50
C THR A 233 15.62 46.44 -104.81
N ALA A 234 15.72 46.41 -103.47
CA ALA A 234 16.42 47.46 -102.75
C ALA A 234 17.92 47.42 -103.05
N LEU A 235 18.50 48.60 -103.31
CA LEU A 235 19.89 48.70 -103.72
C LEU A 235 20.61 49.78 -102.92
N PRO A 236 21.91 49.62 -102.66
CA PRO A 236 22.66 50.59 -101.84
C PRO A 236 23.11 51.77 -102.66
N PRO A 237 23.38 52.93 -102.02
CA PRO A 237 23.38 53.22 -100.58
C PRO A 237 22.00 53.55 -100.02
N PHE A 238 20.97 52.81 -100.43
CA PHE A 238 19.63 52.89 -99.87
C PHE A 238 19.11 51.51 -99.50
N ASP A 239 20.03 50.56 -99.29
CA ASP A 239 19.68 49.22 -98.83
C ASP A 239 19.30 49.20 -97.35
N LYS A 240 19.84 50.11 -96.53
CA LYS A 240 19.41 50.19 -95.14
C LYS A 240 17.97 50.66 -95.01
N GLY A 241 17.37 51.18 -96.09
CA GLY A 241 15.99 51.60 -96.06
C GLY A 241 15.74 52.90 -95.34
N ARG A 242 16.79 53.58 -94.88
CA ARG A 242 16.64 54.88 -94.23
C ARG A 242 16.08 55.94 -95.18
N THR A 243 16.08 55.67 -96.49
CA THR A 243 15.52 56.62 -97.45
C THR A 243 14.06 56.89 -97.15
N ALA A 244 13.30 55.84 -96.86
CA ALA A 244 11.94 56.02 -96.40
C ALA A 244 11.89 56.74 -95.06
N THR A 245 12.80 56.38 -94.13
CA THR A 245 12.85 57.05 -92.83
C THR A 245 12.90 58.56 -92.98
N HIS A 246 13.69 59.04 -93.95
CA HIS A 246 13.92 60.46 -94.16
C HIS A 246 12.65 61.17 -94.61
N ALA A 247 12.10 60.76 -95.75
CA ALA A 247 10.85 61.33 -96.24
C ALA A 247 9.67 61.05 -95.31
N ILE A 248 9.81 60.10 -94.37
CA ILE A 248 8.82 59.98 -93.31
C ILE A 248 8.81 61.22 -92.44
N GLY A 249 10.00 61.72 -92.11
CA GLY A 249 10.11 62.85 -91.22
C GLY A 249 9.37 64.08 -91.72
N HIS A 250 9.30 64.23 -93.04
CA HIS A 250 8.41 65.24 -93.59
C HIS A 250 6.95 64.93 -93.29
N TRP A 251 6.60 63.66 -93.05
CA TRP A 251 5.23 63.34 -92.67
C TRP A 251 5.00 63.62 -91.20
N LEU A 252 6.08 63.71 -90.45
CA LEU A 252 6.04 64.22 -89.09
C LEU A 252 6.34 65.71 -89.03
N ASN A 253 6.38 66.38 -90.19
CA ASN A 253 6.56 67.83 -90.27
C ASN A 253 7.97 68.24 -89.83
N LEU A 254 8.96 67.51 -90.34
CA LEU A 254 10.36 67.83 -90.11
C LEU A 254 10.95 68.47 -91.37
N TYR A 255 11.44 69.69 -91.24
CA TYR A 255 12.18 70.30 -92.34
C TYR A 255 13.56 69.68 -92.43
N HIS A 256 14.09 69.64 -93.65
CA HIS A 256 15.50 69.36 -93.85
C HIS A 256 16.33 70.25 -92.93
N ILE A 257 17.53 69.76 -92.56
CA ILE A 257 18.34 70.49 -91.59
C ILE A 257 18.72 71.87 -92.10
N TRP A 258 18.80 72.04 -93.41
CA TRP A 258 19.36 73.25 -93.99
C TRP A 258 18.34 74.35 -94.19
N GLY A 259 17.09 74.15 -93.82
CA GLY A 259 16.02 75.03 -94.24
C GLY A 259 15.33 74.45 -95.46
N ASP A 260 15.30 75.21 -96.55
CA ASP A 260 15.12 74.55 -97.84
C ASP A 260 15.55 75.46 -98.97
N GLU A 261 15.78 74.85 -100.13
CA GLU A 261 16.04 75.55 -101.38
C GLU A 261 14.77 76.00 -102.09
N LEU A 262 13.59 75.50 -101.69
CA LEU A 262 12.36 76.20 -101.99
C LEU A 262 12.42 77.63 -101.44
N ARG A 263 13.00 77.77 -100.25
CA ARG A 263 12.98 79.06 -99.56
C ARG A 263 13.97 80.02 -100.21
N PHE A 264 13.47 81.19 -100.60
CA PHE A 264 14.34 82.24 -101.13
C PHE A 264 14.95 82.96 -99.94
N GLU A 265 16.25 82.73 -99.72
CA GLU A 265 16.95 83.45 -98.67
C GLU A 265 18.44 83.25 -98.87
N ASP A 266 19.22 84.06 -98.16
CA ASP A 266 20.61 83.73 -97.96
C ASP A 266 20.69 82.43 -97.15
N PRO A 267 21.58 81.49 -97.53
CA PRO A 267 21.39 80.10 -97.09
C PRO A 267 21.44 79.91 -95.58
N CYS A 268 22.02 80.85 -94.84
CA CYS A 268 22.10 80.72 -93.40
C CYS A 268 20.79 81.07 -92.70
N SER A 269 19.93 81.84 -93.33
CA SER A 269 18.69 82.26 -92.69
C SER A 269 17.52 81.35 -93.00
N ARG A 270 17.76 80.19 -93.62
CA ARG A 270 16.77 79.13 -93.71
C ARG A 270 17.10 78.04 -92.70
N SER A 271 16.11 77.67 -91.88
CA SER A 271 16.34 76.79 -90.75
C SER A 271 15.23 75.75 -90.67
N ASP A 272 15.53 74.61 -90.00
CA ASP A 272 14.60 73.51 -89.80
C ASP A 272 13.71 73.71 -88.58
N GLU A 273 13.84 74.87 -87.91
CA GLU A 273 13.05 75.22 -86.73
C GLU A 273 13.23 74.19 -85.63
N VAL A 274 14.45 73.65 -85.54
CA VAL A 274 14.86 72.74 -84.49
C VAL A 274 16.12 73.30 -83.87
N ASP A 275 16.04 73.65 -82.59
CA ASP A 275 17.14 74.41 -81.98
C ASP A 275 18.40 73.56 -81.82
N ASP A 276 18.27 72.28 -81.53
CA ASP A 276 19.46 71.51 -81.18
C ASP A 276 20.19 70.93 -82.39
N THR A 277 19.70 71.15 -83.63
CA THR A 277 20.52 70.73 -84.77
C THR A 277 21.29 71.92 -85.32
N PRO A 278 22.61 71.79 -85.56
CA PRO A 278 23.41 72.97 -85.94
C PRO A 278 22.95 73.49 -87.29
N ASN A 279 22.53 74.75 -87.33
CA ASN A 279 21.85 75.26 -88.53
C ASN A 279 22.85 75.30 -89.67
N GLN A 280 22.79 74.29 -90.53
CA GLN A 280 23.59 74.22 -91.74
C GLN A 280 22.79 74.79 -92.90
N ALA A 281 23.47 74.94 -94.03
CA ALA A 281 22.81 75.40 -95.24
C ALA A 281 23.02 74.49 -96.44
N ASP A 282 23.99 73.59 -96.40
CA ASP A 282 24.31 72.73 -97.52
C ASP A 282 24.11 71.26 -97.16
N PRO A 283 23.22 70.54 -97.84
CA PRO A 283 23.15 69.09 -97.65
C PRO A 283 24.47 68.41 -98.02
N ASN A 284 24.83 67.43 -97.21
CA ASN A 284 25.96 66.54 -97.48
C ASN A 284 25.41 65.21 -97.98
N PHE A 285 25.92 64.74 -99.11
CA PHE A 285 25.56 63.40 -99.59
C PHE A 285 26.73 62.45 -99.40
N GLY A 286 26.49 61.19 -99.72
CA GLY A 286 27.49 60.16 -99.51
C GLY A 286 27.68 59.90 -98.02
N CYS A 287 28.93 59.72 -97.62
CA CYS A 287 29.24 59.65 -96.21
C CYS A 287 30.34 60.64 -95.88
N PRO A 288 30.14 61.49 -94.88
CA PRO A 288 31.07 62.59 -94.63
C PRO A 288 32.11 62.26 -93.58
N SER A 289 33.13 63.10 -93.51
CA SER A 289 34.16 63.03 -92.48
C SER A 289 33.89 64.10 -91.44
N TYR A 290 33.84 63.71 -90.17
CA TYR A 290 33.55 64.66 -89.09
C TYR A 290 34.72 65.63 -88.90
N PRO A 291 34.47 66.95 -88.81
CA PRO A 291 33.18 67.65 -88.98
C PRO A 291 33.03 68.42 -90.30
N HIS A 292 31.79 68.59 -90.77
CA HIS A 292 31.49 69.43 -91.91
C HIS A 292 30.86 70.71 -91.40
N VAL A 293 31.50 71.83 -91.67
CA VAL A 293 31.22 73.09 -91.01
C VAL A 293 30.43 73.99 -91.97
N SER A 294 29.12 74.14 -91.75
CA SER A 294 28.23 74.91 -92.62
C SER A 294 27.53 75.99 -91.79
N CYS A 295 27.67 77.26 -92.22
CA CYS A 295 27.19 78.42 -91.47
C CYS A 295 27.76 78.41 -90.05
N SER A 296 29.09 78.41 -89.98
CA SER A 296 29.85 78.23 -88.74
C SER A 296 29.44 76.89 -88.12
N ASN A 297 28.91 76.86 -86.89
CA ASN A 297 28.60 75.68 -86.07
C ASN A 297 29.83 74.79 -85.80
N GLY A 298 31.02 75.31 -86.05
CA GLY A 298 32.24 74.60 -85.73
C GLY A 298 32.57 74.69 -84.26
N PRO A 299 33.35 73.74 -83.78
CA PRO A 299 33.81 72.57 -84.51
C PRO A 299 32.79 71.44 -84.43
N ASN A 300 31.58 71.74 -83.91
CA ASN A 300 30.53 70.74 -83.85
C ASN A 300 30.23 70.13 -85.21
N GLY A 301 30.34 70.93 -86.26
CA GLY A 301 30.08 70.40 -87.57
C GLY A 301 28.60 70.15 -87.82
N ASP A 302 28.27 69.80 -89.06
CA ASP A 302 26.89 69.52 -89.41
C ASP A 302 26.44 68.23 -88.75
N MET A 303 25.13 68.04 -88.70
CA MET A 303 24.57 66.81 -88.14
C MET A 303 24.24 65.84 -89.28
N PHE A 304 25.29 65.37 -89.96
CA PHE A 304 25.07 64.46 -91.10
C PHE A 304 24.50 63.13 -90.65
N MET A 305 24.70 62.77 -89.39
CA MET A 305 24.08 61.58 -88.82
C MET A 305 22.57 61.68 -88.81
N ASN A 306 22.02 62.89 -88.94
CA ASN A 306 20.58 63.08 -88.92
C ASN A 306 19.94 62.56 -90.20
N TYR A 307 18.78 61.91 -90.05
CA TYR A 307 18.09 61.33 -91.20
C TYR A 307 17.61 62.39 -92.18
N MET A 308 17.53 63.64 -91.75
CA MET A 308 17.06 64.71 -92.62
C MET A 308 18.15 65.32 -93.48
N ASP A 309 19.39 64.84 -93.36
CA ASP A 309 20.44 65.18 -94.31
C ASP A 309 20.45 64.16 -95.45
N TYR A 310 21.12 64.52 -96.53
CA TYR A 310 21.08 63.73 -97.75
C TYR A 310 22.17 62.65 -97.79
N VAL A 311 22.76 62.29 -96.65
CA VAL A 311 23.84 61.32 -96.61
C VAL A 311 23.34 59.95 -97.05
N ASP A 312 24.26 59.03 -97.29
CA ASP A 312 23.90 57.65 -97.55
C ASP A 312 23.19 57.04 -96.33
N ASP A 313 22.66 55.83 -96.53
CA ASP A 313 21.77 55.22 -95.52
C ASP A 313 22.52 54.81 -94.26
N LYS A 314 23.75 54.30 -94.41
CA LYS A 314 24.49 53.82 -93.25
C LYS A 314 25.10 54.94 -92.41
N CYS A 315 24.94 56.20 -92.83
CA CYS A 315 25.49 57.32 -92.09
C CYS A 315 24.44 58.22 -91.48
N MET A 316 23.21 58.22 -92.02
CA MET A 316 22.09 58.83 -91.33
C MET A 316 21.52 57.80 -90.36
N VAL A 317 21.61 58.11 -89.06
CA VAL A 317 21.32 57.10 -88.04
C VAL A 317 20.31 57.55 -87.01
N MET A 318 20.01 58.84 -86.84
CA MET A 318 19.35 59.24 -85.61
C MET A 318 18.40 60.41 -85.84
N PHE A 319 17.67 60.73 -84.78
CA PHE A 319 16.79 61.88 -84.71
C PHE A 319 17.12 62.64 -83.42
N THR A 320 16.93 63.96 -83.47
CA THR A 320 17.26 64.81 -82.33
C THR A 320 16.08 64.95 -81.39
N GLN A 321 16.39 65.28 -80.14
CA GLN A 321 15.35 65.53 -79.16
C GLN A 321 14.44 66.66 -79.63
N GLY A 322 15.02 67.75 -80.14
CA GLY A 322 14.20 68.83 -80.64
C GLY A 322 13.25 68.37 -81.73
N GLN A 323 13.78 67.59 -82.68
CA GLN A 323 12.95 67.12 -83.79
C GLN A 323 11.76 66.33 -83.27
N ALA A 324 12.01 65.41 -82.35
CA ALA A 324 10.93 64.64 -81.77
C ALA A 324 9.87 65.56 -81.19
N THR A 325 10.31 66.58 -80.43
CA THR A 325 9.37 67.53 -79.87
C THR A 325 8.52 68.16 -80.95
N ARG A 326 9.12 68.43 -82.11
CA ARG A 326 8.35 68.88 -83.25
C ARG A 326 7.39 67.80 -83.73
N VAL A 327 7.84 66.54 -83.74
CA VAL A 327 6.93 65.47 -84.11
C VAL A 327 5.75 65.44 -83.16
N ASN A 328 6.03 65.56 -81.87
CA ASN A 328 4.98 65.59 -80.85
C ASN A 328 3.90 66.61 -81.22
N ALA A 329 4.34 67.80 -81.61
CA ALA A 329 3.38 68.83 -82.01
C ALA A 329 2.59 68.44 -83.25
N CYS A 330 3.20 67.69 -84.17
CA CYS A 330 2.46 67.22 -85.35
C CYS A 330 1.40 66.19 -84.95
N LEU A 331 1.67 65.40 -83.91
CA LEU A 331 0.76 64.33 -83.52
C LEU A 331 -0.46 64.86 -82.78
N ASP A 332 -0.27 65.86 -81.92
CA ASP A 332 -1.35 66.31 -81.05
C ASP A 332 -2.43 67.04 -81.84
N GLY A 333 -2.06 68.01 -82.68
CA GLY A 333 -3.03 68.85 -83.38
C GLY A 333 -3.40 68.42 -84.78
N PRO A 334 -2.42 68.30 -85.67
CA PRO A 334 -2.71 67.85 -87.03
C PRO A 334 -3.16 66.40 -87.11
N ARG A 335 -2.44 65.51 -86.43
CA ARG A 335 -2.64 64.06 -86.53
C ARG A 335 -3.35 63.48 -85.30
N SER A 336 -4.13 64.29 -84.58
CA SER A 336 -4.83 63.85 -83.38
C SER A 336 -5.62 62.58 -83.59
N SER A 337 -5.94 62.26 -84.86
CA SER A 337 -6.74 61.08 -85.16
C SER A 337 -6.03 59.80 -84.73
N PHE A 338 -4.72 59.69 -85.01
CA PHE A 338 -4.02 58.43 -84.83
C PHE A 338 -3.80 58.08 -83.37
N LEU A 339 -3.68 59.09 -82.50
CA LEU A 339 -3.43 58.82 -81.10
C LEU A 339 -4.61 58.14 -80.43
N ALA A 340 -5.83 58.49 -80.83
CA ALA A 340 -7.05 58.06 -80.15
C ALA A 340 -7.43 56.61 -80.42
N ARG A 341 -6.77 55.94 -81.38
CA ARG A 341 -7.16 54.60 -81.83
C ARG A 341 -7.26 53.56 -80.72
N PRO B 36 32.37 96.38 -59.64
CA PRO B 36 31.83 95.24 -60.40
C PRO B 36 30.38 95.43 -60.92
N THR B 37 30.10 96.47 -61.72
CA THR B 37 28.76 96.72 -62.26
C THR B 37 28.58 95.88 -63.52
N GLN B 38 27.69 94.90 -63.45
CA GLN B 38 27.42 93.99 -64.54
C GLN B 38 26.07 94.34 -65.16
N ARG B 39 25.91 94.02 -66.44
CA ARG B 39 24.64 94.26 -67.11
C ARG B 39 23.63 93.18 -66.71
N ARG B 40 22.46 93.61 -66.25
CA ARG B 40 21.42 92.70 -65.79
C ARG B 40 20.07 93.25 -66.19
N CYS B 41 19.38 92.50 -67.06
CA CYS B 41 18.11 92.93 -67.65
C CYS B 41 16.98 92.12 -67.03
N GLY B 42 16.10 92.81 -66.32
CA GLY B 42 14.99 92.13 -65.72
C GLY B 42 13.82 91.83 -66.63
N ALA B 43 13.87 92.27 -67.89
CA ALA B 43 12.71 92.14 -68.77
C ALA B 43 12.22 90.70 -68.86
N MET B 44 13.14 89.75 -68.77
CA MET B 44 12.73 88.37 -68.78
C MET B 44 12.14 87.95 -67.45
N GLU B 45 12.60 88.54 -66.35
CA GLU B 45 11.96 88.29 -65.06
C GLU B 45 10.50 88.73 -65.09
N VAL B 46 10.22 89.83 -65.79
CA VAL B 46 8.83 90.22 -66.03
C VAL B 46 8.10 89.14 -66.80
N HIS B 47 8.80 88.46 -67.71
CA HIS B 47 8.13 87.60 -68.68
C HIS B 47 7.45 86.40 -68.03
N HIS B 48 8.11 85.71 -67.10
CA HIS B 48 7.41 84.67 -66.35
C HIS B 48 6.16 85.26 -65.69
N ARG B 49 6.34 86.33 -64.91
CA ARG B 49 5.22 86.89 -64.17
C ARG B 49 4.15 87.40 -65.11
N LEU B 50 4.51 87.68 -66.37
CA LEU B 50 3.52 88.04 -67.38
C LEU B 50 2.58 86.88 -67.70
N LEU B 51 3.09 85.65 -67.68
CA LEU B 51 2.32 84.52 -68.20
C LEU B 51 1.03 84.30 -67.41
N ARG B 52 1.08 84.54 -66.10
CA ARG B 52 0.11 83.94 -65.20
C ARG B 52 -1.34 84.34 -65.53
N SER B 53 -1.60 85.63 -65.81
CA SER B 53 -2.99 86.07 -65.99
C SER B 53 -3.64 85.48 -67.22
N ALA B 54 -2.84 84.93 -68.13
CA ALA B 54 -3.29 84.18 -69.31
C ALA B 54 -4.01 85.10 -70.27
N SER B 55 -4.32 86.32 -69.83
CA SER B 55 -4.76 87.34 -70.75
C SER B 55 -3.61 87.72 -71.66
N TYR B 56 -2.42 87.82 -71.07
CA TYR B 56 -1.18 88.00 -71.81
C TYR B 56 -0.82 86.75 -72.60
N VAL B 57 -1.33 85.60 -72.21
CA VAL B 57 -1.01 84.37 -72.93
C VAL B 57 -1.74 84.32 -74.27
N ARG B 58 -3.00 84.74 -74.30
CA ARG B 58 -3.72 84.76 -75.58
C ARG B 58 -2.98 85.61 -76.60
N GLU B 59 -2.65 86.86 -76.23
CA GLU B 59 -2.01 87.78 -77.16
C GLU B 59 -0.64 87.26 -77.59
N ARG B 60 0.13 86.71 -76.65
CA ARG B 60 1.51 86.35 -76.94
C ARG B 60 1.60 85.23 -77.97
N ASP B 61 0.64 84.30 -77.97
CA ASP B 61 0.63 83.28 -79.01
C ASP B 61 0.35 83.90 -80.37
N GLN B 62 -0.70 84.72 -80.46
CA GLN B 62 -0.99 85.41 -81.71
C GLN B 62 0.23 86.22 -82.16
N ILE B 63 0.92 86.85 -81.22
CA ILE B 63 2.04 87.73 -81.56
C ILE B 63 3.18 86.92 -82.18
N GLU B 64 3.36 85.69 -81.74
CA GLU B 64 4.49 84.90 -82.23
C GLU B 64 4.21 84.24 -83.57
N ASN B 65 2.94 83.98 -83.90
CA ASN B 65 2.64 83.34 -85.18
C ASN B 65 2.97 84.27 -86.35
N LEU B 66 2.68 85.57 -86.19
CA LEU B 66 3.12 86.55 -87.18
C LEU B 66 4.65 86.56 -87.28
N ALA B 67 5.33 86.66 -86.14
CA ALA B 67 6.79 86.64 -86.13
C ALA B 67 7.36 85.30 -86.59
N LEU B 68 6.55 84.24 -86.56
CA LEU B 68 6.96 82.97 -87.16
C LEU B 68 6.73 82.95 -88.65
N LYS B 69 5.49 83.24 -89.07
CA LYS B 69 5.18 83.25 -90.50
C LYS B 69 6.05 84.26 -91.24
N TYR B 70 6.33 85.40 -90.61
CA TYR B 70 7.30 86.33 -91.20
C TYR B 70 8.66 85.65 -91.33
N LYS B 71 9.05 84.86 -90.33
CA LYS B 71 10.38 84.25 -90.32
C LYS B 71 10.56 83.31 -91.52
N GLN B 72 9.59 82.43 -91.75
CA GLN B 72 9.75 81.44 -92.81
C GLN B 72 9.79 82.11 -94.17
N GLY B 73 9.19 83.29 -94.28
CA GLY B 73 9.10 84.07 -95.50
C GLY B 73 7.69 84.32 -95.99
N PHE B 74 6.69 83.70 -95.34
CA PHE B 74 5.35 83.56 -95.91
C PHE B 74 4.81 84.89 -96.44
N ARG B 75 4.63 85.85 -95.56
CA ARG B 75 4.14 87.17 -95.94
C ARG B 75 5.21 88.19 -95.55
N ALA B 76 5.67 88.95 -96.53
CA ALA B 76 6.71 89.94 -96.28
C ALA B 76 6.41 91.22 -97.04
N ILE B 77 5.14 91.64 -97.08
CA ILE B 77 4.83 92.96 -97.61
C ILE B 77 5.50 93.94 -96.65
N SER B 78 6.55 94.60 -97.13
CA SER B 78 7.34 95.51 -96.30
C SER B 78 6.89 96.93 -96.55
N ARG B 79 6.73 97.68 -95.47
CA ARG B 79 6.54 99.11 -95.60
C ARG B 79 7.83 99.74 -96.08
N MET B 80 7.72 100.66 -97.03
CA MET B 80 8.86 101.40 -97.53
C MET B 80 8.74 102.87 -97.14
N GLU B 81 8.26 103.08 -95.92
CA GLU B 81 8.27 104.37 -95.24
C GLU B 81 8.62 104.10 -93.78
N ILE B 82 9.61 104.81 -93.25
CA ILE B 82 9.95 104.62 -91.84
C ILE B 82 8.85 105.25 -90.98
N VAL B 83 8.63 104.67 -89.82
CA VAL B 83 7.58 105.12 -88.90
C VAL B 83 8.25 105.83 -87.74
N LYS B 84 7.77 107.03 -87.44
CA LYS B 84 8.22 107.80 -86.29
C LYS B 84 7.18 107.69 -85.17
N ILE B 85 7.65 107.47 -83.93
CA ILE B 85 6.82 106.97 -82.85
C ILE B 85 6.88 107.93 -81.68
N PRO B 86 5.74 108.38 -81.15
CA PRO B 86 5.74 109.32 -80.03
C PRO B 86 6.13 108.65 -78.72
N VAL B 87 6.95 109.35 -77.93
CA VAL B 87 7.54 108.81 -76.71
C VAL B 87 7.42 109.83 -75.58
N VAL B 88 7.07 109.35 -74.38
CA VAL B 88 7.01 110.18 -73.19
C VAL B 88 7.96 109.59 -72.15
N VAL B 89 8.76 110.45 -71.52
CA VAL B 89 9.70 110.03 -70.48
C VAL B 89 9.11 110.39 -69.12
N HIS B 90 9.08 109.43 -68.20
CA HIS B 90 8.64 109.66 -66.83
C HIS B 90 9.88 109.60 -65.97
N VAL B 91 10.28 110.74 -65.40
CA VAL B 91 11.37 110.78 -64.44
C VAL B 91 10.76 110.72 -63.04
N VAL B 92 11.22 109.78 -62.22
CA VAL B 92 10.83 109.69 -60.82
C VAL B 92 12.08 109.85 -59.99
N TRP B 93 12.19 111.01 -59.36
CA TRP B 93 13.40 111.38 -58.64
C TRP B 93 13.07 111.46 -57.16
N ASN B 94 13.84 110.72 -56.36
CA ASN B 94 13.82 110.90 -54.92
C ASN B 94 14.60 112.14 -54.52
N GLU B 95 15.61 112.51 -55.31
CA GLU B 95 16.37 113.74 -55.13
C GLU B 95 16.59 114.37 -56.50
N GLU B 96 16.95 115.66 -56.50
CA GLU B 96 17.11 116.37 -57.77
C GLU B 96 18.28 115.84 -58.59
N GLU B 97 19.35 115.37 -57.93
CA GLU B 97 20.47 114.77 -58.66
C GLU B 97 20.01 113.54 -59.43
N GLU B 98 19.06 112.78 -58.85
CA GLU B 98 18.41 111.71 -59.59
C GLU B 98 17.62 112.25 -60.78
N ASN B 99 16.88 113.35 -60.59
CA ASN B 99 16.16 113.96 -61.69
C ASN B 99 17.15 114.38 -62.77
N ILE B 100 16.93 113.90 -63.95
CA ILE B 100 17.91 114.04 -65.01
C ILE B 100 17.65 115.33 -65.74
N SER B 101 18.75 115.93 -66.23
CA SER B 101 18.63 117.13 -67.05
C SER B 101 17.87 116.78 -68.34
N ASP B 102 17.21 117.78 -68.90
CA ASP B 102 16.56 117.59 -70.18
C ASP B 102 17.59 117.29 -71.26
N ALA B 103 18.73 117.99 -71.22
CA ALA B 103 19.82 117.73 -72.17
C ALA B 103 20.26 116.27 -72.10
N GLN B 104 20.25 115.69 -70.91
CA GLN B 104 20.52 114.27 -70.77
C GLN B 104 19.46 113.45 -71.50
N ILE B 105 18.19 113.80 -71.34
CA ILE B 105 17.11 113.02 -71.96
C ILE B 105 17.28 113.01 -73.47
N GLN B 106 17.64 114.15 -74.05
CA GLN B 106 17.77 114.25 -75.50
C GLN B 106 18.92 113.41 -76.02
N SER B 107 20.05 113.41 -75.32
CA SER B 107 21.21 112.66 -75.78
C SER B 107 20.84 111.20 -76.02
N GLN B 108 19.97 110.65 -75.18
CA GLN B 108 19.44 109.31 -75.40
C GLN B 108 18.55 109.26 -76.63
N ILE B 109 17.63 110.24 -76.75
CA ILE B 109 16.70 110.25 -77.87
C ILE B 109 17.46 110.25 -79.19
N ASP B 110 18.52 111.05 -79.28
CA ASP B 110 19.28 111.12 -80.52
C ASP B 110 20.01 109.81 -80.81
N ILE B 111 20.60 109.20 -79.78
CA ILE B 111 21.43 108.01 -80.00
C ILE B 111 20.57 106.85 -80.51
N LEU B 112 19.29 106.80 -80.12
CA LEU B 112 18.41 105.77 -80.65
C LEU B 112 18.16 105.94 -82.13
N ASN B 113 17.86 107.18 -82.55
CA ASN B 113 17.61 107.44 -83.96
C ASN B 113 18.86 107.24 -84.80
N LYS B 114 20.05 107.34 -84.19
CA LYS B 114 21.25 106.90 -84.87
C LYS B 114 21.32 105.37 -84.95
N ASP B 115 20.96 104.67 -83.86
CA ASP B 115 21.18 103.23 -83.79
C ASP B 115 20.23 102.44 -84.69
N PHE B 116 19.01 102.94 -84.89
CA PHE B 116 17.97 102.12 -85.50
C PHE B 116 17.87 102.27 -87.01
N ARG B 117 18.52 103.28 -87.59
CA ARG B 117 18.52 103.47 -89.03
C ARG B 117 19.88 103.17 -89.65
N LYS B 118 20.76 102.46 -88.94
CA LYS B 118 22.14 102.19 -89.33
C LYS B 118 22.99 103.46 -89.38
N LEU B 119 22.68 104.43 -88.51
CA LEU B 119 23.35 105.72 -88.52
C LEU B 119 24.48 105.83 -87.50
N ASN B 120 24.61 104.89 -86.59
CA ASN B 120 25.60 105.02 -85.53
C ASN B 120 27.01 104.90 -86.08
N SER B 121 27.90 105.77 -85.58
CA SER B 121 29.31 105.69 -85.95
C SER B 121 29.87 104.31 -85.67
N ASP B 122 29.31 103.62 -84.66
CA ASP B 122 29.79 102.32 -84.17
C ASP B 122 29.54 101.18 -85.15
N VAL B 123 28.71 101.38 -86.19
CA VAL B 123 28.38 100.29 -87.10
C VAL B 123 29.62 99.72 -87.76
N SER B 124 30.69 100.51 -87.82
CA SER B 124 31.96 100.14 -88.44
C SER B 124 32.75 99.12 -87.65
N GLN B 125 32.28 98.71 -86.47
CA GLN B 125 33.01 97.73 -85.67
C GLN B 125 32.58 96.29 -85.95
N VAL B 126 31.54 96.09 -86.74
CA VAL B 126 31.07 94.73 -87.08
C VAL B 126 32.13 94.04 -87.92
N PRO B 127 32.52 92.82 -87.60
CA PRO B 127 33.42 92.08 -88.49
C PRO B 127 32.82 91.95 -89.87
N SER B 128 33.71 91.90 -90.86
CA SER B 128 33.28 91.84 -92.25
C SER B 128 32.41 90.62 -92.55
N VAL B 129 32.50 89.57 -91.72
CA VAL B 129 31.69 88.37 -91.90
C VAL B 129 30.20 88.70 -91.91
N TRP B 130 29.81 89.79 -91.24
CA TRP B 130 28.42 90.16 -91.08
C TRP B 130 28.14 91.58 -91.55
N SER B 131 29.01 92.14 -92.39
CA SER B 131 28.80 93.49 -92.88
C SER B 131 27.51 93.55 -93.71
N ASN B 132 27.22 92.52 -94.50
CA ASN B 132 26.02 92.52 -95.32
C ASN B 132 24.79 92.05 -94.56
N LEU B 133 24.94 91.69 -93.29
CA LEU B 133 23.81 91.28 -92.48
C LEU B 133 23.32 92.38 -91.55
N ILE B 134 24.10 93.45 -91.38
CA ILE B 134 23.64 94.57 -90.58
C ILE B 134 22.35 95.10 -91.18
N ALA B 135 21.50 95.70 -90.33
CA ALA B 135 20.18 96.11 -90.77
C ALA B 135 19.83 97.51 -90.28
N ASP B 136 18.94 98.15 -91.01
CA ASP B 136 18.32 99.41 -90.64
C ASP B 136 16.88 99.11 -90.29
N LEU B 137 16.53 99.31 -89.02
CA LEU B 137 15.18 98.97 -88.61
C LEU B 137 14.16 99.82 -89.32
N GLY B 138 14.59 100.90 -89.95
CA GLY B 138 13.68 101.85 -90.53
C GLY B 138 12.76 102.41 -89.47
N ILE B 139 13.32 102.80 -88.32
CA ILE B 139 12.52 103.35 -87.23
C ILE B 139 13.30 104.45 -86.51
N GLU B 140 12.64 105.60 -86.33
CA GLU B 140 13.05 106.70 -85.46
C GLU B 140 11.87 107.01 -84.55
N PHE B 141 12.09 107.86 -83.53
CA PHE B 141 11.00 108.24 -82.61
C PHE B 141 11.25 109.65 -82.05
N PHE B 142 10.18 110.23 -81.47
CA PHE B 142 10.20 111.62 -81.05
C PHE B 142 9.44 111.80 -79.74
N LEU B 143 9.68 112.94 -79.10
CA LEU B 143 8.99 113.31 -77.87
C LEU B 143 7.73 114.09 -78.23
N ALA B 144 6.57 113.49 -78.00
CA ALA B 144 5.34 113.97 -78.61
C ALA B 144 5.06 115.43 -78.27
N THR B 145 4.68 116.19 -79.29
CA THR B 145 4.23 117.56 -79.09
C THR B 145 3.00 117.61 -78.19
N LYS B 146 2.26 116.50 -78.09
CA LYS B 146 0.97 116.45 -77.42
C LYS B 146 0.93 115.32 -76.40
N ASP B 147 0.33 115.60 -75.24
CA ASP B 147 0.05 114.59 -74.22
C ASP B 147 -1.25 113.87 -74.59
N PRO B 148 -1.55 112.74 -73.95
CA PRO B 148 -2.70 111.94 -74.41
C PRO B 148 -4.03 112.68 -74.34
N ASN B 149 -4.14 113.72 -73.52
CA ASN B 149 -5.37 114.47 -73.45
C ASN B 149 -5.47 115.54 -74.54
N GLY B 150 -4.37 115.86 -75.22
CA GLY B 150 -4.38 116.74 -76.39
C GLY B 150 -3.50 117.96 -76.25
N ASN B 151 -3.31 118.44 -75.02
CA ASN B 151 -2.55 119.67 -74.80
C ASN B 151 -1.09 119.49 -75.19
N GLN B 152 -0.45 120.59 -75.55
CA GLN B 152 0.95 120.54 -75.94
C GLN B 152 1.79 120.15 -74.74
N THR B 153 2.67 119.17 -74.93
CA THR B 153 3.46 118.63 -73.84
C THR B 153 4.91 118.47 -74.26
N THR B 154 5.80 118.60 -73.27
CA THR B 154 7.22 118.46 -73.54
C THR B 154 7.55 117.05 -74.00
N GLY B 155 7.06 116.05 -73.29
CA GLY B 155 7.53 114.70 -73.45
C GLY B 155 8.30 114.18 -72.26
N ILE B 156 8.40 114.94 -71.17
CA ILE B 156 9.12 114.55 -69.97
C ILE B 156 8.28 114.93 -68.75
N THR B 157 7.71 113.92 -68.07
CA THR B 157 7.06 114.13 -66.78
C THR B 157 8.05 113.84 -65.66
N ARG B 158 8.17 114.78 -64.72
CA ARG B 158 9.02 114.62 -63.56
C ARG B 158 8.12 114.47 -62.33
N THR B 159 8.31 113.37 -61.59
CA THR B 159 7.53 113.08 -60.39
C THR B 159 8.46 112.88 -59.21
N GLN B 160 8.26 113.68 -58.16
CA GLN B 160 8.96 113.46 -56.91
C GLN B 160 8.40 112.21 -56.23
N THR B 161 9.27 111.29 -55.82
CA THR B 161 8.85 110.06 -55.16
C THR B 161 9.56 109.91 -53.82
N SER B 162 8.82 109.42 -52.83
CA SER B 162 9.44 109.10 -51.54
C SER B 162 10.25 107.81 -51.59
N VAL B 163 9.93 106.89 -52.52
CA VAL B 163 10.62 105.60 -52.55
C VAL B 163 12.04 105.79 -53.06
N THR B 164 12.87 104.81 -52.78
CA THR B 164 14.27 104.85 -53.15
C THR B 164 14.66 103.76 -54.13
N PHE B 165 14.12 102.56 -53.96
CA PHE B 165 14.44 101.40 -54.78
C PHE B 165 13.25 101.09 -55.68
N PHE B 166 13.52 100.37 -56.78
CA PHE B 166 12.46 99.90 -57.66
C PHE B 166 12.85 98.53 -58.22
N THR B 167 11.83 97.73 -58.52
CA THR B 167 11.97 96.29 -58.70
C THR B 167 11.48 95.85 -60.06
N THR B 168 11.62 94.55 -60.31
CA THR B 168 10.92 93.89 -61.40
C THR B 168 9.44 93.70 -61.11
N SER B 169 8.96 94.23 -59.97
CA SER B 169 7.52 94.27 -59.67
C SER B 169 6.79 95.32 -60.50
N ASP B 170 7.54 96.15 -61.25
CA ASP B 170 7.01 97.21 -62.09
C ASP B 170 6.23 98.26 -61.31
N GLU B 171 6.41 98.30 -59.98
CA GLU B 171 5.70 99.25 -59.13
C GLU B 171 6.04 100.71 -59.45
N VAL B 172 7.20 100.98 -60.05
CA VAL B 172 7.53 102.35 -60.42
C VAL B 172 6.62 102.85 -61.54
N LYS B 173 6.06 101.94 -62.34
CA LYS B 173 5.17 102.35 -63.42
C LYS B 173 3.90 102.99 -62.89
N PHE B 174 3.30 102.42 -61.85
CA PHE B 174 1.98 102.86 -61.40
C PHE B 174 2.13 104.06 -60.46
N ALA B 175 1.06 104.88 -60.40
CA ALA B 175 1.10 106.11 -59.62
C ALA B 175 1.09 105.85 -58.13
N SER B 176 0.33 104.84 -57.67
CA SER B 176 0.19 104.52 -56.24
C SER B 176 1.52 104.19 -55.59
N SER B 177 2.51 103.76 -56.37
CA SER B 177 3.83 103.37 -55.88
C SER B 177 4.89 104.38 -56.33
N GLY B 178 4.56 105.68 -56.27
CA GLY B 178 5.54 106.71 -56.52
C GLY B 178 6.15 106.56 -57.89
N GLY B 179 5.30 106.54 -58.90
CA GLY B 179 5.77 106.50 -60.28
C GLY B 179 4.69 106.92 -61.25
N GLU B 180 5.00 107.83 -62.17
CA GLU B 180 3.96 108.47 -62.97
C GLU B 180 3.15 107.43 -63.73
N ASP B 181 1.82 107.64 -63.75
CA ASP B 181 0.93 106.77 -64.50
C ASP B 181 1.36 106.65 -65.95
N ALA B 182 1.33 105.42 -66.48
CA ALA B 182 1.71 105.19 -67.86
C ALA B 182 0.71 105.85 -68.83
N TRP B 183 1.24 106.55 -69.83
CA TRP B 183 0.40 107.10 -70.89
C TRP B 183 -0.09 105.96 -71.79
N PRO B 184 -1.22 106.14 -72.47
CA PRO B 184 -1.83 105.02 -73.20
C PRO B 184 -0.85 104.39 -74.18
N ALA B 185 -0.91 103.06 -74.27
CA ALA B 185 0.12 102.29 -74.95
C ALA B 185 0.06 102.43 -76.47
N ASP B 186 -1.14 102.63 -77.04
CA ASP B 186 -1.25 102.74 -78.49
C ASP B 186 -0.80 104.10 -78.98
N ARG B 187 -1.05 105.17 -78.21
CA ARG B 187 -0.64 106.48 -78.66
C ARG B 187 0.85 106.72 -78.44
N TYR B 188 1.40 106.36 -77.28
CA TYR B 188 2.79 106.65 -76.97
C TYR B 188 3.50 105.40 -76.50
N LEU B 189 4.83 105.47 -76.50
CA LEU B 189 5.68 104.44 -75.91
C LEU B 189 6.25 104.99 -74.62
N ASN B 190 5.87 104.37 -73.50
CA ASN B 190 6.16 104.91 -72.18
C ASN B 190 7.56 104.59 -71.73
N ILE B 191 8.14 105.52 -70.98
CA ILE B 191 9.52 105.44 -70.49
C ILE B 191 9.53 105.79 -69.00
N TRP B 192 10.28 105.01 -68.22
CA TRP B 192 10.50 105.30 -66.82
C TRP B 192 12.00 105.36 -66.56
N VAL B 193 12.46 106.48 -65.99
CA VAL B 193 13.86 106.67 -65.63
C VAL B 193 13.95 107.01 -64.16
N CYS B 194 14.60 106.15 -63.38
CA CYS B 194 14.76 106.36 -61.95
C CYS B 194 16.20 106.04 -61.57
N HIS B 195 16.50 106.26 -60.30
CA HIS B 195 17.88 106.19 -59.83
C HIS B 195 18.34 104.78 -59.46
N VAL B 196 17.45 103.93 -58.92
CA VAL B 196 17.84 102.63 -58.39
C VAL B 196 16.90 101.57 -58.95
N LEU B 197 17.47 100.57 -59.62
CA LEU B 197 16.69 99.46 -60.15
C LEU B 197 17.29 98.14 -59.70
N LYS B 198 16.44 97.28 -59.14
CA LYS B 198 16.84 96.02 -58.54
C LYS B 198 15.95 94.89 -59.02
N SER B 199 16.49 93.68 -58.99
CA SER B 199 15.77 92.48 -59.34
C SER B 199 15.15 91.83 -58.10
N GLU B 200 14.28 90.84 -58.33
CA GLU B 200 13.76 90.05 -57.22
C GLU B 200 14.88 89.20 -56.58
N ILE B 201 15.81 88.70 -57.41
CA ILE B 201 17.03 88.09 -56.88
C ILE B 201 17.81 89.11 -56.06
N GLY B 202 17.60 90.40 -56.33
CA GLY B 202 18.30 91.49 -55.67
C GLY B 202 19.37 92.13 -56.52
N GLN B 203 19.92 91.39 -57.49
CA GLN B 203 21.01 91.90 -58.31
C GLN B 203 20.56 93.18 -59.00
N ASP B 204 21.36 94.22 -58.87
CA ASP B 204 20.99 95.52 -59.39
C ASP B 204 20.93 95.49 -60.91
N ILE B 205 19.79 95.86 -61.46
CA ILE B 205 19.59 95.84 -62.90
C ILE B 205 19.76 97.25 -63.43
N LEU B 206 20.09 97.34 -64.71
CA LEU B 206 20.18 98.61 -65.40
C LEU B 206 18.87 99.03 -66.05
N GLY B 207 17.98 98.07 -66.27
CA GLY B 207 16.69 98.32 -66.88
C GLY B 207 16.01 97.02 -67.20
N TYR B 208 14.74 97.15 -67.60
CA TYR B 208 13.96 96.01 -68.06
C TYR B 208 13.12 96.47 -69.25
N ALA B 209 12.10 95.67 -69.57
CA ALA B 209 11.19 95.95 -70.66
C ALA B 209 10.00 95.01 -70.53
N GLN B 210 8.85 95.44 -71.00
CA GLN B 210 7.67 94.59 -71.00
C GLN B 210 7.37 94.17 -72.44
N PHE B 211 7.14 92.90 -72.66
CA PHE B 211 6.99 92.40 -74.01
C PHE B 211 5.68 92.85 -74.64
N PRO B 212 5.63 92.89 -75.97
CA PRO B 212 4.46 93.43 -76.65
C PRO B 212 3.26 92.52 -76.47
N GLY B 213 2.09 93.12 -76.65
CA GLY B 213 0.85 92.48 -76.30
C GLY B 213 0.60 92.40 -74.82
N GLY B 214 1.49 92.99 -74.03
CA GLY B 214 1.36 92.96 -72.59
C GLY B 214 0.29 93.91 -72.13
N PRO B 215 -0.14 93.74 -70.88
CA PRO B 215 -1.17 94.62 -70.33
C PRO B 215 -0.76 96.08 -70.39
N ALA B 216 -1.77 96.93 -70.66
CA ALA B 216 -1.51 98.29 -71.14
C ALA B 216 -0.63 99.07 -70.18
N GLU B 217 -0.98 99.07 -68.90
CA GLU B 217 -0.37 100.00 -67.96
C GLU B 217 1.12 99.72 -67.72
N THR B 218 1.63 98.58 -68.17
CA THR B 218 3.05 98.29 -68.13
C THR B 218 3.69 98.31 -69.51
N ASP B 219 2.94 98.71 -70.56
CA ASP B 219 3.40 98.59 -71.95
C ASP B 219 4.43 99.67 -72.27
N GLY B 220 5.62 99.47 -71.71
CA GLY B 220 6.70 100.40 -71.87
C GLY B 220 7.97 99.77 -71.38
N VAL B 221 8.98 100.60 -71.15
CA VAL B 221 10.30 100.14 -70.76
C VAL B 221 10.83 101.07 -69.68
N VAL B 222 11.70 100.54 -68.83
CA VAL B 222 12.30 101.30 -67.74
C VAL B 222 13.81 101.14 -67.82
N ILE B 223 14.54 102.25 -67.73
CA ILE B 223 15.99 102.25 -67.70
C ILE B 223 16.42 103.12 -66.52
N VAL B 224 17.44 102.66 -65.79
CA VAL B 224 17.96 103.45 -64.69
C VAL B 224 18.54 104.75 -65.23
N ASP B 225 18.71 105.72 -64.33
CA ASP B 225 19.15 107.03 -64.78
C ASP B 225 20.61 107.03 -65.26
N ALA B 226 21.45 106.15 -64.75
CA ALA B 226 22.85 106.19 -65.14
C ALA B 226 23.15 105.45 -66.44
N ALA B 227 22.13 104.89 -67.09
CA ALA B 227 22.28 104.25 -68.39
C ALA B 227 21.58 105.04 -69.49
N PHE B 228 20.97 106.16 -69.14
CA PHE B 228 20.03 106.90 -69.97
C PHE B 228 20.75 108.11 -70.54
N GLY B 229 21.21 108.02 -71.77
CA GLY B 229 21.79 109.16 -72.44
C GLY B 229 23.30 109.21 -72.37
N THR B 230 23.83 110.33 -72.85
CA THR B 230 25.26 110.52 -73.06
C THR B 230 25.86 111.64 -72.22
N THR B 231 25.14 112.15 -71.22
CA THR B 231 25.65 113.23 -70.39
C THR B 231 24.84 113.28 -69.10
N GLY B 232 25.11 114.29 -68.29
CA GLY B 232 24.41 114.42 -67.01
C GLY B 232 24.71 113.24 -66.11
N THR B 233 23.66 112.65 -65.57
CA THR B 233 23.82 111.52 -64.65
C THR B 233 24.18 110.22 -65.37
N ALA B 234 24.26 110.24 -66.71
CA ALA B 234 24.65 109.06 -67.46
C ALA B 234 26.12 108.73 -67.22
N LEU B 235 26.41 107.44 -66.97
CA LEU B 235 27.75 107.00 -66.61
C LEU B 235 28.13 105.77 -67.44
N PRO B 236 29.42 105.62 -67.75
CA PRO B 236 29.88 104.51 -68.59
C PRO B 236 30.09 103.25 -67.78
N PRO B 237 30.06 102.07 -68.42
CA PRO B 237 29.91 101.79 -69.86
C PRO B 237 28.46 101.80 -70.36
N PHE B 238 27.64 102.78 -69.91
CA PHE B 238 26.29 103.01 -70.41
C PHE B 238 26.10 104.49 -70.76
N ASP B 239 27.21 105.19 -71.04
CA ASP B 239 27.17 106.58 -71.49
C ASP B 239 26.74 106.70 -72.95
N LYS B 240 27.02 105.70 -73.79
CA LYS B 240 26.52 105.71 -75.15
C LYS B 240 24.99 105.60 -75.20
N GLY B 241 24.35 105.23 -74.10
CA GLY B 241 22.90 105.13 -74.05
C GLY B 241 22.31 103.93 -74.77
N ARG B 242 23.15 103.01 -75.26
CA ARG B 242 22.67 101.79 -75.90
C ARG B 242 21.92 100.89 -74.93
N THR B 243 22.04 101.14 -73.61
CA THR B 243 21.31 100.35 -72.61
C THR B 243 19.81 100.44 -72.83
N ALA B 244 19.31 101.64 -73.10
CA ALA B 244 17.92 101.78 -73.50
C ALA B 244 17.66 101.10 -74.84
N THR B 245 18.56 101.25 -75.81
CA THR B 245 18.40 100.59 -77.11
C THR B 245 18.11 99.10 -76.94
N HIS B 246 18.82 98.45 -76.01
CA HIS B 246 18.72 97.01 -75.79
C HIS B 246 17.32 96.63 -75.29
N ALA B 247 16.94 97.17 -74.12
CA ALA B 247 15.62 96.90 -73.57
C ALA B 247 14.49 97.48 -74.43
N ILE B 248 14.80 98.35 -75.38
CA ILE B 248 13.81 98.71 -76.40
C ILE B 248 13.46 97.50 -77.25
N GLY B 249 14.49 96.72 -77.62
CA GLY B 249 14.28 95.59 -78.52
C GLY B 249 13.30 94.57 -77.98
N HIS B 250 13.25 94.44 -76.65
CA HIS B 250 12.17 93.66 -76.05
C HIS B 250 10.82 94.31 -76.29
N TRP B 251 10.77 95.63 -76.50
CA TRP B 251 9.50 96.27 -76.83
C TRP B 251 9.14 96.07 -78.28
N LEU B 252 10.13 95.73 -79.09
CA LEU B 252 9.91 95.25 -80.44
C LEU B 252 9.85 93.72 -80.48
N ASN B 253 9.79 93.06 -79.33
CA ASN B 253 9.63 91.61 -79.24
C ASN B 253 10.87 90.90 -79.76
N LEU B 254 12.02 91.37 -79.30
CA LEU B 254 13.29 90.71 -79.57
C LEU B 254 13.77 89.96 -78.34
N TYR B 255 13.96 88.65 -78.47
CA TYR B 255 14.60 87.86 -77.43
C TYR B 255 16.09 88.11 -77.41
N HIS B 256 16.68 88.05 -76.21
CA HIS B 256 18.12 87.99 -76.09
C HIS B 256 18.67 86.94 -77.04
N ILE B 257 19.92 87.11 -77.47
CA ILE B 257 20.50 86.22 -78.47
C ILE B 257 20.57 84.79 -77.96
N TRP B 258 20.67 84.60 -76.65
CA TRP B 258 20.96 83.29 -76.08
C TRP B 258 19.72 82.45 -75.81
N GLY B 259 18.54 82.94 -76.14
CA GLY B 259 17.29 82.35 -75.66
C GLY B 259 16.81 83.08 -74.41
N ASP B 260 16.67 82.36 -73.31
CA ASP B 260 16.72 83.05 -72.03
C ASP B 260 16.99 82.06 -70.92
N GLU B 261 17.39 82.61 -69.77
CA GLU B 261 17.53 81.86 -68.53
C GLU B 261 16.21 81.71 -67.76
N LEU B 262 15.18 82.48 -68.10
CA LEU B 262 13.83 82.09 -67.73
C LEU B 262 13.52 80.70 -68.27
N ARG B 263 13.99 80.40 -69.48
CA ARG B 263 13.64 79.16 -70.16
C ARG B 263 14.40 78.00 -69.53
N PHE B 264 13.68 76.97 -69.11
CA PHE B 264 14.29 75.75 -68.61
C PHE B 264 14.66 74.89 -69.81
N GLU B 265 15.95 74.80 -70.11
CA GLU B 265 16.41 73.95 -71.20
C GLU B 265 17.90 73.77 -71.05
N ASP B 266 18.44 72.81 -71.80
CA ASP B 266 19.86 72.81 -72.07
C ASP B 266 20.20 74.07 -72.89
N PRO B 267 21.29 74.78 -72.57
CA PRO B 267 21.42 76.17 -73.02
C PRO B 267 21.44 76.35 -74.51
N CYS B 268 21.75 75.30 -75.28
CA CYS B 268 21.80 75.40 -76.74
C CYS B 268 20.41 75.39 -77.37
N SER B 269 19.42 74.82 -76.70
CA SER B 269 18.11 74.70 -77.28
C SER B 269 17.21 75.88 -76.94
N ARG B 270 17.74 76.94 -76.35
CA ARG B 270 17.04 78.21 -76.21
C ARG B 270 17.56 79.18 -77.25
N SER B 271 16.65 79.78 -78.01
CA SER B 271 17.01 80.59 -79.17
C SER B 271 16.18 81.85 -79.19
N ASP B 272 16.71 82.88 -79.88
CA ASP B 272 16.06 84.19 -80.06
C ASP B 272 15.09 84.19 -81.23
N GLU B 273 14.91 83.04 -81.89
CA GLU B 273 14.01 82.88 -83.03
C GLU B 273 14.38 83.86 -84.14
N VAL B 274 15.68 84.08 -84.30
CA VAL B 274 16.25 84.87 -85.37
C VAL B 274 17.30 84.02 -86.06
N ASP B 275 17.08 83.70 -87.33
CA ASP B 275 17.94 82.72 -87.97
C ASP B 275 19.36 83.23 -88.20
N ASP B 276 19.53 84.52 -88.49
CA ASP B 276 20.84 85.00 -88.90
C ASP B 276 21.74 85.40 -87.73
N THR B 277 21.26 85.28 -86.46
CA THR B 277 22.22 85.49 -85.37
C THR B 277 22.71 84.14 -84.86
N PRO B 278 24.03 83.94 -84.68
CA PRO B 278 24.54 82.60 -84.34
C PRO B 278 24.05 82.23 -82.95
N ASN B 279 23.35 81.09 -82.86
CA ASN B 279 22.64 80.75 -81.63
C ASN B 279 23.66 80.47 -80.53
N GLN B 280 23.87 81.46 -79.68
CA GLN B 280 24.72 81.36 -78.51
C GLN B 280 23.86 81.00 -77.31
N ALA B 281 24.53 80.71 -76.22
CA ALA B 281 23.84 80.41 -74.97
C ALA B 281 24.31 81.24 -73.80
N ASP B 282 25.48 81.87 -73.91
CA ASP B 282 26.05 82.62 -72.80
C ASP B 282 26.18 84.09 -73.15
N PRO B 283 25.51 85.00 -72.44
CA PRO B 283 25.77 86.42 -72.63
C PRO B 283 27.22 86.76 -72.33
N ASN B 284 27.78 87.65 -73.16
CA ASN B 284 29.09 88.25 -72.98
C ASN B 284 28.89 89.67 -72.46
N PHE B 285 29.55 90.01 -71.36
CA PHE B 285 29.54 91.39 -70.87
C PHE B 285 30.91 92.02 -71.15
N GLY B 286 30.99 93.32 -70.82
CA GLY B 286 32.20 94.07 -71.10
C GLY B 286 32.38 94.29 -72.59
N CYS B 287 33.62 94.16 -73.04
CA CYS B 287 33.87 94.16 -74.46
C CYS B 287 34.68 92.93 -74.84
N PRO B 288 34.22 92.16 -75.82
CA PRO B 288 34.86 90.87 -76.10
C PRO B 288 35.90 90.95 -77.20
N SER B 289 36.69 89.90 -77.30
CA SER B 289 37.65 89.73 -78.39
C SER B 289 37.08 88.73 -79.40
N TYR B 290 37.06 89.12 -80.65
CA TYR B 290 36.50 88.26 -81.69
C TYR B 290 37.40 87.06 -81.91
N PRO B 291 36.84 85.83 -82.01
CA PRO B 291 35.44 85.46 -81.78
C PRO B 291 35.17 84.74 -80.45
N HIS B 292 33.96 84.88 -79.92
CA HIS B 292 33.52 84.14 -78.75
C HIS B 292 32.57 83.04 -79.22
N VAL B 293 32.94 81.81 -78.96
CA VAL B 293 32.34 80.65 -79.60
C VAL B 293 31.40 79.97 -78.61
N SER B 294 30.10 80.14 -78.78
CA SER B 294 29.09 79.59 -77.87
C SER B 294 28.12 78.71 -78.65
N CYS B 295 27.99 77.45 -78.22
CA CYS B 295 27.22 76.43 -78.93
C CYS B 295 27.70 76.32 -80.37
N SER B 296 28.98 75.98 -80.50
CA SER B 296 29.72 75.98 -81.76
C SER B 296 29.57 77.37 -82.36
N ASN B 297 29.04 77.53 -83.59
CA ASN B 297 28.97 78.76 -84.40
C ASN B 297 30.35 79.34 -84.72
N GLY B 298 31.40 78.55 -84.55
CA GLY B 298 32.72 78.97 -84.91
C GLY B 298 32.96 78.78 -86.40
N PRO B 299 33.93 79.52 -86.94
CA PRO B 299 34.69 80.57 -86.24
C PRO B 299 33.96 81.91 -86.31
N ASN B 300 32.70 81.91 -86.76
CA ASN B 300 31.91 83.15 -86.78
C ASN B 300 31.82 83.78 -85.39
N GLY B 301 31.77 82.97 -84.33
CA GLY B 301 31.70 83.50 -83.00
C GLY B 301 30.35 84.12 -82.71
N ASP B 302 30.19 84.55 -81.46
CA ASP B 302 28.93 85.15 -81.06
C ASP B 302 28.78 86.50 -81.71
N MET B 303 27.54 87.01 -81.69
CA MET B 303 27.27 88.34 -82.22
C MET B 303 27.22 89.35 -81.07
N PHE B 304 28.38 89.54 -80.43
CA PHE B 304 28.44 90.47 -79.30
C PHE B 304 28.18 91.90 -79.74
N MET B 305 28.40 92.20 -81.01
CA MET B 305 28.06 93.50 -81.57
C MET B 305 26.55 93.77 -81.52
N ASN B 306 25.75 92.72 -81.36
CA ASN B 306 24.31 92.88 -81.30
C ASN B 306 23.88 93.55 -79.99
N TYR B 307 22.90 94.46 -80.09
CA TYR B 307 22.41 95.19 -78.92
C TYR B 307 21.71 94.28 -77.91
N MET B 308 21.34 93.07 -78.32
CA MET B 308 20.66 92.15 -77.42
C MET B 308 21.63 91.29 -76.61
N ASP B 309 22.94 91.46 -76.81
CA ASP B 309 23.91 90.89 -75.89
C ASP B 309 24.19 91.87 -74.76
N TYR B 310 24.84 91.36 -73.72
CA TYR B 310 25.05 92.13 -72.51
C TYR B 310 26.35 92.93 -72.52
N VAL B 311 26.95 93.14 -73.70
CA VAL B 311 28.23 93.82 -73.81
C VAL B 311 28.10 95.27 -73.34
N ASP B 312 29.24 95.94 -73.18
CA ASP B 312 29.23 97.38 -72.92
C ASP B 312 28.63 98.14 -74.10
N ASP B 313 28.39 99.44 -73.89
CA ASP B 313 27.63 100.24 -74.84
C ASP B 313 28.40 100.45 -76.15
N LYS B 314 29.71 100.65 -76.06
CA LYS B 314 30.50 100.96 -77.25
C LYS B 314 30.79 99.73 -78.10
N CYS B 315 30.36 98.54 -77.67
CA CYS B 315 30.59 97.32 -78.42
C CYS B 315 29.32 96.70 -78.98
N MET B 316 28.16 96.99 -78.39
CA MET B 316 26.88 96.68 -79.01
C MET B 316 26.53 97.81 -79.97
N VAL B 317 26.48 97.49 -81.27
CA VAL B 317 26.40 98.53 -82.29
C VAL B 317 25.25 98.34 -83.27
N MET B 318 24.64 97.17 -83.42
CA MET B 318 23.85 96.93 -84.60
C MET B 318 22.66 96.02 -84.31
N PHE B 319 21.83 95.87 -85.33
CA PHE B 319 20.70 94.95 -85.34
C PHE B 319 20.76 94.13 -86.60
N THR B 320 20.27 92.90 -86.55
CA THR B 320 20.34 92.00 -87.70
C THR B 320 19.12 92.15 -88.58
N GLN B 321 19.29 91.78 -89.85
CA GLN B 321 18.18 91.78 -90.79
C GLN B 321 17.04 90.91 -90.28
N GLY B 322 17.38 89.72 -89.79
CA GLY B 322 16.36 88.86 -89.24
C GLY B 322 15.61 89.53 -88.10
N GLN B 323 16.34 90.16 -87.18
CA GLN B 323 15.70 90.80 -86.04
C GLN B 323 14.72 91.85 -86.50
N ALA B 324 15.13 92.68 -87.45
CA ALA B 324 14.24 93.70 -88.01
C ALA B 324 12.96 93.06 -88.52
N THR B 325 13.10 91.99 -89.31
CA THR B 325 11.93 91.28 -89.81
C THR B 325 11.01 90.85 -88.67
N ARG B 326 11.59 90.45 -87.54
CA ARG B 326 10.78 90.19 -86.36
C ARG B 326 10.14 91.47 -85.86
N VAL B 327 10.88 92.58 -85.85
CA VAL B 327 10.26 93.84 -85.45
C VAL B 327 9.08 94.14 -86.34
N ASN B 328 9.25 93.96 -87.66
CA ASN B 328 8.18 94.19 -88.61
C ASN B 328 6.92 93.44 -88.19
N ALA B 329 7.07 92.18 -87.80
CA ALA B 329 5.92 91.40 -87.35
C ALA B 329 5.29 91.95 -86.07
N CYS B 330 6.10 92.54 -85.18
CA CYS B 330 5.53 93.17 -83.99
C CYS B 330 4.75 94.43 -84.34
N LEU B 331 5.15 95.13 -85.41
CA LEU B 331 4.50 96.40 -85.77
C LEU B 331 3.17 96.16 -86.45
N ASP B 332 3.08 95.15 -87.30
CA ASP B 332 1.90 94.98 -88.12
C ASP B 332 0.71 94.52 -87.29
N GLY B 333 0.88 93.49 -86.46
CA GLY B 333 -0.22 92.92 -85.71
C GLY B 333 -0.43 93.41 -84.29
N PRO B 334 0.61 93.30 -83.46
CA PRO B 334 0.49 93.81 -82.08
C PRO B 334 0.41 95.32 -81.99
N ARG B 335 1.29 96.01 -82.71
CA ARG B 335 1.43 97.46 -82.61
C ARG B 335 0.82 98.20 -83.80
N SER B 336 -0.18 97.60 -84.46
CA SER B 336 -0.80 98.20 -85.64
C SER B 336 -1.27 99.63 -85.40
N SER B 337 -1.44 100.01 -84.13
CA SER B 337 -1.90 101.35 -83.81
C SER B 337 -0.93 102.43 -84.28
N PHE B 338 0.37 102.22 -84.05
CA PHE B 338 1.34 103.29 -84.29
C PHE B 338 1.56 103.57 -85.77
N LEU B 339 1.41 102.57 -86.62
CA LEU B 339 1.65 102.76 -88.04
C LEU B 339 0.63 103.71 -88.66
N ALA B 340 -0.63 103.65 -88.21
CA ALA B 340 -1.74 104.36 -88.83
C ALA B 340 -1.75 105.85 -88.55
N ARG B 341 -0.90 106.35 -87.65
CA ARG B 341 -0.93 107.74 -87.17
C ARG B 341 -0.85 108.77 -88.29
N PRO C 36 7.59 29.09 -85.98
CA PRO C 36 8.02 30.26 -85.20
C PRO C 36 6.95 30.83 -84.22
N THR C 37 6.45 30.01 -83.28
CA THR C 37 5.45 30.44 -82.32
C THR C 37 6.14 31.14 -81.15
N GLN C 38 5.93 32.44 -81.02
CA GLN C 38 6.56 33.25 -79.99
C GLN C 38 5.51 33.59 -78.93
N ARG C 39 5.98 33.83 -77.70
CA ARG C 39 5.07 34.24 -76.64
C ARG C 39 4.73 35.71 -76.81
N ARG C 40 3.44 36.01 -76.81
CA ARG C 40 2.96 37.37 -76.99
C ARG C 40 1.73 37.59 -76.12
N CYS C 41 1.85 38.51 -75.17
CA CYS C 41 0.83 38.78 -74.16
C CYS C 41 0.18 40.13 -74.46
N GLY C 42 -1.10 40.10 -74.80
CA GLY C 42 -1.81 41.34 -75.06
C GLY C 42 -2.28 42.11 -73.86
N ALA C 43 -2.06 41.59 -72.64
CA ALA C 43 -2.63 42.21 -71.45
C ALA C 43 -2.23 43.66 -71.34
N MET C 44 -1.04 44.00 -71.82
CA MET C 44 -0.63 45.38 -71.80
C MET C 44 -1.28 46.18 -72.91
N GLU C 45 -1.59 45.54 -74.03
CA GLU C 45 -2.38 46.20 -75.06
C GLU C 45 -3.73 46.60 -74.51
N VAL C 46 -4.31 45.75 -73.66
CA VAL C 46 -5.52 46.12 -72.95
C VAL C 46 -5.27 47.36 -72.09
N HIS C 47 -4.07 47.48 -71.54
CA HIS C 47 -3.85 48.44 -70.48
C HIS C 47 -3.94 49.88 -70.97
N HIS C 48 -3.37 50.20 -72.14
CA HIS C 48 -3.62 51.52 -72.70
C HIS C 48 -5.11 51.75 -72.87
N ARG C 49 -5.78 50.83 -73.55
CA ARG C 49 -7.20 51.02 -73.82
C ARG C 49 -8.01 51.07 -72.53
N LEU C 50 -7.46 50.55 -71.44
CA LEU C 50 -8.10 50.65 -70.13
C LEU C 50 -8.12 52.07 -69.60
N LEU C 51 -7.08 52.85 -69.92
CA LEU C 51 -6.93 54.16 -69.31
C LEU C 51 -8.08 55.09 -69.66
N ARG C 52 -8.58 55.00 -70.89
CA ARG C 52 -9.31 56.11 -71.49
C ARG C 52 -10.56 56.51 -70.69
N SER C 53 -11.36 55.53 -70.22
CA SER C 53 -12.62 55.89 -69.55
C SER C 53 -12.41 56.61 -68.22
N ALA C 54 -11.19 56.56 -67.67
CA ALA C 54 -10.76 57.31 -66.50
C ALA C 54 -11.51 56.84 -65.27
N SER C 55 -12.53 56.02 -65.47
CA SER C 55 -13.13 55.30 -64.36
C SER C 55 -12.15 54.27 -63.83
N TYR C 56 -11.45 53.62 -64.77
CA TYR C 56 -10.32 52.74 -64.47
C TYR C 56 -9.12 53.51 -63.95
N VAL C 57 -9.03 54.80 -64.28
CA VAL C 57 -7.91 55.61 -63.80
C VAL C 57 -8.03 55.90 -62.31
N ARG C 58 -9.24 56.20 -61.83
CA ARG C 58 -9.41 56.45 -60.40
C ARG C 58 -8.95 55.25 -59.59
N GLU C 59 -9.45 54.07 -59.92
CA GLU C 59 -9.14 52.86 -59.17
C GLU C 59 -7.65 52.53 -59.25
N ARG C 60 -7.07 52.67 -60.45
CA ARG C 60 -5.70 52.21 -60.67
C ARG C 60 -4.71 52.99 -59.83
N ASP C 61 -4.96 54.29 -59.61
CA ASP C 61 -4.11 55.06 -58.71
C ASP C 61 -4.22 54.56 -57.28
N GLN C 62 -5.44 54.42 -56.77
CA GLN C 62 -5.63 53.85 -55.44
C GLN C 62 -4.96 52.48 -55.34
N ILE C 63 -5.07 51.68 -56.39
CA ILE C 63 -4.53 50.33 -56.35
C ILE C 63 -3.01 50.34 -56.20
N GLU C 64 -2.34 51.32 -56.82
CA GLU C 64 -0.89 51.33 -56.77
C GLU C 64 -0.32 51.93 -55.50
N ASN C 65 -1.09 52.77 -54.79
CA ASN C 65 -0.57 53.34 -53.55
C ASN C 65 -0.43 52.29 -52.47
N LEU C 66 -1.39 51.35 -52.42
CA LEU C 66 -1.24 50.19 -51.54
C LEU C 66 -0.02 49.37 -51.93
N ALA C 67 0.11 49.03 -53.22
CA ALA C 67 1.27 48.28 -53.68
C ALA C 67 2.56 49.08 -53.60
N LEU C 68 2.49 50.39 -53.45
CA LEU C 68 3.68 51.18 -53.15
C LEU C 68 3.99 51.18 -51.66
N LYS C 69 3.00 51.54 -50.83
CA LYS C 69 3.22 51.56 -49.38
C LYS C 69 3.59 50.18 -48.86
N TYR C 70 3.01 49.12 -49.43
CA TYR C 70 3.48 47.78 -49.12
C TYR C 70 4.95 47.61 -49.50
N LYS C 71 5.35 48.18 -50.63
CA LYS C 71 6.72 47.99 -51.12
C LYS C 71 7.74 48.57 -50.17
N GLN C 72 7.53 49.82 -49.73
CA GLN C 72 8.51 50.47 -48.86
C GLN C 72 8.62 49.73 -47.54
N GLY C 73 7.55 49.05 -47.14
CA GLY C 73 7.47 48.31 -45.88
C GLY C 73 6.39 48.81 -44.93
N PHE C 74 5.72 49.92 -45.27
CA PHE C 74 4.94 50.70 -44.32
C PHE C 74 3.98 49.83 -43.52
N ARG C 75 3.03 49.20 -44.19
CA ARG C 75 2.08 48.29 -43.54
C ARG C 75 2.25 46.92 -44.15
N ALA C 76 2.53 45.93 -43.30
CA ALA C 76 2.74 44.58 -43.80
C ALA C 76 2.08 43.58 -42.88
N ILE C 77 0.87 43.89 -42.39
CA ILE C 77 0.10 42.88 -41.67
C ILE C 77 -0.21 41.78 -42.67
N SER C 78 0.41 40.63 -42.49
CA SER C 78 0.28 39.54 -43.45
C SER C 78 -0.74 38.55 -42.93
N ARG C 79 -1.62 38.12 -43.82
CA ARG C 79 -2.49 36.99 -43.50
C ARG C 79 -1.64 35.73 -43.41
N MET C 80 -1.92 34.93 -42.39
CA MET C 80 -1.25 33.64 -42.21
C MET C 80 -2.25 32.51 -42.40
N GLU C 81 -3.13 32.71 -43.37
CA GLU C 81 -4.01 31.68 -43.91
C GLU C 81 -4.08 31.87 -45.41
N ILE C 82 -3.86 30.80 -46.17
CA ILE C 82 -3.94 30.91 -47.62
C ILE C 82 -5.42 31.04 -48.01
N VAL C 83 -5.67 31.78 -49.08
CA VAL C 83 -7.03 32.03 -49.55
C VAL C 83 -7.25 31.18 -50.80
N LYS C 84 -8.36 30.45 -50.82
CA LYS C 84 -8.78 29.68 -51.98
C LYS C 84 -9.90 30.43 -52.72
N ILE C 85 -9.81 30.49 -54.05
CA ILE C 85 -10.53 31.46 -54.86
C ILE C 85 -11.37 30.73 -55.89
N PRO C 86 -12.67 31.00 -55.96
CA PRO C 86 -13.52 30.32 -56.94
C PRO C 86 -13.29 30.81 -58.37
N VAL C 87 -13.29 29.87 -59.30
CA VAL C 87 -12.95 30.13 -60.70
C VAL C 87 -13.95 29.44 -61.61
N VAL C 88 -14.35 30.14 -62.67
CA VAL C 88 -15.22 29.58 -63.70
C VAL C 88 -14.50 29.68 -65.04
N VAL C 89 -14.53 28.59 -65.81
CA VAL C 89 -13.92 28.55 -67.13
C VAL C 89 -15.02 28.69 -68.17
N HIS C 90 -14.81 29.60 -69.13
CA HIS C 90 -15.72 29.78 -70.26
C HIS C 90 -14.99 29.26 -71.50
N VAL C 91 -15.45 28.15 -72.04
CA VAL C 91 -14.93 27.63 -73.30
C VAL C 91 -15.84 28.12 -74.41
N VAL C 92 -15.25 28.77 -75.42
CA VAL C 92 -15.98 29.18 -76.62
C VAL C 92 -15.35 28.45 -77.79
N TRP C 93 -16.07 27.46 -78.30
CA TRP C 93 -15.56 26.58 -79.34
C TRP C 93 -16.33 26.82 -80.63
N ASN C 94 -15.60 27.13 -81.70
CA ASN C 94 -16.18 27.12 -83.03
C ASN C 94 -16.36 25.69 -83.54
N GLU C 95 -15.51 24.78 -83.07
CA GLU C 95 -15.62 23.36 -83.37
C GLU C 95 -15.35 22.58 -82.09
N GLU C 96 -15.76 21.31 -82.08
CA GLU C 96 -15.59 20.50 -80.88
C GLU C 96 -14.12 20.25 -80.54
N GLU C 97 -13.26 20.12 -81.55
CA GLU C 97 -11.83 19.97 -81.28
C GLU C 97 -11.29 21.18 -80.50
N GLU C 98 -11.80 22.37 -80.82
CA GLU C 98 -11.48 23.55 -80.02
C GLU C 98 -12.00 23.41 -78.59
N ASN C 99 -13.23 22.91 -78.44
CA ASN C 99 -13.77 22.65 -77.12
C ASN C 99 -12.84 21.69 -76.40
N ILE C 100 -12.38 22.09 -75.26
CA ILE C 100 -11.35 21.36 -74.56
C ILE C 100 -11.99 20.32 -73.67
N SER C 101 -11.31 19.18 -73.52
CA SER C 101 -11.77 18.17 -72.57
C SER C 101 -11.77 18.74 -71.16
N ASP C 102 -12.64 18.20 -70.31
CA ASP C 102 -12.63 18.57 -68.91
C ASP C 102 -11.31 18.17 -68.26
N ALA C 103 -10.81 16.97 -68.60
CA ALA C 103 -9.51 16.53 -68.10
C ALA C 103 -8.42 17.54 -68.44
N GLN C 104 -8.50 18.15 -69.62
CA GLN C 104 -7.58 19.22 -69.97
C GLN C 104 -7.73 20.40 -69.02
N ILE C 105 -8.97 20.78 -68.70
CA ILE C 105 -9.20 21.95 -67.85
C ILE C 105 -8.58 21.73 -66.48
N GLN C 106 -8.72 20.52 -65.93
CA GLN C 106 -8.21 20.23 -64.60
C GLN C 106 -6.68 20.29 -64.57
N SER C 107 -6.01 19.76 -65.60
CA SER C 107 -4.55 19.75 -65.61
C SER C 107 -3.98 21.14 -65.42
N GLN C 108 -4.65 22.15 -65.99
CA GLN C 108 -4.28 23.53 -65.74
C GLN C 108 -4.58 23.92 -64.29
N ILE C 109 -5.77 23.58 -63.80
CA ILE C 109 -6.15 23.94 -62.44
C ILE C 109 -5.13 23.42 -61.44
N ASP C 110 -4.70 22.17 -61.62
CA ASP C 110 -3.73 21.59 -60.70
C ASP C 110 -2.38 22.28 -60.79
N ILE C 111 -1.93 22.58 -62.01
CA ILE C 111 -0.58 23.11 -62.18
C ILE C 111 -0.46 24.48 -61.53
N LEU C 112 -1.56 25.25 -61.49
CA LEU C 112 -1.54 26.55 -60.82
C LEU C 112 -1.35 26.39 -59.31
N ASN C 113 -2.10 25.47 -58.71
CA ASN C 113 -1.98 25.22 -57.27
C ASN C 113 -0.62 24.65 -56.90
N LYS C 114 0.08 24.01 -57.85
CA LYS C 114 1.49 23.67 -57.64
C LYS C 114 2.37 24.92 -57.74
N ASP C 115 2.10 25.80 -58.71
CA ASP C 115 3.02 26.92 -58.99
C ASP C 115 2.98 27.99 -57.90
N PHE C 116 1.84 28.19 -57.27
CA PHE C 116 1.63 29.37 -56.43
C PHE C 116 1.97 29.15 -54.97
N ARG C 117 2.14 27.91 -54.54
CA ARG C 117 2.49 27.61 -53.16
C ARG C 117 3.92 27.07 -53.04
N LYS C 118 4.75 27.27 -54.06
CA LYS C 118 6.11 26.72 -54.15
C LYS C 118 6.11 25.21 -54.27
N LEU C 119 5.08 24.64 -54.90
CA LEU C 119 4.93 23.20 -54.99
C LEU C 119 5.43 22.60 -56.30
N ASN C 120 5.73 23.42 -57.30
CA ASN C 120 6.07 22.88 -58.60
C ASN C 120 7.42 22.17 -58.54
N SER C 121 7.49 21.03 -59.23
CA SER C 121 8.76 20.32 -59.34
C SER C 121 9.85 21.22 -59.93
N ASP C 122 9.44 22.20 -60.75
CA ASP C 122 10.33 23.10 -61.49
C ASP C 122 11.07 24.11 -60.62
N VAL C 123 10.67 24.28 -59.36
CA VAL C 123 11.28 25.28 -58.50
C VAL C 123 12.77 25.03 -58.33
N SER C 124 13.20 23.78 -58.52
CA SER C 124 14.59 23.35 -58.39
C SER C 124 15.49 23.88 -59.50
N GLN C 125 14.95 24.58 -60.48
CA GLN C 125 15.77 25.11 -61.56
C GLN C 125 16.29 26.52 -61.30
N VAL C 126 15.84 27.16 -60.23
CA VAL C 126 16.30 28.51 -59.88
C VAL C 126 17.77 28.46 -59.51
N PRO C 127 18.63 29.33 -60.04
CA PRO C 127 20.01 29.40 -59.57
C PRO C 127 20.07 29.70 -58.08
N SER C 128 21.12 29.17 -57.45
CA SER C 128 21.28 29.30 -56.01
C SER C 128 21.33 30.75 -55.57
N VAL C 129 21.68 31.66 -56.48
CA VAL C 129 21.75 33.09 -56.16
C VAL C 129 20.41 33.57 -55.63
N TRP C 130 19.32 32.92 -56.04
CA TRP C 130 17.97 33.38 -55.70
C TRP C 130 17.16 32.27 -55.03
N SER C 131 17.82 31.27 -54.46
CA SER C 131 17.10 30.20 -53.79
C SER C 131 16.33 30.73 -52.58
N ASN C 132 16.90 31.70 -51.86
CA ASN C 132 16.21 32.26 -50.70
C ASN C 132 15.27 33.40 -51.07
N LEU C 133 15.15 33.73 -52.35
CA LEU C 133 14.22 34.75 -52.80
C LEU C 133 12.94 34.17 -53.41
N ILE C 134 12.94 32.87 -53.73
CA ILE C 134 11.71 32.24 -54.22
C ILE C 134 10.60 32.42 -53.19
N ALA C 135 9.35 32.45 -53.67
CA ALA C 135 8.24 32.76 -52.78
C ALA C 135 7.07 31.81 -52.99
N ASP C 136 6.28 31.66 -51.94
CA ASP C 136 5.00 30.97 -51.97
C ASP C 136 3.93 32.03 -51.86
N LEU C 137 3.13 32.19 -52.91
CA LEU C 137 2.13 33.23 -52.89
C LEU C 137 1.10 32.99 -51.80
N GLY C 138 1.08 31.78 -51.26
CA GLY C 138 0.05 31.41 -50.32
C GLY C 138 -1.31 31.53 -50.98
N ILE C 139 -1.46 30.99 -52.20
CA ILE C 139 -2.73 31.05 -52.91
C ILE C 139 -2.93 29.78 -53.73
N GLU C 140 -4.12 29.18 -53.58
CA GLU C 140 -4.67 28.13 -54.42
C GLU C 140 -6.07 28.57 -54.88
N PHE C 141 -6.66 27.87 -55.85
CA PHE C 141 -8.01 28.19 -56.33
C PHE C 141 -8.75 26.94 -56.80
N PHE C 142 -10.07 27.08 -56.94
CA PHE C 142 -10.93 25.93 -57.19
C PHE C 142 -12.03 26.32 -58.16
N LEU C 143 -12.68 25.29 -58.71
CA LEU C 143 -13.82 25.43 -59.63
C LEU C 143 -15.11 25.40 -58.82
N ALA C 144 -15.77 26.55 -58.70
CA ALA C 144 -16.79 26.74 -57.69
C ALA C 144 -17.89 25.69 -57.78
N THR C 145 -18.26 25.15 -56.61
CA THR C 145 -19.40 24.26 -56.52
C THR C 145 -20.67 24.96 -56.97
N LYS C 146 -20.69 26.30 -56.95
CA LYS C 146 -21.90 27.08 -57.16
C LYS C 146 -21.67 28.17 -58.21
N ASP C 147 -22.66 28.35 -59.08
CA ASP C 147 -22.69 29.44 -60.04
C ASP C 147 -23.20 30.70 -59.35
N PRO C 148 -23.05 31.89 -59.97
CA PRO C 148 -23.38 33.13 -59.25
C PRO C 148 -24.83 33.22 -58.81
N ASN C 149 -25.74 32.48 -59.45
CA ASN C 149 -27.13 32.50 -59.02
C ASN C 149 -27.40 31.55 -57.86
N GLY C 150 -26.49 30.63 -57.55
CA GLY C 150 -26.58 29.78 -56.38
C GLY C 150 -26.58 28.30 -56.69
N ASN C 151 -27.09 27.91 -57.85
CA ASN C 151 -27.21 26.49 -58.18
C ASN C 151 -25.85 25.83 -58.31
N GLN C 152 -25.83 24.52 -58.06
CA GLN C 152 -24.58 23.78 -58.15
C GLN C 152 -24.09 23.76 -59.59
N THR C 153 -22.82 24.13 -59.80
CA THR C 153 -22.27 24.27 -61.14
C THR C 153 -20.91 23.59 -61.22
N THR C 154 -20.60 23.08 -62.40
CA THR C 154 -19.32 22.43 -62.62
C THR C 154 -18.17 23.41 -62.43
N GLY C 155 -18.27 24.58 -63.06
CA GLY C 155 -17.15 25.49 -63.19
C GLY C 155 -16.63 25.64 -64.61
N ILE C 156 -17.31 25.05 -65.59
CA ILE C 156 -16.91 25.11 -67.00
C ILE C 156 -18.16 25.36 -67.85
N THR C 157 -18.31 26.57 -68.38
CA THR C 157 -19.36 26.87 -69.34
C THR C 157 -18.80 26.68 -70.75
N ARG C 158 -19.53 25.93 -71.57
CA ARG C 158 -19.15 25.70 -72.96
C ARG C 158 -20.15 26.42 -73.86
N THR C 159 -19.65 27.31 -74.72
CA THR C 159 -20.48 28.09 -75.63
C THR C 159 -20.03 27.88 -77.06
N GLN C 160 -20.95 27.44 -77.91
CA GLN C 160 -20.70 27.38 -79.34
C GLN C 160 -20.70 28.79 -79.92
N THR C 161 -19.67 29.15 -80.68
CA THR C 161 -19.56 30.47 -81.28
C THR C 161 -19.36 30.35 -82.79
N SER C 162 -19.97 31.26 -83.53
CA SER C 162 -19.75 31.33 -84.98
C SER C 162 -18.42 32.00 -85.31
N VAL C 163 -17.89 32.84 -84.42
CA VAL C 163 -16.64 33.55 -84.72
C VAL C 163 -15.47 32.57 -84.68
N THR C 164 -14.38 32.97 -85.34
CA THR C 164 -13.18 32.16 -85.43
C THR C 164 -11.97 32.78 -84.74
N PHE C 165 -11.82 34.09 -84.84
CA PHE C 165 -10.70 34.82 -84.27
C PHE C 165 -11.17 35.63 -83.08
N PHE C 166 -10.23 35.98 -82.20
CA PHE C 166 -10.52 36.85 -81.06
C PHE C 166 -9.32 37.74 -80.79
N THR C 167 -9.60 38.93 -80.28
CA THR C 167 -8.68 40.06 -80.30
C THR C 167 -8.38 40.54 -78.88
N THR C 168 -7.53 41.56 -78.80
CA THR C 168 -7.37 42.38 -77.61
C THR C 168 -8.52 43.35 -77.43
N SER C 169 -9.53 43.29 -78.30
CA SER C 169 -10.77 44.02 -78.11
C SER C 169 -11.62 43.44 -76.98
N ASP C 170 -11.23 42.28 -76.44
CA ASP C 170 -11.95 41.58 -75.37
C ASP C 170 -13.36 41.19 -75.77
N GLU C 171 -13.65 41.17 -77.07
CA GLU C 171 -14.99 40.83 -77.56
C GLU C 171 -15.40 39.39 -77.24
N VAL C 172 -14.43 38.49 -77.02
CA VAL C 172 -14.78 37.13 -76.62
C VAL C 172 -15.39 37.09 -75.22
N LYS C 173 -15.12 38.10 -74.38
CA LYS C 173 -15.67 38.11 -73.03
C LYS C 173 -17.19 38.29 -73.04
N PHE C 174 -17.70 39.18 -73.88
CA PHE C 174 -19.11 39.54 -73.85
C PHE C 174 -19.94 38.56 -74.67
N ALA C 175 -21.22 38.45 -74.32
CA ALA C 175 -22.11 37.47 -74.94
C ALA C 175 -22.45 37.83 -76.38
N SER C 176 -22.64 39.13 -76.65
CA SER C 176 -23.05 39.59 -77.97
C SER C 176 -22.04 39.23 -79.04
N SER C 177 -20.79 38.97 -78.66
CA SER C 177 -19.72 38.67 -79.60
C SER C 177 -19.27 37.22 -79.46
N GLY C 178 -20.23 36.31 -79.28
CA GLY C 178 -19.92 34.89 -79.26
C GLY C 178 -18.94 34.54 -78.17
N GLY C 179 -19.25 34.92 -76.94
CA GLY C 179 -18.42 34.56 -75.80
C GLY C 179 -19.16 34.70 -74.48
N GLU C 180 -19.10 33.68 -73.63
CA GLU C 180 -20.01 33.62 -72.49
C GLU C 180 -19.86 34.84 -71.60
N ASP C 181 -20.99 35.36 -71.12
CA ASP C 181 -21.00 36.50 -70.22
C ASP C 181 -20.12 36.24 -69.01
N ALA C 182 -19.35 37.25 -68.62
CA ALA C 182 -18.47 37.12 -67.47
C ALA C 182 -19.28 36.99 -66.18
N TRP C 183 -18.92 36.01 -65.33
CA TRP C 183 -19.52 35.89 -64.01
C TRP C 183 -19.00 37.00 -63.10
N PRO C 184 -19.77 37.39 -62.08
CA PRO C 184 -19.42 38.59 -61.31
C PRO C 184 -18.00 38.52 -60.77
N ALA C 185 -17.31 39.67 -60.79
CA ALA C 185 -15.87 39.72 -60.56
C ALA C 185 -15.50 39.48 -59.10
N ASP C 186 -16.35 39.91 -58.16
CA ASP C 186 -16.03 39.72 -56.74
C ASP C 186 -16.25 38.28 -56.28
N ARG C 187 -17.24 37.59 -56.83
CA ARG C 187 -17.49 36.21 -56.42
C ARG C 187 -16.51 35.25 -57.08
N TYR C 188 -16.26 35.39 -58.39
CA TYR C 188 -15.45 34.43 -59.12
C TYR C 188 -14.37 35.14 -59.91
N LEU C 189 -13.36 34.37 -60.32
CA LEU C 189 -12.34 34.84 -61.24
C LEU C 189 -12.60 34.20 -62.60
N ASN C 190 -12.91 35.03 -63.59
CA ASN C 190 -13.41 34.57 -64.87
C ASN C 190 -12.28 34.15 -65.80
N ILE C 191 -12.57 33.13 -66.60
CA ILE C 191 -11.63 32.50 -67.51
C ILE C 191 -12.29 32.37 -68.87
N TRP C 192 -11.54 32.68 -69.92
CA TRP C 192 -11.98 32.44 -71.29
C TRP C 192 -10.92 31.64 -72.01
N VAL C 193 -11.33 30.52 -72.61
CA VAL C 193 -10.43 29.65 -73.36
C VAL C 193 -11.03 29.46 -74.75
N CYS C 194 -10.30 29.93 -75.77
CA CYS C 194 -10.75 29.80 -77.16
C CYS C 194 -9.58 29.34 -78.01
N HIS C 195 -9.86 29.12 -79.29
CA HIS C 195 -8.90 28.49 -80.18
C HIS C 195 -7.93 29.46 -80.82
N VAL C 196 -8.36 30.69 -81.12
CA VAL C 196 -7.54 31.64 -81.86
C VAL C 196 -7.53 32.97 -81.13
N LEU C 197 -6.33 33.46 -80.78
CA LEU C 197 -6.18 34.76 -80.14
C LEU C 197 -5.16 35.59 -80.89
N LYS C 198 -5.54 36.82 -81.21
CA LYS C 198 -4.74 37.71 -82.04
C LYS C 198 -4.69 39.11 -81.41
N SER C 199 -3.63 39.85 -81.75
CA SER C 199 -3.45 41.21 -81.28
C SER C 199 -4.00 42.20 -82.29
N GLU C 200 -4.08 43.47 -81.89
CA GLU C 200 -4.43 44.51 -82.85
C GLU C 200 -3.32 44.70 -83.89
N ILE C 201 -2.06 44.54 -83.47
CA ILE C 201 -0.95 44.45 -84.41
C ILE C 201 -1.15 43.27 -85.34
N GLY C 202 -1.90 42.26 -84.90
CA GLY C 202 -2.14 41.05 -85.64
C GLY C 202 -1.35 39.86 -85.15
N GLN C 203 -0.22 40.10 -84.48
CA GLN C 203 0.61 39.01 -84.00
C GLN C 203 -0.20 38.11 -83.07
N ASP C 204 -0.15 36.80 -83.36
CA ASP C 204 -0.97 35.83 -82.62
C ASP C 204 -0.50 35.75 -81.17
N ILE C 205 -1.41 36.00 -80.25
CA ILE C 205 -1.10 35.99 -78.84
C ILE C 205 -1.52 34.65 -78.26
N LEU C 206 -0.90 34.30 -77.14
CA LEU C 206 -1.28 33.11 -76.40
C LEU C 206 -2.33 33.40 -75.34
N GLY C 207 -2.44 34.65 -74.92
CA GLY C 207 -3.41 35.03 -73.91
C GLY C 207 -3.14 36.45 -73.48
N TYR C 208 -4.07 36.96 -72.70
CA TYR C 208 -3.94 38.30 -72.11
C TYR C 208 -4.46 38.27 -70.69
N ALA C 209 -4.71 39.45 -70.14
CA ALA C 209 -5.22 39.59 -68.79
C ALA C 209 -5.70 41.03 -68.62
N GLN C 210 -6.67 41.23 -67.76
CA GLN C 210 -7.13 42.58 -67.45
C GLN C 210 -6.67 42.92 -66.04
N PHE C 211 -6.12 44.12 -65.87
CA PHE C 211 -5.54 44.48 -64.60
C PHE C 211 -6.60 44.73 -63.55
N PRO C 212 -6.23 44.61 -62.28
CA PRO C 212 -7.21 44.71 -61.21
C PRO C 212 -7.74 46.12 -61.05
N GLY C 213 -8.92 46.20 -60.45
CA GLY C 213 -9.70 47.43 -60.44
C GLY C 213 -10.32 47.77 -61.77
N GLY C 214 -10.17 46.91 -62.77
CA GLY C 214 -10.72 47.14 -64.07
C GLY C 214 -12.22 46.95 -64.07
N PRO C 215 -12.86 47.44 -65.13
CA PRO C 215 -14.31 47.30 -65.23
C PRO C 215 -14.75 45.85 -65.15
N ALA C 216 -15.89 45.64 -64.51
CA ALA C 216 -16.27 44.32 -64.00
C ALA C 216 -16.30 43.28 -65.11
N GLU C 217 -16.99 43.58 -66.20
CA GLU C 217 -17.30 42.56 -67.20
C GLU C 217 -16.07 42.02 -67.92
N THR C 218 -14.92 42.67 -67.78
CA THR C 218 -13.67 42.17 -68.31
C THR C 218 -12.72 41.67 -67.22
N ASP C 219 -13.17 41.65 -65.96
CA ASP C 219 -12.30 41.37 -64.80
C ASP C 219 -11.95 39.88 -64.71
N GLY C 220 -11.11 39.47 -65.64
CA GLY C 220 -10.70 38.10 -65.74
C GLY C 220 -9.53 37.99 -66.69
N VAL C 221 -9.27 36.77 -67.14
CA VAL C 221 -8.12 36.50 -68.00
C VAL C 221 -8.54 35.54 -69.09
N VAL C 222 -7.86 35.63 -70.24
CA VAL C 222 -8.13 34.78 -71.38
C VAL C 222 -6.83 34.11 -71.82
N ILE C 223 -6.89 32.80 -72.02
CA ILE C 223 -5.76 32.01 -72.51
C ILE C 223 -6.26 31.17 -73.68
N VAL C 224 -5.45 31.10 -74.74
CA VAL C 224 -5.82 30.26 -75.87
C VAL C 224 -5.89 28.81 -75.43
N ASP C 225 -6.56 27.99 -76.23
CA ASP C 225 -6.76 26.61 -75.84
C ASP C 225 -5.47 25.81 -75.87
N ALA C 226 -4.51 26.17 -76.73
CA ALA C 226 -3.30 25.36 -76.81
C ALA C 226 -2.27 25.69 -75.75
N ALA C 227 -2.56 26.65 -74.86
CA ALA C 227 -1.70 26.98 -73.74
C ALA C 227 -2.30 26.57 -72.39
N PHE C 228 -3.47 25.96 -72.42
CA PHE C 228 -4.32 25.75 -71.25
C PHE C 228 -4.23 24.27 -70.83
N GLY C 229 -3.44 24.01 -69.80
CA GLY C 229 -3.37 22.67 -69.25
C GLY C 229 -2.24 21.85 -69.80
N THR C 230 -2.26 20.57 -69.43
CA THR C 230 -1.16 19.65 -69.69
C THR C 230 -1.54 18.47 -70.58
N THR C 231 -2.69 18.52 -71.24
CA THR C 231 -3.13 17.42 -72.09
C THR C 231 -4.21 17.93 -73.03
N GLY C 232 -4.80 17.00 -73.79
CA GLY C 232 -5.83 17.38 -74.74
C GLY C 232 -5.26 18.31 -75.80
N THR C 233 -5.95 19.42 -76.02
CA THR C 233 -5.51 20.37 -77.04
C THR C 233 -4.32 21.21 -76.60
N ALA C 234 -3.84 21.04 -75.38
CA ALA C 234 -2.66 21.76 -74.92
C ALA C 234 -1.41 21.27 -75.65
N LEU C 235 -0.58 22.22 -76.09
CA LEU C 235 0.59 21.93 -76.91
C LEU C 235 1.82 22.66 -76.39
N PRO C 236 3.01 22.07 -76.52
CA PRO C 236 4.23 22.68 -75.98
C PRO C 236 4.78 23.73 -76.92
N PRO C 237 5.59 24.69 -76.42
CA PRO C 237 6.10 24.85 -75.05
C PRO C 237 5.12 25.57 -74.11
N PHE C 238 3.83 25.21 -74.18
CA PHE C 238 2.81 25.67 -73.24
C PHE C 238 2.00 24.50 -72.70
N ASP C 239 2.60 23.30 -72.74
CA ASP C 239 1.98 22.11 -72.17
C ASP C 239 2.03 22.10 -70.65
N LYS C 240 3.06 22.72 -70.05
CA LYS C 240 3.09 22.85 -68.60
C LYS C 240 1.97 23.74 -68.06
N GLY C 241 1.30 24.50 -68.92
CA GLY C 241 0.20 25.35 -68.50
C GLY C 241 0.61 26.60 -67.75
N ARG C 242 1.91 26.87 -67.64
CA ARG C 242 2.38 28.10 -67.01
C ARG C 242 1.94 29.33 -67.77
N THR C 243 1.49 29.18 -69.02
CA THR C 243 1.02 30.33 -69.80
C THR C 243 -0.12 31.04 -69.09
N ALA C 244 -1.07 30.26 -68.58
CA ALA C 244 -2.11 30.84 -67.73
C ALA C 244 -1.51 31.43 -66.46
N THR C 245 -0.56 30.73 -65.84
CA THR C 245 0.08 31.25 -64.63
C THR C 245 0.55 32.67 -64.83
N HIS C 246 1.14 32.93 -66.00
CA HIS C 246 1.76 34.22 -66.30
C HIS C 246 0.71 35.33 -66.38
N ALA C 247 -0.25 35.18 -67.30
CA ALA C 247 -1.30 36.17 -67.40
C ALA C 247 -2.18 36.21 -66.15
N ILE C 248 -2.11 35.21 -65.28
CA ILE C 248 -2.74 35.32 -63.97
C ILE C 248 -2.09 36.44 -63.17
N GLY C 249 -0.77 36.52 -63.23
CA GLY C 249 -0.05 37.49 -62.43
C GLY C 249 -0.47 38.91 -62.72
N HIS C 250 -0.87 39.18 -63.96
CA HIS C 250 -1.48 40.46 -64.26
C HIS C 250 -2.81 40.63 -63.55
N TRP C 251 -3.48 39.52 -63.19
CA TRP C 251 -4.70 39.63 -62.40
C TRP C 251 -4.40 39.84 -60.92
N LEU C 252 -3.17 39.54 -60.53
CA LEU C 252 -2.66 39.93 -59.23
C LEU C 252 -1.89 41.24 -59.31
N ASN C 253 -1.98 41.93 -60.43
CA ASN C 253 -1.38 43.25 -60.60
C ASN C 253 0.14 43.16 -60.60
N LEU C 254 0.66 42.19 -61.35
CA LEU C 254 2.10 42.03 -61.56
C LEU C 254 2.47 42.54 -62.96
N TYR C 255 3.36 43.53 -63.02
CA TYR C 255 3.91 43.95 -64.30
C TYR C 255 4.93 42.94 -64.79
N HIS C 256 5.05 42.83 -66.10
CA HIS C 256 6.18 42.14 -66.71
C HIS C 256 7.48 42.63 -66.09
N ILE C 257 8.50 41.76 -66.07
CA ILE C 257 9.75 42.12 -65.41
C ILE C 257 10.39 43.35 -66.03
N TRP C 258 10.16 43.57 -67.32
CA TRP C 258 10.89 44.58 -68.07
C TRP C 258 10.27 45.96 -67.99
N GLY C 259 9.17 46.13 -67.28
CA GLY C 259 8.38 47.35 -67.36
C GLY C 259 7.24 47.10 -68.31
N ASP C 260 7.12 47.91 -69.35
CA ASP C 260 6.38 47.42 -70.51
C ASP C 260 6.75 48.23 -71.75
N GLU C 261 6.41 47.65 -72.91
CA GLU C 261 6.53 48.34 -74.20
C GLU C 261 5.33 49.22 -74.51
N LEU C 262 4.22 49.09 -73.75
CA LEU C 262 3.24 50.18 -73.70
C LEU C 262 3.91 51.47 -73.24
N ARG C 263 4.82 51.35 -72.26
CA ARG C 263 5.42 52.52 -71.63
C ARG C 263 6.43 53.16 -72.59
N PHE C 264 6.27 54.44 -72.86
CA PHE C 264 7.24 55.18 -73.65
C PHE C 264 8.37 55.59 -72.72
N GLU C 265 9.52 54.94 -72.86
CA GLU C 265 10.69 55.31 -72.06
C GLU C 265 11.91 54.68 -72.70
N ASP C 266 13.08 55.15 -72.27
CA ASP C 266 14.29 54.37 -72.45
C ASP C 266 14.16 53.07 -71.67
N PRO C 267 14.55 51.93 -72.25
CA PRO C 267 14.04 50.63 -71.76
C PRO C 267 14.45 50.33 -70.34
N CYS C 268 15.49 50.97 -69.83
CA CYS C 268 15.94 50.73 -68.47
C CYS C 268 15.07 51.42 -67.44
N SER C 269 14.38 52.49 -67.81
CA SER C 269 13.59 53.23 -66.85
C SER C 269 12.14 52.75 -66.77
N ARG C 270 11.83 51.61 -67.39
CA ARG C 270 10.55 50.92 -67.16
C ARG C 270 10.81 49.73 -66.26
N SER C 271 10.02 49.63 -65.18
CA SER C 271 10.26 48.64 -64.15
C SER C 271 8.94 48.01 -63.71
N ASP C 272 9.04 46.80 -63.15
CA ASP C 272 7.90 46.04 -62.64
C ASP C 272 7.51 46.44 -61.23
N GLU C 273 8.18 47.43 -60.67
CA GLU C 273 7.94 47.93 -59.31
C GLU C 273 8.06 46.81 -58.30
N VAL C 274 9.00 45.91 -58.56
CA VAL C 274 9.37 44.82 -57.65
C VAL C 274 10.87 44.91 -57.42
N ASP C 275 11.26 45.17 -56.18
CA ASP C 275 12.66 45.49 -55.93
C ASP C 275 13.58 44.29 -56.14
N ASP C 276 13.12 43.08 -55.80
CA ASP C 276 14.04 41.95 -55.81
C ASP C 276 14.16 41.25 -57.16
N THR C 277 13.45 41.72 -58.20
CA THR C 277 13.73 41.14 -59.51
C THR C 277 14.67 42.06 -60.29
N PRO C 278 15.73 41.55 -60.91
CA PRO C 278 16.74 42.44 -61.53
C PRO C 278 16.11 43.17 -62.71
N ASN C 279 16.13 44.50 -62.67
CA ASN C 279 15.35 45.28 -63.62
C ASN C 279 15.94 45.08 -65.01
N GLN C 280 15.31 44.22 -65.78
CA GLN C 280 15.66 43.98 -67.18
C GLN C 280 14.77 44.84 -68.05
N ALA C 281 15.09 44.84 -69.33
CA ALA C 281 14.30 45.58 -70.30
C ALA C 281 13.85 44.74 -71.48
N ASP C 282 14.46 43.58 -71.72
CA ASP C 282 14.15 42.76 -72.88
C ASP C 282 13.59 41.43 -72.44
N PRO C 283 12.37 41.09 -72.82
CA PRO C 283 11.89 39.72 -72.59
C PRO C 283 12.76 38.68 -73.29
N ASN C 284 13.00 37.57 -72.59
CA ASN C 284 13.65 36.39 -73.15
C ASN C 284 12.58 35.33 -73.42
N PHE C 285 12.55 34.82 -74.65
CA PHE C 285 11.65 33.71 -74.98
C PHE C 285 12.46 32.42 -75.09
N GLY C 286 11.74 31.32 -75.32
CA GLY C 286 12.38 30.03 -75.37
C GLY C 286 12.89 29.64 -74.01
N CYS C 287 14.08 29.04 -73.99
CA CYS C 287 14.73 28.78 -72.74
C CYS C 287 16.14 29.36 -72.77
N PRO C 288 16.51 30.14 -71.78
CA PRO C 288 17.78 30.85 -71.82
C PRO C 288 18.91 30.12 -71.11
N SER C 289 20.13 30.56 -71.38
CA SER C 289 21.32 30.09 -70.68
C SER C 289 21.73 31.12 -69.65
N TYR C 290 21.91 30.68 -68.41
CA TYR C 290 22.27 31.59 -67.33
C TYR C 290 23.69 32.11 -67.53
N PRO C 291 23.93 33.43 -67.39
CA PRO C 291 22.93 34.51 -67.18
C PRO C 291 22.67 35.39 -68.42
N HIS C 292 21.48 35.96 -68.51
CA HIS C 292 21.16 36.94 -69.53
C HIS C 292 21.17 38.32 -68.87
N VAL C 293 22.03 39.20 -69.36
CA VAL C 293 22.36 40.43 -68.67
C VAL C 293 21.68 41.59 -69.39
N SER C 294 20.63 42.16 -68.79
CA SER C 294 19.83 43.24 -69.37
C SER C 294 19.78 44.42 -68.42
N CYS C 295 20.20 45.59 -68.88
CA CYS C 295 20.36 46.79 -68.05
C CYS C 295 21.27 46.48 -66.86
N SER C 296 22.49 46.06 -67.19
CA SER C 296 23.46 45.57 -66.21
C SER C 296 22.82 44.40 -65.48
N ASN C 297 22.69 44.44 -64.15
CA ASN C 297 22.27 43.36 -63.24
C ASN C 297 23.15 42.12 -63.31
N GLY C 298 24.33 42.23 -63.93
CA GLY C 298 25.27 41.15 -63.96
C GLY C 298 26.02 41.02 -62.65
N PRO C 299 26.56 39.84 -62.40
CA PRO C 299 26.39 38.64 -63.22
C PRO C 299 25.12 37.89 -62.80
N ASN C 300 24.29 38.51 -61.97
CA ASN C 300 23.04 37.89 -61.56
C ASN C 300 22.18 37.51 -62.76
N GLY C 301 22.21 38.32 -63.81
CA GLY C 301 21.43 38.02 -65.00
C GLY C 301 19.96 38.28 -64.78
N ASP C 302 19.21 38.12 -65.86
CA ASP C 302 17.77 38.32 -65.79
C ASP C 302 17.12 37.19 -65.00
N MET C 303 15.89 37.43 -64.56
CA MET C 303 15.15 36.41 -63.84
C MET C 303 14.22 35.69 -64.81
N PHE C 304 14.82 34.96 -65.75
CA PHE C 304 14.00 34.25 -66.75
C PHE C 304 13.18 33.14 -66.12
N MET C 305 13.59 32.63 -64.97
CA MET C 305 12.81 31.66 -64.22
C MET C 305 11.47 32.24 -63.74
N ASN C 306 11.33 33.56 -63.74
CA ASN C 306 10.11 34.21 -63.31
C ASN C 306 9.00 34.01 -64.34
N TYR C 307 7.79 33.76 -63.84
CA TYR C 307 6.65 33.51 -64.73
C TYR C 307 6.27 34.74 -65.55
N MET C 308 6.72 35.93 -65.15
CA MET C 308 6.41 37.16 -65.86
C MET C 308 7.37 37.44 -67.02
N ASP C 309 8.36 36.58 -67.24
CA ASP C 309 9.13 36.64 -68.48
C ASP C 309 8.49 35.75 -69.53
N TYR C 310 8.90 35.94 -70.77
CA TYR C 310 8.26 35.30 -71.90
C TYR C 310 8.88 33.95 -72.24
N VAL C 311 9.62 33.34 -71.32
CA VAL C 311 10.29 32.07 -71.57
C VAL C 311 9.27 30.98 -71.81
N ASP C 312 9.73 29.81 -72.27
CA ASP C 312 8.89 28.64 -72.38
C ASP C 312 8.39 28.19 -71.00
N ASP C 313 7.45 27.23 -71.01
CA ASP C 313 6.74 26.87 -69.79
C ASP C 313 7.65 26.16 -68.79
N LYS C 314 8.56 25.31 -69.27
CA LYS C 314 9.40 24.52 -68.38
C LYS C 314 10.54 25.33 -67.77
N CYS C 315 10.71 26.59 -68.16
CA CYS C 315 11.77 27.42 -67.63
C CYS C 315 11.28 28.57 -66.76
N MET C 316 10.03 28.99 -66.90
CA MET C 316 9.40 29.88 -65.94
C MET C 316 8.83 29.03 -64.81
N VAL C 317 9.38 29.19 -63.61
CA VAL C 317 9.10 28.25 -62.53
C VAL C 317 8.62 28.92 -61.26
N MET C 318 8.80 30.22 -61.05
CA MET C 318 8.69 30.74 -59.69
C MET C 318 8.16 32.16 -59.67
N PHE C 319 7.91 32.64 -58.46
CA PHE C 319 7.52 34.00 -58.17
C PHE C 319 8.42 34.53 -57.06
N THR C 320 8.66 35.84 -57.07
CA THR C 320 9.56 36.43 -56.09
C THR C 320 8.82 36.87 -54.84
N GLN C 321 9.56 36.96 -53.75
CA GLN C 321 8.99 37.46 -52.51
C GLN C 321 8.40 38.84 -52.72
N GLY C 322 9.13 39.72 -53.40
CA GLY C 322 8.61 41.05 -53.68
C GLY C 322 7.31 41.00 -54.44
N GLN C 323 7.25 40.16 -55.47
CA GLN C 323 6.03 40.06 -56.27
C GLN C 323 4.85 39.65 -55.41
N ALA C 324 5.04 38.63 -54.57
CA ALA C 324 3.98 38.20 -53.68
C ALA C 324 3.48 39.36 -52.83
N THR C 325 4.41 40.13 -52.26
CA THR C 325 4.04 41.30 -51.47
C THR C 325 3.18 42.26 -52.28
N ARG C 326 3.48 42.40 -53.59
CA ARG C 326 2.60 43.16 -54.46
C ARG C 326 1.24 42.48 -54.62
N VAL C 327 1.22 41.15 -54.72
CA VAL C 327 -0.06 40.44 -54.78
C VAL C 327 -0.86 40.72 -53.53
N ASN C 328 -0.20 40.65 -52.36
CA ASN C 328 -0.85 40.94 -51.09
C ASN C 328 -1.58 42.28 -51.15
N ALA C 329 -0.92 43.29 -51.69
CA ALA C 329 -1.55 44.60 -51.82
C ALA C 329 -2.75 44.58 -52.78
N CYS C 330 -2.70 43.75 -53.82
CA CYS C 330 -3.86 43.63 -54.70
C CYS C 330 -5.03 42.95 -53.98
N LEU C 331 -4.73 42.04 -53.04
CA LEU C 331 -5.80 41.29 -52.38
C LEU C 331 -6.51 42.12 -51.32
N ASP C 332 -5.76 42.95 -50.59
CA ASP C 332 -6.35 43.64 -49.45
C ASP C 332 -7.31 44.75 -49.89
N GLY C 333 -6.90 45.61 -50.83
CA GLY C 333 -7.71 46.74 -51.22
C GLY C 333 -8.60 46.57 -52.44
N PRO C 334 -7.99 46.20 -53.57
CA PRO C 334 -8.80 45.97 -54.78
C PRO C 334 -9.68 44.75 -54.69
N ARG C 335 -9.13 43.63 -54.22
CA ARG C 335 -9.82 42.34 -54.23
C ARG C 335 -10.31 41.92 -52.84
N SER C 336 -10.56 42.90 -51.95
CA SER C 336 -10.97 42.60 -50.58
C SER C 336 -12.16 41.67 -50.53
N SER C 337 -12.91 41.58 -51.62
CA SER C 337 -14.09 40.73 -51.65
C SER C 337 -13.74 39.27 -51.42
N PHE C 338 -12.67 38.78 -52.06
CA PHE C 338 -12.40 37.34 -52.08
C PHE C 338 -11.90 36.83 -50.73
N LEU C 339 -11.23 37.68 -49.97
CA LEU C 339 -10.68 37.25 -48.69
C LEU C 339 -11.79 36.93 -47.69
N ALA C 340 -12.89 37.70 -47.73
CA ALA C 340 -13.93 37.63 -46.70
C ALA C 340 -14.83 36.39 -46.81
N ARG C 341 -14.71 35.61 -47.89
CA ARG C 341 -15.62 34.49 -48.20
C ARG C 341 -15.75 33.44 -47.08
N PRO D 36 39.88 59.87 -39.41
CA PRO D 36 38.81 59.01 -39.94
C PRO D 36 37.43 59.68 -40.02
N THR D 37 37.30 60.81 -40.73
CA THR D 37 36.03 61.52 -40.86
C THR D 37 35.22 60.88 -42.00
N GLN D 38 34.13 60.22 -41.65
CA GLN D 38 33.27 59.52 -42.59
C GLN D 38 32.01 60.33 -42.82
N ARG D 39 31.40 60.17 -44.00
CA ARG D 39 30.14 60.85 -44.28
C ARG D 39 29.00 60.12 -43.58
N ARG D 40 28.19 60.86 -42.82
CA ARG D 40 27.09 60.29 -42.07
C ARG D 40 25.93 61.28 -42.09
N CYS D 41 24.81 60.87 -42.70
CA CYS D 41 23.65 61.71 -42.92
C CYS D 41 22.54 61.27 -41.97
N GLY D 42 22.16 62.15 -41.06
CA GLY D 42 21.10 61.82 -40.14
C GLY D 42 19.69 61.98 -40.67
N ALA D 43 19.53 62.45 -41.91
CA ALA D 43 18.20 62.77 -42.42
C ALA D 43 17.26 61.58 -42.33
N MET D 44 17.80 60.38 -42.46
CA MET D 44 16.98 59.20 -42.32
C MET D 44 16.68 58.90 -40.86
N GLU D 45 17.59 59.24 -39.96
CA GLU D 45 17.29 59.13 -38.53
C GLU D 45 16.11 60.01 -38.16
N VAL D 46 16.03 61.18 -38.77
CA VAL D 46 14.83 62.01 -38.62
C VAL D 46 13.61 61.27 -39.12
N HIS D 47 13.77 60.45 -40.17
CA HIS D 47 12.61 59.94 -40.89
C HIS D 47 11.79 58.95 -40.05
N HIS D 48 12.43 58.03 -39.33
CA HIS D 48 11.65 57.24 -38.39
C HIS D 48 10.90 58.14 -37.42
N ARG D 49 11.63 59.05 -36.75
CA ARG D 49 10.99 59.88 -35.74
C ARG D 49 9.91 60.77 -36.35
N LEU D 50 9.97 61.00 -37.66
CA LEU D 50 8.92 61.74 -38.35
C LEU D 50 7.61 60.97 -38.36
N LEU D 51 7.67 59.64 -38.46
CA LEU D 51 6.47 58.85 -38.70
C LEU D 51 5.47 59.01 -37.57
N ARG D 52 5.96 59.12 -36.33
CA ARG D 52 5.13 58.80 -35.18
C ARG D 52 3.87 59.66 -35.08
N SER D 53 3.97 60.98 -35.32
CA SER D 53 2.80 61.85 -35.11
C SER D 53 1.68 61.59 -36.12
N ALA D 54 1.97 60.88 -37.21
CA ALA D 54 1.00 60.39 -38.18
C ALA D 54 0.36 61.55 -38.92
N SER D 55 0.60 62.76 -38.42
CA SER D 55 0.29 63.94 -39.20
C SER D 55 1.20 63.99 -40.41
N TYR D 56 2.47 63.66 -40.20
CA TYR D 56 3.44 63.49 -41.26
C TYR D 56 3.15 62.25 -42.09
N VAL D 57 2.41 61.29 -41.53
CA VAL D 57 2.09 60.09 -42.28
C VAL D 57 1.05 60.37 -43.36
N ARG D 58 0.03 61.18 -43.05
CA ARG D 58 -0.96 61.51 -44.07
C ARG D 58 -0.30 62.14 -45.28
N GLU D 59 0.51 63.20 -45.06
CA GLU D 59 1.13 63.92 -46.16
C GLU D 59 2.07 63.03 -46.94
N ARG D 60 2.85 62.20 -46.23
CA ARG D 60 3.91 61.44 -46.88
C ARG D 60 3.33 60.43 -47.87
N ASP D 61 2.17 59.86 -47.57
CA ASP D 61 1.53 58.97 -48.54
C ASP D 61 1.11 59.74 -49.78
N GLN D 62 0.40 60.85 -49.59
CA GLN D 62 0.03 61.68 -50.73
C GLN D 62 1.26 62.09 -51.53
N ILE D 63 2.36 62.40 -50.84
CA ILE D 63 3.56 62.88 -51.51
C ILE D 63 4.14 61.79 -52.40
N GLU D 64 4.03 60.54 -51.99
CA GLU D 64 4.66 59.48 -52.77
C GLU D 64 3.82 59.03 -53.96
N ASN D 65 2.51 59.22 -53.90
CA ASN D 65 1.67 58.81 -55.04
C ASN D 65 1.96 59.66 -56.26
N LEU D 66 2.16 60.96 -56.07
CA LEU D 66 2.60 61.82 -57.16
C LEU D 66 3.94 61.35 -57.69
N ALA D 67 4.91 61.13 -56.80
CA ALA D 67 6.23 60.64 -57.21
C ALA D 67 6.19 59.23 -57.77
N LEU D 68 5.11 58.49 -57.49
CA LEU D 68 4.92 57.20 -58.14
C LEU D 68 4.29 57.38 -59.51
N LYS D 69 3.15 58.07 -59.57
CA LYS D 69 2.48 58.27 -60.85
C LYS D 69 3.39 58.99 -61.83
N TYR D 70 4.19 59.95 -61.35
CA TYR D 70 5.20 60.54 -62.20
C TYR D 70 6.16 59.47 -62.70
N LYS D 71 6.52 58.53 -61.83
CA LYS D 71 7.53 57.53 -62.19
C LYS D 71 7.06 56.67 -63.35
N GLN D 72 5.83 56.16 -63.29
CA GLN D 72 5.36 55.26 -64.33
C GLN D 72 5.26 55.97 -65.66
N GLY D 73 5.06 57.29 -65.61
CA GLY D 73 4.90 58.14 -66.79
C GLY D 73 3.56 58.84 -66.85
N PHE D 74 2.63 58.55 -65.94
CA PHE D 74 1.21 58.88 -66.10
C PHE D 74 1.00 60.34 -66.50
N ARG D 75 1.40 61.26 -65.63
CA ARG D 75 1.28 62.69 -65.89
C ARG D 75 2.68 63.28 -65.84
N ALA D 76 3.08 63.92 -66.94
CA ALA D 76 4.41 64.49 -67.02
C ALA D 76 4.36 65.86 -67.69
N ILE D 77 3.35 66.66 -67.35
CA ILE D 77 3.35 68.04 -67.80
C ILE D 77 4.54 68.71 -67.12
N SER D 78 5.57 69.02 -67.89
CA SER D 78 6.80 69.56 -67.34
C SER D 78 6.78 71.06 -67.49
N ARG D 79 7.17 71.75 -66.42
CA ARG D 79 7.42 73.18 -66.52
C ARG D 79 8.67 73.39 -67.37
N MET D 80 8.61 74.36 -68.28
CA MET D 80 9.74 74.74 -69.11
C MET D 80 10.21 76.15 -68.74
N GLU D 81 10.20 76.42 -67.44
CA GLU D 81 10.83 77.59 -66.83
C GLU D 81 11.45 77.12 -65.53
N ILE D 82 12.72 77.45 -65.32
CA ILE D 82 13.36 77.06 -64.06
C ILE D 82 12.80 77.94 -62.95
N VAL D 83 12.73 77.37 -61.74
CA VAL D 83 12.18 78.06 -60.58
C VAL D 83 13.35 78.44 -59.67
N LYS D 84 13.41 79.71 -59.28
CA LYS D 84 14.37 80.21 -58.32
C LYS D 84 13.70 80.37 -56.94
N ILE D 85 14.41 79.92 -55.89
CA ILE D 85 13.80 79.61 -54.60
C ILE D 85 14.49 80.42 -53.52
N PRO D 86 13.75 81.18 -52.72
CA PRO D 86 14.37 82.00 -51.67
C PRO D 86 14.87 81.15 -50.51
N VAL D 87 16.05 81.50 -50.00
CA VAL D 87 16.73 80.72 -48.98
C VAL D 87 17.25 81.64 -47.90
N VAL D 88 17.13 81.21 -46.64
CA VAL D 88 17.68 81.92 -45.50
C VAL D 88 18.63 80.99 -44.74
N VAL D 89 19.80 81.50 -44.39
CA VAL D 89 20.82 80.75 -43.65
C VAL D 89 20.77 81.20 -42.20
N HIS D 90 20.68 80.24 -41.28
CA HIS D 90 20.75 80.49 -39.84
C HIS D 90 22.09 79.97 -39.36
N VAL D 91 22.98 80.87 -38.96
CA VAL D 91 24.26 80.50 -38.36
C VAL D 91 24.07 80.55 -36.85
N VAL D 92 24.40 79.44 -36.16
CA VAL D 92 24.40 79.40 -34.70
C VAL D 92 25.82 79.10 -34.26
N TRP D 93 26.48 80.11 -33.73
CA TRP D 93 27.89 80.03 -33.39
C TRP D 93 28.05 80.11 -31.88
N ASN D 94 28.70 79.10 -31.32
CA ASN D 94 29.14 79.18 -29.94
C ASN D 94 30.36 80.09 -29.82
N GLU D 95 31.15 80.18 -30.88
CA GLU D 95 32.30 81.07 -30.95
C GLU D 95 32.32 81.70 -32.34
N GLU D 96 33.07 82.80 -32.48
CA GLU D 96 33.12 83.52 -33.75
C GLU D 96 33.78 82.69 -34.85
N GLU D 97 34.77 81.87 -34.52
CA GLU D 97 35.38 80.99 -35.52
C GLU D 97 34.34 80.04 -36.10
N GLU D 98 33.41 79.57 -35.26
CA GLU D 98 32.27 78.80 -35.76
C GLU D 98 31.40 79.64 -36.68
N ASN D 99 31.14 80.89 -36.31
CA ASN D 99 30.39 81.79 -37.18
C ASN D 99 31.13 81.93 -38.49
N ILE D 100 30.44 81.63 -39.56
CA ILE D 100 31.07 81.51 -40.86
C ILE D 100 31.07 82.87 -41.54
N SER D 101 32.12 83.13 -42.32
CA SER D 101 32.16 84.35 -43.10
C SER D 101 31.01 84.36 -44.11
N ASP D 102 30.57 85.56 -44.48
CA ASP D 102 29.57 85.69 -45.53
C ASP D 102 30.10 85.15 -46.85
N ALA D 103 31.38 85.44 -47.15
CA ALA D 103 32.02 84.91 -48.35
C ALA D 103 31.95 83.39 -48.38
N GLN D 104 32.08 82.76 -47.22
CA GLN D 104 31.91 81.31 -47.12
C GLN D 104 30.49 80.90 -47.50
N ILE D 105 29.49 81.64 -47.00
CA ILE D 105 28.09 81.31 -47.27
C ILE D 105 27.82 81.35 -48.76
N GLN D 106 28.35 82.35 -49.45
CA GLN D 106 28.09 82.51 -50.88
C GLN D 106 28.72 81.38 -51.70
N SER D 107 29.94 80.97 -51.35
CA SER D 107 30.62 79.92 -52.09
C SER D 107 29.76 78.67 -52.17
N GLN D 108 29.01 78.38 -51.10
CA GLN D 108 28.04 77.30 -51.13
C GLN D 108 26.88 77.64 -52.05
N ILE D 109 26.33 78.85 -51.92
CA ILE D 109 25.17 79.24 -52.73
C ILE D 109 25.48 79.07 -54.20
N ASP D 110 26.68 79.49 -54.61
CA ASP D 110 27.06 79.41 -56.03
C ASP D 110 27.22 77.96 -56.48
N ILE D 111 27.84 77.13 -55.63
CA ILE D 111 28.13 75.76 -56.05
C ILE D 111 26.84 74.97 -56.27
N LEU D 112 25.78 75.31 -55.52
CA LEU D 112 24.49 74.64 -55.74
C LEU D 112 23.91 75.00 -57.11
N ASN D 113 23.93 76.28 -57.45
CA ASN D 113 23.41 76.72 -58.74
C ASN D 113 24.24 76.18 -59.90
N LYS D 114 25.51 75.84 -59.66
CA LYS D 114 26.27 75.08 -60.64
C LYS D 114 25.81 73.63 -60.70
N ASP D 115 25.56 73.01 -59.54
CA ASP D 115 25.29 71.57 -59.49
C ASP D 115 23.94 71.20 -60.07
N PHE D 116 22.94 72.07 -59.94
CA PHE D 116 21.55 71.69 -60.19
C PHE D 116 21.10 71.95 -61.62
N ARG D 117 21.87 72.73 -62.39
CA ARG D 117 21.53 73.01 -63.77
C ARG D 117 22.49 72.34 -64.75
N LYS D 118 23.25 71.33 -64.29
CA LYS D 118 24.30 70.66 -65.07
C LYS D 118 25.47 71.59 -65.37
N LEU D 119 25.74 72.55 -64.49
CA LEU D 119 26.77 73.56 -64.73
C LEU D 119 28.10 73.24 -64.06
N ASN D 120 28.15 72.24 -63.20
CA ASN D 120 29.40 72.00 -62.47
C ASN D 120 30.47 71.49 -63.40
N SER D 121 31.70 71.96 -63.18
CA SER D 121 32.84 71.48 -63.94
C SER D 121 33.00 69.95 -63.78
N ASP D 122 32.53 69.42 -62.65
CA ASP D 122 32.67 68.00 -62.28
C ASP D 122 31.81 67.06 -63.12
N VAL D 123 30.84 67.58 -63.89
CA VAL D 123 29.93 66.74 -64.64
C VAL D 123 30.68 65.85 -65.61
N SER D 124 31.89 66.26 -66.00
CA SER D 124 32.76 65.55 -66.94
C SER D 124 33.36 64.27 -66.37
N GLN D 125 33.11 63.95 -65.10
CA GLN D 125 33.65 62.74 -64.50
C GLN D 125 32.72 61.53 -64.61
N VAL D 126 31.49 61.73 -65.06
CA VAL D 126 30.54 60.62 -65.22
C VAL D 126 31.04 59.68 -66.32
N PRO D 127 31.08 58.39 -66.10
CA PRO D 127 31.41 57.46 -67.18
C PRO D 127 30.44 57.62 -68.35
N SER D 128 30.96 57.34 -69.54
CA SER D 128 30.18 57.51 -70.76
C SER D 128 28.91 56.67 -70.76
N VAL D 129 28.88 55.59 -69.96
CA VAL D 129 27.69 54.73 -69.87
C VAL D 129 26.47 55.55 -69.48
N TRP D 130 26.67 56.64 -68.75
CA TRP D 130 25.57 57.42 -68.20
C TRP D 130 25.65 58.88 -68.62
N SER D 131 26.38 59.18 -69.70
CA SER D 131 26.48 60.57 -70.15
C SER D 131 25.11 61.10 -70.59
N ASN D 132 24.30 60.27 -71.23
CA ASN D 132 22.98 60.71 -71.67
C ASN D 132 21.92 60.61 -70.58
N LEU D 133 22.29 60.14 -69.39
CA LEU D 133 21.36 60.05 -68.27
C LEU D 133 21.54 61.18 -67.26
N ILE D 134 22.65 61.94 -67.35
CA ILE D 134 22.83 63.09 -66.47
C ILE D 134 21.68 64.06 -66.68
N ALA D 135 21.36 64.83 -65.65
CA ALA D 135 20.17 65.66 -65.70
C ALA D 135 20.44 67.06 -65.17
N ASP D 136 19.63 68.00 -65.65
CA ASP D 136 19.58 69.36 -65.14
C ASP D 136 18.28 69.51 -64.39
N LEU D 137 18.38 69.72 -63.09
CA LEU D 137 17.15 69.81 -62.30
C LEU D 137 16.32 71.00 -62.72
N GLY D 138 16.90 71.92 -63.46
CA GLY D 138 16.21 73.13 -63.79
C GLY D 138 15.86 73.87 -62.52
N ILE D 139 16.82 73.98 -61.60
CA ILE D 139 16.57 74.68 -60.34
C ILE D 139 17.84 75.42 -59.90
N GLU D 140 17.66 76.71 -59.54
CA GLU D 140 18.63 77.56 -58.86
C GLU D 140 17.91 78.17 -57.66
N PHE D 141 18.66 78.82 -56.75
CA PHE D 141 18.06 79.46 -55.58
C PHE D 141 18.90 80.67 -55.14
N PHE D 142 18.29 81.53 -54.32
CA PHE D 142 18.86 82.82 -53.96
C PHE D 142 18.59 83.13 -52.49
N LEU D 143 19.36 84.10 -51.96
CA LEU D 143 19.21 84.59 -50.59
C LEU D 143 18.23 85.75 -50.60
N ALA D 144 17.04 85.53 -50.06
CA ALA D 144 15.91 86.43 -50.31
C ALA D 144 16.24 87.87 -49.94
N THR D 145 15.85 88.79 -50.83
CA THR D 145 15.95 90.21 -50.54
C THR D 145 15.09 90.60 -49.33
N LYS D 146 14.10 89.77 -48.98
CA LYS D 146 13.10 90.09 -47.98
C LYS D 146 12.97 88.97 -46.97
N ASP D 147 12.84 89.35 -45.70
CA ASP D 147 12.55 88.41 -44.62
C ASP D 147 11.04 88.17 -44.58
N PRO D 148 10.58 87.14 -43.85
CA PRO D 148 9.15 86.79 -43.93
C PRO D 148 8.21 87.90 -43.50
N ASN D 149 8.68 88.87 -42.72
CA ASN D 149 7.84 89.99 -42.33
C ASN D 149 7.79 91.10 -43.37
N GLY D 150 8.69 91.09 -44.36
CA GLY D 150 8.64 92.00 -45.49
C GLY D 150 9.88 92.86 -45.64
N ASN D 151 10.54 93.17 -44.52
CA ASN D 151 11.68 94.07 -44.56
C ASN D 151 12.83 93.45 -45.35
N GLN D 152 13.67 94.33 -45.90
CA GLN D 152 14.81 93.86 -46.68
C GLN D 152 15.80 93.14 -45.76
N THR D 153 16.20 91.94 -46.17
CA THR D 153 17.06 91.11 -45.33
C THR D 153 18.20 90.52 -46.13
N THR D 154 19.32 90.30 -45.46
CA THR D 154 20.49 89.72 -46.12
C THR D 154 20.19 88.32 -46.62
N GLY D 155 19.62 87.50 -45.76
CA GLY D 155 19.54 86.08 -45.99
C GLY D 155 20.41 85.25 -45.07
N ILE D 156 21.05 85.87 -44.07
CA ILE D 156 21.92 85.17 -43.11
C ILE D 156 21.62 85.70 -41.70
N THR D 157 20.96 84.88 -40.87
CA THR D 157 20.78 85.21 -39.46
C THR D 157 21.90 84.56 -38.67
N ARG D 158 22.55 85.34 -37.81
CA ARG D 158 23.60 84.86 -36.94
C ARG D 158 23.10 84.90 -35.51
N THR D 159 23.13 83.75 -34.83
CA THR D 159 22.65 83.62 -33.45
C THR D 159 23.76 83.05 -32.58
N GLN D 160 24.13 83.80 -31.53
CA GLN D 160 25.04 83.28 -30.52
C GLN D 160 24.30 82.25 -29.68
N THR D 161 24.89 81.06 -29.50
CA THR D 161 24.30 79.98 -28.71
C THR D 161 25.27 79.54 -27.62
N SER D 162 24.72 79.22 -26.45
CA SER D 162 25.53 78.64 -25.40
C SER D 162 25.80 77.15 -25.62
N VAL D 163 24.97 76.46 -26.41
CA VAL D 163 25.18 75.03 -26.62
C VAL D 163 26.39 74.80 -27.53
N THR D 164 26.93 73.58 -27.46
CA THR D 164 28.10 73.19 -28.22
C THR D 164 27.82 72.11 -29.25
N PHE D 165 26.99 71.14 -28.90
CA PHE D 165 26.67 69.99 -29.75
C PHE D 165 25.24 70.14 -30.27
N PHE D 166 24.95 69.46 -31.38
CA PHE D 166 23.60 69.41 -31.91
C PHE D 166 23.33 68.03 -32.52
N THR D 167 22.07 67.62 -32.48
CA THR D 167 21.67 66.23 -32.63
C THR D 167 20.71 66.08 -33.80
N THR D 168 20.33 64.82 -34.04
CA THR D 168 19.19 64.50 -34.88
C THR D 168 17.88 64.77 -34.17
N SER D 169 17.93 65.35 -32.96
CA SER D 169 16.74 65.83 -32.27
C SER D 169 16.20 67.11 -32.89
N ASP D 170 16.93 67.70 -33.84
CA ASP D 170 16.56 68.93 -34.52
C ASP D 170 16.42 70.12 -33.57
N GLU D 171 16.95 69.98 -32.35
CA GLU D 171 16.86 71.05 -31.36
C GLU D 171 17.55 72.34 -31.80
N VAL D 172 18.51 72.26 -32.72
CA VAL D 172 19.15 73.48 -33.22
C VAL D 172 18.18 74.32 -34.05
N LYS D 173 17.14 73.69 -34.61
CA LYS D 173 16.18 74.44 -35.41
C LYS D 173 15.38 75.42 -34.56
N PHE D 174 14.95 75.01 -33.38
CA PHE D 174 14.04 75.82 -32.58
C PHE D 174 14.81 76.84 -31.74
N ALA D 175 14.13 77.93 -31.38
CA ALA D 175 14.77 79.05 -30.68
C ALA D 175 15.10 78.71 -29.24
N SER D 176 14.22 77.96 -28.57
CA SER D 176 14.39 77.61 -27.16
C SER D 176 15.67 76.82 -26.91
N SER D 177 16.21 76.15 -27.93
CA SER D 177 17.40 75.32 -27.82
C SER D 177 18.58 75.95 -28.56
N GLY D 178 18.72 77.29 -28.44
CA GLY D 178 19.85 77.99 -28.99
C GLY D 178 19.98 77.76 -30.48
N GLY D 179 18.92 78.07 -31.22
CA GLY D 179 18.97 77.98 -32.67
C GLY D 179 17.85 78.77 -33.32
N GLU D 180 18.18 79.60 -34.31
CA GLU D 180 17.22 80.58 -34.79
C GLU D 180 15.93 79.93 -35.27
N ASP D 181 14.80 80.54 -34.94
CA ASP D 181 13.49 80.06 -35.37
C ASP D 181 13.44 79.90 -36.87
N ALA D 182 12.86 78.79 -37.32
CA ALA D 182 12.75 78.54 -38.75
C ALA D 182 11.80 79.54 -39.40
N TRP D 183 12.23 80.13 -40.52
CA TRP D 183 11.34 80.99 -41.31
C TRP D 183 10.28 80.13 -42.00
N PRO D 184 9.13 80.72 -42.35
CA PRO D 184 8.01 79.90 -42.85
C PRO D 184 8.41 79.06 -44.05
N ALA D 185 7.89 77.82 -44.09
CA ALA D 185 8.39 76.81 -45.02
C ALA D 185 7.96 77.05 -46.46
N ASP D 186 6.79 77.66 -46.67
CA ASP D 186 6.32 77.91 -48.03
C ASP D 186 7.04 79.09 -48.67
N ARG D 187 7.37 80.13 -47.89
CA ARG D 187 8.05 81.28 -48.46
C ARG D 187 9.54 81.02 -48.68
N TYR D 188 10.23 80.40 -47.71
CA TYR D 188 11.67 80.22 -47.79
C TYR D 188 12.04 78.77 -47.53
N LEU D 189 13.27 78.43 -47.92
CA LEU D 189 13.86 77.15 -47.57
C LEU D 189 14.92 77.40 -46.51
N ASN D 190 14.70 76.83 -45.31
CA ASN D 190 15.49 77.15 -44.15
C ASN D 190 16.79 76.37 -44.10
N ILE D 191 17.82 77.01 -43.58
CA ILE D 191 19.16 76.47 -43.48
C ILE D 191 19.67 76.68 -42.06
N TRP D 192 20.32 75.67 -41.51
CA TRP D 192 21.01 75.79 -40.24
C TRP D 192 22.46 75.34 -40.43
N VAL D 193 23.40 76.20 -40.03
CA VAL D 193 24.82 75.91 -40.11
C VAL D 193 25.43 76.10 -38.72
N CYS D 194 25.97 75.02 -38.15
CA CYS D 194 26.58 75.07 -36.83
C CYS D 194 27.88 74.28 -36.86
N HIS D 195 28.58 74.30 -35.73
CA HIS D 195 29.93 73.76 -35.68
C HIS D 195 29.99 72.26 -35.40
N VAL D 196 29.06 71.72 -34.61
CA VAL D 196 29.13 70.33 -34.17
C VAL D 196 27.78 69.65 -34.41
N LEU D 197 27.78 68.58 -35.19
CA LEU D 197 26.57 67.81 -35.45
C LEU D 197 26.81 66.34 -35.16
N LYS D 198 25.91 65.76 -34.37
CA LYS D 198 26.03 64.39 -33.88
C LYS D 198 24.72 63.65 -34.06
N SER D 199 24.82 62.33 -34.15
CA SER D 199 23.68 61.44 -34.25
C SER D 199 23.25 60.95 -32.88
N GLU D 200 22.08 60.30 -32.82
CA GLU D 200 21.67 59.65 -31.58
C GLU D 200 22.57 58.45 -31.26
N ILE D 201 23.03 57.74 -32.29
CA ILE D 201 24.08 56.74 -32.13
C ILE D 201 25.34 57.40 -31.59
N GLY D 202 25.51 58.70 -31.82
CA GLY D 202 26.68 59.44 -31.41
C GLY D 202 27.63 59.75 -32.54
N GLN D 203 27.61 58.95 -33.61
CA GLN D 203 28.52 59.16 -34.73
C GLN D 203 28.33 60.57 -35.31
N ASP D 204 29.44 61.29 -35.44
CA ASP D 204 29.39 62.69 -35.86
C ASP D 204 28.90 62.76 -37.29
N ILE D 205 27.84 63.53 -37.51
CA ILE D 205 27.26 63.66 -38.82
C ILE D 205 27.72 64.97 -39.43
N LEU D 206 27.68 65.03 -40.75
CA LEU D 206 27.99 66.25 -41.48
C LEU D 206 26.76 67.10 -41.72
N GLY D 207 25.58 66.50 -41.65
CA GLY D 207 24.34 67.20 -41.86
C GLY D 207 23.20 66.22 -41.96
N TYR D 208 22.00 66.78 -41.99
CA TYR D 208 20.78 65.99 -42.18
C TYR D 208 19.83 66.77 -43.08
N ALA D 209 18.58 66.37 -43.08
CA ALA D 209 17.53 67.00 -43.87
C ALA D 209 16.19 66.47 -43.39
N GLN D 210 15.15 67.29 -43.51
CA GLN D 210 13.81 66.85 -43.16
C GLN D 210 13.01 66.67 -44.45
N PHE D 211 12.33 65.54 -44.56
CA PHE D 211 11.68 65.22 -45.81
C PHE D 211 10.46 66.10 -46.05
N PRO D 212 10.05 66.22 -47.30
CA PRO D 212 8.98 67.16 -47.63
C PRO D 212 7.65 66.69 -47.10
N GLY D 213 6.74 67.65 -46.96
CA GLY D 213 5.50 67.43 -46.27
C GLY D 213 5.67 67.32 -44.77
N GLY D 214 6.89 67.52 -44.28
CA GLY D 214 7.15 67.42 -42.86
C GLY D 214 6.63 68.64 -42.14
N PRO D 215 6.52 68.52 -40.82
CA PRO D 215 6.02 69.64 -40.03
C PRO D 215 6.85 70.90 -40.23
N ALA D 216 6.15 72.04 -40.23
CA ALA D 216 6.68 73.27 -40.79
C ALA D 216 8.00 73.67 -40.15
N GLU D 217 8.04 73.70 -38.82
CA GLU D 217 9.15 74.31 -38.12
C GLU D 217 10.47 73.58 -38.31
N THR D 218 10.45 72.36 -38.85
CA THR D 218 11.65 71.62 -39.21
C THR D 218 11.86 71.52 -40.71
N ASP D 219 11.03 72.22 -41.51
CA ASP D 219 11.01 72.07 -42.98
C ASP D 219 12.20 72.78 -43.62
N GLY D 220 13.36 72.18 -43.42
CA GLY D 220 14.59 72.73 -43.93
C GLY D 220 15.68 71.70 -43.79
N VAL D 221 16.92 72.15 -43.87
CA VAL D 221 18.07 71.26 -43.85
C VAL D 221 19.15 71.89 -42.97
N VAL D 222 19.99 71.04 -42.38
CA VAL D 222 21.09 71.48 -41.53
C VAL D 222 22.38 70.84 -42.03
N ILE D 223 23.42 71.66 -42.20
CA ILE D 223 24.76 71.20 -42.60
C ILE D 223 25.75 71.80 -41.62
N VAL D 224 26.72 71.00 -41.19
CA VAL D 224 27.75 71.50 -40.29
C VAL D 224 28.56 72.58 -41.01
N ASP D 225 29.28 73.38 -40.23
CA ASP D 225 29.99 74.51 -40.81
C ASP D 225 31.16 74.07 -41.67
N ALA D 226 31.78 72.93 -41.40
CA ALA D 226 32.94 72.55 -42.17
C ALA D 226 32.60 71.84 -43.47
N ALA D 227 31.32 71.67 -43.79
CA ALA D 227 30.87 71.13 -45.07
C ALA D 227 30.20 72.17 -45.93
N PHE D 228 30.13 73.41 -45.46
CA PHE D 228 29.29 74.47 -46.02
C PHE D 228 30.19 75.43 -46.81
N GLY D 229 30.22 75.28 -48.11
CA GLY D 229 30.91 76.23 -48.94
C GLY D 229 32.31 75.79 -49.30
N THR D 230 33.03 76.72 -49.96
CA THR D 230 34.32 76.44 -50.58
C THR D 230 35.46 77.24 -49.96
N THR D 231 35.26 77.88 -48.81
CA THR D 231 36.31 78.67 -48.19
C THR D 231 35.94 78.90 -46.73
N GLY D 232 36.74 79.71 -46.05
CA GLY D 232 36.50 79.97 -44.64
C GLY D 232 36.65 78.70 -43.84
N THR D 233 35.67 78.42 -42.98
CA THR D 233 35.70 77.23 -42.11
C THR D 233 35.40 75.93 -42.87
N ALA D 234 35.10 76.01 -44.16
CA ALA D 234 34.86 74.83 -44.98
C ALA D 234 36.15 74.04 -45.16
N LEU D 235 36.06 72.73 -44.97
CA LEU D 235 37.22 71.85 -45.00
C LEU D 235 36.95 70.62 -45.86
N PRO D 236 37.98 70.11 -46.53
CA PRO D 236 37.78 68.97 -47.45
C PRO D 236 37.79 67.65 -46.69
N PRO D 237 37.18 66.58 -47.25
CA PRO D 237 36.57 66.48 -48.58
C PRO D 237 35.13 66.97 -48.62
N PHE D 238 34.84 68.12 -47.99
CA PHE D 238 33.57 68.82 -48.12
C PHE D 238 33.78 70.29 -48.46
N ASP D 239 34.94 70.61 -49.05
CA ASP D 239 35.22 71.96 -49.50
C ASP D 239 34.46 72.30 -50.78
N LYS D 240 34.14 71.30 -51.61
CA LYS D 240 33.32 71.59 -52.77
C LYS D 240 31.89 71.97 -52.40
N GLY D 241 31.50 71.77 -51.14
CA GLY D 241 30.17 72.14 -50.69
C GLY D 241 29.05 71.26 -51.19
N ARG D 242 29.37 70.16 -51.88
CA ARG D 242 28.36 69.20 -52.32
C ARG D 242 27.67 68.53 -51.15
N THR D 243 28.22 68.63 -49.94
CA THR D 243 27.59 68.06 -48.75
C THR D 243 26.20 68.63 -48.54
N ALA D 244 26.07 69.94 -48.69
CA ALA D 244 24.75 70.55 -48.68
C ALA D 244 23.90 70.08 -49.86
N THR D 245 24.51 69.97 -51.05
CA THR D 245 23.79 69.49 -52.23
C THR D 245 23.08 68.18 -51.95
N HIS D 246 23.76 67.27 -51.25
CA HIS D 246 23.25 65.92 -50.98
C HIS D 246 22.02 65.98 -50.08
N ALA D 247 22.17 66.53 -48.87
CA ALA D 247 21.04 66.67 -47.95
C ALA D 247 19.97 67.62 -48.47
N ILE D 248 20.27 68.42 -49.50
CA ILE D 248 19.22 69.14 -50.20
C ILE D 248 18.28 68.16 -50.89
N GLY D 249 18.85 67.14 -51.53
CA GLY D 249 18.05 66.20 -52.31
C GLY D 249 16.99 65.52 -51.48
N HIS D 250 17.25 65.33 -50.19
CA HIS D 250 16.21 64.89 -49.28
C HIS D 250 15.13 65.95 -49.12
N TRP D 251 15.44 67.23 -49.37
CA TRP D 251 14.41 68.25 -49.35
C TRP D 251 13.63 68.28 -50.64
N LEU D 252 14.17 67.69 -51.67
CA LEU D 252 13.45 67.39 -52.88
C LEU D 252 12.88 65.99 -52.88
N ASN D 253 12.93 65.30 -51.74
CA ASN D 253 12.33 63.97 -51.58
C ASN D 253 13.08 62.93 -52.41
N LEU D 254 14.40 62.97 -52.32
CA LEU D 254 15.27 61.96 -52.93
C LEU D 254 15.80 61.00 -51.85
N TYR D 255 15.50 59.71 -52.02
CA TYR D 255 16.11 58.71 -51.16
C TYR D 255 17.55 58.48 -51.56
N HIS D 256 18.38 58.15 -50.57
CA HIS D 256 19.70 57.61 -50.85
C HIS D 256 19.60 56.52 -51.89
N ILE D 257 20.67 56.31 -52.65
CA ILE D 257 20.63 55.35 -53.75
C ILE D 257 20.35 53.94 -53.25
N TRP D 258 20.76 53.64 -52.02
CA TRP D 258 20.75 52.27 -51.52
C TRP D 258 19.43 51.86 -50.90
N GLY D 259 18.43 52.74 -50.85
CA GLY D 259 17.23 52.53 -50.05
C GLY D 259 17.40 53.28 -48.75
N ASP D 260 17.31 52.58 -47.62
CA ASP D 260 17.94 53.12 -46.43
C ASP D 260 18.18 52.03 -45.41
N GLU D 261 19.04 52.33 -44.44
CA GLU D 261 19.26 51.48 -43.27
C GLU D 261 18.24 51.71 -42.17
N LEU D 262 17.47 52.81 -42.22
CA LEU D 262 16.22 52.84 -41.46
C LEU D 262 15.33 51.65 -41.86
N ARG D 263 15.34 51.31 -43.14
CA ARG D 263 14.43 50.29 -43.66
C ARG D 263 14.91 48.91 -43.25
N PHE D 264 14.04 48.15 -42.62
CA PHE D 264 14.34 46.76 -42.29
C PHE D 264 14.06 45.92 -43.53
N GLU D 265 15.11 45.45 -44.18
CA GLU D 265 14.94 44.57 -45.32
C GLU D 265 16.28 43.91 -45.61
N ASP D 266 16.23 42.88 -46.44
CA ASP D 266 17.45 42.44 -47.11
C ASP D 266 17.93 43.58 -48.02
N PRO D 267 19.23 43.86 -48.06
CA PRO D 267 19.68 45.17 -48.55
C PRO D 267 19.35 45.45 -50.00
N CYS D 268 19.07 44.41 -50.78
CA CYS D 268 18.74 44.59 -52.19
C CYS D 268 17.32 45.06 -52.40
N SER D 269 16.41 44.79 -51.46
CA SER D 269 15.01 45.15 -51.65
C SER D 269 14.67 46.52 -51.10
N ARG D 270 15.67 47.32 -50.71
CA ARG D 270 15.50 48.73 -50.41
C ARG D 270 16.00 49.56 -51.59
N SER D 271 15.17 50.46 -52.07
CA SER D 271 15.43 51.19 -53.31
C SER D 271 15.08 52.66 -53.13
N ASP D 272 15.71 53.51 -53.96
CA ASP D 272 15.49 54.96 -53.97
C ASP D 272 14.29 55.36 -54.82
N GLU D 273 13.57 54.37 -55.36
CA GLU D 273 12.40 54.58 -56.19
C GLU D 273 12.74 55.46 -57.39
N VAL D 274 13.94 55.25 -57.92
CA VAL D 274 14.42 55.90 -59.12
C VAL D 274 14.89 54.81 -60.06
N ASP D 275 14.23 54.67 -61.20
CA ASP D 275 14.50 53.51 -62.04
C ASP D 275 15.89 53.57 -62.67
N ASP D 276 16.39 54.75 -63.03
CA ASP D 276 17.62 54.83 -63.82
C ASP D 276 18.89 54.85 -62.97
N THR D 277 18.79 54.78 -61.62
CA THR D 277 20.02 54.59 -60.84
C THR D 277 20.18 53.13 -60.46
N PRO D 278 21.34 52.50 -60.66
CA PRO D 278 21.47 51.05 -60.44
C PRO D 278 21.28 50.75 -58.96
N ASN D 279 20.30 49.91 -58.64
CA ASN D 279 19.89 49.73 -57.26
C ASN D 279 21.02 49.06 -56.49
N GLN D 280 21.78 49.87 -55.75
CA GLN D 280 22.83 49.41 -54.88
C GLN D 280 22.27 49.27 -53.48
N ALA D 281 23.08 48.70 -52.60
CA ALA D 281 22.70 48.57 -51.21
C ALA D 281 23.72 49.13 -50.24
N ASP D 282 24.96 49.35 -50.69
CA ASP D 282 26.02 49.80 -49.80
C ASP D 282 26.51 51.18 -50.22
N PRO D 283 26.39 52.20 -49.38
CA PRO D 283 27.05 53.48 -49.69
C PRO D 283 28.56 53.32 -49.83
N ASN D 284 29.11 54.04 -50.82
CA ASN D 284 30.56 54.15 -50.99
C ASN D 284 30.99 55.51 -50.49
N PHE D 285 32.00 55.56 -49.63
CA PHE D 285 32.57 56.83 -49.20
C PHE D 285 33.94 57.03 -49.86
N GLY D 286 34.52 58.20 -49.60
CA GLY D 286 35.79 58.52 -50.23
C GLY D 286 35.61 58.75 -51.71
N CYS D 287 36.56 58.26 -52.49
CA CYS D 287 36.40 58.28 -53.91
C CYS D 287 36.61 56.89 -54.47
N PRO D 288 35.69 56.38 -55.26
CA PRO D 288 35.75 54.99 -55.69
C PRO D 288 36.42 54.81 -57.04
N SER D 289 36.77 53.56 -57.34
CA SER D 289 37.28 53.18 -58.64
C SER D 289 36.16 52.50 -59.41
N TYR D 290 35.92 52.96 -60.64
CA TYR D 290 34.85 52.41 -61.46
C TYR D 290 35.21 50.98 -61.90
N PRO D 291 34.27 50.02 -61.80
CA PRO D 291 32.94 50.11 -61.17
C PRO D 291 32.83 49.43 -59.81
N HIS D 292 31.93 49.90 -58.96
CA HIS D 292 31.63 49.25 -57.70
C HIS D 292 30.30 48.55 -57.84
N VAL D 293 30.31 47.24 -57.66
CA VAL D 293 29.20 46.39 -58.08
C VAL D 293 28.41 45.99 -56.83
N SER D 294 27.22 46.58 -56.64
CA SER D 294 26.38 46.31 -55.47
C SER D 294 25.00 45.84 -55.91
N CYS D 295 24.59 44.66 -55.42
CA CYS D 295 23.37 43.99 -55.87
C CYS D 295 23.38 43.83 -57.38
N SER D 296 24.38 43.08 -57.85
CA SER D 296 24.69 42.97 -59.28
C SER D 296 24.86 44.37 -59.86
N ASN D 297 24.07 44.76 -60.87
CA ASN D 297 24.17 46.00 -61.66
C ASN D 297 25.50 46.13 -62.40
N GLY D 298 26.26 45.05 -62.50
CA GLY D 298 27.49 45.04 -63.24
C GLY D 298 27.26 44.89 -64.72
N PRO D 299 28.22 45.31 -65.52
CA PRO D 299 29.44 45.99 -65.08
C PRO D 299 29.20 47.50 -64.95
N ASN D 300 27.94 47.94 -65.03
CA ASN D 300 27.63 49.35 -64.88
C ASN D 300 28.14 49.90 -63.56
N GLY D 301 28.15 49.09 -62.51
CA GLY D 301 28.63 49.56 -61.23
C GLY D 301 27.66 50.52 -60.59
N ASP D 302 27.99 50.89 -59.36
CA ASP D 302 27.17 51.83 -58.62
C ASP D 302 27.30 53.22 -59.22
N MET D 303 26.34 54.08 -58.89
CA MET D 303 26.37 55.46 -59.36
C MET D 303 26.99 56.35 -58.28
N PHE D 304 28.27 56.11 -57.99
CA PHE D 304 28.94 56.89 -56.95
C PHE D 304 29.04 58.36 -57.33
N MET D 305 29.00 58.67 -58.62
CA MET D 305 28.96 60.04 -59.07
C MET D 305 27.70 60.77 -58.60
N ASN D 306 26.68 60.03 -58.18
CA ASN D 306 25.44 60.63 -57.74
C ASN D 306 25.61 61.31 -56.38
N TYR D 307 25.00 62.50 -56.22
CA TYR D 307 25.11 63.25 -54.98
C TYR D 307 24.47 62.55 -53.80
N MET D 308 23.62 61.55 -54.04
CA MET D 308 22.97 60.84 -52.96
C MET D 308 23.80 59.67 -52.44
N ASP D 309 24.99 59.42 -53.00
CA ASP D 309 25.95 58.51 -52.39
C ASP D 309 26.86 59.26 -51.43
N TYR D 310 27.53 58.50 -50.59
CA TYR D 310 28.31 59.07 -49.50
C TYR D 310 29.74 59.41 -49.91
N VAL D 311 30.03 59.49 -51.20
CA VAL D 311 31.39 59.73 -51.69
C VAL D 311 31.86 61.11 -51.25
N ASP D 312 33.15 61.38 -51.43
CA ASP D 312 33.68 62.72 -51.21
C ASP D 312 33.05 63.71 -52.19
N ASP D 313 33.32 65.01 -51.95
CA ASP D 313 32.63 66.08 -52.68
C ASP D 313 33.04 66.14 -54.15
N LYS D 314 34.31 65.91 -54.46
CA LYS D 314 34.79 66.01 -55.83
C LYS D 314 34.42 64.80 -56.70
N CYS D 315 33.77 63.78 -56.13
CA CYS D 315 33.35 62.60 -56.89
C CYS D 315 31.84 62.47 -57.04
N MET D 316 31.05 63.08 -56.15
CA MET D 316 29.62 63.23 -56.37
C MET D 316 29.41 64.48 -57.22
N VAL D 317 28.91 64.29 -58.45
CA VAL D 317 28.90 65.36 -59.43
C VAL D 317 27.53 65.62 -60.03
N MET D 318 26.57 64.72 -59.97
CA MET D 318 25.43 64.84 -60.87
C MET D 318 24.14 64.33 -60.23
N PHE D 319 23.06 64.53 -60.96
CA PHE D 319 21.74 64.03 -60.63
C PHE D 319 21.17 63.32 -61.85
N THR D 320 20.33 62.31 -61.62
CA THR D 320 19.79 61.52 -62.72
C THR D 320 18.49 62.11 -63.23
N GLN D 321 18.18 61.79 -64.48
CA GLN D 321 16.91 62.21 -65.05
C GLN D 321 15.76 61.72 -64.21
N GLY D 322 15.80 60.44 -63.81
CA GLY D 322 14.74 59.92 -62.96
C GLY D 322 14.60 60.71 -61.67
N GLN D 323 15.73 61.00 -61.03
CA GLN D 323 15.68 61.74 -59.77
C GLN D 323 15.00 63.08 -59.97
N ALA D 324 15.39 63.79 -61.03
CA ALA D 324 14.76 65.07 -61.32
C ALA D 324 13.25 64.91 -61.44
N THR D 325 12.82 63.90 -62.19
CA THR D 325 11.38 63.64 -62.33
C THR D 325 10.73 63.46 -60.97
N ARG D 326 11.45 62.83 -60.03
CA ARG D 326 10.96 62.75 -58.66
C ARG D 326 10.92 64.14 -58.02
N VAL D 327 11.94 64.95 -58.27
CA VAL D 327 11.91 66.31 -57.73
C VAL D 327 10.69 67.04 -58.25
N ASN D 328 10.43 66.91 -59.56
CA ASN D 328 9.25 67.54 -60.18
C ASN D 328 7.99 67.20 -59.40
N ALA D 329 7.84 65.94 -59.02
CA ALA D 329 6.67 65.53 -58.25
C ALA D 329 6.65 66.18 -56.87
N CYS D 330 7.81 66.40 -56.25
CA CYS D 330 7.84 67.10 -54.97
C CYS D 330 7.43 68.55 -55.12
N LEU D 331 7.73 69.14 -56.27
CA LEU D 331 7.45 70.57 -56.44
C LEU D 331 5.99 70.82 -56.71
N ASP D 332 5.35 69.95 -57.49
CA ASP D 332 3.99 70.22 -57.94
C ASP D 332 2.98 70.12 -56.79
N GLY D 333 3.03 69.04 -56.00
CA GLY D 333 2.05 68.80 -54.97
C GLY D 333 2.42 69.24 -53.56
N PRO D 334 3.54 68.73 -53.04
CA PRO D 334 3.99 69.16 -51.71
C PRO D 334 4.43 70.62 -51.63
N ARG D 335 5.24 71.04 -52.60
CA ARG D 335 5.88 72.35 -52.60
C ARG D 335 5.25 73.33 -53.59
N SER D 336 3.96 73.13 -53.92
CA SER D 336 3.27 73.98 -54.89
C SER D 336 3.38 75.46 -54.57
N SER D 337 3.70 75.79 -53.31
CA SER D 337 3.80 77.19 -52.89
C SER D 337 4.89 77.93 -53.66
N PHE D 338 6.07 77.30 -53.81
CA PHE D 338 7.24 78.01 -54.32
C PHE D 338 7.12 78.32 -55.81
N LEU D 339 6.43 77.47 -56.56
CA LEU D 339 6.32 77.67 -58.00
C LEU D 339 5.52 78.94 -58.33
N ALA D 340 4.50 79.24 -57.53
CA ALA D 340 3.55 80.31 -57.82
C ALA D 340 4.10 81.71 -57.59
N ARG D 341 5.29 81.83 -56.98
CA ARG D 341 5.84 83.12 -56.54
C ARG D 341 5.97 84.16 -57.66
N PRO E 36 -11.62 6.01 -55.92
CA PRO E 36 -10.64 6.93 -55.35
C PRO E 36 -11.13 7.72 -54.11
N THR E 37 -11.61 7.04 -53.06
CA THR E 37 -12.10 7.73 -51.87
C THR E 37 -10.92 8.07 -50.97
N GLN E 38 -10.64 9.36 -50.83
CA GLN E 38 -9.53 9.85 -50.03
C GLN E 38 -10.05 10.44 -48.73
N ARG E 39 -9.21 10.42 -47.69
CA ARG E 39 -9.61 11.01 -46.42
C ARG E 39 -9.48 12.52 -46.52
N ARG E 40 -10.54 13.23 -46.13
CA ARG E 40 -10.58 14.69 -46.21
C ARG E 40 -11.38 15.23 -45.02
N CYS E 41 -10.70 15.99 -44.16
CA CYS E 41 -11.27 16.48 -42.90
C CYS E 41 -11.53 17.97 -43.03
N GLY E 42 -12.78 18.35 -42.96
CA GLY E 42 -13.10 19.75 -43.05
C GLY E 42 -12.93 20.54 -41.77
N ALA E 43 -12.58 19.88 -40.67
CA ALA E 43 -12.56 20.56 -39.38
C ALA E 43 -11.69 21.82 -39.44
N MET E 44 -10.66 21.79 -40.25
CA MET E 44 -9.84 22.96 -40.38
C MET E 44 -10.49 24.01 -41.24
N GLU E 45 -11.30 23.59 -42.22
CA GLU E 45 -12.07 24.55 -43.00
C GLU E 45 -13.03 25.32 -42.09
N VAL E 46 -13.56 24.64 -41.08
CA VAL E 46 -14.34 25.32 -40.06
C VAL E 46 -13.48 26.34 -39.34
N HIS E 47 -12.19 26.03 -39.15
CA HIS E 47 -11.39 26.80 -38.23
C HIS E 47 -11.15 28.23 -38.72
N HIS E 48 -10.86 28.43 -40.01
CA HIS E 48 -10.82 29.81 -40.51
C HIS E 48 -12.15 30.51 -40.27
N ARG E 49 -13.24 29.90 -40.71
CA ARG E 49 -14.53 30.56 -40.56
C ARG E 49 -14.87 30.78 -39.09
N LEU E 50 -14.23 30.01 -38.19
CA LEU E 50 -14.41 30.21 -36.75
C LEU E 50 -13.82 31.53 -36.26
N LEU E 51 -12.73 31.97 -36.88
CA LEU E 51 -12.00 33.11 -36.35
C LEU E 51 -12.83 34.38 -36.39
N ARG E 52 -13.66 34.53 -37.42
CA ARG E 52 -14.13 35.86 -37.80
C ARG E 52 -14.88 36.57 -36.67
N SER E 53 -15.79 35.86 -35.96
CA SER E 53 -16.63 36.54 -34.97
C SER E 53 -15.84 37.06 -33.78
N ALA E 54 -14.61 36.59 -33.61
CA ALA E 54 -13.65 37.07 -32.63
C ALA E 54 -14.13 36.77 -31.22
N SER E 55 -15.39 36.34 -31.10
CA SER E 55 -15.86 35.77 -29.85
C SER E 55 -15.16 34.45 -29.61
N TYR E 56 -15.00 33.67 -30.69
CA TYR E 56 -14.19 32.47 -30.72
C TYR E 56 -12.71 32.79 -30.57
N VAL E 57 -12.30 34.01 -30.93
CA VAL E 57 -10.90 34.39 -30.84
C VAL E 57 -10.48 34.60 -29.38
N ARG E 58 -11.33 35.24 -28.58
CA ARG E 58 -11.01 35.40 -27.16
C ARG E 58 -10.75 34.06 -26.51
N GLU E 59 -11.70 33.12 -26.65
CA GLU E 59 -11.59 31.82 -25.99
C GLU E 59 -10.38 31.05 -26.50
N ARG E 60 -10.15 31.09 -27.81
CA ARG E 60 -9.12 30.25 -28.40
C ARG E 60 -7.73 30.62 -27.91
N ASP E 61 -7.47 31.91 -27.65
CA ASP E 61 -6.21 32.30 -27.05
C ASP E 61 -6.07 31.74 -25.63
N GLN E 62 -7.08 31.98 -24.80
CA GLN E 62 -7.05 31.40 -23.46
C GLN E 62 -6.84 29.89 -23.53
N ILE E 63 -7.49 29.23 -24.49
CA ILE E 63 -7.43 27.79 -24.57
C ILE E 63 -6.01 27.32 -24.88
N GLU E 64 -5.26 28.07 -25.68
CA GLU E 64 -3.94 27.61 -26.05
C GLU E 64 -2.86 27.90 -25.00
N ASN E 65 -3.08 28.90 -24.14
CA ASN E 65 -2.09 29.18 -23.11
C ASN E 65 -1.99 28.04 -22.10
N LEU E 66 -3.14 27.47 -21.72
CA LEU E 66 -3.15 26.26 -20.91
C LEU E 66 -2.42 25.13 -21.61
N ALA E 67 -2.77 24.88 -22.88
CA ALA E 67 -2.10 23.83 -23.66
C ALA E 67 -0.65 24.15 -23.94
N LEU E 68 -0.25 25.42 -23.81
CA LEU E 68 1.16 25.78 -23.89
C LEU E 68 1.86 25.56 -22.55
N LYS E 69 1.32 26.16 -21.49
CA LYS E 69 1.92 25.99 -20.16
C LYS E 69 1.96 24.52 -19.76
N TYR E 70 0.93 23.74 -20.12
CA TYR E 70 1.01 22.31 -19.92
C TYR E 70 2.18 21.73 -20.70
N LYS E 71 2.41 22.22 -21.92
CA LYS E 71 3.44 21.65 -22.77
C LYS E 71 4.83 21.80 -22.16
N GLN E 72 5.16 23.01 -21.69
CA GLN E 72 6.50 23.25 -21.17
C GLN E 72 6.76 22.41 -19.91
N GLY E 73 5.68 22.07 -19.21
CA GLY E 73 5.71 21.33 -17.95
C GLY E 73 5.15 22.08 -16.76
N PHE E 74 4.82 23.36 -16.92
CA PHE E 74 4.62 24.27 -15.79
C PHE E 74 3.71 23.68 -14.73
N ARG E 75 2.46 23.44 -15.09
CA ARG E 75 1.49 22.83 -14.18
C ARG E 75 1.03 21.52 -14.79
N ALA E 76 1.18 20.44 -14.03
CA ALA E 76 0.80 19.13 -14.52
C ALA E 76 0.14 18.33 -13.43
N ILE E 77 -0.71 18.97 -12.62
CA ILE E 77 -1.53 18.20 -11.69
C ILE E 77 -2.44 17.34 -12.54
N SER E 78 -2.20 16.03 -12.54
CA SER E 78 -2.93 15.12 -13.39
C SER E 78 -4.03 14.47 -12.56
N ARG E 79 -5.21 14.39 -13.16
CA ARG E 79 -6.26 13.58 -12.57
C ARG E 79 -5.90 12.11 -12.70
N MET E 80 -6.11 11.36 -11.64
CA MET E 80 -5.87 9.92 -11.62
C MET E 80 -7.20 9.18 -11.48
N GLU E 81 -8.21 9.72 -12.15
CA GLU E 81 -9.50 9.07 -12.38
C GLU E 81 -9.92 9.36 -13.81
N ILE E 82 -10.28 8.32 -14.56
CA ILE E 82 -10.70 8.56 -15.93
C ILE E 82 -12.09 9.19 -15.88
N VAL E 83 -12.39 10.04 -16.87
CA VAL E 83 -13.67 10.74 -16.95
C VAL E 83 -14.49 10.12 -18.06
N LYS E 84 -15.73 9.76 -17.74
CA LYS E 84 -16.69 9.25 -18.70
C LYS E 84 -17.67 10.37 -19.10
N ILE E 85 -17.93 10.49 -20.40
CA ILE E 85 -18.52 11.70 -20.99
C ILE E 85 -19.81 11.34 -21.71
N PRO E 86 -20.92 12.02 -21.41
CA PRO E 86 -22.19 11.71 -22.08
C PRO E 86 -22.21 12.20 -23.52
N VAL E 87 -22.76 11.37 -24.39
CA VAL E 87 -22.76 11.62 -25.82
C VAL E 87 -24.15 11.35 -26.39
N VAL E 88 -24.59 12.21 -27.31
CA VAL E 88 -25.84 12.03 -28.03
C VAL E 88 -25.54 12.01 -29.52
N VAL E 89 -26.11 11.03 -30.23
CA VAL E 89 -25.95 10.88 -31.67
C VAL E 89 -27.18 11.44 -32.36
N HIS E 90 -26.98 12.32 -33.35
CA HIS E 90 -28.06 12.85 -34.17
C HIS E 90 -27.92 12.22 -35.55
N VAL E 91 -28.86 11.35 -35.92
CA VAL E 91 -28.92 10.78 -37.25
C VAL E 91 -29.87 11.63 -38.08
N VAL E 92 -29.42 12.11 -39.23
CA VAL E 92 -30.29 12.81 -40.17
C VAL E 92 -30.29 12.02 -41.47
N TRP E 93 -31.40 11.37 -41.74
CA TRP E 93 -31.50 10.45 -42.85
C TRP E 93 -32.48 11.02 -43.86
N ASN E 94 -32.00 11.15 -45.10
CA ASN E 94 -32.91 11.43 -46.21
C ASN E 94 -33.68 10.18 -46.61
N GLU E 95 -33.08 9.01 -46.38
CA GLU E 95 -33.71 7.71 -46.62
C GLU E 95 -33.36 6.81 -45.45
N GLU E 96 -34.14 5.72 -45.30
CA GLU E 96 -33.91 4.80 -44.18
C GLU E 96 -32.58 4.07 -44.26
N GLU E 97 -32.10 3.77 -45.49
CA GLU E 97 -30.78 3.16 -45.64
C GLU E 97 -29.69 4.08 -45.10
N GLU E 98 -29.85 5.38 -45.27
CA GLU E 98 -28.98 6.35 -44.62
C GLU E 98 -29.10 6.28 -43.09
N ASN E 99 -30.33 6.16 -42.59
CA ASN E 99 -30.53 5.98 -41.16
C ASN E 99 -29.82 4.72 -40.70
N ILE E 100 -28.94 4.88 -39.76
CA ILE E 100 -28.04 3.82 -39.37
C ILE E 100 -28.70 2.97 -38.30
N SER E 101 -28.42 1.68 -38.34
CA SER E 101 -28.90 0.80 -37.28
C SER E 101 -28.31 1.23 -35.95
N ASP E 102 -29.03 0.92 -34.86
CA ASP E 102 -28.50 1.17 -33.53
C ASP E 102 -27.26 0.33 -33.27
N ALA E 103 -27.28 -0.94 -33.70
CA ALA E 103 -26.11 -1.80 -33.58
C ALA E 103 -24.89 -1.16 -34.25
N GLN E 104 -25.10 -0.49 -35.38
CA GLN E 104 -24.02 0.26 -36.02
C GLN E 104 -23.52 1.36 -35.09
N ILE E 105 -24.43 2.09 -34.44
CA ILE E 105 -24.03 3.20 -33.59
C ILE E 105 -23.16 2.71 -32.45
N GLN E 106 -23.51 1.56 -31.87
CA GLN E 106 -22.76 1.04 -30.73
C GLN E 106 -21.34 0.62 -31.13
N SER E 107 -21.21 -0.02 -32.30
CA SER E 107 -19.90 -0.50 -32.74
C SER E 107 -18.87 0.62 -32.73
N GLN E 108 -19.31 1.83 -33.11
CA GLN E 108 -18.47 3.01 -33.01
C GLN E 108 -18.19 3.35 -31.55
N ILE E 109 -19.24 3.35 -30.71
CA ILE E 109 -19.09 3.74 -29.31
C ILE E 109 -18.06 2.86 -28.63
N ASP E 110 -18.12 1.57 -28.92
CA ASP E 110 -17.18 0.64 -28.30
C ASP E 110 -15.75 0.86 -28.80
N ILE E 111 -15.59 1.11 -30.11
CA ILE E 111 -14.25 1.20 -30.68
C ILE E 111 -13.53 2.43 -30.14
N LEU E 112 -14.26 3.51 -29.80
CA LEU E 112 -13.63 4.67 -29.17
C LEU E 112 -13.09 4.34 -27.79
N ASN E 113 -13.89 3.66 -26.97
CA ASN E 113 -13.46 3.28 -25.61
C ASN E 113 -12.31 2.28 -25.64
N LYS E 114 -12.17 1.52 -26.74
CA LYS E 114 -10.95 0.75 -26.94
C LYS E 114 -9.77 1.66 -27.31
N ASP E 115 -10.00 2.66 -28.19
CA ASP E 115 -8.90 3.44 -28.74
C ASP E 115 -8.28 4.40 -27.72
N PHE E 116 -9.08 4.91 -26.79
CA PHE E 116 -8.64 6.02 -25.95
C PHE E 116 -8.00 5.59 -24.64
N ARG E 117 -8.13 4.33 -24.25
CA ARG E 117 -7.52 3.84 -23.04
C ARG E 117 -6.36 2.88 -23.33
N LYS E 118 -5.83 2.90 -24.55
CA LYS E 118 -4.80 1.96 -25.02
C LYS E 118 -5.32 0.53 -25.12
N LEU E 119 -6.60 0.36 -25.39
CA LEU E 119 -7.22 -0.96 -25.39
C LEU E 119 -7.33 -1.60 -26.77
N ASN E 120 -7.07 -0.85 -27.84
CA ASN E 120 -7.30 -1.39 -29.17
C ASN E 120 -6.30 -2.48 -29.47
N SER E 121 -6.78 -3.54 -30.13
CA SER E 121 -5.90 -4.60 -30.60
C SER E 121 -4.81 -4.04 -31.50
N ASP E 122 -5.07 -2.93 -32.19
CA ASP E 122 -4.19 -2.30 -33.17
C ASP E 122 -2.96 -1.65 -32.57
N VAL E 123 -2.91 -1.47 -31.24
CA VAL E 123 -1.79 -0.77 -30.60
C VAL E 123 -0.47 -1.49 -30.88
N SER E 124 -0.53 -2.78 -31.16
CA SER E 124 0.62 -3.63 -31.43
C SER E 124 1.30 -3.34 -32.76
N GLN E 125 0.76 -2.42 -33.57
CA GLN E 125 1.36 -2.10 -34.86
C GLN E 125 2.35 -0.93 -34.80
N VAL E 126 2.44 -0.25 -33.66
CA VAL E 126 3.40 0.86 -33.50
C VAL E 126 4.81 0.31 -33.55
N PRO E 127 5.70 0.90 -34.33
CA PRO E 127 7.10 0.48 -34.28
C PRO E 127 7.67 0.63 -32.87
N SER E 128 8.63 -0.25 -32.56
CA SER E 128 9.22 -0.28 -31.22
C SER E 128 9.87 1.04 -30.85
N VAL E 129 10.24 1.86 -31.84
CA VAL E 129 10.82 3.18 -31.59
C VAL E 129 9.91 4.02 -30.71
N TRP E 130 8.60 3.79 -30.77
CA TRP E 130 7.64 4.61 -30.07
C TRP E 130 6.74 3.78 -29.17
N SER E 131 7.18 2.58 -28.79
CA SER E 131 6.37 1.74 -27.91
C SER E 131 6.18 2.39 -26.54
N ASN E 132 7.21 3.08 -26.03
CA ASN E 132 7.09 3.75 -24.74
C ASN E 132 6.49 5.15 -24.83
N LEU E 133 6.12 5.58 -26.04
CA LEU E 133 5.48 6.87 -26.22
C LEU E 133 3.98 6.78 -26.42
N ILE E 134 3.46 5.58 -26.73
CA ILE E 134 2.02 5.42 -26.85
C ILE E 134 1.35 5.86 -25.54
N ALA E 135 0.10 6.29 -25.63
CA ALA E 135 -0.55 6.86 -24.45
C ALA E 135 -1.97 6.35 -24.30
N ASP E 136 -2.43 6.40 -23.06
CA ASP E 136 -3.83 6.15 -22.71
C ASP E 136 -4.42 7.48 -22.31
N LEU E 137 -5.37 7.95 -23.10
CA LEU E 137 -5.93 9.25 -22.78
C LEU E 137 -6.62 9.24 -21.44
N GLY E 138 -6.90 8.06 -20.89
CA GLY E 138 -7.68 7.97 -19.70
C GLY E 138 -9.06 8.57 -19.94
N ILE E 139 -9.70 8.20 -21.04
CA ILE E 139 -11.03 8.72 -21.36
C ILE E 139 -11.87 7.64 -22.05
N GLU E 140 -13.09 7.43 -21.54
CA GLU E 140 -14.17 6.66 -22.18
C GLU E 140 -15.41 7.56 -22.21
N PHE E 141 -16.44 7.15 -22.96
CA PHE E 141 -17.68 7.93 -23.04
C PHE E 141 -18.89 7.01 -23.26
N PHE E 142 -20.08 7.56 -22.98
CA PHE E 142 -21.31 6.77 -22.96
C PHE E 142 -22.45 7.55 -23.58
N LEU E 143 -23.52 6.82 -23.92
CA LEU E 143 -24.75 7.39 -24.47
C LEU E 143 -25.70 7.70 -23.31
N ALA E 144 -25.90 8.99 -23.04
CA ALA E 144 -26.47 9.41 -21.76
C ALA E 144 -27.82 8.76 -21.52
N THR E 145 -28.01 8.27 -20.29
CA THR E 145 -29.31 7.78 -19.85
C THR E 145 -30.37 8.88 -19.92
N LYS E 146 -29.95 10.16 -19.92
CA LYS E 146 -30.85 11.30 -19.80
C LYS E 146 -30.59 12.32 -20.91
N ASP E 147 -31.67 12.87 -21.46
CA ASP E 147 -31.59 13.98 -22.39
C ASP E 147 -31.45 15.28 -21.61
N PRO E 148 -31.12 16.39 -22.28
CA PRO E 148 -30.82 17.62 -21.52
C PRO E 148 -31.98 18.12 -20.68
N ASN E 149 -33.22 17.75 -21.01
CA ASN E 149 -34.35 18.19 -20.19
C ASN E 149 -34.58 17.30 -18.98
N GLY E 150 -33.96 16.12 -18.91
CA GLY E 150 -34.00 15.26 -17.73
C GLY E 150 -34.58 13.88 -17.98
N ASN E 151 -35.49 13.75 -18.94
CA ASN E 151 -36.15 12.48 -19.20
C ASN E 151 -35.16 11.42 -19.70
N GLN E 152 -35.49 10.17 -19.46
CA GLN E 152 -34.62 9.08 -19.89
C GLN E 152 -34.58 9.02 -21.42
N THR E 153 -33.37 8.97 -21.98
CA THR E 153 -33.21 9.02 -23.42
C THR E 153 -32.22 7.96 -23.88
N THR E 154 -32.45 7.48 -25.10
CA THR E 154 -31.55 6.47 -25.66
C THR E 154 -30.14 7.03 -25.84
N GLY E 155 -30.02 8.20 -26.43
CA GLY E 155 -28.75 8.72 -26.90
C GLY E 155 -28.65 8.80 -28.41
N ILE E 156 -29.73 8.53 -29.14
CA ILE E 156 -29.75 8.56 -30.61
C ILE E 156 -31.04 9.25 -31.06
N THR E 157 -30.93 10.48 -31.56
CA THR E 157 -32.05 11.16 -32.19
C THR E 157 -31.99 10.89 -33.69
N ARG E 158 -33.12 10.48 -34.26
CA ARG E 158 -33.24 10.26 -35.70
C ARG E 158 -34.17 11.32 -36.28
N THR E 159 -33.68 12.07 -37.27
CA THR E 159 -34.44 13.14 -37.89
C THR E 159 -34.50 12.89 -39.39
N GLN E 160 -35.71 12.84 -39.93
CA GLN E 160 -35.90 12.81 -41.38
C GLN E 160 -35.62 14.20 -41.97
N THR E 161 -34.77 14.25 -43.00
CA THR E 161 -34.41 15.51 -43.64
C THR E 161 -34.70 15.43 -45.13
N SER E 162 -35.19 16.54 -45.70
CA SER E 162 -35.36 16.64 -47.14
C SER E 162 -34.04 16.91 -47.87
N VAL E 163 -33.02 17.47 -47.18
CA VAL E 163 -31.76 17.76 -47.84
C VAL E 163 -30.99 16.47 -48.13
N THR E 164 -30.06 16.56 -49.06
CA THR E 164 -29.26 15.41 -49.49
C THR E 164 -27.77 15.55 -49.18
N PHE E 165 -27.23 16.76 -49.36
CA PHE E 165 -25.82 17.06 -49.16
C PHE E 165 -25.65 17.90 -47.89
N PHE E 166 -24.45 17.85 -47.33
CA PHE E 166 -24.11 18.69 -46.18
C PHE E 166 -22.66 19.15 -46.30
N THR E 167 -22.39 20.32 -45.74
CA THR E 167 -21.19 21.11 -46.04
C THR E 167 -20.37 21.36 -44.80
N THR E 168 -19.25 22.05 -45.01
CA THR E 168 -18.51 22.69 -43.92
C THR E 168 -19.20 23.96 -43.42
N SER E 169 -20.38 24.28 -43.97
CA SER E 169 -21.21 25.35 -43.45
C SER E 169 -21.86 25.00 -42.12
N ASP E 170 -21.72 23.74 -41.67
CA ASP E 170 -22.29 23.22 -40.43
C ASP E 170 -23.82 23.31 -40.39
N GLU E 171 -24.46 23.49 -41.55
CA GLU E 171 -25.92 23.63 -41.62
C GLU E 171 -26.64 22.38 -41.13
N VAL E 172 -26.01 21.21 -41.22
CA VAL E 172 -26.65 19.99 -40.71
C VAL E 172 -26.82 20.04 -39.19
N LYS E 173 -26.01 20.85 -38.49
CA LYS E 173 -26.13 20.92 -37.05
C LYS E 173 -27.43 21.57 -36.62
N PHE E 174 -27.85 22.63 -37.31
CA PHE E 174 -28.99 23.43 -36.88
C PHE E 174 -30.29 22.83 -37.41
N ALA E 175 -31.40 23.10 -36.68
CA ALA E 175 -32.68 22.50 -37.00
C ALA E 175 -33.28 23.05 -38.27
N SER E 176 -33.11 24.36 -38.51
CA SER E 176 -33.69 25.02 -39.67
C SER E 176 -33.21 24.44 -40.98
N SER E 177 -32.06 23.78 -40.97
CA SER E 177 -31.45 23.22 -42.16
C SER E 177 -31.47 21.69 -42.13
N GLY E 178 -32.58 21.11 -41.66
CA GLY E 178 -32.75 19.69 -41.69
C GLY E 178 -31.66 18.96 -40.94
N GLY E 179 -31.48 19.32 -39.68
CA GLY E 179 -30.54 18.64 -38.81
C GLY E 179 -30.80 18.90 -37.35
N GLU E 180 -30.82 17.85 -36.52
CA GLU E 180 -31.33 18.01 -35.17
C GLU E 180 -30.54 19.05 -34.39
N ASP E 181 -31.27 19.86 -33.61
CA ASP E 181 -30.66 20.88 -32.76
C ASP E 181 -29.61 20.28 -31.85
N ALA E 182 -28.48 20.96 -31.73
CA ALA E 182 -27.40 20.46 -30.88
C ALA E 182 -27.81 20.49 -29.41
N TRP E 183 -27.55 19.40 -28.69
CA TRP E 183 -27.77 19.39 -27.25
C TRP E 183 -26.70 20.25 -26.58
N PRO E 184 -26.98 20.78 -25.39
CA PRO E 184 -26.05 21.74 -24.78
C PRO E 184 -24.63 21.18 -24.66
N ALA E 185 -23.65 22.05 -24.90
CA ALA E 185 -22.28 21.60 -25.08
C ALA E 185 -21.61 21.15 -23.79
N ASP E 186 -21.97 21.75 -22.65
CA ASP E 186 -21.35 21.37 -21.38
C ASP E 186 -21.90 20.06 -20.84
N ARG E 187 -23.18 19.76 -21.06
CA ARG E 187 -23.71 18.49 -20.56
C ARG E 187 -23.33 17.31 -21.46
N TYR E 188 -23.41 17.47 -22.77
CA TYR E 188 -23.18 16.37 -23.70
C TYR E 188 -22.21 16.78 -24.81
N LEU E 189 -21.67 15.77 -25.48
CA LEU E 189 -20.85 15.98 -26.65
C LEU E 189 -21.67 15.55 -27.86
N ASN E 190 -21.95 16.51 -28.75
CA ASN E 190 -22.91 16.31 -29.82
C ASN E 190 -22.28 15.63 -31.03
N ILE E 191 -23.10 14.81 -31.68
CA ILE E 191 -22.69 13.98 -32.81
C ILE E 191 -23.73 14.15 -33.90
N TRP E 192 -23.26 14.29 -35.14
CA TRP E 192 -24.12 14.30 -36.31
C TRP E 192 -23.62 13.24 -37.30
N VAL E 193 -24.51 12.34 -37.71
CA VAL E 193 -24.19 11.29 -38.67
C VAL E 193 -25.17 11.41 -39.83
N CYS E 194 -24.65 11.69 -41.03
CA CYS E 194 -25.49 11.80 -42.22
C CYS E 194 -24.83 11.05 -43.37
N HIS E 195 -25.52 11.03 -44.49
CA HIS E 195 -25.10 10.20 -45.61
C HIS E 195 -24.09 10.87 -46.53
N VAL E 196 -24.18 12.20 -46.74
CA VAL E 196 -23.33 12.90 -47.71
C VAL E 196 -22.69 14.10 -47.03
N LEU E 197 -21.36 14.15 -47.05
CA LEU E 197 -20.61 15.27 -46.50
C LEU E 197 -19.62 15.81 -47.53
N LYS E 198 -19.66 17.12 -47.75
CA LYS E 198 -18.88 17.78 -48.80
C LYS E 198 -18.21 19.02 -48.23
N SER E 199 -17.12 19.41 -48.87
CA SER E 199 -16.38 20.61 -48.51
C SER E 199 -16.84 21.79 -49.36
N GLU E 200 -16.40 23.00 -48.98
CA GLU E 200 -16.64 24.16 -49.82
C GLU E 200 -15.87 24.07 -51.14
N ILE E 201 -14.66 23.49 -51.11
CA ILE E 201 -13.96 23.15 -52.34
C ILE E 201 -14.78 22.15 -53.15
N GLY E 202 -15.66 21.40 -52.47
CA GLY E 202 -16.47 20.37 -53.08
C GLY E 202 -16.01 18.96 -52.78
N GLN E 203 -14.72 18.79 -52.48
CA GLN E 203 -14.18 17.45 -52.24
C GLN E 203 -14.94 16.78 -51.11
N ASP E 204 -15.39 15.56 -51.37
CA ASP E 204 -16.25 14.85 -50.42
C ASP E 204 -15.45 14.52 -49.16
N ILE E 205 -15.94 14.97 -48.02
CA ILE E 205 -15.25 14.77 -46.76
C ILE E 205 -15.91 13.59 -46.05
N LEU E 206 -15.15 12.98 -45.15
CA LEU E 206 -15.65 11.92 -44.31
C LEU E 206 -16.21 12.45 -43.00
N GLY E 207 -15.79 13.64 -42.60
CA GLY E 207 -16.26 14.24 -41.37
C GLY E 207 -15.44 15.47 -41.07
N TYR E 208 -15.89 16.20 -40.06
CA TYR E 208 -15.18 17.38 -39.57
C TYR E 208 -15.25 17.39 -38.05
N ALA E 209 -14.95 18.55 -37.47
CA ALA E 209 -15.00 18.76 -36.04
C ALA E 209 -14.93 20.25 -35.77
N GLN E 210 -15.50 20.69 -34.67
CA GLN E 210 -15.41 22.08 -34.26
C GLN E 210 -14.50 22.16 -33.05
N PHE E 211 -13.56 23.09 -33.08
CA PHE E 211 -12.55 23.15 -32.04
C PHE E 211 -13.13 23.65 -30.73
N PRO E 212 -12.49 23.32 -29.62
CA PRO E 212 -13.04 23.66 -28.31
C PRO E 212 -13.03 25.15 -28.05
N GLY E 213 -13.90 25.56 -27.14
CA GLY E 213 -14.17 26.95 -26.91
C GLY E 213 -14.98 27.58 -28.01
N GLY E 214 -15.42 26.78 -28.99
CA GLY E 214 -16.21 27.28 -30.08
C GLY E 214 -17.63 27.57 -29.65
N PRO E 215 -18.35 28.31 -30.48
CA PRO E 215 -19.74 28.64 -30.17
C PRO E 215 -20.58 27.39 -29.94
N ALA E 216 -21.51 27.51 -28.98
CA ALA E 216 -22.11 26.34 -28.36
C ALA E 216 -22.80 25.45 -29.39
N GLU E 217 -23.64 26.03 -30.23
CA GLU E 217 -24.53 25.24 -31.07
C GLU E 217 -23.80 24.41 -32.11
N THR E 218 -22.51 24.65 -32.32
CA THR E 218 -21.68 23.81 -33.18
C THR E 218 -20.69 22.96 -32.39
N ASP E 219 -20.75 22.98 -31.06
CA ASP E 219 -19.73 22.37 -30.20
C ASP E 219 -19.88 20.85 -30.20
N GLY E 220 -19.49 20.26 -31.31
CA GLY E 220 -19.60 18.83 -31.50
C GLY E 220 -18.83 18.44 -32.73
N VAL E 221 -19.10 17.24 -33.22
CA VAL E 221 -18.38 16.70 -34.37
C VAL E 221 -19.38 16.01 -35.28
N VAL E 222 -19.05 15.94 -36.56
CA VAL E 222 -19.89 15.30 -37.57
C VAL E 222 -19.05 14.29 -38.34
N ILE E 223 -19.57 13.07 -38.48
CA ILE E 223 -18.96 12.00 -39.26
C ILE E 223 -20.01 11.43 -40.21
N VAL E 224 -19.61 11.20 -41.46
CA VAL E 224 -20.53 10.61 -42.42
C VAL E 224 -20.94 9.21 -41.94
N ASP E 225 -22.03 8.71 -42.51
CA ASP E 225 -22.55 7.43 -42.05
C ASP E 225 -21.63 6.27 -42.43
N ALA E 226 -20.89 6.35 -43.51
CA ALA E 226 -20.10 5.21 -43.93
C ALA E 226 -18.75 5.13 -43.23
N ALA E 227 -18.47 6.06 -42.32
CA ALA E 227 -17.27 6.03 -41.50
C ALA E 227 -17.56 5.75 -40.04
N PHE E 228 -18.83 5.55 -39.71
CA PHE E 228 -19.35 5.53 -38.34
C PHE E 228 -19.61 4.08 -37.91
N GLY E 229 -18.69 3.50 -37.18
CA GLY E 229 -18.91 2.19 -36.65
C GLY E 229 -18.30 1.08 -37.50
N THR E 230 -18.62 -0.16 -37.08
CA THR E 230 -18.00 -1.38 -37.60
C THR E 230 -18.99 -2.31 -38.31
N THR E 231 -20.19 -1.84 -38.61
CA THR E 231 -21.17 -2.68 -39.28
C THR E 231 -22.26 -1.79 -39.88
N GLY E 232 -23.30 -2.41 -40.42
CA GLY E 232 -24.36 -1.66 -41.07
C GLY E 232 -23.83 -0.90 -42.26
N THR E 233 -24.17 0.39 -42.33
CA THR E 233 -23.76 1.24 -43.45
C THR E 233 -22.28 1.61 -43.39
N ALA E 234 -21.58 1.19 -42.35
CA ALA E 234 -20.15 1.47 -42.25
C ALA E 234 -19.38 0.67 -43.30
N LEU E 235 -18.46 1.34 -43.99
CA LEU E 235 -17.72 0.78 -45.11
C LEU E 235 -16.22 1.05 -44.98
N PRO E 236 -15.37 0.11 -45.42
CA PRO E 236 -13.91 0.28 -45.26
C PRO E 236 -13.34 1.16 -46.35
N PRO E 237 -12.17 1.79 -46.12
CA PRO E 237 -11.29 1.69 -44.96
C PRO E 237 -11.67 2.61 -43.81
N PHE E 238 -12.96 2.69 -43.49
CA PHE E 238 -13.47 3.36 -42.30
C PHE E 238 -14.43 2.46 -41.52
N ASP E 239 -14.30 1.15 -41.72
CA ASP E 239 -15.08 0.17 -40.97
C ASP E 239 -14.59 0.05 -39.54
N LYS E 240 -13.30 0.27 -39.28
CA LYS E 240 -12.83 0.26 -37.89
C LYS E 240 -13.38 1.42 -37.08
N GLY E 241 -13.99 2.42 -37.73
CA GLY E 241 -14.60 3.53 -37.02
C GLY E 241 -13.62 4.53 -36.44
N ARG E 242 -12.33 4.39 -36.73
CA ARG E 242 -11.32 5.35 -36.28
C ARG E 242 -11.52 6.72 -36.91
N THR E 243 -12.33 6.81 -37.98
CA THR E 243 -12.61 8.09 -38.61
C THR E 243 -13.20 9.07 -37.61
N ALA E 244 -14.16 8.60 -36.81
CA ALA E 244 -14.69 9.40 -35.72
C ALA E 244 -13.61 9.68 -34.68
N THR E 245 -12.80 8.67 -34.34
CA THR E 245 -11.73 8.87 -33.37
C THR E 245 -10.90 10.08 -33.74
N HIS E 246 -10.61 10.24 -35.04
CA HIS E 246 -9.72 11.28 -35.54
C HIS E 246 -10.33 12.67 -35.34
N ALA E 247 -11.50 12.91 -35.93
CA ALA E 247 -12.18 14.18 -35.75
C ALA E 247 -12.62 14.40 -34.30
N ILE E 248 -12.64 13.36 -33.46
CA ILE E 248 -12.81 13.57 -32.03
C ILE E 248 -11.65 14.36 -31.47
N GLY E 249 -10.43 14.03 -31.92
CA GLY E 249 -9.24 14.66 -31.38
C GLY E 249 -9.21 16.15 -31.59
N HIS E 250 -9.85 16.64 -32.66
CA HIS E 250 -10.08 18.07 -32.79
C HIS E 250 -11.05 18.59 -31.73
N TRP E 251 -11.89 17.71 -31.16
CA TRP E 251 -12.75 18.12 -30.04
C TRP E 251 -11.99 18.12 -28.73
N LEU E 252 -10.87 17.43 -28.69
CA LEU E 252 -9.90 17.54 -27.61
C LEU E 252 -8.80 18.54 -27.93
N ASN E 253 -8.96 19.32 -29.01
CA ASN E 253 -8.02 20.38 -29.38
C ASN E 253 -6.68 19.81 -29.81
N LEU E 254 -6.73 18.79 -30.66
CA LEU E 254 -5.55 18.21 -31.28
C LEU E 254 -5.43 18.67 -32.73
N TYR E 255 -4.33 19.34 -33.06
CA TYR E 255 -4.06 19.66 -34.45
C TYR E 255 -3.59 18.42 -35.19
N HIS E 256 -3.90 18.37 -36.48
CA HIS E 256 -3.29 17.40 -37.37
C HIS E 256 -1.78 17.40 -37.17
N ILE E 257 -1.13 16.26 -37.45
CA ILE E 257 0.30 16.16 -37.18
C ILE E 257 1.10 17.16 -38.00
N TRP E 258 0.60 17.52 -39.17
CA TRP E 258 1.37 18.31 -40.11
C TRP E 258 1.29 19.82 -39.89
N GLY E 259 0.53 20.27 -38.90
CA GLY E 259 0.18 21.69 -38.76
C GLY E 259 -1.20 21.89 -39.34
N ASP E 260 -1.34 22.78 -40.32
CA ASP E 260 -2.48 22.64 -41.21
C ASP E 260 -2.23 23.36 -42.53
N GLU E 261 -3.04 23.01 -43.52
CA GLU E 261 -3.08 23.71 -44.80
C GLU E 261 -3.95 24.96 -44.76
N LEU E 262 -4.80 25.12 -43.74
CA LEU E 262 -5.32 26.46 -43.44
C LEU E 262 -4.17 27.42 -43.21
N ARG E 263 -3.12 26.95 -42.54
CA ARG E 263 -2.03 27.83 -42.14
C ARG E 263 -1.18 28.17 -43.35
N PHE E 264 -0.97 29.47 -43.57
CA PHE E 264 -0.07 29.92 -44.63
C PHE E 264 1.35 29.89 -44.09
N GLU E 265 2.15 28.96 -44.57
CA GLU E 265 3.53 28.88 -44.15
C GLU E 265 4.26 27.94 -45.10
N ASP E 266 5.58 27.96 -45.03
CA ASP E 266 6.36 26.86 -45.54
C ASP E 266 6.05 25.60 -44.71
N PRO E 267 5.87 24.44 -45.36
CA PRO E 267 5.15 23.33 -44.71
C PRO E 267 5.81 22.83 -43.45
N CYS E 268 7.10 23.06 -43.28
CA CYS E 268 7.79 22.59 -42.10
C CYS E 268 7.54 23.45 -40.87
N SER E 269 7.14 24.69 -41.05
CA SER E 269 6.94 25.58 -39.91
C SER E 269 5.52 25.58 -39.39
N ARG E 270 4.68 24.67 -39.88
CA ARG E 270 3.38 24.39 -39.28
C ARG E 270 3.46 23.11 -38.45
N SER E 271 3.03 23.19 -37.19
CA SER E 271 3.22 22.11 -36.25
C SER E 271 1.94 21.90 -35.44
N ASP E 272 1.80 20.68 -34.89
CA ASP E 272 0.65 20.27 -34.07
C ASP E 272 0.82 20.65 -32.60
N GLU E 273 1.91 21.36 -32.29
CA GLU E 273 2.23 21.81 -30.94
C GLU E 273 2.25 20.62 -29.97
N VAL E 274 2.77 19.50 -30.47
CA VAL E 274 3.01 18.30 -29.70
C VAL E 274 4.45 17.90 -29.91
N ASP E 275 5.24 17.93 -28.85
CA ASP E 275 6.68 17.77 -29.03
C ASP E 275 7.06 16.36 -29.47
N ASP E 276 6.36 15.34 -28.98
CA ASP E 276 6.82 13.98 -29.22
C ASP E 276 6.32 13.38 -30.54
N THR E 277 5.55 14.12 -31.34
CA THR E 277 5.26 13.58 -32.66
C THR E 277 6.18 14.21 -33.69
N PRO E 278 6.82 13.44 -34.58
CA PRO E 278 7.82 14.00 -35.49
C PRO E 278 7.16 14.97 -36.46
N ASN E 279 7.61 16.22 -36.43
CA ASN E 279 6.88 17.27 -37.14
C ASN E 279 6.96 17.00 -38.65
N GLN E 280 5.89 16.45 -39.20
CA GLN E 280 5.74 16.22 -40.63
C GLN E 280 4.98 17.37 -41.22
N ALA E 281 4.91 17.37 -42.55
CA ALA E 281 4.16 18.39 -43.26
C ALA E 281 3.16 17.83 -44.25
N ASP E 282 3.28 16.56 -44.62
CA ASP E 282 2.39 15.95 -45.62
C ASP E 282 1.58 14.83 -44.99
N PRO E 283 0.25 14.92 -44.98
CA PRO E 283 -0.54 13.76 -44.58
C PRO E 283 -0.30 12.56 -45.49
N ASN E 284 -0.26 11.37 -44.87
CA ASN E 284 -0.21 10.09 -45.56
C ASN E 284 -1.59 9.45 -45.50
N PHE E 285 -2.12 9.04 -46.66
CA PHE E 285 -3.37 8.30 -46.69
C PHE E 285 -3.10 6.84 -47.02
N GLY E 286 -4.17 6.05 -46.98
CA GLY E 286 -4.01 4.62 -47.19
C GLY E 286 -3.30 3.98 -46.03
N CYS E 287 -2.42 3.04 -46.34
CA CYS E 287 -1.56 2.49 -45.32
C CYS E 287 -0.11 2.59 -45.76
N PRO E 288 0.76 3.14 -44.94
CA PRO E 288 2.13 3.42 -45.38
C PRO E 288 3.11 2.34 -45.01
N SER E 289 4.28 2.40 -45.64
CA SER E 289 5.40 1.53 -45.30
C SER E 289 6.40 2.31 -44.46
N TYR E 290 6.79 1.74 -43.32
CA TYR E 290 7.70 2.42 -42.41
C TYR E 290 9.10 2.48 -43.01
N PRO E 291 9.78 3.65 -42.97
CA PRO E 291 9.28 4.96 -42.50
C PRO E 291 8.97 5.96 -43.61
N HIS E 292 8.06 6.90 -43.36
CA HIS E 292 7.79 8.00 -44.27
C HIS E 292 8.43 9.25 -43.67
N VAL E 293 9.35 9.85 -44.41
CA VAL E 293 10.26 10.87 -43.90
C VAL E 293 9.80 12.24 -44.42
N SER E 294 9.18 13.04 -43.54
CA SER E 294 8.65 14.35 -43.90
C SER E 294 9.26 15.41 -42.99
N CYS E 295 9.88 16.42 -43.61
CA CYS E 295 10.65 17.45 -42.89
C CYS E 295 11.70 16.78 -42.01
N SER E 296 12.59 16.03 -42.66
CA SER E 296 13.58 15.17 -42.01
C SER E 296 12.82 14.22 -41.08
N ASN E 297 13.08 14.21 -39.77
CA ASN E 297 12.61 13.26 -38.74
C ASN E 297 13.00 11.81 -39.04
N GLY E 298 13.93 11.59 -39.95
CA GLY E 298 14.43 10.27 -40.24
C GLY E 298 15.43 9.81 -39.21
N PRO E 299 15.61 8.51 -39.12
CA PRO E 299 14.83 7.48 -39.82
C PRO E 299 13.58 7.13 -39.04
N ASN E 300 13.26 7.93 -38.01
CA ASN E 300 12.02 7.70 -37.25
C ASN E 300 10.80 7.72 -38.14
N GLY E 301 10.79 8.54 -39.19
CA GLY E 301 9.66 8.59 -40.08
C GLY E 301 8.48 9.28 -39.44
N ASP E 302 7.44 9.44 -40.24
CA ASP E 302 6.22 10.08 -39.77
C ASP E 302 5.49 9.17 -38.81
N MET E 303 4.57 9.75 -38.04
CA MET E 303 3.78 8.97 -37.11
C MET E 303 2.43 8.64 -37.74
N PHE E 304 2.48 7.83 -38.81
CA PHE E 304 1.24 7.48 -39.50
C PHE E 304 0.33 6.66 -38.63
N MET E 305 0.87 5.96 -37.65
CA MET E 305 0.06 5.23 -36.69
C MET E 305 -0.83 6.16 -35.86
N ASN E 306 -0.53 7.46 -35.86
CA ASN E 306 -1.32 8.42 -35.11
C ASN E 306 -2.67 8.66 -35.77
N TYR E 307 -3.73 8.73 -34.94
CA TYR E 307 -5.09 8.94 -35.44
C TYR E 307 -5.27 10.29 -36.12
N MET E 308 -4.36 11.24 -35.89
CA MET E 308 -4.46 12.54 -36.52
C MET E 308 -3.82 12.58 -37.90
N ASP E 309 -3.27 11.47 -38.38
CA ASP E 309 -2.89 11.36 -39.79
C ASP E 309 -4.06 10.82 -40.60
N TYR E 310 -3.97 10.98 -41.91
CA TYR E 310 -5.06 10.66 -42.80
C TYR E 310 -5.05 9.21 -43.27
N VAL E 311 -4.31 8.34 -42.59
CA VAL E 311 -4.17 6.94 -43.01
C VAL E 311 -5.53 6.25 -42.91
N ASP E 312 -5.60 5.03 -43.46
CA ASP E 312 -6.77 4.19 -43.29
C ASP E 312 -6.97 3.82 -41.82
N ASP E 313 -8.14 3.22 -41.53
CA ASP E 313 -8.55 3.01 -40.14
C ASP E 313 -7.68 1.98 -39.44
N LYS E 314 -7.27 0.92 -40.14
CA LYS E 314 -6.52 -0.16 -39.51
C LYS E 314 -5.05 0.19 -39.29
N CYS E 315 -4.61 1.37 -39.73
CA CYS E 315 -3.22 1.78 -39.55
C CYS E 315 -3.06 2.95 -38.59
N MET E 316 -4.10 3.76 -38.39
CA MET E 316 -4.11 4.74 -37.31
C MET E 316 -4.58 4.04 -36.05
N VAL E 317 -3.68 3.92 -35.07
CA VAL E 317 -3.94 3.05 -33.93
C VAL E 317 -3.80 3.75 -32.58
N MET E 318 -3.15 4.89 -32.47
CA MET E 318 -2.71 5.32 -31.15
C MET E 318 -2.74 6.83 -31.01
N PHE E 319 -2.48 7.25 -29.77
CA PHE E 319 -2.31 8.65 -29.40
C PHE E 319 -1.01 8.78 -28.61
N THR E 320 -0.39 9.95 -28.72
CA THR E 320 0.89 10.17 -28.06
C THR E 320 0.69 10.73 -26.67
N GLN E 321 1.70 10.48 -25.83
CA GLN E 321 1.70 11.07 -24.49
C GLN E 321 1.55 12.58 -24.58
N GLY E 322 2.32 13.23 -25.45
CA GLY E 322 2.20 14.66 -25.59
C GLY E 322 0.79 15.08 -25.94
N GLN E 323 0.18 14.38 -26.90
CA GLN E 323 -1.18 14.73 -27.32
C GLN E 323 -2.14 14.66 -26.15
N ALA E 324 -2.04 13.58 -25.38
CA ALA E 324 -2.90 13.44 -24.20
C ALA E 324 -2.73 14.64 -23.28
N THR E 325 -1.48 15.02 -23.01
CA THR E 325 -1.22 16.18 -22.17
C THR E 325 -1.92 17.42 -22.73
N ARG E 326 -1.98 17.54 -24.04
CA ARG E 326 -2.76 18.61 -24.65
C ARG E 326 -4.25 18.40 -24.38
N VAL E 327 -4.71 17.15 -24.44
CA VAL E 327 -6.11 16.89 -24.12
C VAL E 327 -6.41 17.32 -22.69
N ASN E 328 -5.51 16.96 -21.77
CA ASN E 328 -5.66 17.34 -20.37
C ASN E 328 -5.91 18.85 -20.25
N ALA E 329 -5.12 19.65 -20.98
CA ALA E 329 -5.30 21.10 -20.95
C ALA E 329 -6.65 21.53 -21.52
N CYS E 330 -7.18 20.81 -22.52
CA CYS E 330 -8.52 21.11 -23.02
C CYS E 330 -9.59 20.78 -21.98
N LEU E 331 -9.35 19.77 -21.14
CA LEU E 331 -10.37 19.35 -20.19
C LEU E 331 -10.46 20.27 -18.99
N ASP E 332 -9.31 20.76 -18.53
CA ASP E 332 -9.30 21.52 -17.28
C ASP E 332 -9.95 22.90 -17.46
N GLY E 333 -9.55 23.64 -18.49
CA GLY E 333 -10.02 25.01 -18.65
C GLY E 333 -11.22 25.22 -19.56
N PRO E 334 -11.11 24.76 -20.82
CA PRO E 334 -12.26 24.89 -21.74
C PRO E 334 -13.43 24.00 -21.38
N ARG E 335 -13.17 22.73 -21.07
CA ARG E 335 -14.19 21.72 -20.84
C ARG E 335 -14.39 21.38 -19.36
N SER E 336 -14.03 22.32 -18.46
CA SER E 336 -14.13 22.08 -17.02
C SER E 336 -15.50 21.56 -16.61
N SER E 337 -16.50 21.78 -17.45
CA SER E 337 -17.86 21.35 -17.11
C SER E 337 -17.93 19.83 -16.95
N PHE E 338 -17.31 19.08 -17.87
CA PHE E 338 -17.54 17.65 -17.92
C PHE E 338 -16.88 16.92 -16.75
N LEU E 339 -15.78 17.45 -16.23
CA LEU E 339 -15.06 16.77 -15.16
C LEU E 339 -15.86 16.74 -13.86
N ALA E 340 -16.63 17.81 -13.60
CA ALA E 340 -17.31 18.00 -12.32
C ALA E 340 -18.56 17.14 -12.15
N ARG E 341 -19.01 16.43 -13.20
CA ARG E 341 -20.28 15.70 -13.19
C ARG E 341 -20.42 14.67 -12.07
N PRO F 36 40.45 21.51 -21.10
CA PRO F 36 39.06 21.08 -21.32
C PRO F 36 37.98 22.15 -21.03
N THR F 37 38.05 23.32 -21.71
CA THR F 37 37.08 24.40 -21.49
C THR F 37 35.83 24.13 -22.34
N GLN F 38 34.73 23.84 -21.68
CA GLN F 38 33.47 23.52 -22.32
C GLN F 38 32.53 24.71 -22.20
N ARG F 39 31.61 24.83 -23.15
CA ARG F 39 30.62 25.90 -23.09
C ARG F 39 29.54 25.52 -22.08
N ARG F 40 29.27 26.44 -21.15
CA ARG F 40 28.28 26.20 -20.10
C ARG F 40 27.56 27.50 -19.83
N CYS F 41 26.25 27.51 -20.08
CA CYS F 41 25.41 28.70 -19.98
C CYS F 41 24.53 28.56 -18.74
N GLY F 42 24.71 29.46 -17.78
CA GLY F 42 23.90 29.43 -16.59
C GLY F 42 22.52 30.05 -16.69
N ALA F 43 22.18 30.65 -17.85
CA ALA F 43 20.94 31.39 -17.98
C ALA F 43 19.73 30.54 -17.60
N MET F 44 19.80 29.26 -17.85
CA MET F 44 18.71 28.39 -17.46
C MET F 44 18.74 28.10 -15.97
N GLU F 45 19.93 28.05 -15.37
CA GLU F 45 20.00 27.93 -13.91
C GLU F 45 19.32 29.11 -13.24
N VAL F 46 19.45 30.30 -13.84
CA VAL F 46 18.70 31.45 -13.40
C VAL F 46 17.20 31.19 -13.51
N HIS F 47 16.80 30.45 -14.55
CA HIS F 47 15.38 30.39 -14.89
C HIS F 47 14.54 29.66 -13.83
N HIS F 48 15.03 28.54 -13.28
CA HIS F 48 14.31 27.96 -12.14
C HIS F 48 14.19 28.99 -11.03
N ARG F 49 15.33 29.56 -10.61
CA ARG F 49 15.31 30.48 -9.48
C ARG F 49 14.47 31.71 -9.79
N LEU F 50 14.23 31.99 -11.07
CA LEU F 50 13.34 33.09 -11.46
C LEU F 50 11.89 32.79 -11.09
N LEU F 51 11.49 31.52 -11.17
CA LEU F 51 10.08 31.17 -11.04
C LEU F 51 9.53 31.57 -9.68
N ARG F 52 10.33 31.42 -8.63
CA ARG F 52 9.81 31.28 -7.27
C ARG F 52 8.97 32.49 -6.84
N SER F 53 9.43 33.73 -7.12
CA SER F 53 8.71 34.90 -6.61
C SER F 53 7.35 35.10 -7.26
N ALA F 54 7.10 34.42 -8.38
CA ALA F 54 5.79 34.33 -9.04
C ALA F 54 5.39 35.68 -9.60
N SER F 55 6.12 36.72 -9.21
CA SER F 55 6.00 38.00 -9.89
C SER F 55 6.52 37.86 -11.31
N TYR F 56 7.62 37.12 -11.46
CA TYR F 56 8.17 36.71 -12.73
C TYR F 56 7.26 35.70 -13.42
N VAL F 57 6.44 34.97 -12.65
CA VAL F 57 5.55 33.99 -13.26
C VAL F 57 4.41 34.67 -14.01
N ARG F 58 3.84 35.73 -13.43
CA ARG F 58 2.77 36.44 -14.14
C ARG F 58 3.25 36.92 -15.50
N GLU F 59 4.38 37.64 -15.52
CA GLU F 59 4.87 38.20 -16.77
C GLU F 59 5.21 37.10 -17.78
N ARG F 60 5.84 36.03 -17.31
CA ARG F 60 6.37 35.02 -18.21
C ARG F 60 5.27 34.31 -18.97
N ASP F 61 4.10 34.12 -18.34
CA ASP F 61 2.97 33.57 -19.08
C ASP F 61 2.51 34.53 -20.17
N GLN F 62 2.28 35.80 -19.80
CA GLN F 62 1.89 36.78 -20.81
C GLN F 62 2.92 36.83 -21.94
N ILE F 63 4.19 36.73 -21.58
CA ILE F 63 5.26 36.84 -22.57
C ILE F 63 5.19 35.68 -23.57
N GLU F 64 4.81 34.50 -23.11
CA GLU F 64 4.81 33.36 -24.02
C GLU F 64 3.58 33.29 -24.91
N ASN F 65 2.46 33.91 -24.50
CA ASN F 65 1.26 33.85 -25.34
C ASN F 65 1.45 34.65 -26.62
N LEU F 66 2.11 35.81 -26.52
CA LEU F 66 2.49 36.55 -27.72
C LEU F 66 3.40 35.72 -28.61
N ALA F 67 4.46 35.14 -28.02
CA ALA F 67 5.38 34.29 -28.79
C ALA F 67 4.72 33.00 -29.26
N LEU F 68 3.59 32.62 -28.66
CA LEU F 68 2.83 31.51 -29.21
C LEU F 68 1.94 31.98 -30.35
N LYS F 69 1.13 32.99 -30.09
CA LYS F 69 0.23 33.49 -31.13
C LYS F 69 1.02 33.98 -32.35
N TYR F 70 2.20 34.57 -32.12
CA TYR F 70 3.07 34.86 -33.25
C TYR F 70 3.46 33.58 -33.97
N LYS F 71 3.70 32.50 -33.22
CA LYS F 71 4.18 31.26 -33.82
C LYS F 71 3.17 30.68 -34.79
N GLN F 72 1.90 30.59 -34.37
CA GLN F 72 0.89 29.96 -35.22
C GLN F 72 0.67 30.79 -36.48
N GLY F 73 0.95 32.09 -36.42
CA GLY F 73 0.75 33.03 -37.51
C GLY F 73 -0.25 34.12 -37.21
N PHE F 74 -0.95 34.06 -36.06
CA PHE F 74 -2.16 34.84 -35.84
C PHE F 74 -1.97 36.31 -36.19
N ARG F 75 -1.08 36.99 -35.48
CA ARG F 75 -0.78 38.40 -35.72
C ARG F 75 0.68 38.52 -36.09
N ALA F 76 0.96 39.07 -37.26
CA ALA F 76 2.33 39.20 -37.72
C ALA F 76 2.55 40.56 -38.39
N ILE F 77 1.96 41.61 -37.82
CA ILE F 77 2.31 42.96 -38.29
C ILE F 77 3.79 43.14 -37.97
N SER F 78 4.62 43.16 -39.00
CA SER F 78 6.06 43.24 -38.84
C SER F 78 6.49 44.68 -39.00
N ARG F 79 7.35 45.14 -38.12
CA ARG F 79 8.02 46.41 -38.32
C ARG F 79 8.98 46.27 -39.49
N MET F 80 8.98 47.28 -40.36
CA MET F 80 9.90 47.32 -41.48
C MET F 80 10.89 48.46 -41.29
N GLU F 81 11.31 48.64 -40.04
CA GLU F 81 12.43 49.49 -39.65
C GLU F 81 13.21 48.75 -38.57
N ILE F 82 14.52 48.63 -38.74
CA ILE F 82 15.31 47.98 -37.70
C ILE F 82 15.41 48.92 -36.49
N VAL F 83 15.50 48.33 -35.30
CA VAL F 83 15.55 49.08 -34.05
C VAL F 83 16.96 49.00 -33.51
N LYS F 84 17.53 50.15 -33.17
CA LYS F 84 18.84 50.24 -32.55
C LYS F 84 18.66 50.50 -31.05
N ILE F 85 19.43 49.77 -30.23
CA ILE F 85 19.15 49.59 -28.82
C ILE F 85 20.34 50.07 -27.99
N PRO F 86 20.13 50.95 -27.02
CA PRO F 86 21.25 51.44 -26.20
C PRO F 86 21.73 50.40 -25.20
N VAL F 87 23.05 50.33 -25.07
CA VAL F 87 23.70 49.30 -24.25
C VAL F 87 24.78 49.94 -23.39
N VAL F 88 24.88 49.47 -22.14
CA VAL F 88 25.93 49.89 -21.21
C VAL F 88 26.68 48.66 -20.75
N VAL F 89 28.01 48.72 -20.76
CA VAL F 89 28.87 47.63 -20.32
C VAL F 89 29.39 47.95 -18.92
N HIS F 90 29.23 47.00 -18.00
CA HIS F 90 29.76 47.12 -16.63
C HIS F 90 30.93 46.16 -16.54
N VAL F 91 32.14 46.70 -16.42
CA VAL F 91 33.33 45.90 -16.18
C VAL F 91 33.59 45.90 -14.69
N VAL F 92 33.72 44.71 -14.11
CA VAL F 92 34.10 44.57 -12.71
C VAL F 92 35.41 43.79 -12.69
N TRP F 93 36.49 44.51 -12.39
CA TRP F 93 37.84 43.96 -12.45
C TRP F 93 38.39 43.87 -11.05
N ASN F 94 38.83 42.66 -10.67
CA ASN F 94 39.63 42.50 -9.48
C ASN F 94 41.06 42.96 -9.71
N GLU F 95 41.52 42.86 -10.96
CA GLU F 95 42.82 43.36 -11.38
C GLU F 95 42.66 44.04 -12.73
N GLU F 96 43.66 44.86 -13.09
CA GLU F 96 43.59 45.61 -14.35
C GLU F 96 43.61 44.69 -15.57
N GLU F 97 44.34 43.57 -15.51
CA GLU F 97 44.33 42.61 -16.61
C GLU F 97 42.93 42.08 -16.86
N GLU F 98 42.16 41.88 -15.78
CA GLU F 98 40.74 41.55 -15.92
C GLU F 98 39.98 42.70 -16.58
N ASN F 99 40.28 43.94 -16.17
CA ASN F 99 39.66 45.09 -16.82
C ASN F 99 40.00 45.09 -18.30
N ILE F 100 38.99 45.11 -19.12
CA ILE F 100 39.15 44.89 -20.56
C ILE F 100 39.39 46.22 -21.23
N SER F 101 40.22 46.19 -22.27
CA SER F 101 40.45 47.38 -23.07
C SER F 101 39.13 47.82 -23.70
N ASP F 102 39.03 49.14 -23.97
CA ASP F 102 37.87 49.64 -24.70
C ASP F 102 37.82 49.06 -26.11
N ALA F 103 38.98 48.96 -26.77
CA ALA F 103 39.06 48.34 -28.08
C ALA F 103 38.50 46.92 -28.05
N GLN F 104 38.74 46.19 -26.95
CA GLN F 104 38.13 44.88 -26.78
C GLN F 104 36.62 44.97 -26.73
N ILE F 105 36.09 45.96 -25.99
CA ILE F 105 34.65 46.11 -25.84
C ILE F 105 34.01 46.34 -27.20
N GLN F 106 34.62 47.18 -28.02
CA GLN F 106 34.06 47.50 -29.33
C GLN F 106 34.02 46.29 -30.25
N SER F 107 35.09 45.47 -30.24
CA SER F 107 35.16 44.31 -31.13
C SER F 107 33.94 43.42 -30.94
N GLN F 108 33.46 43.32 -29.70
CA GLN F 108 32.21 42.61 -29.43
C GLN F 108 31.02 43.38 -30.00
N ILE F 109 30.96 44.69 -29.76
CA ILE F 109 29.83 45.49 -30.21
C ILE F 109 29.65 45.36 -31.71
N ASP F 110 30.76 45.38 -32.44
CA ASP F 110 30.69 45.26 -33.89
C ASP F 110 30.24 43.88 -34.32
N ILE F 111 30.75 42.82 -33.68
CA ILE F 111 30.46 41.48 -34.15
C ILE F 111 28.98 41.14 -33.98
N LEU F 112 28.32 41.75 -32.99
CA LEU F 112 26.88 41.55 -32.82
C LEU F 112 26.09 42.17 -33.96
N ASN F 113 26.43 43.41 -34.33
CA ASN F 113 25.76 44.09 -35.44
C ASN F 113 26.02 43.42 -36.78
N LYS F 114 27.12 42.65 -36.90
CA LYS F 114 27.28 41.75 -38.04
C LYS F 114 26.39 40.53 -37.92
N ASP F 115 26.27 39.93 -36.72
CA ASP F 115 25.58 38.65 -36.56
C ASP F 115 24.07 38.76 -36.71
N PHE F 116 23.49 39.89 -36.33
CA PHE F 116 22.05 40.00 -36.19
C PHE F 116 21.34 40.51 -37.44
N ARG F 117 22.06 41.06 -38.40
CA ARG F 117 21.47 41.55 -39.63
C ARG F 117 21.85 40.68 -40.83
N LYS F 118 22.33 39.45 -40.59
CA LYS F 118 22.86 38.54 -41.61
C LYS F 118 24.13 39.07 -42.27
N LEU F 119 24.93 39.82 -41.52
CA LEU F 119 26.13 40.46 -42.07
C LEU F 119 27.41 39.69 -41.81
N ASN F 120 27.38 38.65 -40.96
CA ASN F 120 28.62 37.98 -40.60
C ASN F 120 29.17 37.19 -41.77
N SER F 121 30.50 37.25 -41.91
CA SER F 121 31.17 36.48 -42.95
C SER F 121 30.82 35.00 -42.83
N ASP F 122 30.55 34.54 -41.60
CA ASP F 122 30.31 33.14 -41.23
C ASP F 122 29.00 32.58 -41.78
N VAL F 123 28.09 33.44 -42.27
CA VAL F 123 26.78 32.98 -42.71
C VAL F 123 26.90 31.97 -43.84
N SER F 124 28.02 32.00 -44.56
CA SER F 124 28.30 31.13 -45.70
C SER F 124 28.58 29.68 -45.28
N GLN F 125 28.61 29.37 -43.99
CA GLN F 125 28.87 28.02 -43.54
C GLN F 125 27.61 27.18 -43.34
N VAL F 126 26.43 27.79 -43.45
CA VAL F 126 25.17 27.05 -43.30
C VAL F 126 25.03 26.09 -44.48
N PRO F 127 24.69 24.83 -44.24
CA PRO F 127 24.38 23.94 -45.35
C PRO F 127 23.23 24.48 -46.20
N SER F 128 23.29 24.14 -47.48
CA SER F 128 22.30 24.64 -48.44
C SER F 128 20.88 24.24 -48.07
N VAL F 129 20.72 23.17 -47.28
CA VAL F 129 19.40 22.73 -46.84
C VAL F 129 18.66 23.86 -46.14
N TRP F 130 19.39 24.77 -45.51
CA TRP F 130 18.80 25.83 -44.69
C TRP F 130 19.23 27.21 -45.15
N SER F 131 19.72 27.34 -46.39
CA SER F 131 20.14 28.65 -46.87
C SER F 131 18.97 29.62 -46.91
N ASN F 132 17.77 29.15 -47.29
CA ASN F 132 16.60 30.03 -47.35
C ASN F 132 15.91 30.17 -46.00
N LEU F 133 16.42 29.53 -44.95
CA LEU F 133 15.86 29.67 -43.62
C LEU F 133 16.67 30.61 -42.73
N ILE F 134 17.88 30.99 -43.14
CA ILE F 134 18.66 31.96 -42.39
C ILE F 134 17.88 33.26 -42.28
N ALA F 135 18.13 34.01 -41.21
CA ALA F 135 17.31 35.19 -40.94
C ALA F 135 18.15 36.37 -40.53
N ASP F 136 17.59 37.55 -40.78
CA ASP F 136 18.14 38.82 -40.33
C ASP F 136 17.20 39.32 -39.24
N LEU F 137 17.72 39.39 -38.03
CA LEU F 137 16.86 39.81 -36.93
C LEU F 137 16.37 41.22 -37.13
N GLY F 138 16.99 41.96 -38.03
CA GLY F 138 16.68 43.35 -38.17
C GLY F 138 16.95 44.07 -36.87
N ILE F 139 18.11 43.82 -36.25
CA ILE F 139 18.46 44.46 -34.99
C ILE F 139 19.97 44.74 -34.94
N GLU F 140 20.32 45.98 -34.58
CA GLU F 140 21.66 46.42 -34.21
C GLU F 140 21.55 47.13 -32.85
N PHE F 141 22.70 47.45 -32.23
CA PHE F 141 22.70 48.18 -30.95
C PHE F 141 23.97 49.01 -30.80
N PHE F 142 23.91 49.96 -29.87
CA PHE F 142 24.96 50.96 -29.71
C PHE F 142 25.21 51.24 -28.23
N LEU F 143 26.36 51.88 -27.97
CA LEU F 143 26.76 52.28 -26.62
C LEU F 143 26.26 53.70 -26.37
N ALA F 144 25.27 53.83 -25.49
CA ALA F 144 24.47 55.05 -25.43
C ALA F 144 25.33 56.28 -25.21
N THR F 145 25.03 57.33 -25.98
CA THR F 145 25.66 58.63 -25.77
C THR F 145 25.35 59.16 -24.37
N LYS F 146 24.28 58.67 -23.74
CA LYS F 146 23.75 59.23 -22.50
C LYS F 146 23.54 58.14 -21.46
N ASP F 147 23.90 58.44 -20.22
CA ASP F 147 23.61 57.57 -19.08
C ASP F 147 22.19 57.83 -18.61
N PRO F 148 21.64 56.96 -17.76
CA PRO F 148 20.21 57.08 -17.43
C PRO F 148 19.84 58.40 -16.78
N ASN F 149 20.79 59.10 -16.18
CA ASN F 149 20.48 60.40 -15.58
C ASN F 149 20.52 61.54 -16.59
N GLY F 150 21.09 61.32 -17.79
CA GLY F 150 21.04 62.28 -18.89
C GLY F 150 22.40 62.71 -19.40
N ASN F 151 23.40 62.71 -18.53
CA ASN F 151 24.72 63.20 -18.91
C ASN F 151 25.35 62.30 -19.97
N GLN F 152 26.24 62.90 -20.77
CA GLN F 152 26.90 62.16 -21.82
C GLN F 152 27.81 61.10 -21.21
N THR F 153 27.67 59.87 -21.68
CA THR F 153 28.39 58.74 -21.10
C THR F 153 29.00 57.88 -22.19
N THR F 154 30.13 57.27 -21.86
CA THR F 154 30.83 56.40 -22.81
C THR F 154 29.96 55.20 -23.17
N GLY F 155 29.42 54.54 -22.16
CA GLY F 155 28.81 53.24 -22.31
C GLY F 155 29.57 52.11 -21.63
N ILE F 156 30.63 52.43 -20.89
CA ILE F 156 31.44 51.42 -20.20
C ILE F 156 31.74 51.92 -18.79
N THR F 157 31.11 51.31 -17.78
CA THR F 157 31.44 51.58 -16.38
C THR F 157 32.44 50.54 -15.91
N ARG F 158 33.53 51.01 -15.30
CA ARG F 158 34.57 50.15 -14.76
C ARG F 158 34.52 50.24 -13.23
N THR F 159 34.34 49.10 -12.56
CA THR F 159 34.25 49.04 -11.11
C THR F 159 35.30 48.08 -10.57
N GLN F 160 36.17 48.59 -9.69
CA GLN F 160 37.10 47.73 -8.97
C GLN F 160 36.33 46.93 -7.92
N THR F 161 36.52 45.60 -7.91
CA THR F 161 35.85 44.73 -6.97
C THR F 161 36.88 43.92 -6.17
N SER F 162 36.59 43.71 -4.89
CA SER F 162 37.41 42.81 -4.08
C SER F 162 37.11 41.34 -4.33
N VAL F 163 35.92 41.00 -4.84
CA VAL F 163 35.58 39.60 -5.07
C VAL F 163 36.36 39.06 -6.27
N THR F 164 36.48 37.74 -6.32
CA THR F 164 37.20 37.05 -7.37
C THR F 164 36.31 36.21 -8.26
N PHE F 165 35.33 35.53 -7.68
CA PHE F 165 34.43 34.62 -8.37
C PHE F 165 33.05 35.25 -8.47
N PHE F 166 32.26 34.78 -9.44
CA PHE F 166 30.87 35.20 -9.58
C PHE F 166 30.03 34.03 -10.07
N THR F 167 28.76 34.02 -9.66
CA THR F 167 27.89 32.85 -9.67
C THR F 167 26.65 33.09 -10.52
N THR F 168 25.84 32.04 -10.63
CA THR F 168 24.48 32.18 -11.09
C THR F 168 23.57 32.81 -10.06
N SER F 169 24.14 33.23 -8.92
CA SER F 169 23.42 34.01 -7.93
C SER F 169 23.16 35.43 -8.39
N ASP F 170 23.75 35.84 -9.51
CA ASP F 170 23.63 37.17 -10.11
C ASP F 170 24.15 38.27 -9.18
N GLU F 171 24.93 37.90 -8.16
CA GLU F 171 25.47 38.86 -7.20
C GLU F 171 26.39 39.89 -7.84
N VAL F 172 26.99 39.57 -8.99
CA VAL F 172 27.83 40.55 -9.68
C VAL F 172 26.99 41.71 -10.21
N LYS F 173 25.69 41.49 -10.45
CA LYS F 173 24.84 42.56 -10.96
C LYS F 173 24.70 43.69 -9.94
N PHE F 174 24.50 43.35 -8.68
CA PHE F 174 24.15 44.35 -7.68
C PHE F 174 25.42 44.99 -7.11
N ALA F 175 25.26 46.23 -6.61
CA ALA F 175 26.39 47.01 -6.15
C ALA F 175 26.98 46.49 -4.84
N SER F 176 26.11 46.02 -3.94
CA SER F 176 26.53 45.52 -2.63
C SER F 176 27.50 44.35 -2.73
N SER F 177 27.49 43.64 -3.84
CA SER F 177 28.32 42.47 -4.06
C SER F 177 29.39 42.75 -5.13
N GLY F 178 29.97 43.94 -5.07
CA GLY F 178 31.09 44.26 -5.93
C GLY F 178 30.72 44.12 -7.39
N GLY F 179 29.66 44.80 -7.80
CA GLY F 179 29.27 44.81 -9.19
C GLY F 179 28.34 45.95 -9.52
N GLU F 180 28.64 46.70 -10.58
CA GLU F 180 27.96 47.98 -10.79
C GLU F 180 26.45 47.79 -10.86
N ASP F 181 25.73 48.70 -10.22
CA ASP F 181 24.27 48.71 -10.26
C ASP F 181 23.77 48.70 -11.69
N ALA F 182 22.77 47.86 -11.96
CA ALA F 182 22.20 47.78 -13.30
C ALA F 182 21.49 49.08 -13.67
N TRP F 183 21.75 49.56 -14.89
CA TRP F 183 21.01 50.71 -15.41
C TRP F 183 19.58 50.28 -15.76
N PRO F 184 18.63 51.23 -15.78
CA PRO F 184 17.22 50.85 -15.93
C PRO F 184 16.98 50.01 -17.18
N ALA F 185 16.11 49.01 -17.03
CA ALA F 185 15.97 47.96 -18.04
C ALA F 185 15.27 48.44 -19.29
N ASP F 186 14.34 49.40 -19.18
CA ASP F 186 13.62 49.88 -20.36
C ASP F 186 14.48 50.81 -21.19
N ARG F 187 15.33 51.63 -20.57
CA ARG F 187 16.17 52.56 -21.34
C ARG F 187 17.37 51.85 -21.98
N TYR F 188 18.07 50.97 -21.23
CA TYR F 188 19.29 50.34 -21.71
C TYR F 188 19.22 48.84 -21.52
N LEU F 189 20.10 48.15 -22.24
CA LEU F 189 20.31 46.73 -22.04
C LEU F 189 21.64 46.54 -21.32
N ASN F 190 21.57 46.00 -20.09
CA ASN F 190 22.73 45.98 -19.20
C ASN F 190 23.65 44.80 -19.49
N ILE F 191 24.94 45.05 -19.30
CA ILE F 191 26.01 44.10 -19.59
C ILE F 191 26.94 44.05 -18.38
N TRP F 192 27.35 42.84 -18.01
CA TRP F 192 28.36 42.64 -16.98
C TRP F 192 29.46 41.78 -17.57
N VAL F 193 30.70 42.25 -17.47
CA VAL F 193 31.88 41.52 -17.93
C VAL F 193 32.86 41.40 -16.78
N CYS F 194 33.14 40.18 -16.35
CA CYS F 194 34.07 39.93 -15.27
C CYS F 194 34.96 38.77 -15.64
N HIS F 195 35.92 38.48 -14.76
CA HIS F 195 36.99 37.55 -15.08
C HIS F 195 36.62 36.10 -14.80
N VAL F 196 35.84 35.82 -13.76
CA VAL F 196 35.55 34.45 -13.35
C VAL F 196 34.05 34.27 -13.17
N LEU F 197 33.47 33.31 -13.89
CA LEU F 197 32.05 33.00 -13.80
C LEU F 197 31.87 31.51 -13.55
N LYS F 198 31.09 31.18 -12.52
CA LYS F 198 30.90 29.81 -12.06
C LYS F 198 29.43 29.53 -11.83
N SER F 199 29.08 28.25 -11.90
CA SER F 199 27.72 27.79 -11.67
C SER F 199 27.55 27.37 -10.21
N GLU F 200 26.29 27.14 -9.81
CA GLU F 200 26.04 26.55 -8.50
C GLU F 200 26.54 25.12 -8.43
N ILE F 201 26.44 24.37 -9.53
CA ILE F 201 27.11 23.08 -9.65
C ILE F 201 28.61 23.26 -9.51
N GLY F 202 29.11 24.46 -9.80
CA GLY F 202 30.52 24.76 -9.77
C GLY F 202 31.17 24.84 -11.12
N GLN F 203 30.60 24.16 -12.12
CA GLN F 203 31.20 24.14 -13.45
C GLN F 203 31.34 25.56 -13.97
N ASP F 204 32.55 25.89 -14.43
CA ASP F 204 32.84 27.25 -14.86
C ASP F 204 32.03 27.59 -16.11
N ILE F 205 31.27 28.67 -16.02
CA ILE F 205 30.42 29.07 -17.12
C ILE F 205 31.11 30.22 -17.85
N LEU F 206 30.73 30.39 -19.12
CA LEU F 206 31.20 31.49 -19.94
C LEU F 206 30.30 32.70 -19.84
N GLY F 207 29.06 32.50 -19.42
CA GLY F 207 28.11 33.58 -19.28
C GLY F 207 26.74 33.02 -19.02
N TYR F 208 25.81 33.92 -18.72
CA TYR F 208 24.39 33.58 -18.55
C TYR F 208 23.55 34.70 -19.19
N ALA F 209 22.28 34.72 -18.82
CA ALA F 209 21.34 35.72 -19.30
C ALA F 209 20.07 35.62 -18.46
N GLN F 210 19.38 36.72 -18.30
CA GLN F 210 18.12 36.71 -17.57
C GLN F 210 16.98 36.86 -18.57
N PHE F 211 15.95 36.03 -18.45
CA PHE F 211 14.92 36.03 -19.46
C PHE F 211 14.04 37.28 -19.37
N PRO F 212 13.39 37.63 -20.47
CA PRO F 212 12.62 38.88 -20.50
C PRO F 212 11.40 38.81 -19.59
N GLY F 213 10.94 40.00 -19.22
CA GLY F 213 9.93 40.14 -18.19
C GLY F 213 10.46 39.87 -16.82
N GLY F 214 11.76 39.63 -16.69
CA GLY F 214 12.36 39.36 -15.41
C GLY F 214 12.45 40.63 -14.58
N PRO F 215 12.71 40.44 -13.29
CA PRO F 215 12.84 41.61 -12.40
C PRO F 215 13.94 42.54 -12.87
N ALA F 216 13.69 43.84 -12.67
CA ALA F 216 14.42 44.87 -13.41
C ALA F 216 15.93 44.78 -13.16
N GLU F 217 16.33 44.70 -11.91
CA GLU F 217 17.73 44.88 -11.58
C GLU F 217 18.62 43.77 -12.10
N THR F 218 18.04 42.68 -12.61
CA THR F 218 18.79 41.62 -13.27
C THR F 218 18.52 41.57 -14.77
N ASP F 219 17.76 42.53 -15.31
CA ASP F 219 17.32 42.49 -16.70
C ASP F 219 18.45 42.81 -17.66
N GLY F 220 19.39 41.87 -17.75
CA GLY F 220 20.55 42.02 -18.60
C GLY F 220 21.22 40.68 -18.74
N VAL F 221 22.46 40.74 -19.20
CA VAL F 221 23.23 39.53 -19.50
C VAL F 221 24.64 39.73 -18.97
N VAL F 222 25.30 38.62 -18.65
CA VAL F 222 26.67 38.64 -18.16
C VAL F 222 27.50 37.67 -18.99
N ILE F 223 28.66 38.11 -19.45
CA ILE F 223 29.60 37.28 -20.20
C ILE F 223 30.97 37.46 -19.56
N VAL F 224 31.70 36.35 -19.41
CA VAL F 224 33.04 36.44 -18.85
C VAL F 224 33.91 37.26 -19.78
N ASP F 225 35.03 37.72 -19.25
CA ASP F 225 35.88 38.60 -20.04
C ASP F 225 36.56 37.87 -21.19
N ALA F 226 36.81 36.57 -21.06
CA ALA F 226 37.55 35.89 -22.12
C ALA F 226 36.67 35.44 -23.27
N ALA F 227 35.37 35.72 -23.20
CA ALA F 227 34.43 35.44 -24.30
C ALA F 227 33.93 36.71 -24.96
N PHE F 228 34.39 37.87 -24.50
CA PHE F 228 33.81 39.17 -24.83
C PHE F 228 34.71 39.85 -25.86
N GLY F 229 34.33 39.78 -27.12
CA GLY F 229 35.05 40.51 -28.14
C GLY F 229 36.08 39.67 -28.87
N THR F 230 36.87 40.37 -29.70
CA THR F 230 37.77 39.74 -30.65
C THR F 230 39.24 40.08 -30.41
N THR F 231 39.57 40.68 -29.27
CA THR F 231 40.95 41.05 -28.99
C THR F 231 41.09 41.28 -27.49
N GLY F 232 42.28 41.73 -27.08
CA GLY F 232 42.53 41.94 -25.66
C GLY F 232 42.46 40.63 -24.90
N THR F 233 41.71 40.62 -23.80
CA THR F 233 41.60 39.44 -22.95
C THR F 233 40.70 38.36 -23.56
N ALA F 234 40.11 38.63 -24.73
CA ALA F 234 39.28 37.64 -25.41
C ALA F 234 40.13 36.50 -25.93
N LEU F 235 39.67 35.27 -25.71
CA LEU F 235 40.41 34.08 -26.05
C LEU F 235 39.53 33.06 -26.77
N PRO F 236 40.11 32.29 -27.70
CA PRO F 236 39.31 31.35 -28.50
C PRO F 236 39.09 30.05 -27.73
N PRO F 237 38.05 29.28 -28.09
CA PRO F 237 37.10 29.46 -29.20
C PRO F 237 35.95 30.39 -28.84
N PHE F 238 36.24 31.52 -28.17
CA PHE F 238 35.27 32.58 -27.95
C PHE F 238 35.85 33.93 -28.36
N ASP F 239 36.84 33.90 -29.26
CA ASP F 239 37.42 35.12 -29.80
C ASP F 239 36.48 35.79 -30.81
N LYS F 240 35.63 35.01 -31.49
CA LYS F 240 34.66 35.62 -32.38
C LYS F 240 33.60 36.42 -31.63
N GLY F 241 33.53 36.27 -30.31
CA GLY F 241 32.58 37.03 -29.53
C GLY F 241 31.14 36.59 -29.68
N ARG F 242 30.89 35.49 -30.39
CA ARG F 242 29.55 34.93 -30.50
C ARG F 242 29.01 34.44 -29.17
N THR F 243 29.88 34.28 -28.16
CA THR F 243 29.44 33.84 -26.84
C THR F 243 28.43 34.81 -26.25
N ALA F 244 28.69 36.10 -26.39
CA ALA F 244 27.70 37.10 -26.02
C ALA F 244 26.46 37.02 -26.91
N THR F 245 26.65 36.83 -28.21
CA THR F 245 25.52 36.67 -29.13
C THR F 245 24.52 35.63 -28.61
N HIS F 246 25.04 34.50 -28.14
CA HIS F 246 24.22 33.38 -27.69
C HIS F 246 23.36 33.77 -26.50
N ALA F 247 24.01 34.12 -25.37
CA ALA F 247 23.28 34.54 -24.19
C ALA F 247 22.49 35.83 -24.43
N ILE F 248 22.75 36.56 -25.52
CA ILE F 248 21.85 37.63 -25.89
C ILE F 248 20.50 37.07 -26.27
N GLY F 249 20.49 35.96 -27.00
CA GLY F 249 19.25 35.40 -27.50
C GLY F 249 18.28 35.03 -26.39
N HIS F 250 18.81 34.64 -25.24
CA HIS F 250 17.96 34.50 -24.06
C HIS F 250 17.36 35.84 -23.63
N TRP F 251 18.01 36.98 -23.98
CA TRP F 251 17.42 38.28 -23.68
C TRP F 251 16.36 38.65 -24.70
N LEU F 252 16.39 37.99 -25.84
CA LEU F 252 15.30 38.03 -26.80
C LEU F 252 14.33 36.88 -26.59
N ASN F 253 14.47 36.14 -25.48
CA ASN F 253 13.55 35.06 -25.12
C ASN F 253 13.66 33.89 -26.08
N LEU F 254 14.89 33.50 -26.39
CA LEU F 254 15.17 32.33 -27.20
C LEU F 254 15.63 31.18 -26.31
N TYR F 255 14.90 30.06 -26.38
CA TYR F 255 15.36 28.87 -25.69
C TYR F 255 16.48 28.23 -26.49
N HIS F 256 17.39 27.56 -25.76
CA HIS F 256 18.34 26.64 -26.38
C HIS F 256 17.59 25.71 -27.33
N ILE F 257 18.30 25.24 -28.37
CA ILE F 257 17.64 24.42 -29.39
C ILE F 257 17.07 23.14 -28.78
N TRP F 258 17.68 22.65 -27.71
CA TRP F 258 17.34 21.33 -27.22
C TRP F 258 16.17 21.33 -26.24
N GLY F 259 15.59 22.50 -25.94
CA GLY F 259 14.64 22.62 -24.84
C GLY F 259 15.39 23.16 -23.64
N ASP F 260 15.37 22.45 -22.52
CA ASP F 260 16.44 22.65 -21.55
C ASP F 260 16.57 21.46 -20.61
N GLU F 261 17.72 21.40 -19.94
CA GLU F 261 17.97 20.44 -18.87
C GLU F 261 17.43 20.91 -17.52
N LEU F 262 17.06 22.19 -17.38
CA LEU F 262 16.15 22.58 -16.30
C LEU F 262 14.87 21.77 -16.40
N ARG F 263 14.41 21.54 -17.62
CA ARG F 263 13.12 20.91 -17.84
C ARG F 263 13.21 19.41 -17.54
N PHE F 264 12.35 18.93 -16.67
CA PHE F 264 12.26 17.50 -16.41
C PHE F 264 11.40 16.89 -17.49
N GLU F 265 12.02 16.15 -18.41
CA GLU F 265 11.28 15.45 -19.45
C GLU F 265 12.19 14.43 -20.10
N ASP F 266 11.59 13.53 -20.87
CA ASP F 266 12.35 12.77 -21.84
C ASP F 266 12.89 13.74 -22.88
N PRO F 267 14.17 13.60 -23.28
CA PRO F 267 14.88 14.73 -23.90
C PRO F 267 14.27 15.21 -25.21
N CYS F 268 13.45 14.38 -25.85
CA CYS F 268 12.82 14.76 -27.12
C CYS F 268 11.63 15.68 -26.93
N SER F 269 10.99 15.63 -25.77
CA SER F 269 9.78 16.42 -25.57
C SER F 269 10.07 17.79 -24.97
N ARG F 270 11.34 18.19 -24.88
CA ARG F 270 11.72 19.56 -24.57
C ARG F 270 12.12 20.25 -25.87
N SER F 271 11.54 21.42 -26.11
CA SER F 271 11.69 22.11 -27.39
C SER F 271 11.89 23.60 -27.16
N ASP F 272 12.52 24.25 -28.16
CA ASP F 272 12.79 25.69 -28.14
C ASP F 272 11.60 26.52 -28.62
N GLU F 273 10.48 25.86 -28.91
CA GLU F 273 9.26 26.50 -29.39
C GLU F 273 9.52 27.32 -30.66
N VAL F 274 10.41 26.78 -31.50
CA VAL F 274 10.72 27.33 -32.80
C VAL F 274 10.54 26.20 -33.81
N ASP F 275 9.59 26.38 -34.72
CA ASP F 275 9.22 25.26 -35.57
C ASP F 275 10.33 24.91 -36.56
N ASP F 276 11.07 25.89 -37.06
CA ASP F 276 11.99 25.61 -38.16
C ASP F 276 13.37 25.15 -37.70
N THR F 277 13.62 25.03 -36.39
CA THR F 277 14.89 24.41 -36.00
C THR F 277 14.66 22.93 -35.64
N PRO F 278 15.46 21.99 -36.15
CA PRO F 278 15.16 20.57 -35.95
C PRO F 278 15.29 20.25 -34.47
N ASN F 279 14.21 19.75 -33.87
CA ASN F 279 14.16 19.60 -32.41
C ASN F 279 15.18 18.55 -31.99
N GLN F 280 16.32 19.01 -31.50
CA GLN F 280 17.37 18.18 -30.94
C GLN F 280 17.20 18.13 -29.43
N ALA F 281 17.97 17.26 -28.80
CA ALA F 281 17.96 17.15 -27.36
C ALA F 281 19.34 17.26 -26.72
N ASP F 282 20.41 17.14 -27.50
CA ASP F 282 21.77 17.18 -26.97
C ASP F 282 22.54 18.35 -27.56
N PRO F 283 23.01 19.28 -26.74
CA PRO F 283 23.93 20.30 -27.25
C PRO F 283 25.20 19.69 -27.82
N ASN F 284 25.66 20.26 -28.93
CA ASN F 284 26.96 19.93 -29.52
C ASN F 284 27.93 21.04 -29.18
N PHE F 285 29.10 20.69 -28.65
CA PHE F 285 30.15 21.67 -28.42
C PHE F 285 31.26 21.48 -29.45
N GLY F 286 32.25 22.38 -29.38
CA GLY F 286 33.34 22.33 -30.33
C GLY F 286 32.83 22.71 -31.71
N CYS F 287 33.33 22.00 -32.71
CA CYS F 287 32.80 22.17 -34.03
C CYS F 287 32.39 20.81 -34.58
N PRO F 288 31.18 20.69 -35.08
CA PRO F 288 30.68 19.37 -35.49
C PRO F 288 30.85 19.10 -36.97
N SER F 289 30.68 17.83 -37.35
CA SER F 289 30.65 17.40 -38.74
C SER F 289 29.20 17.17 -39.16
N TYR F 290 28.80 17.78 -40.27
CA TYR F 290 27.42 17.65 -40.73
C TYR F 290 27.16 16.23 -41.21
N PRO F 291 26.03 15.60 -40.82
CA PRO F 291 25.02 16.07 -39.85
C PRO F 291 25.07 15.36 -38.50
N HIS F 292 24.64 16.04 -37.44
CA HIS F 292 24.49 15.44 -36.12
C HIS F 292 23.01 15.20 -35.88
N VAL F 293 22.64 13.95 -35.70
CA VAL F 293 21.25 13.53 -35.77
C VAL F 293 20.76 13.32 -34.35
N SER F 294 19.92 14.24 -33.83
CA SER F 294 19.40 14.16 -32.46
C SER F 294 17.88 14.19 -32.48
N CYS F 295 17.25 13.18 -31.86
CA CYS F 295 15.81 12.97 -31.93
C CYS F 295 15.34 12.92 -33.39
N SER F 296 15.89 11.95 -34.11
CA SER F 296 15.72 11.83 -35.56
C SER F 296 16.17 13.14 -36.19
N ASN F 297 15.32 13.85 -36.93
CA ASN F 297 15.61 15.03 -37.76
C ASN F 297 16.65 14.78 -38.84
N GLY F 298 16.95 13.51 -39.13
CA GLY F 298 17.86 13.15 -40.19
C GLY F 298 17.18 13.21 -41.55
N PRO F 299 17.98 13.35 -42.59
CA PRO F 299 19.43 13.58 -42.53
C PRO F 299 19.74 15.07 -42.37
N ASN F 300 18.72 15.90 -42.10
CA ASN F 300 18.95 17.33 -41.90
C ASN F 300 19.94 17.59 -40.79
N GLY F 301 19.97 16.74 -39.78
CA GLY F 301 20.91 16.94 -38.70
C GLY F 301 20.56 18.11 -37.81
N ASP F 302 21.31 18.27 -36.73
CA ASP F 302 21.06 19.36 -35.80
C ASP F 302 21.45 20.67 -36.44
N MET F 303 20.97 21.77 -35.86
CA MET F 303 21.32 23.10 -36.35
C MET F 303 22.46 23.68 -35.52
N PHE F 304 23.63 23.03 -35.63
CA PHE F 304 24.77 23.48 -34.83
C PHE F 304 25.24 24.85 -35.24
N MET F 305 24.96 25.24 -36.48
CA MET F 305 25.25 26.58 -36.94
C MET F 305 24.47 27.63 -36.15
N ASN F 306 23.42 27.20 -35.44
CA ASN F 306 22.62 28.13 -34.66
C ASN F 306 23.38 28.60 -33.42
N TYR F 307 23.28 29.91 -33.14
CA TYR F 307 23.96 30.51 -31.99
C TYR F 307 23.46 29.96 -30.66
N MET F 308 22.29 29.32 -30.65
CA MET F 308 21.77 28.77 -29.42
C MET F 308 22.27 27.37 -29.13
N ASP F 309 23.11 26.82 -30.01
CA ASP F 309 23.83 25.60 -29.65
C ASP F 309 25.15 25.96 -28.99
N TYR F 310 25.75 24.96 -28.36
CA TYR F 310 26.95 25.18 -27.56
C TYR F 310 28.25 25.06 -28.36
N VAL F 311 28.18 25.16 -29.69
CA VAL F 311 29.35 24.99 -30.54
C VAL F 311 30.34 26.12 -30.28
N ASP F 312 31.55 25.96 -30.82
CA ASP F 312 32.53 27.03 -30.79
C ASP F 312 32.02 28.25 -31.58
N ASP F 313 32.75 29.36 -31.45
CA ASP F 313 32.29 30.64 -31.97
C ASP F 313 32.28 30.66 -33.49
N LYS F 314 33.28 30.05 -34.13
CA LYS F 314 33.38 30.09 -35.58
C LYS F 314 32.41 29.14 -36.29
N CYS F 315 31.63 28.36 -35.54
CA CYS F 315 30.66 27.44 -36.13
C CYS F 315 29.21 27.79 -35.85
N MET F 316 28.94 28.55 -34.79
CA MET F 316 27.62 29.16 -34.60
C MET F 316 27.59 30.47 -35.38
N VAL F 317 26.76 30.53 -36.42
CA VAL F 317 26.82 31.63 -37.37
C VAL F 317 25.51 32.35 -37.58
N MET F 318 24.35 31.79 -37.21
CA MET F 318 23.12 32.32 -37.76
C MET F 318 21.97 32.22 -36.78
N PHE F 319 20.85 32.83 -37.19
CA PHE F 319 19.59 32.76 -36.49
C PHE F 319 18.51 32.37 -37.49
N THR F 320 17.49 31.67 -37.02
CA THR F 320 16.44 31.16 -37.89
C THR F 320 15.30 32.16 -38.02
N GLN F 321 14.57 32.04 -39.13
CA GLN F 321 13.41 32.88 -39.32
C GLN F 321 12.44 32.74 -38.18
N GLY F 322 12.17 31.49 -37.77
CA GLY F 322 11.27 31.27 -36.66
C GLY F 322 11.75 31.94 -35.40
N GLN F 323 13.04 31.83 -35.09
CA GLN F 323 13.58 32.45 -33.89
C GLN F 323 13.36 33.96 -33.92
N ALA F 324 13.67 34.59 -35.05
CA ALA F 324 13.43 36.01 -35.19
C ALA F 324 11.99 36.36 -34.86
N THR F 325 11.05 35.61 -35.44
CA THR F 325 9.63 35.83 -35.17
C THR F 325 9.35 35.77 -33.67
N ARG F 326 10.04 34.88 -32.95
CA ARG F 326 9.95 34.87 -31.50
C ARG F 326 10.54 36.14 -30.91
N VAL F 327 11.67 36.60 -31.46
CA VAL F 327 12.23 37.86 -30.97
C VAL F 327 11.21 38.96 -31.14
N ASN F 328 10.58 39.01 -32.32
CA ASN F 328 9.56 40.02 -32.61
C ASN F 328 8.53 40.06 -31.50
N ALA F 329 8.08 38.89 -31.05
CA ALA F 329 7.10 38.83 -29.97
C ALA F 329 7.67 39.33 -28.65
N CYS F 330 8.96 39.10 -28.40
CA CYS F 330 9.56 39.67 -27.20
C CYS F 330 9.62 41.19 -27.27
N LEU F 331 9.78 41.75 -28.47
CA LEU F 331 9.95 43.19 -28.59
C LEU F 331 8.63 43.93 -28.43
N ASP F 332 7.56 43.37 -28.98
CA ASP F 332 6.29 44.10 -29.03
C ASP F 332 5.67 44.24 -27.64
N GLY F 333 5.57 43.14 -26.88
CA GLY F 333 4.88 43.15 -25.61
C GLY F 333 5.76 43.34 -24.38
N PRO F 334 6.76 42.47 -24.19
CA PRO F 334 7.66 42.63 -23.04
C PRO F 334 8.54 43.86 -23.13
N ARG F 335 9.15 44.08 -24.29
CA ARG F 335 10.15 45.13 -24.49
C ARG F 335 9.62 46.32 -25.28
N SER F 336 8.31 46.56 -25.24
CA SER F 336 7.70 47.66 -25.98
C SER F 336 8.38 48.99 -25.74
N SER F 337 9.11 49.10 -24.63
CA SER F 337 9.79 50.36 -24.30
C SER F 337 10.80 50.75 -25.36
N PHE F 338 11.62 49.80 -25.82
CA PHE F 338 12.76 50.13 -26.66
C PHE F 338 12.35 50.55 -28.06
N LEU F 339 11.23 50.04 -28.57
CA LEU F 339 10.80 50.38 -29.91
C LEU F 339 10.42 51.85 -30.03
N ALA F 340 9.81 52.41 -28.97
CA ALA F 340 9.22 53.75 -29.01
C ALA F 340 10.25 54.88 -28.98
N ARG F 341 11.52 54.57 -28.73
CA ARG F 341 12.56 55.59 -28.51
C ARG F 341 12.70 56.61 -29.65
N PRO G 36 -28.22 -11.85 -21.11
CA PRO G 36 -26.87 -11.34 -20.85
C PRO G 36 -26.73 -10.52 -19.54
N THR G 37 -27.07 -11.10 -18.38
CA THR G 37 -26.97 -10.39 -17.10
C THR G 37 -25.54 -10.52 -16.59
N GLN G 38 -24.82 -9.40 -16.55
CA GLN G 38 -23.44 -9.33 -16.13
C GLN G 38 -23.37 -8.72 -14.73
N ARG G 39 -22.34 -9.10 -13.97
CA ARG G 39 -22.15 -8.49 -12.67
C ARG G 39 -21.58 -7.07 -12.83
N ARG G 40 -22.22 -6.10 -12.19
CA ARG G 40 -21.79 -4.70 -12.27
C ARG G 40 -22.00 -4.03 -10.93
N CYS G 41 -20.90 -3.60 -10.31
CA CYS G 41 -20.89 -3.06 -8.95
C CYS G 41 -20.67 -1.56 -9.02
N GLY G 42 -21.66 -0.80 -8.60
CA GLY G 42 -21.53 0.64 -8.62
C GLY G 42 -20.75 1.24 -7.48
N ALA G 43 -20.31 0.42 -6.52
CA ALA G 43 -19.71 0.97 -5.31
C ALA G 43 -18.54 1.88 -5.63
N MET G 44 -17.84 1.58 -6.70
CA MET G 44 -16.76 2.44 -7.10
C MET G 44 -17.26 3.70 -7.79
N GLU G 45 -18.38 3.62 -8.48
CA GLU G 45 -18.99 4.83 -9.02
C GLU G 45 -19.34 5.80 -7.88
N VAL G 46 -19.77 5.25 -6.74
CA VAL G 46 -19.97 6.07 -5.56
C VAL G 46 -18.66 6.71 -5.14
N HIS G 47 -17.55 6.01 -5.32
CA HIS G 47 -16.31 6.42 -4.69
C HIS G 47 -15.76 7.73 -5.26
N HIS G 48 -15.79 7.92 -6.58
CA HIS G 48 -15.44 9.23 -7.11
C HIS G 48 -16.34 10.30 -6.50
N ARG G 49 -17.65 10.11 -6.59
CA ARG G 49 -18.57 11.12 -6.08
C ARG G 49 -18.40 11.32 -4.59
N LEU G 50 -17.83 10.34 -3.87
CA LEU G 50 -17.54 10.49 -2.46
C LEU G 50 -16.45 11.52 -2.21
N LEU G 51 -15.49 11.63 -3.12
CA LEU G 51 -14.30 12.43 -2.86
C LEU G 51 -14.66 13.90 -2.66
N ARG G 52 -15.64 14.40 -3.43
CA ARG G 52 -15.73 15.82 -3.69
C ARG G 52 -15.88 16.66 -2.41
N SER G 53 -16.72 16.21 -1.45
CA SER G 53 -16.99 17.06 -0.27
C SER G 53 -15.79 17.20 0.64
N ALA G 54 -14.78 16.34 0.47
CA ALA G 54 -13.49 16.43 1.11
C ALA G 54 -13.62 16.20 2.59
N SER G 55 -14.86 16.18 3.07
CA SER G 55 -15.11 15.70 4.42
C SER G 55 -14.82 14.21 4.48
N TYR G 56 -15.23 13.51 3.42
CA TYR G 56 -14.89 12.11 3.19
C TYR G 56 -13.41 11.93 2.89
N VAL G 57 -12.75 12.98 2.40
CA VAL G 57 -11.33 12.88 2.08
C VAL G 57 -10.50 12.83 3.36
N ARG G 58 -10.84 13.65 4.36
CA ARG G 58 -10.09 13.61 5.61
C ARG G 58 -10.12 12.20 6.19
N GLU G 59 -11.32 11.64 6.34
CA GLU G 59 -11.45 10.32 6.96
C GLU G 59 -10.74 9.25 6.15
N ARG G 60 -10.87 9.31 4.82
CA ARG G 60 -10.38 8.22 3.98
C ARG G 60 -8.87 8.09 4.04
N ASP G 61 -8.15 9.21 4.18
CA ASP G 61 -6.71 9.12 4.39
C ASP G 61 -6.40 8.45 5.72
N GLN G 62 -7.00 8.94 6.81
CA GLN G 62 -6.77 8.31 8.09
C GLN G 62 -7.09 6.82 8.00
N ILE G 63 -8.15 6.48 7.29
CA ILE G 63 -8.60 5.09 7.22
C ILE G 63 -7.55 4.22 6.53
N GLU G 64 -6.86 4.77 5.54
CA GLU G 64 -5.91 3.94 4.80
C GLU G 64 -4.58 3.78 5.52
N ASN G 65 -4.21 4.72 6.37
CA ASN G 65 -2.93 4.59 7.07
C ASN G 65 -2.93 3.42 8.03
N LEU G 66 -4.05 3.22 8.73
CA LEU G 66 -4.20 2.03 9.54
C LEU G 66 -4.11 0.78 8.67
N ALA G 67 -4.85 0.76 7.55
CA ALA G 67 -4.82 -0.39 6.65
C ALA G 67 -3.48 -0.52 5.95
N LEU G 68 -2.68 0.53 5.94
CA LEU G 68 -1.30 0.42 5.47
C LEU G 68 -0.39 -0.12 6.55
N LYS G 69 -0.38 0.55 7.71
CA LYS G 69 0.47 0.11 8.80
C LYS G 69 0.15 -1.32 9.22
N TYR G 70 -1.13 -1.70 9.18
CA TYR G 70 -1.46 -3.10 9.39
C TYR G 70 -0.80 -3.96 8.32
N LYS G 71 -0.79 -3.48 7.08
CA LYS G 71 -0.29 -4.30 5.98
C LYS G 71 1.19 -4.64 6.16
N GLN G 72 2.01 -3.63 6.49
CA GLN G 72 3.45 -3.88 6.59
C GLN G 72 3.75 -4.83 7.73
N GLY G 73 2.86 -4.88 8.72
CA GLY G 73 2.98 -5.68 9.92
C GLY G 73 3.06 -4.89 11.21
N PHE G 74 3.13 -3.56 11.14
CA PHE G 74 3.58 -2.72 12.25
C PHE G 74 2.85 -3.07 13.54
N ARG G 75 1.53 -2.87 13.55
CA ARG G 75 0.71 -3.19 14.71
C ARG G 75 -0.30 -4.24 14.29
N ALA G 76 -0.29 -5.36 15.00
CA ALA G 76 -1.20 -6.45 14.68
C ALA G 76 -1.75 -7.09 15.94
N ILE G 77 -2.08 -6.25 16.94
CA ILE G 77 -2.81 -6.79 18.08
C ILE G 77 -4.15 -7.26 17.54
N SER G 78 -4.36 -8.57 17.51
CA SER G 78 -5.56 -9.15 16.92
C SER G 78 -6.53 -9.48 18.04
N ARG G 79 -7.78 -9.13 17.82
CA ARG G 79 -8.84 -9.59 18.70
C ARG G 79 -9.01 -11.09 18.51
N MET G 80 -9.16 -11.81 19.61
CA MET G 80 -9.40 -13.24 19.59
C MET G 80 -10.79 -13.54 20.13
N GLU G 81 -11.73 -12.67 19.76
CA GLU G 81 -13.17 -12.86 19.92
C GLU G 81 -13.85 -12.33 18.67
N ILE G 82 -14.71 -13.15 18.06
CA ILE G 82 -15.41 -12.67 16.87
C ILE G 82 -16.44 -11.64 17.31
N VAL G 83 -16.71 -10.67 16.44
CA VAL G 83 -17.66 -9.60 16.73
C VAL G 83 -18.92 -9.87 15.92
N LYS G 84 -20.07 -9.83 16.59
CA LYS G 84 -21.37 -9.93 15.95
C LYS G 84 -22.00 -8.53 15.81
N ILE G 85 -22.56 -8.22 14.64
CA ILE G 85 -22.85 -6.85 14.22
C ILE G 85 -24.32 -6.72 13.90
N PRO G 86 -25.02 -5.75 14.49
CA PRO G 86 -26.45 -5.59 14.23
C PRO G 86 -26.73 -5.01 12.84
N VAL G 87 -27.76 -5.55 12.19
CA VAL G 87 -28.08 -5.23 10.80
C VAL G 87 -29.58 -5.01 10.67
N VAL G 88 -29.97 -4.00 9.89
CA VAL G 88 -31.37 -3.71 9.56
C VAL G 88 -31.50 -3.73 8.04
N VAL G 89 -32.54 -4.40 7.55
CA VAL G 89 -32.82 -4.47 6.12
C VAL G 89 -33.96 -3.51 5.80
N HIS G 90 -33.77 -2.69 4.77
CA HIS G 90 -34.80 -1.78 4.29
C HIS G 90 -35.26 -2.32 2.95
N VAL G 91 -36.49 -2.80 2.89
CA VAL G 91 -37.09 -3.24 1.64
C VAL G 91 -37.91 -2.07 1.11
N VAL G 92 -37.67 -1.67 -0.14
CA VAL G 92 -38.47 -0.65 -0.80
C VAL G 92 -39.10 -1.31 -2.03
N TRP G 93 -40.39 -1.57 -1.94
CA TRP G 93 -41.09 -2.31 -2.97
C TRP G 93 -42.07 -1.39 -3.67
N ASN G 94 -41.95 -1.32 -5.00
CA ASN G 94 -42.98 -0.71 -5.82
C ASN G 94 -44.20 -1.62 -5.97
N GLU G 95 -43.98 -2.94 -5.89
CA GLU G 95 -45.04 -3.94 -5.89
C GLU G 95 -44.69 -5.01 -4.86
N GLU G 96 -45.69 -5.79 -4.47
CA GLU G 96 -45.48 -6.80 -3.44
C GLU G 96 -44.50 -7.90 -3.90
N GLU G 97 -44.55 -8.27 -5.18
CA GLU G 97 -43.60 -9.27 -5.69
C GLU G 97 -42.17 -8.79 -5.49
N GLU G 98 -41.95 -7.47 -5.65
CA GLU G 98 -40.65 -6.88 -5.30
C GLU G 98 -40.37 -7.02 -3.81
N ASN G 99 -41.38 -6.78 -2.97
CA ASN G 99 -41.21 -6.97 -1.54
C ASN G 99 -40.84 -8.42 -1.28
N ILE G 100 -39.74 -8.62 -0.60
CA ILE G 100 -39.16 -9.95 -0.47
C ILE G 100 -39.72 -10.62 0.75
N SER G 101 -39.88 -11.93 0.66
CA SER G 101 -40.32 -12.70 1.82
C SER G 101 -39.28 -12.57 2.93
N ASP G 102 -39.74 -12.71 4.17
CA ASP G 102 -38.80 -12.73 5.29
C ASP G 102 -37.89 -13.95 5.20
N ALA G 103 -38.44 -15.11 4.82
CA ALA G 103 -37.61 -16.30 4.62
C ALA G 103 -36.48 -16.04 3.62
N GLN G 104 -36.76 -15.25 2.58
CA GLN G 104 -35.73 -14.83 1.65
C GLN G 104 -34.65 -14.04 2.36
N ILE G 105 -35.06 -13.08 3.21
CA ILE G 105 -34.10 -12.22 3.89
C ILE G 105 -33.16 -13.06 4.74
N GLN G 106 -33.70 -14.07 5.44
CA GLN G 106 -32.88 -14.89 6.33
C GLN G 106 -31.87 -15.72 5.56
N SER G 107 -32.27 -16.27 4.41
CA SER G 107 -31.37 -17.10 3.62
C SER G 107 -30.08 -16.36 3.30
N GLN G 108 -30.19 -15.06 3.03
CA GLN G 108 -29.00 -14.22 2.86
C GLN G 108 -28.23 -14.08 4.17
N ILE G 109 -28.95 -13.79 5.27
CA ILE G 109 -28.29 -13.59 6.56
C ILE G 109 -27.45 -14.79 6.91
N ASP G 110 -28.01 -15.99 6.70
CA ASP G 110 -27.29 -17.21 7.04
C ASP G 110 -26.08 -17.41 6.15
N ILE G 111 -26.21 -17.14 4.85
CA ILE G 111 -25.13 -17.44 3.92
C ILE G 111 -23.92 -16.57 4.22
N LEU G 112 -24.14 -15.36 4.74
CA LEU G 112 -23.03 -14.50 5.12
C LEU G 112 -22.26 -15.07 6.31
N ASN G 113 -22.98 -15.51 7.35
CA ASN G 113 -22.34 -16.09 8.52
C ASN G 113 -21.65 -17.41 8.19
N LYS G 114 -22.04 -18.08 7.10
CA LYS G 114 -21.24 -19.18 6.57
C LYS G 114 -19.99 -18.67 5.85
N ASP G 115 -20.13 -17.60 5.04
CA ASP G 115 -19.01 -17.17 4.19
C ASP G 115 -17.86 -16.56 4.99
N PHE G 116 -18.16 -15.87 6.10
CA PHE G 116 -17.18 -15.01 6.74
C PHE G 116 -16.37 -15.71 7.81
N ARG G 117 -16.78 -16.90 8.24
CA ARG G 117 -16.05 -17.65 9.25
C ARG G 117 -15.39 -18.89 8.67
N LYS G 118 -15.26 -18.96 7.34
CA LYS G 118 -14.76 -20.14 6.61
C LYS G 118 -15.72 -21.33 6.71
N LEU G 119 -17.02 -21.06 6.84
CA LEU G 119 -17.99 -22.12 7.05
C LEU G 119 -18.68 -22.59 5.77
N ASN G 120 -18.49 -21.88 4.66
CA ASN G 120 -19.24 -22.19 3.45
C ASN G 120 -18.77 -23.52 2.87
N SER G 121 -19.75 -24.31 2.41
CA SER G 121 -19.43 -25.57 1.75
C SER G 121 -18.50 -25.33 0.56
N ASP G 122 -18.60 -24.15 -0.06
CA ASP G 122 -17.87 -23.77 -1.27
C ASP G 122 -16.38 -23.59 -1.05
N VAL G 123 -15.92 -23.51 0.20
CA VAL G 123 -14.50 -23.25 0.47
C VAL G 123 -13.63 -24.32 -0.15
N SER G 124 -14.18 -25.50 -0.38
CA SER G 124 -13.49 -26.66 -0.95
C SER G 124 -13.15 -26.50 -2.43
N GLN G 125 -13.56 -25.40 -3.06
CA GLN G 125 -13.27 -25.21 -4.46
C GLN G 125 -11.97 -24.44 -4.71
N VAL G 126 -11.34 -23.92 -3.66
CA VAL G 126 -10.08 -23.19 -3.80
C VAL G 126 -8.99 -24.14 -4.27
N PRO G 127 -8.21 -23.81 -5.28
CA PRO G 127 -7.06 -24.65 -5.63
C PRO G 127 -6.12 -24.80 -4.44
N SER G 128 -5.45 -25.95 -4.39
CA SER G 128 -4.55 -26.26 -3.29
C SER G 128 -3.44 -25.22 -3.15
N VAL G 129 -3.11 -24.49 -4.23
CA VAL G 129 -2.07 -23.45 -4.19
C VAL G 129 -2.37 -22.44 -3.10
N TRP G 130 -3.64 -22.25 -2.75
CA TRP G 130 -4.04 -21.20 -1.83
C TRP G 130 -4.87 -21.76 -0.68
N SER G 131 -4.78 -23.07 -0.44
CA SER G 131 -5.55 -23.65 0.66
C SER G 131 -5.13 -23.05 1.99
N ASN G 132 -3.83 -22.80 2.18
CA ASN G 132 -3.36 -22.24 3.44
C ASN G 132 -3.49 -20.72 3.48
N LEU G 133 -3.99 -20.10 2.42
CA LEU G 133 -4.19 -18.67 2.40
C LEU G 133 -5.65 -18.27 2.64
N ILE G 134 -6.58 -19.23 2.56
CA ILE G 134 -7.97 -18.91 2.86
C ILE G 134 -8.07 -18.38 4.28
N ALA G 135 -9.09 -17.56 4.54
CA ALA G 135 -9.17 -16.88 5.82
C ALA G 135 -10.57 -16.91 6.38
N ASP G 136 -10.64 -16.81 7.70
CA ASP G 136 -11.87 -16.65 8.45
C ASP G 136 -11.86 -15.23 8.98
N LEU G 137 -12.79 -14.42 8.49
CA LEU G 137 -12.80 -13.04 8.92
C LEU G 137 -13.05 -12.91 10.40
N GLY G 138 -13.51 -13.99 11.05
CA GLY G 138 -13.93 -13.91 12.42
C GLY G 138 -15.05 -12.92 12.59
N ILE G 139 -16.07 -12.97 11.71
CA ILE G 139 -17.18 -12.03 11.77
C ILE G 139 -18.47 -12.73 11.34
N GLU G 140 -19.51 -12.59 12.18
CA GLU G 140 -20.92 -12.92 11.90
C GLU G 140 -21.76 -11.67 12.19
N PHE G 141 -23.04 -11.69 11.80
CA PHE G 141 -23.92 -10.56 12.10
C PHE G 141 -25.36 -11.03 12.25
N PHE G 142 -26.20 -10.16 12.84
CA PHE G 142 -27.55 -10.52 13.24
C PHE G 142 -28.52 -9.36 12.95
N LEU G 143 -29.81 -9.70 12.96
CA LEU G 143 -30.88 -8.72 12.77
C LEU G 143 -31.30 -8.20 14.14
N ALA G 144 -30.98 -6.94 14.43
CA ALA G 144 -31.02 -6.44 15.81
C ALA G 144 -32.38 -6.64 16.45
N THR G 145 -32.37 -7.12 17.71
CA THR G 145 -33.59 -7.21 18.49
C THR G 145 -34.20 -5.84 18.71
N LYS G 146 -33.42 -4.77 18.54
CA LYS G 146 -33.83 -3.42 18.90
C LYS G 146 -33.55 -2.45 17.75
N ASP G 147 -34.50 -1.54 17.51
CA ASP G 147 -34.32 -0.45 16.57
C ASP G 147 -33.56 0.68 17.25
N PRO G 148 -33.08 1.67 16.49
CA PRO G 148 -32.20 2.69 17.10
C PRO G 148 -32.86 3.47 18.23
N ASN G 149 -34.18 3.53 18.28
CA ASN G 149 -34.84 4.24 19.37
C ASN G 149 -35.01 3.39 20.62
N GLY G 150 -34.83 2.07 20.53
CA GLY G 150 -34.82 1.19 21.68
C GLY G 150 -35.85 0.08 21.63
N ASN G 151 -36.98 0.31 20.98
CA ASN G 151 -38.06 -0.67 20.95
C ASN G 151 -37.63 -1.93 20.21
N GLN G 152 -38.26 -3.04 20.57
CA GLN G 152 -37.95 -4.31 19.93
C GLN G 152 -38.38 -4.26 18.47
N THR G 153 -37.45 -4.64 17.58
CA THR G 153 -37.69 -4.52 16.15
C THR G 153 -37.28 -5.81 15.45
N THR G 154 -37.96 -6.09 14.34
CA THR G 154 -37.65 -7.27 13.57
C THR G 154 -36.25 -7.19 12.99
N GLY G 155 -35.92 -6.07 12.38
CA GLY G 155 -34.75 -5.99 11.55
C GLY G 155 -35.06 -5.86 10.08
N ILE G 156 -36.33 -5.73 9.71
CA ILE G 156 -36.73 -5.56 8.31
C ILE G 156 -37.81 -4.47 8.23
N THR G 157 -37.44 -3.32 7.66
CA THR G 157 -38.40 -2.25 7.36
C THR G 157 -38.84 -2.40 5.91
N ARG G 158 -40.15 -2.40 5.69
CA ARG G 158 -40.73 -2.46 4.36
C ARG G 158 -41.38 -1.13 4.05
N THR G 159 -40.96 -0.49 2.95
CA THR G 159 -41.48 0.80 2.53
C THR G 159 -42.02 0.72 1.11
N GLN G 160 -43.29 1.07 0.95
CA GLN G 160 -43.88 1.19 -0.38
C GLN G 160 -43.32 2.45 -1.03
N THR G 161 -42.83 2.32 -2.26
CA THR G 161 -42.29 3.44 -3.01
C THR G 161 -42.99 3.58 -4.36
N SER G 162 -43.24 4.81 -4.76
CA SER G 162 -43.75 5.07 -6.09
C SER G 162 -42.68 4.93 -7.17
N VAL G 163 -41.40 5.09 -6.83
CA VAL G 163 -40.33 5.03 -7.83
C VAL G 163 -40.14 3.59 -8.30
N THR G 164 -39.53 3.45 -9.47
CA THR G 164 -39.30 2.16 -10.09
C THR G 164 -37.82 1.82 -10.22
N PHE G 165 -36.99 2.79 -10.56
CA PHE G 165 -35.57 2.61 -10.77
C PHE G 165 -34.80 3.25 -9.63
N PHE G 166 -33.57 2.79 -9.44
CA PHE G 166 -32.67 3.37 -8.45
C PHE G 166 -31.24 3.35 -8.98
N THR G 167 -30.45 4.35 -8.56
CA THR G 167 -29.21 4.71 -9.22
C THR G 167 -28.03 4.62 -8.27
N THR G 168 -26.85 4.92 -8.82
CA THR G 168 -25.69 5.20 -8.00
C THR G 168 -25.77 6.57 -7.35
N SER G 169 -26.88 7.28 -7.53
CA SER G 169 -27.12 8.54 -6.82
C SER G 169 -27.45 8.31 -5.36
N ASP G 170 -27.61 7.05 -4.95
CA ASP G 170 -27.95 6.64 -3.58
C ASP G 170 -29.29 7.20 -3.11
N GLU G 171 -30.12 7.68 -4.04
CA GLU G 171 -31.42 8.27 -3.68
C GLU G 171 -32.35 7.27 -2.99
N VAL G 172 -32.18 5.97 -3.22
CA VAL G 172 -33.00 4.99 -2.52
C VAL G 172 -32.72 4.99 -1.02
N LYS G 173 -31.53 5.44 -0.61
CA LYS G 173 -31.21 5.45 0.82
C LYS G 173 -32.07 6.44 1.57
N PHE G 174 -32.28 7.63 1.01
CA PHE G 174 -32.94 8.69 1.74
C PHE G 174 -34.45 8.57 1.61
N ALA G 175 -35.16 9.14 2.61
CA ALA G 175 -36.62 8.99 2.69
C ALA G 175 -37.34 9.81 1.63
N SER G 176 -36.84 11.01 1.33
CA SER G 176 -37.47 11.91 0.38
C SER G 176 -37.58 11.31 -1.02
N SER G 177 -36.75 10.30 -1.31
CA SER G 177 -36.71 9.66 -2.62
C SER G 177 -37.20 8.22 -2.52
N GLY G 178 -38.26 8.01 -1.75
CA GLY G 178 -38.90 6.71 -1.69
C GLY G 178 -37.94 5.64 -1.27
N GLY G 179 -37.31 5.81 -0.11
CA GLY G 179 -36.43 4.81 0.44
C GLY G 179 -36.17 5.05 1.91
N GLU G 180 -36.31 4.01 2.73
CA GLU G 180 -36.34 4.22 4.17
C GLU G 180 -35.07 4.92 4.65
N ASP G 181 -35.25 5.86 5.57
CA ASP G 181 -34.13 6.56 6.20
C ASP G 181 -33.14 5.56 6.79
N ALA G 182 -31.86 5.82 6.57
CA ALA G 182 -30.82 4.94 7.10
C ALA G 182 -30.76 5.01 8.62
N TRP G 183 -30.68 3.85 9.26
CA TRP G 183 -30.48 3.81 10.70
C TRP G 183 -29.04 4.23 11.01
N PRO G 184 -28.79 4.74 12.23
CA PRO G 184 -27.47 5.31 12.53
C PRO G 184 -26.35 4.32 12.25
N ALA G 185 -25.24 4.85 11.71
CA ALA G 185 -24.18 4.02 11.15
C ALA G 185 -23.36 3.28 12.22
N ASP G 186 -23.18 3.88 13.40
CA ASP G 186 -22.39 3.23 14.43
C ASP G 186 -23.15 2.11 15.11
N ARG G 187 -24.47 2.25 15.29
CA ARG G 187 -25.23 1.19 15.95
C ARG G 187 -25.51 0.02 15.01
N TYR G 188 -25.92 0.29 13.77
CA TYR G 188 -26.33 -0.78 12.86
C TYR G 188 -25.62 -0.63 11.53
N LEU G 189 -25.64 -1.70 10.75
CA LEU G 189 -25.18 -1.69 9.37
C LEU G 189 -26.38 -1.74 8.46
N ASN G 190 -26.58 -0.66 7.69
CA ASN G 190 -27.81 -0.48 6.93
C ASN G 190 -27.80 -1.23 5.61
N ILE G 191 -28.99 -1.70 5.23
CA ILE G 191 -29.20 -2.53 4.04
C ILE G 191 -30.37 -1.95 3.27
N TRP G 192 -30.24 -1.88 1.95
CA TRP G 192 -31.35 -1.51 1.09
C TRP G 192 -31.51 -2.60 0.04
N VAL G 193 -32.73 -3.14 -0.07
CA VAL G 193 -33.06 -4.15 -1.07
C VAL G 193 -34.24 -3.65 -1.91
N CYS G 194 -34.00 -3.45 -3.21
CA CYS G 194 -35.05 -2.98 -4.12
C CYS G 194 -35.00 -3.81 -5.40
N HIS G 195 -35.94 -3.52 -6.29
CA HIS G 195 -36.16 -4.37 -7.44
C HIS G 195 -35.29 -4.01 -8.63
N VAL G 196 -34.98 -2.73 -8.83
CA VAL G 196 -34.26 -2.25 -10.01
C VAL G 196 -33.11 -1.37 -9.58
N LEU G 197 -31.89 -1.74 -10.00
CA LEU G 197 -30.70 -0.95 -9.70
C LEU G 197 -29.92 -0.70 -10.99
N LYS G 198 -29.57 0.57 -11.21
CA LYS G 198 -28.95 1.04 -12.45
C LYS G 198 -27.78 1.96 -12.12
N SER G 199 -26.85 2.02 -13.06
CA SER G 199 -25.69 2.91 -12.95
C SER G 199 -25.97 4.24 -13.66
N GLU G 200 -25.07 5.20 -13.47
CA GLU G 200 -25.15 6.45 -14.23
C GLU G 200 -24.85 6.22 -15.70
N ILE G 201 -23.93 5.28 -16.01
CA ILE G 201 -23.75 4.80 -17.38
C ILE G 201 -25.04 4.17 -17.88
N GLY G 202 -25.89 3.70 -16.97
CA GLY G 202 -27.13 3.04 -17.30
C GLY G 202 -27.09 1.54 -17.13
N GLN G 203 -25.89 0.94 -17.20
CA GLN G 203 -25.77 -0.51 -17.10
C GLN G 203 -26.37 -1.00 -15.79
N ASP G 204 -27.23 -2.00 -15.87
CA ASP G 204 -27.96 -2.45 -14.70
C ASP G 204 -27.00 -3.11 -13.72
N ILE G 205 -26.98 -2.61 -12.50
CA ILE G 205 -26.09 -3.12 -11.47
C ILE G 205 -26.86 -4.08 -10.58
N LEU G 206 -26.13 -4.97 -9.93
CA LEU G 206 -26.73 -5.86 -8.95
C LEU G 206 -26.69 -5.28 -7.54
N GLY G 207 -25.83 -4.29 -7.32
CA GLY G 207 -25.70 -3.67 -6.02
C GLY G 207 -24.49 -2.77 -5.99
N TYR G 208 -24.35 -2.05 -4.89
CA TYR G 208 -23.19 -1.21 -4.66
C TYR G 208 -22.83 -1.28 -3.18
N ALA G 209 -22.04 -0.32 -2.72
CA ALA G 209 -21.60 -0.22 -1.33
C ALA G 209 -20.97 1.14 -1.14
N GLN G 210 -21.06 1.67 0.07
CA GLN G 210 -20.40 2.93 0.38
C GLN G 210 -19.19 2.65 1.27
N PHE G 211 -18.05 3.24 0.94
CA PHE G 211 -16.83 2.90 1.66
C PHE G 211 -16.81 3.46 3.06
N PRO G 212 -16.04 2.86 3.94
CA PRO G 212 -16.09 3.25 5.34
C PRO G 212 -15.52 4.63 5.55
N GLY G 213 -15.91 5.22 6.68
CA GLY G 213 -15.66 6.62 6.94
C GLY G 213 -16.47 7.54 6.09
N GLY G 214 -17.39 7.00 5.30
CA GLY G 214 -18.24 7.81 4.47
C GLY G 214 -19.31 8.51 5.28
N PRO G 215 -19.97 9.50 4.68
CA PRO G 215 -21.03 10.23 5.38
C PRO G 215 -22.14 9.31 5.87
N ALA G 216 -22.66 9.64 7.04
CA ALA G 216 -23.42 8.68 7.84
C ALA G 216 -24.60 8.12 7.07
N GLU G 217 -25.40 8.99 6.49
CA GLU G 217 -26.69 8.57 5.97
C GLU G 217 -26.58 7.63 4.78
N THR G 218 -25.40 7.46 4.21
CA THR G 218 -25.17 6.48 3.17
C THR G 218 -24.32 5.31 3.65
N ASP G 219 -24.02 5.24 4.94
CA ASP G 219 -23.06 4.28 5.49
C ASP G 219 -23.70 2.88 5.58
N GLY G 220 -23.86 2.30 4.41
CA GLY G 220 -24.45 0.99 4.29
C GLY G 220 -24.24 0.48 2.88
N VAL G 221 -25.00 -0.55 2.53
CA VAL G 221 -24.86 -1.21 1.24
C VAL G 221 -26.25 -1.45 0.66
N VAL G 222 -26.32 -1.53 -0.67
CA VAL G 222 -27.57 -1.80 -1.37
C VAL G 222 -27.36 -2.95 -2.34
N ILE G 223 -28.26 -3.92 -2.31
CA ILE G 223 -28.25 -5.07 -3.20
C ILE G 223 -29.65 -5.21 -3.79
N VAL G 224 -29.72 -5.48 -5.10
CA VAL G 224 -31.03 -5.67 -5.73
C VAL G 224 -31.71 -6.90 -5.12
N ASP G 225 -33.02 -6.98 -5.34
CA ASP G 225 -33.76 -8.07 -4.71
C ASP G 225 -33.42 -9.42 -5.32
N ALA G 226 -33.01 -9.49 -6.58
CA ALA G 226 -32.80 -10.81 -7.16
C ALA G 226 -31.43 -11.37 -6.87
N ALA G 227 -30.61 -10.68 -6.08
CA ALA G 227 -29.30 -11.15 -5.65
C ALA G 227 -29.24 -11.44 -4.16
N PHE G 228 -30.35 -11.23 -3.47
CA PHE G 228 -30.42 -11.17 -2.03
C PHE G 228 -31.03 -12.48 -1.53
N GLY G 229 -30.18 -13.38 -1.07
CA GLY G 229 -30.67 -14.59 -0.46
C GLY G 229 -30.71 -15.77 -1.40
N THR G 230 -31.29 -16.86 -0.89
CA THR G 230 -31.28 -18.15 -1.56
C THR G 230 -32.66 -18.67 -1.92
N THR G 231 -33.68 -17.82 -1.88
CA THR G 231 -35.03 -18.26 -2.22
C THR G 231 -35.88 -17.02 -2.51
N GLY G 232 -37.17 -17.26 -2.72
CA GLY G 232 -38.07 -16.15 -3.03
C GLY G 232 -37.66 -15.51 -4.32
N THR G 233 -37.57 -14.18 -4.32
CA THR G 233 -37.25 -13.43 -5.53
C THR G 233 -35.78 -13.54 -5.91
N ALA G 234 -35.00 -14.27 -5.12
CA ALA G 234 -33.59 -14.48 -5.43
C ALA G 234 -33.45 -15.40 -6.65
N LEU G 235 -32.59 -15.00 -7.60
CA LEU G 235 -32.40 -15.68 -8.87
C LEU G 235 -30.91 -15.91 -9.16
N PRO G 236 -30.58 -17.02 -9.82
CA PRO G 236 -29.17 -17.34 -10.08
C PRO G 236 -28.67 -16.62 -11.32
N PRO G 237 -27.36 -16.41 -11.47
CA PRO G 237 -26.26 -16.86 -10.60
C PRO G 237 -26.01 -15.94 -9.42
N PHE G 238 -27.07 -15.51 -8.72
CA PHE G 238 -26.96 -14.78 -7.46
C PHE G 238 -27.90 -15.37 -6.42
N ASP G 239 -28.25 -16.64 -6.60
CA ASP G 239 -29.06 -17.38 -5.63
C ASP G 239 -28.26 -17.79 -4.40
N LYS G 240 -26.95 -17.98 -4.52
CA LYS G 240 -26.14 -18.24 -3.34
C LYS G 240 -26.04 -17.03 -2.43
N GLY G 241 -26.46 -15.85 -2.90
CA GLY G 241 -26.45 -14.66 -2.08
C GLY G 241 -25.08 -14.08 -1.82
N ARG G 242 -24.04 -14.60 -2.46
CA ARG G 242 -22.69 -14.04 -2.36
C ARG G 242 -22.60 -12.64 -2.95
N THR G 243 -23.61 -12.21 -3.72
CA THR G 243 -23.62 -10.87 -4.27
C THR G 243 -23.57 -9.83 -3.16
N ALA G 244 -24.37 -10.03 -2.12
CA ALA G 244 -24.27 -9.17 -0.97
C ALA G 244 -22.92 -9.32 -0.29
N THR G 245 -22.42 -10.55 -0.18
CA THR G 245 -21.11 -10.79 0.44
C THR G 245 -20.05 -9.89 -0.18
N HIS G 246 -20.10 -9.74 -1.51
CA HIS G 246 -19.10 -8.98 -2.26
C HIS G 246 -19.15 -7.49 -1.91
N ALA G 247 -20.29 -6.85 -2.14
CA ALA G 247 -20.46 -5.44 -1.80
C ALA G 247 -20.40 -5.20 -0.29
N ILE G 248 -20.49 -6.25 0.53
CA ILE G 248 -20.18 -6.10 1.94
C ILE G 248 -18.71 -5.75 2.12
N GLY G 249 -17.84 -6.42 1.37
CA GLY G 249 -16.40 -6.24 1.54
C GLY G 249 -15.95 -4.82 1.31
N HIS G 250 -16.64 -4.10 0.43
CA HIS G 250 -16.45 -2.65 0.34
C HIS G 250 -16.86 -1.94 1.63
N TRP G 251 -17.75 -2.53 2.43
CA TRP G 251 -18.08 -1.96 3.73
C TRP G 251 -17.03 -2.29 4.76
N LEU G 252 -16.23 -3.30 4.49
CA LEU G 252 -15.02 -3.59 5.23
C LEU G 252 -13.80 -2.97 4.58
N ASN G 253 -14.00 -2.10 3.60
CA ASN G 253 -12.91 -1.35 2.95
C ASN G 253 -11.99 -2.29 2.16
N LEU G 254 -12.60 -3.20 1.40
CA LEU G 254 -11.89 -4.08 0.49
C LEU G 254 -12.03 -3.57 -0.95
N TYR G 255 -10.90 -3.29 -1.59
CA TYR G 255 -10.95 -2.96 -3.00
C TYR G 255 -11.15 -4.23 -3.82
N HIS G 256 -11.81 -4.06 -4.97
CA HIS G 256 -11.82 -5.10 -5.99
C HIS G 256 -10.40 -5.59 -6.22
N ILE G 257 -10.27 -6.85 -6.63
CA ILE G 257 -8.94 -7.43 -6.78
C ILE G 257 -8.11 -6.67 -7.82
N TRP G 258 -8.78 -6.06 -8.80
CA TRP G 258 -8.08 -5.50 -9.95
C TRP G 258 -7.61 -4.06 -9.76
N GLY G 259 -7.85 -3.47 -8.59
CA GLY G 259 -7.66 -2.04 -8.40
C GLY G 259 -9.01 -1.38 -8.56
N ASP G 260 -9.13 -0.45 -9.50
CA ASP G 260 -10.45 -0.16 -10.01
C ASP G 260 -10.36 0.56 -11.35
N GLU G 261 -11.49 0.56 -12.06
CA GLU G 261 -11.63 1.34 -13.29
C GLU G 261 -12.03 2.79 -13.03
N LEU G 262 -12.44 3.14 -11.80
CA LEU G 262 -12.40 4.55 -11.39
C LEU G 262 -10.98 5.08 -11.54
N ARG G 263 -10.00 4.25 -11.20
CA ARG G 263 -8.62 4.70 -11.15
C ARG G 263 -8.06 4.85 -12.57
N PHE G 264 -7.51 6.01 -12.86
CA PHE G 264 -6.85 6.25 -14.13
C PHE G 264 -5.43 5.73 -14.02
N GLU G 265 -5.16 4.61 -14.67
CA GLU G 265 -3.80 4.07 -14.68
C GLU G 265 -3.73 3.02 -15.78
N ASP G 266 -2.51 2.62 -16.09
CA ASP G 266 -2.30 1.36 -16.79
C ASP G 266 -2.77 0.22 -15.88
N PRO G 267 -3.49 -0.77 -16.42
CA PRO G 267 -4.31 -1.64 -15.56
C PRO G 267 -3.52 -2.42 -14.54
N CYS G 268 -2.22 -2.61 -14.76
CA CYS G 268 -1.40 -3.37 -13.81
C CYS G 268 -1.03 -2.57 -12.58
N SER G 269 -1.04 -1.25 -12.65
CA SER G 269 -0.61 -0.44 -11.52
C SER G 269 -1.76 -0.02 -10.63
N ARG G 270 -2.96 -0.58 -10.83
CA ARG G 270 -4.06 -0.46 -9.87
C ARG G 270 -4.17 -1.76 -9.07
N SER G 271 -4.18 -1.64 -7.74
CA SER G 271 -4.11 -2.80 -6.88
C SER G 271 -5.10 -2.65 -5.73
N ASP G 272 -5.47 -3.80 -5.14
CA ASP G 272 -6.39 -3.88 -4.01
C ASP G 272 -5.70 -3.67 -2.67
N GLU G 273 -4.39 -3.40 -2.70
CA GLU G 273 -3.60 -3.16 -1.50
C GLU G 273 -3.68 -4.36 -0.56
N VAL G 274 -3.74 -5.54 -1.17
CA VAL G 274 -3.70 -6.81 -0.47
C VAL G 274 -2.60 -7.64 -1.07
N ASP G 275 -1.57 -7.95 -0.28
CA ASP G 275 -0.37 -8.54 -0.86
C ASP G 275 -0.61 -9.97 -1.35
N ASP G 276 -1.44 -10.75 -0.65
CA ASP G 276 -1.52 -12.15 -0.98
C ASP G 276 -2.52 -12.47 -2.08
N THR G 277 -3.21 -11.45 -2.66
CA THR G 277 -4.02 -11.77 -3.84
C THR G 277 -3.25 -11.39 -5.10
N PRO G 278 -3.17 -12.27 -6.10
CA PRO G 278 -2.34 -11.98 -7.28
C PRO G 278 -2.91 -10.78 -8.03
N ASN G 279 -2.11 -9.74 -8.17
CA ASN G 279 -2.61 -8.47 -8.68
C ASN G 279 -3.04 -8.65 -10.13
N GLN G 280 -4.34 -8.79 -10.33
CA GLN G 280 -4.94 -8.87 -11.65
C GLN G 280 -5.42 -7.47 -12.05
N ALA G 281 -5.84 -7.36 -13.30
CA ALA G 281 -6.40 -6.11 -13.80
C ALA G 281 -7.75 -6.25 -14.44
N ASP G 282 -8.18 -7.46 -14.79
CA ASP G 282 -9.44 -7.68 -15.48
C ASP G 282 -10.37 -8.53 -14.63
N PRO G 283 -11.55 -8.03 -14.24
CA PRO G 283 -12.54 -8.89 -13.60
C PRO G 283 -12.96 -10.04 -14.51
N ASN G 284 -13.12 -11.22 -13.90
CA ASN G 284 -13.68 -12.40 -14.56
C ASN G 284 -15.11 -12.56 -14.10
N PHE G 285 -16.04 -12.70 -15.04
CA PHE G 285 -17.41 -13.00 -14.69
C PHE G 285 -17.73 -14.45 -15.04
N GLY G 286 -18.95 -14.85 -14.68
CA GLY G 286 -19.36 -16.23 -14.90
C GLY G 286 -18.61 -17.17 -13.97
N CYS G 287 -18.21 -18.30 -14.51
CA CYS G 287 -17.32 -19.16 -13.78
C CYS G 287 -16.09 -19.48 -14.63
N PRO G 288 -14.91 -19.30 -14.10
CA PRO G 288 -13.69 -19.44 -14.93
C PRO G 288 -13.06 -20.82 -14.82
N SER G 289 -12.15 -21.09 -15.75
CA SER G 289 -11.34 -22.29 -15.72
C SER G 289 -9.95 -21.94 -15.21
N TYR G 290 -9.47 -22.68 -14.21
CA TYR G 290 -8.17 -22.39 -13.61
C TYR G 290 -7.05 -22.72 -14.58
N PRO G 291 -6.06 -21.83 -14.76
CA PRO G 291 -5.95 -20.48 -14.20
C PRO G 291 -6.21 -19.35 -15.21
N HIS G 292 -6.66 -18.19 -14.74
CA HIS G 292 -6.80 -17.00 -15.57
C HIS G 292 -5.67 -16.06 -15.21
N VAL G 293 -4.84 -15.73 -16.21
CA VAL G 293 -3.55 -15.11 -15.99
C VAL G 293 -3.65 -13.63 -16.38
N SER G 294 -3.69 -12.75 -15.38
CA SER G 294 -3.84 -11.30 -15.60
C SER G 294 -2.69 -10.57 -14.93
N CYS G 295 -1.97 -9.76 -15.70
CA CYS G 295 -0.73 -9.10 -15.27
C CYS G 295 0.25 -10.13 -14.70
N SER G 296 0.63 -11.06 -15.58
CA SER G 296 1.43 -12.23 -15.21
C SER G 296 0.70 -12.96 -14.09
N ASN G 297 1.30 -13.15 -12.91
CA ASN G 297 0.83 -13.97 -11.77
C ASN G 297 0.63 -15.44 -12.13
N GLY G 298 1.15 -15.88 -13.28
CA GLY G 298 1.09 -17.26 -13.66
C GLY G 298 2.14 -18.09 -12.95
N PRO G 299 1.89 -19.39 -12.85
CA PRO G 299 0.67 -20.06 -13.27
C PRO G 299 -0.37 -20.05 -12.16
N ASN G 300 -0.12 -19.26 -11.11
CA ASN G 300 -1.08 -19.13 -10.03
C ASN G 300 -2.44 -18.66 -10.55
N GLY G 301 -2.45 -17.81 -11.56
CA GLY G 301 -3.72 -17.36 -12.09
C GLY G 301 -4.42 -16.39 -11.17
N ASP G 302 -5.53 -15.85 -11.64
CA ASP G 302 -6.28 -14.89 -10.86
C ASP G 302 -6.95 -15.59 -9.69
N MET G 303 -7.39 -14.81 -8.72
CA MET G 303 -8.11 -15.36 -7.58
C MET G 303 -9.62 -15.18 -7.78
N PHE G 304 -10.14 -15.89 -8.79
CA PHE G 304 -11.57 -15.76 -9.11
C PHE G 304 -12.41 -16.30 -7.99
N MET G 305 -11.86 -17.21 -7.20
CA MET G 305 -12.55 -17.72 -6.03
C MET G 305 -12.82 -16.61 -5.00
N ASN G 306 -12.14 -15.48 -5.14
CA ASN G 306 -12.33 -14.38 -4.20
C ASN G 306 -13.66 -13.66 -4.44
N TYR G 307 -14.35 -13.32 -3.35
CA TYR G 307 -15.65 -12.67 -3.44
C TYR G 307 -15.56 -11.28 -4.07
N MET G 308 -14.37 -10.70 -4.12
CA MET G 308 -14.21 -9.39 -4.72
C MET G 308 -14.04 -9.44 -6.22
N ASP G 309 -14.01 -10.63 -6.82
CA ASP G 309 -14.09 -10.73 -8.27
C ASP G 309 -15.56 -10.81 -8.69
N TYR G 310 -15.78 -10.61 -9.98
CA TYR G 310 -17.12 -10.51 -10.52
C TYR G 310 -17.72 -11.86 -10.92
N VAL G 311 -17.16 -12.97 -10.46
CA VAL G 311 -17.60 -14.30 -10.87
C VAL G 311 -19.01 -14.54 -10.39
N ASP G 312 -19.62 -15.62 -10.87
CA ASP G 312 -20.90 -16.07 -10.35
C ASP G 312 -20.80 -16.45 -8.88
N ASP G 313 -21.96 -16.67 -8.25
CA ASP G 313 -22.02 -16.83 -6.80
C ASP G 313 -21.38 -18.14 -6.36
N LYS G 314 -21.55 -19.22 -7.12
CA LYS G 314 -21.04 -20.52 -6.70
C LYS G 314 -19.54 -20.68 -6.91
N CYS G 315 -18.87 -19.68 -7.49
CA CYS G 315 -17.45 -19.73 -7.73
C CYS G 315 -16.65 -18.75 -6.88
N MET G 316 -17.27 -17.66 -6.43
CA MET G 316 -16.67 -16.82 -5.41
C MET G 316 -16.96 -17.44 -4.05
N VAL G 317 -15.90 -17.89 -3.37
CA VAL G 317 -16.08 -18.72 -2.18
C VAL G 317 -15.37 -18.20 -0.95
N MET G 318 -14.38 -17.32 -1.05
CA MET G 318 -13.50 -17.16 0.09
C MET G 318 -13.00 -15.74 0.21
N PHE G 319 -12.28 -15.51 1.30
CA PHE G 319 -11.57 -14.28 1.58
C PHE G 319 -10.14 -14.61 1.96
N THR G 320 -9.20 -13.71 1.62
CA THR G 320 -7.79 -13.96 1.89
C THR G 320 -7.37 -13.46 3.25
N GLN G 321 -6.31 -14.06 3.78
CA GLN G 321 -5.77 -13.62 5.05
C GLN G 321 -5.44 -12.14 5.00
N GLY G 322 -4.79 -11.71 3.92
CA GLY G 322 -4.47 -10.30 3.81
C GLY G 322 -5.71 -9.44 3.87
N GLN G 323 -6.76 -9.82 3.14
CA GLN G 323 -7.97 -9.02 3.12
C GLN G 323 -8.54 -8.87 4.51
N ALA G 324 -8.59 -9.99 5.25
CA ALA G 324 -9.06 -9.94 6.62
C ALA G 324 -8.27 -8.93 7.42
N THR G 325 -6.95 -8.99 7.32
CA THR G 325 -6.11 -8.03 8.01
C THR G 325 -6.51 -6.60 7.65
N ARG G 326 -6.88 -6.38 6.39
CA ARG G 326 -7.41 -5.07 6.02
C ARG G 326 -8.74 -4.81 6.71
N VAL G 327 -9.59 -5.83 6.78
CA VAL G 327 -10.84 -5.65 7.50
C VAL G 327 -10.55 -5.25 8.94
N ASN G 328 -9.61 -5.95 9.57
CA ASN G 328 -9.23 -5.65 10.95
C ASN G 328 -8.93 -4.17 11.10
N ALA G 329 -8.18 -3.60 10.16
CA ALA G 329 -7.87 -2.19 10.24
C ALA G 329 -9.10 -1.32 10.07
N CYS G 330 -10.09 -1.76 9.28
CA CYS G 330 -11.33 -0.99 9.20
C CYS G 330 -12.11 -1.03 10.50
N LEU G 331 -12.01 -2.13 11.25
CA LEU G 331 -12.81 -2.27 12.46
C LEU G 331 -12.24 -1.44 13.59
N ASP G 332 -10.91 -1.39 13.71
CA ASP G 332 -10.31 -0.78 14.88
C ASP G 332 -10.48 0.74 14.88
N GLY G 333 -10.17 1.40 13.75
CA GLY G 333 -10.19 2.85 13.69
C GLY G 333 -11.46 3.49 13.17
N PRO G 334 -11.86 3.13 11.95
CA PRO G 334 -13.12 3.67 11.41
C PRO G 334 -14.38 3.17 12.14
N ARG G 335 -14.46 1.86 12.37
CA ARG G 335 -15.65 1.23 12.89
C ARG G 335 -15.52 0.86 14.37
N SER G 336 -14.66 1.55 15.11
CA SER G 336 -14.42 1.25 16.52
C SER G 336 -15.70 1.18 17.34
N SER G 337 -16.78 1.76 16.83
CA SER G 337 -18.05 1.76 17.54
C SER G 337 -18.59 0.34 17.76
N PHE G 338 -18.52 -0.49 16.72
CA PHE G 338 -19.21 -1.78 16.76
C PHE G 338 -18.53 -2.78 17.68
N LEU G 339 -17.20 -2.66 17.85
CA LEU G 339 -16.47 -3.61 18.67
C LEU G 339 -16.85 -3.47 20.15
N ALA G 340 -17.12 -2.23 20.60
CA ALA G 340 -17.33 -1.94 22.01
C ALA G 340 -18.68 -2.39 22.56
N ARG G 341 -19.60 -2.83 21.70
CA ARG G 341 -20.99 -3.12 22.09
C ARG G 341 -21.13 -4.12 23.23
N PRO H 36 33.58 -16.30 -3.24
CA PRO H 36 32.12 -16.25 -3.02
C PRO H 36 31.59 -14.91 -2.45
N THR H 37 31.82 -13.78 -3.14
CA THR H 37 31.35 -12.47 -2.68
C THR H 37 29.90 -12.27 -3.11
N GLN H 38 28.99 -12.26 -2.16
CA GLN H 38 27.57 -12.11 -2.41
C GLN H 38 27.13 -10.71 -2.05
N ARG H 39 26.08 -10.23 -2.70
CA ARG H 39 25.55 -8.92 -2.36
C ARG H 39 24.74 -9.02 -1.07
N ARG H 40 25.06 -8.14 -0.11
CA ARG H 40 24.38 -8.13 1.17
C ARG H 40 24.20 -6.70 1.63
N CYS H 41 22.96 -6.27 1.77
CA CYS H 41 22.60 -4.89 2.11
C CYS H 41 22.11 -4.84 3.53
N GLY H 42 22.84 -4.14 4.38
CA GLY H 42 22.41 -4.00 5.76
C GLY H 42 21.35 -2.97 6.03
N ALA H 43 20.92 -2.21 5.01
CA ALA H 43 20.01 -1.09 5.24
C ALA H 43 18.74 -1.52 5.97
N MET H 44 18.31 -2.75 5.74
CA MET H 44 17.17 -3.25 6.45
C MET H 44 17.51 -3.64 7.88
N GLU H 45 18.73 -4.12 8.12
CA GLU H 45 19.18 -4.37 9.49
C GLU H 45 19.13 -3.09 10.31
N VAL H 46 19.47 -1.96 9.69
CA VAL H 46 19.28 -0.66 10.32
C VAL H 46 17.81 -0.44 10.64
N HIS H 47 16.92 -0.90 9.76
CA HIS H 47 15.53 -0.49 9.85
C HIS H 47 14.84 -0.99 11.12
N HIS H 48 15.07 -2.24 11.53
CA HIS H 48 14.58 -2.67 12.82
C HIS H 48 15.09 -1.73 13.89
N ARG H 49 16.41 -1.60 13.97
CA ARG H 49 17.02 -0.82 15.04
C ARG H 49 16.56 0.63 14.97
N LEU H 50 16.07 1.05 13.80
CA LEU H 50 15.52 2.39 13.67
C LEU H 50 14.21 2.52 14.45
N LEU H 51 13.43 1.46 14.53
CA LEU H 51 12.08 1.58 15.06
C LEU H 51 12.08 2.01 16.52
N ARG H 52 13.07 1.56 17.29
CA ARG H 52 12.93 1.49 18.74
C ARG H 52 12.68 2.86 19.36
N SER H 53 13.42 3.90 18.94
CA SER H 53 13.29 5.18 19.64
C SER H 53 11.94 5.86 19.42
N ALA H 54 11.17 5.38 18.45
CA ALA H 54 9.79 5.76 18.20
C ALA H 54 9.70 7.21 17.76
N SER H 55 10.81 7.93 17.88
CA SER H 55 10.93 9.23 17.23
C SER H 55 10.96 9.04 15.73
N TYR H 56 11.68 8.01 15.29
CA TYR H 56 11.67 7.55 13.90
C TYR H 56 10.34 6.94 13.53
N VAL H 57 9.56 6.46 14.49
CA VAL H 57 8.28 5.86 14.20
C VAL H 57 7.25 6.92 13.81
N ARG H 58 7.23 8.05 14.51
CA ARG H 58 6.31 9.12 14.14
C ARG H 58 6.50 9.53 12.69
N GLU H 59 7.75 9.84 12.32
CA GLU H 59 8.03 10.32 10.97
C GLU H 59 7.71 9.25 9.93
N ARG H 60 8.07 8.00 10.22
CA ARG H 60 7.96 6.94 9.21
C ARG H 60 6.51 6.67 8.82
N ASP H 61 5.58 6.83 9.76
CA ASP H 61 4.17 6.72 9.38
C ASP H 61 3.76 7.87 8.47
N GLN H 62 4.06 9.10 8.87
CA GLN H 62 3.76 10.23 8.01
C GLN H 62 4.39 10.04 6.63
N ILE H 63 5.60 9.52 6.59
CA ILE H 63 6.32 9.37 5.32
C ILE H 63 5.61 8.38 4.40
N GLU H 64 5.00 7.34 4.97
CA GLU H 64 4.37 6.33 4.12
C GLU H 64 2.98 6.72 3.63
N ASN H 65 2.28 7.61 4.35
CA ASN H 65 0.95 8.01 3.89
C ASN H 65 1.03 8.82 2.60
N LEU H 66 2.03 9.69 2.49
CA LEU H 66 2.27 10.37 1.22
C LEU H 66 2.59 9.34 0.13
N ALA H 67 3.53 8.42 0.40
CA ALA H 67 3.88 7.39 -0.59
C ALA H 67 2.74 6.43 -0.84
N LEU H 68 1.75 6.38 0.05
CA LEU H 68 0.53 5.62 -0.21
C LEU H 68 -0.44 6.44 -1.05
N LYS H 69 -0.78 7.65 -0.59
CA LYS H 69 -1.72 8.48 -1.32
C LYS H 69 -1.19 8.78 -2.73
N TYR H 70 0.13 8.95 -2.86
CA TYR H 70 0.70 9.04 -4.20
C TYR H 70 0.42 7.77 -4.99
N LYS H 71 0.53 6.61 -4.33
CA LYS H 71 0.40 5.34 -5.03
C LYS H 71 -0.99 5.19 -5.65
N GLN H 72 -2.04 5.46 -4.87
CA GLN H 72 -3.40 5.25 -5.38
C GLN H 72 -3.69 6.19 -6.52
N GLY H 73 -2.99 7.32 -6.57
CA GLY H 73 -3.16 8.37 -7.56
C GLY H 73 -3.61 9.69 -7.01
N PHE H 74 -3.93 9.76 -5.71
CA PHE H 74 -4.72 10.86 -5.16
C PHE H 74 -4.19 12.23 -5.56
N ARG H 75 -2.95 12.53 -5.17
CA ARG H 75 -2.31 13.79 -5.51
C ARG H 75 -1.05 13.47 -6.30
N ALA H 76 -0.95 14.02 -7.50
CA ALA H 76 0.20 13.74 -8.34
C ALA H 76 0.64 14.99 -9.05
N ILE H 77 0.62 16.14 -8.36
CA ILE H 77 1.22 17.34 -8.93
C ILE H 77 2.71 17.04 -9.07
N SER H 78 3.17 16.89 -10.31
CA SER H 78 4.53 16.49 -10.56
C SER H 78 5.35 17.72 -10.87
N ARG H 79 6.53 17.80 -10.28
CA ARG H 79 7.50 18.81 -10.69
C ARG H 79 8.02 18.47 -12.07
N MET H 80 8.12 19.49 -12.92
CA MET H 80 8.64 19.33 -14.27
C MET H 80 9.95 20.10 -14.40
N GLU H 81 10.74 20.02 -13.33
CA GLU H 81 12.15 20.45 -13.31
C GLU H 81 12.91 19.42 -12.48
N ILE H 82 14.01 18.90 -13.04
CA ILE H 82 14.79 17.95 -12.26
C ILE H 82 15.50 18.71 -11.14
N VAL H 83 15.72 18.04 -10.01
CA VAL H 83 16.36 18.63 -8.83
C VAL H 83 17.77 18.05 -8.73
N LYS H 84 18.75 18.93 -8.60
CA LYS H 84 20.14 18.57 -8.38
C LYS H 84 20.50 18.76 -6.91
N ILE H 85 21.18 17.76 -6.33
CA ILE H 85 21.27 17.56 -4.89
C ILE H 85 22.72 17.57 -4.45
N PRO H 86 23.09 18.39 -3.47
CA PRO H 86 24.49 18.44 -3.03
C PRO H 86 24.87 17.23 -2.18
N VAL H 87 26.07 16.72 -2.43
CA VAL H 87 26.55 15.48 -1.82
C VAL H 87 27.98 15.67 -1.34
N VAL H 88 28.28 15.12 -0.16
CA VAL H 88 29.62 15.12 0.40
C VAL H 88 30.03 13.68 0.66
N VAL H 89 31.25 13.32 0.24
CA VAL H 89 31.78 11.98 0.45
C VAL H 89 32.71 12.01 1.65
N HIS H 90 32.56 11.08 2.57
CA HIS H 90 33.46 10.93 3.70
C HIS H 90 34.24 9.64 3.48
N VAL H 91 35.54 9.77 3.23
CA VAL H 91 36.43 8.63 3.12
C VAL H 91 37.07 8.42 4.50
N VAL H 92 36.98 7.21 5.03
CA VAL H 92 37.66 6.83 6.26
C VAL H 92 38.60 5.69 5.92
N TRP H 93 39.89 6.00 5.89
CA TRP H 93 40.89 5.06 5.44
C TRP H 93 41.77 4.68 6.61
N ASN H 94 41.86 3.38 6.87
CA ASN H 94 42.87 2.88 7.78
C ASN H 94 44.25 2.87 7.13
N GLU H 95 44.29 2.73 5.80
CA GLU H 95 45.51 2.82 5.02
C GLU H 95 45.22 3.62 3.77
N GLU H 96 46.28 4.10 3.11
CA GLU H 96 46.10 4.93 1.92
C GLU H 96 45.46 4.16 0.76
N GLU H 97 45.80 2.88 0.61
CA GLU H 97 45.17 2.07 -0.44
C GLU H 97 43.66 2.04 -0.26
N GLU H 98 43.21 2.02 1.00
CA GLU H 98 41.78 2.17 1.30
C GLU H 98 41.28 3.54 0.87
N ASN H 99 42.06 4.59 1.16
CA ASN H 99 41.69 5.93 0.71
C ASN H 99 41.58 5.92 -0.79
N ILE H 100 40.43 6.32 -1.29
CA ILE H 100 40.12 6.16 -2.70
C ILE H 100 40.58 7.39 -3.44
N SER H 101 41.04 7.18 -4.68
CA SER H 101 41.41 8.30 -5.52
C SER H 101 40.19 9.20 -5.74
N ASP H 102 40.45 10.49 -6.01
CA ASP H 102 39.35 11.38 -6.37
C ASP H 102 38.71 10.97 -7.69
N ALA H 103 39.54 10.57 -8.67
CA ALA H 103 39.03 10.05 -9.94
C ALA H 103 38.07 8.89 -9.73
N GLN H 104 38.38 8.03 -8.76
CA GLN H 104 37.45 6.96 -8.38
C GLN H 104 36.13 7.55 -7.90
N ILE H 105 36.19 8.59 -7.05
CA ILE H 105 34.98 9.16 -6.49
C ILE H 105 34.08 9.69 -7.61
N GLN H 106 34.68 10.34 -8.60
CA GLN H 106 33.90 10.94 -9.67
C GLN H 106 33.20 9.88 -10.52
N SER H 107 33.91 8.78 -10.83
CA SER H 107 33.35 7.74 -11.68
C SER H 107 32.01 7.26 -11.14
N GLN H 108 31.90 7.20 -9.81
CA GLN H 108 30.62 6.90 -9.17
C GLN H 108 29.63 8.04 -9.38
N ILE H 109 30.08 9.28 -9.16
CA ILE H 109 29.18 10.42 -9.27
C ILE H 109 28.55 10.47 -10.64
N ASP H 110 29.35 10.21 -11.67
CA ASP H 110 28.83 10.25 -13.03
C ASP H 110 27.85 9.12 -13.29
N ILE H 111 28.17 7.90 -12.81
CA ILE H 111 27.35 6.74 -13.15
C ILE H 111 25.96 6.89 -12.55
N LEU H 112 25.83 7.59 -11.40
CA LEU H 112 24.52 7.84 -10.82
C LEU H 112 23.69 8.77 -11.70
N ASN H 113 24.32 9.86 -12.18
CA ASN H 113 23.61 10.81 -13.03
C ASN H 113 23.26 10.20 -14.38
N LYS H 114 23.97 9.15 -14.80
CA LYS H 114 23.51 8.33 -15.92
C LYS H 114 22.31 7.44 -15.53
N ASP H 115 22.36 6.82 -14.34
CA ASP H 115 21.35 5.81 -13.99
C ASP H 115 19.98 6.42 -13.72
N PHE H 116 19.94 7.63 -13.18
CA PHE H 116 18.71 8.18 -12.62
C PHE H 116 17.88 8.99 -13.61
N ARG H 117 18.46 9.35 -14.76
CA ARG H 117 17.72 10.08 -15.77
C ARG H 117 17.44 9.23 -17.02
N LYS H 118 17.56 7.90 -16.89
CA LYS H 118 17.43 6.94 -18.00
C LYS H 118 18.58 7.07 -19.01
N LEU H 119 19.75 7.49 -18.54
CA LEU H 119 20.89 7.76 -19.42
C LEU H 119 21.88 6.61 -19.55
N ASN H 120 21.73 5.57 -18.73
CA ASN H 120 22.73 4.52 -18.73
C ASN H 120 22.66 3.71 -20.01
N SER H 121 23.84 3.37 -20.54
CA SER H 121 23.90 2.51 -21.70
C SER H 121 23.16 1.19 -21.45
N ASP H 122 23.09 0.76 -20.18
CA ASP H 122 22.53 -0.52 -19.74
C ASP H 122 21.01 -0.59 -19.85
N VAL H 123 20.32 0.53 -20.06
CA VAL H 123 18.87 0.55 -20.11
C VAL H 123 18.34 -0.36 -21.20
N SER H 124 19.16 -0.63 -22.22
CA SER H 124 18.83 -1.45 -23.37
C SER H 124 18.73 -2.94 -23.05
N GLN H 125 19.01 -3.34 -21.82
CA GLN H 125 18.94 -4.75 -21.46
C GLN H 125 17.57 -5.16 -20.90
N VAL H 126 16.69 -4.20 -20.67
CA VAL H 126 15.35 -4.50 -20.14
C VAL H 126 14.57 -5.28 -21.21
N PRO H 127 13.92 -6.38 -20.86
CA PRO H 127 13.03 -7.05 -21.81
C PRO H 127 11.95 -6.12 -22.29
N SER H 128 11.52 -6.35 -23.53
CA SER H 128 10.54 -5.48 -24.16
C SER H 128 9.24 -5.43 -23.37
N VAL H 129 8.97 -6.46 -22.55
CA VAL H 129 7.76 -6.50 -21.75
C VAL H 129 7.64 -5.26 -20.88
N TRP H 130 8.78 -4.66 -20.52
CA TRP H 130 8.81 -3.55 -19.58
C TRP H 130 9.52 -2.33 -20.17
N SER H 131 9.65 -2.27 -21.49
CA SER H 131 10.30 -1.13 -22.09
C SER H 131 9.55 0.17 -21.81
N ASN H 132 8.20 0.12 -21.82
CA ASN H 132 7.42 1.33 -21.55
C ASN H 132 7.23 1.59 -20.06
N LEU H 133 7.79 0.75 -19.20
CA LEU H 133 7.69 0.93 -17.76
C LEU H 133 8.97 1.50 -17.17
N ILE H 134 10.08 1.47 -17.90
CA ILE H 134 11.30 2.10 -17.42
C ILE H 134 11.03 3.56 -17.12
N ALA H 135 11.80 4.13 -16.20
CA ALA H 135 11.52 5.48 -15.73
C ALA H 135 12.79 6.30 -15.60
N ASP H 136 12.59 7.61 -15.68
CA ASP H 136 13.62 8.59 -15.40
C ASP H 136 13.22 9.26 -14.09
N LEU H 137 14.04 9.09 -13.07
CA LEU H 137 13.69 9.66 -11.80
C LEU H 137 13.63 11.17 -11.86
N GLY H 138 14.21 11.75 -12.90
CA GLY H 138 14.35 13.17 -12.98
C GLY H 138 15.22 13.67 -11.85
N ILE H 139 16.36 13.02 -11.60
CA ILE H 139 17.25 13.44 -10.53
C ILE H 139 18.69 13.21 -10.91
N GLU H 140 19.53 14.25 -10.69
CA GLU H 140 20.99 14.22 -10.73
C GLU H 140 21.50 14.84 -9.43
N PHE H 141 22.81 14.72 -9.16
CA PHE H 141 23.38 15.31 -7.94
C PHE H 141 24.83 15.69 -8.18
N PHE H 142 25.35 16.52 -7.28
CA PHE H 142 26.67 17.12 -7.44
C PHE H 142 27.41 17.18 -6.11
N LEU H 143 28.73 17.39 -6.21
CA LEU H 143 29.62 17.55 -5.04
C LEU H 143 29.70 19.02 -4.68
N ALA H 144 29.07 19.40 -3.56
CA ALA H 144 28.77 20.79 -3.30
C ALA H 144 30.00 21.67 -3.34
N THR H 145 29.86 22.82 -4.00
CA THR H 145 30.91 23.82 -4.00
C THR H 145 31.19 24.30 -2.58
N LYS H 146 30.24 24.13 -1.67
CA LYS H 146 30.30 24.73 -0.35
C LYS H 146 30.05 23.68 0.74
N ASP H 147 30.82 23.77 1.81
CA ASP H 147 30.61 22.94 3.00
C ASP H 147 29.54 23.59 3.86
N PRO H 148 29.01 22.88 4.87
CA PRO H 148 27.85 23.41 5.60
C PRO H 148 28.12 24.73 6.29
N ASN H 149 29.37 25.06 6.57
CA ASN H 149 29.68 26.33 7.21
C ASN H 149 29.80 27.47 6.21
N GLY H 150 29.90 27.18 4.91
CA GLY H 150 29.86 28.19 3.87
C GLY H 150 31.09 28.21 2.97
N ASN H 151 32.24 27.82 3.51
CA ASN H 151 33.49 27.91 2.76
C ASN H 151 33.47 26.94 1.58
N GLN H 152 34.25 27.28 0.56
CA GLN H 152 34.31 26.46 -0.63
C GLN H 152 34.97 25.11 -0.28
N THR H 153 34.32 24.03 -0.69
CA THR H 153 34.77 22.70 -0.32
C THR H 153 34.72 21.77 -1.52
N THR H 154 35.64 20.81 -1.53
CA THR H 154 35.70 19.86 -2.63
C THR H 154 34.42 19.02 -2.69
N GLY H 155 34.02 18.48 -1.55
CA GLY H 155 32.99 17.46 -1.51
C GLY H 155 33.51 16.10 -1.09
N ILE H 156 34.78 15.99 -0.71
CA ILE H 156 35.39 14.74 -0.26
C ILE H 156 36.22 15.01 1.01
N THR H 157 35.72 14.55 2.17
CA THR H 157 36.47 14.58 3.40
C THR H 157 37.18 13.24 3.58
N ARG H 158 38.49 13.30 3.83
CA ARG H 158 39.31 12.11 4.07
C ARG H 158 39.72 12.10 5.55
N THR H 159 39.37 11.02 6.25
CA THR H 159 39.68 10.88 7.67
C THR H 159 40.47 9.59 7.90
N GLN H 160 41.66 9.73 8.49
CA GLN H 160 42.42 8.57 8.94
C GLN H 160 41.76 7.98 10.17
N THR H 161 41.51 6.67 10.15
CA THR H 161 40.90 5.96 11.26
C THR H 161 41.77 4.80 11.72
N SER H 162 41.84 4.62 13.04
CA SER H 162 42.52 3.45 13.57
C SER H 162 41.68 2.18 13.42
N VAL H 163 40.35 2.27 13.30
CA VAL H 163 39.51 1.09 13.20
C VAL H 163 39.70 0.42 11.84
N THR H 164 39.34 -0.86 11.79
CA THR H 164 39.48 -1.67 10.58
C THR H 164 38.17 -2.13 10.01
N PHE H 165 37.23 -2.50 10.86
CA PHE H 165 35.93 -3.03 10.46
C PHE H 165 34.86 -1.98 10.75
N PHE H 166 33.72 -2.11 10.07
CA PHE H 166 32.57 -1.27 10.35
C PHE H 166 31.29 -2.06 10.15
N THR H 167 30.26 -1.69 10.91
CA THR H 167 29.10 -2.54 11.16
C THR H 167 27.82 -1.84 10.73
N THR H 168 26.71 -2.57 10.88
CA THR H 168 25.39 -1.98 10.83
C THR H 168 25.06 -1.20 12.08
N SER H 169 26.02 -1.05 12.99
CA SER H 169 25.89 -0.17 14.13
C SER H 169 26.00 1.30 13.76
N ASP H 170 26.35 1.59 12.50
CA ASP H 170 26.52 2.94 11.95
C ASP H 170 27.60 3.73 12.66
N GLU H 171 28.48 3.04 13.40
CA GLU H 171 29.53 3.72 14.16
C GLU H 171 30.51 4.47 13.25
N VAL H 172 30.65 4.05 11.98
CA VAL H 172 31.54 4.77 11.06
C VAL H 172 31.01 6.16 10.76
N LYS H 173 29.71 6.40 10.94
CA LYS H 173 29.14 7.71 10.67
C LYS H 173 29.62 8.76 11.66
N PHE H 174 29.69 8.40 12.95
CA PHE H 174 29.98 9.36 13.99
C PHE H 174 31.49 9.54 14.15
N ALA H 175 31.89 10.73 14.64
CA ALA H 175 33.31 11.07 14.74
C ALA H 175 34.02 10.26 15.83
N SER H 176 33.35 10.02 16.96
CA SER H 176 33.95 9.33 18.10
C SER H 176 34.42 7.92 17.74
N SER H 177 33.87 7.33 16.68
CA SER H 177 34.19 5.97 16.27
C SER H 177 34.95 5.97 14.95
N GLY H 178 35.88 6.91 14.80
CA GLY H 178 36.73 6.93 13.62
C GLY H 178 35.93 7.02 12.35
N GLY H 179 35.11 8.07 12.24
CA GLY H 179 34.36 8.30 11.03
C GLY H 179 33.82 9.71 10.98
N GLU H 180 34.01 10.41 9.86
CA GLU H 180 33.76 11.85 9.83
C GLU H 180 32.30 12.16 10.20
N ASP H 181 32.14 13.21 11.00
CA ASP H 181 30.81 13.66 11.39
C ASP H 181 29.94 13.92 10.17
N ALA H 182 28.70 13.46 10.24
CA ALA H 182 27.78 13.66 9.13
C ALA H 182 27.45 15.14 8.96
N TRP H 183 27.48 15.62 7.71
CA TRP H 183 27.05 16.98 7.40
C TRP H 183 25.53 17.06 7.49
N PRO H 184 24.97 18.25 7.74
CA PRO H 184 23.54 18.35 8.02
C PRO H 184 22.71 17.72 6.91
N ALA H 185 21.63 17.04 7.32
CA ALA H 185 20.88 16.18 6.40
C ALA H 185 20.03 16.96 5.39
N ASP H 186 19.53 18.15 5.76
CA ASP H 186 18.71 18.92 4.83
C ASP H 186 19.56 19.60 3.75
N ARG H 187 20.79 20.05 4.09
CA ARG H 187 21.62 20.70 3.09
C ARG H 187 22.28 19.70 2.14
N TYR H 188 22.83 18.60 2.67
CA TYR H 188 23.60 17.67 1.86
C TYR H 188 23.12 16.25 2.08
N LEU H 189 23.51 15.37 1.16
CA LEU H 189 23.29 13.94 1.31
C LEU H 189 24.64 13.28 1.61
N ASN H 190 24.75 12.71 2.80
CA ASN H 190 26.02 12.25 3.31
C ASN H 190 26.37 10.88 2.77
N ILE H 191 27.67 10.67 2.60
CA ILE H 191 28.23 9.46 2.04
C ILE H 191 29.40 9.01 2.92
N TRP H 192 29.49 7.72 3.19
CA TRP H 192 30.63 7.14 3.88
C TRP H 192 31.19 6.02 3.02
N VAL H 193 32.50 6.08 2.73
CA VAL H 193 33.18 5.05 1.97
C VAL H 193 34.35 4.54 2.78
N CYS H 194 34.33 3.26 3.12
CA CYS H 194 35.40 2.65 3.91
C CYS H 194 35.75 1.30 3.31
N HIS H 195 36.76 0.66 3.91
CA HIS H 195 37.33 -0.52 3.29
C HIS H 195 36.62 -1.81 3.66
N VAL H 196 36.09 -1.91 4.88
CA VAL H 196 35.51 -3.15 5.40
C VAL H 196 34.13 -2.86 6.00
N LEU H 197 33.11 -3.54 5.49
CA LEU H 197 31.76 -3.39 6.02
C LEU H 197 31.17 -4.76 6.33
N LYS H 198 30.65 -4.91 7.55
CA LYS H 198 30.17 -6.17 8.06
C LYS H 198 28.80 -5.99 8.71
N SER H 199 28.04 -7.07 8.75
CA SER H 199 26.73 -7.10 9.39
C SER H 199 26.84 -7.57 10.84
N GLU H 200 25.74 -7.44 11.59
CA GLU H 200 25.70 -8.02 12.94
C GLU H 200 25.71 -9.55 12.89
N ILE H 201 25.07 -10.14 11.87
CA ILE H 201 25.23 -11.55 11.58
C ILE H 201 26.69 -11.86 11.27
N GLY H 202 27.44 -10.86 10.83
CA GLY H 202 28.82 -11.03 10.45
C GLY H 202 29.05 -11.05 8.95
N GLN H 203 28.04 -11.44 8.18
CA GLN H 203 28.20 -11.54 6.74
C GLN H 203 28.65 -10.19 6.17
N ASP H 204 29.71 -10.23 5.36
CA ASP H 204 30.31 -9.00 4.84
C ASP H 204 29.34 -8.31 3.88
N ILE H 205 29.00 -7.07 4.18
CA ILE H 205 28.06 -6.32 3.37
C ILE H 205 28.84 -5.41 2.43
N LEU H 206 28.18 -5.02 1.34
CA LEU H 206 28.76 -4.06 0.40
C LEU H 206 28.37 -2.63 0.73
N GLY H 207 27.30 -2.47 1.49
CA GLY H 207 26.84 -1.15 1.88
C GLY H 207 25.49 -1.27 2.55
N TYR H 208 25.02 -0.14 3.05
CA TYR H 208 23.69 -0.05 3.63
C TYR H 208 23.10 1.32 3.27
N ALA H 209 22.07 1.72 4.00
CA ALA H 209 21.39 2.99 3.80
C ALA H 209 20.47 3.21 4.98
N GLN H 210 20.23 4.46 5.32
CA GLN H 210 19.28 4.80 6.38
C GLN H 210 18.03 5.38 5.74
N PHE H 211 16.86 4.93 6.17
CA PHE H 211 15.64 5.33 5.52
C PHE H 211 15.29 6.77 5.85
N PRO H 212 14.52 7.41 4.99
CA PRO H 212 14.23 8.83 5.17
C PRO H 212 13.36 9.09 6.37
N GLY H 213 13.43 10.32 6.85
CA GLY H 213 12.84 10.68 8.11
C GLY H 213 13.61 10.15 9.29
N GLY H 214 14.74 9.50 9.03
CA GLY H 214 15.55 8.96 10.08
C GLY H 214 16.27 10.05 10.83
N PRO H 215 16.83 9.71 11.98
CA PRO H 215 17.58 10.69 12.78
C PRO H 215 18.76 11.26 12.01
N ALA H 216 18.99 12.56 12.24
CA ALA H 216 19.78 13.37 11.32
C ALA H 216 21.16 12.79 11.11
N GLU H 217 21.85 12.48 12.20
CA GLU H 217 23.26 12.17 12.11
C GLU H 217 23.56 10.88 11.37
N THR H 218 22.54 10.08 11.06
CA THR H 218 22.71 8.91 10.23
C THR H 218 22.05 9.08 8.86
N ASP H 219 21.53 10.27 8.56
CA ASP H 219 20.72 10.48 7.37
C ASP H 219 21.59 10.48 6.11
N GLY H 220 22.08 9.31 5.77
CA GLY H 220 22.93 9.16 4.62
C GLY H 220 23.06 7.70 4.29
N VAL H 221 24.07 7.40 3.50
CA VAL H 221 24.29 6.04 3.02
C VAL H 221 25.78 5.75 3.09
N VAL H 222 26.11 4.46 3.23
CA VAL H 222 27.49 4.00 3.29
C VAL H 222 27.67 2.87 2.29
N ILE H 223 28.75 2.96 1.51
CA ILE H 223 29.12 1.93 0.54
C ILE H 223 30.59 1.62 0.76
N VAL H 224 30.93 0.32 0.71
CA VAL H 224 32.33 -0.05 0.85
C VAL H 224 33.13 0.53 -0.31
N ASP H 225 34.44 0.58 -0.13
CA ASP H 225 35.25 1.21 -1.16
C ASP H 225 35.31 0.39 -2.44
N ALA H 226 35.16 -0.93 -2.37
CA ALA H 226 35.32 -1.71 -3.59
C ALA H 226 34.06 -1.76 -4.43
N ALA H 227 33.00 -1.09 -4.01
CA ALA H 227 31.76 -0.98 -4.78
C ALA H 227 31.52 0.42 -5.29
N PHE H 228 32.44 1.33 -5.00
CA PHE H 228 32.24 2.77 -5.16
C PHE H 228 32.98 3.21 -6.42
N GLY H 229 32.27 3.36 -7.52
CA GLY H 229 32.86 3.91 -8.71
C GLY H 229 33.32 2.87 -9.70
N THR H 230 34.01 3.35 -10.73
CA THR H 230 34.38 2.54 -11.90
C THR H 230 35.88 2.42 -12.10
N THR H 231 36.70 2.78 -11.11
CA THR H 231 38.14 2.67 -11.24
C THR H 231 38.77 2.71 -9.85
N GLY H 232 40.10 2.71 -9.81
CA GLY H 232 40.79 2.73 -8.54
C GLY H 232 40.50 1.44 -7.78
N THR H 233 40.14 1.60 -6.51
CA THR H 233 39.87 0.45 -5.63
C THR H 233 38.55 -0.23 -5.94
N ALA H 234 37.78 0.30 -6.89
CA ALA H 234 36.53 -0.33 -7.28
C ALA H 234 36.81 -1.64 -8.01
N LEU H 235 36.05 -2.69 -7.65
CA LEU H 235 36.24 -4.03 -8.17
C LEU H 235 34.90 -4.66 -8.58
N PRO H 236 34.92 -5.49 -9.62
CA PRO H 236 33.66 -6.07 -10.15
C PRO H 236 33.25 -7.29 -9.34
N PRO H 237 31.95 -7.66 -9.36
CA PRO H 237 30.84 -7.10 -10.13
C PRO H 237 30.21 -5.90 -9.46
N PHE H 238 31.03 -4.96 -8.95
CA PHE H 238 30.57 -3.66 -8.45
C PHE H 238 31.42 -2.54 -9.04
N ASP H 239 32.06 -2.80 -10.18
CA ASP H 239 32.82 -1.77 -10.88
C ASP H 239 31.90 -0.78 -11.59
N LYS H 240 30.70 -1.19 -12.01
CA LYS H 240 29.76 -0.24 -12.58
C LYS H 240 29.26 0.78 -11.56
N GLY H 241 29.50 0.55 -10.27
CA GLY H 241 29.11 1.49 -9.26
C GLY H 241 27.63 1.53 -8.96
N ARG H 242 26.85 0.61 -9.55
CA ARG H 242 25.43 0.52 -9.27
C ARG H 242 25.14 0.11 -7.83
N THR H 243 26.17 -0.37 -7.11
CA THR H 243 26.00 -0.75 -5.71
C THR H 243 25.54 0.44 -4.89
N ALA H 244 26.16 1.60 -5.12
CA ALA H 244 25.71 2.83 -4.50
C ALA H 244 24.31 3.21 -4.99
N THR H 245 24.06 3.05 -6.29
CA THR H 245 22.72 3.36 -6.82
C THR H 245 21.64 2.66 -6.04
N HIS H 246 21.89 1.39 -5.69
CA HIS H 246 20.90 0.55 -5.01
C HIS H 246 20.58 1.08 -3.61
N ALA H 247 21.61 1.14 -2.75
CA ALA H 247 21.42 1.68 -1.40
C ALA H 247 21.03 3.16 -1.42
N ILE H 248 21.19 3.85 -2.55
CA ILE H 248 20.62 5.18 -2.68
C ILE H 248 19.11 5.11 -2.64
N GLY H 249 18.54 4.11 -3.32
CA GLY H 249 17.10 3.99 -3.43
C GLY H 249 16.42 3.86 -2.08
N HIS H 250 17.10 3.26 -1.10
CA HIS H 250 16.62 3.30 0.28
C HIS H 250 16.66 4.72 0.85
N TRP H 251 17.50 5.62 0.28
CA TRP H 251 17.48 7.02 0.71
C TRP H 251 16.35 7.78 0.05
N LEU H 252 15.83 7.23 -1.02
CA LEU H 252 14.60 7.68 -1.63
C LEU H 252 13.40 6.88 -1.14
N ASN H 253 13.59 6.04 -0.12
CA ASN H 253 12.51 5.29 0.51
C ASN H 253 11.96 4.22 -0.44
N LEU H 254 12.87 3.50 -1.08
CA LEU H 254 12.51 2.35 -1.91
C LEU H 254 12.79 1.06 -1.16
N TYR H 255 11.77 0.23 -0.99
CA TYR H 255 11.98 -1.10 -0.43
C TYR H 255 12.57 -2.01 -1.50
N HIS H 256 13.37 -2.97 -1.06
CA HIS H 256 13.77 -4.07 -1.93
C HIS H 256 12.54 -4.63 -2.61
N ILE H 257 12.73 -5.22 -3.80
CA ILE H 257 11.58 -5.71 -4.58
C ILE H 257 10.80 -6.80 -3.81
N TRP H 258 11.49 -7.54 -2.94
CA TRP H 258 10.91 -8.74 -2.34
C TRP H 258 10.13 -8.47 -1.05
N GLY H 259 10.05 -7.21 -0.61
CA GLY H 259 9.55 -6.89 0.72
C GLY H 259 10.75 -6.69 1.61
N ASP H 260 10.83 -7.47 2.69
CA ASP H 260 12.14 -7.67 3.29
C ASP H 260 12.13 -8.90 4.17
N GLU H 261 13.33 -9.38 4.47
CA GLU H 261 13.54 -10.45 5.45
C GLU H 261 13.57 -9.93 6.89
N LEU H 262 13.69 -8.62 7.11
CA LEU H 262 13.31 -8.06 8.40
C LEU H 262 11.86 -8.40 8.69
N ARG H 263 11.02 -8.37 7.66
CA ARG H 263 9.58 -8.53 7.84
C ARG H 263 9.26 -10.01 8.11
N PHE H 264 8.56 -10.25 9.21
CA PHE H 264 8.10 -11.60 9.51
C PHE H 264 6.82 -11.82 8.74
N GLU H 265 6.90 -12.63 7.69
CA GLU H 265 5.72 -12.99 6.93
C GLU H 265 6.05 -14.18 6.05
N ASP H 266 5.00 -14.80 5.53
CA ASP H 266 5.16 -15.69 4.40
C ASP H 266 5.69 -14.86 3.23
N PRO H 267 6.67 -15.36 2.47
CA PRO H 267 7.49 -14.46 1.64
C PRO H 267 6.71 -13.72 0.56
N CYS H 268 5.52 -14.21 0.18
CA CYS H 268 4.73 -13.54 -0.84
C CYS H 268 3.97 -12.33 -0.31
N SER H 269 3.73 -12.23 0.98
CA SER H 269 2.96 -11.13 1.51
C SER H 269 3.84 -9.96 1.99
N ARG H 270 5.14 -9.99 1.69
CA ARG H 270 6.02 -8.83 1.86
C ARG H 270 6.27 -8.20 0.49
N SER H 271 6.05 -6.89 0.40
CA SER H 271 6.04 -6.21 -0.88
C SER H 271 6.76 -4.88 -0.76
N ASP H 272 7.25 -4.37 -1.89
CA ASP H 272 7.96 -3.09 -1.99
C ASP H 272 7.01 -1.90 -2.13
N GLU H 273 5.70 -2.15 -2.09
CA GLU H 273 4.67 -1.12 -2.17
C GLU H 273 4.80 -0.35 -3.47
N VAL H 274 5.20 -1.06 -4.52
CA VAL H 274 5.30 -0.54 -5.87
C VAL H 274 4.49 -1.45 -6.78
N ASP H 275 3.44 -0.92 -7.38
CA ASP H 275 2.51 -1.80 -8.07
C ASP H 275 3.13 -2.41 -9.32
N ASP H 276 3.97 -1.67 -10.04
CA ASP H 276 4.39 -2.13 -11.34
C ASP H 276 5.63 -3.04 -11.30
N THR H 277 6.17 -3.34 -10.12
CA THR H 277 7.22 -4.36 -10.10
C THR H 277 6.63 -5.69 -9.68
N PRO H 278 6.93 -6.80 -10.37
CA PRO H 278 6.25 -8.07 -10.06
C PRO H 278 6.68 -8.53 -8.68
N ASN H 279 5.71 -8.72 -7.79
CA ASN H 279 6.03 -8.94 -6.38
C ASN H 279 6.73 -10.28 -6.24
N GLN H 280 8.05 -10.24 -6.12
CA GLN H 280 8.88 -11.40 -5.89
C GLN H 280 9.12 -11.53 -4.40
N ALA H 281 9.72 -12.65 -4.01
CA ALA H 281 10.08 -12.85 -2.62
C ALA H 281 11.53 -13.23 -2.42
N ASP H 282 12.25 -13.63 -3.47
CA ASP H 282 13.63 -14.08 -3.36
C ASP H 282 14.55 -13.17 -4.15
N PRO H 283 15.52 -12.51 -3.52
CA PRO H 283 16.54 -11.80 -4.29
C PRO H 283 17.32 -12.74 -5.18
N ASN H 284 17.62 -12.27 -6.39
CA ASN H 284 18.51 -12.94 -7.34
C ASN H 284 19.85 -12.20 -7.32
N PHE H 285 20.94 -12.93 -7.14
CA PHE H 285 22.27 -12.34 -7.24
C PHE H 285 22.94 -12.81 -8.52
N GLY H 286 24.14 -12.27 -8.77
CA GLY H 286 24.82 -12.57 -10.01
C GLY H 286 24.10 -11.92 -11.19
N CYS H 287 24.03 -12.66 -12.28
CA CYS H 287 23.23 -12.24 -13.41
C CYS H 287 22.27 -13.34 -13.81
N PRO H 288 20.98 -13.04 -13.93
CA PRO H 288 19.98 -14.09 -14.14
C PRO H 288 19.63 -14.29 -15.60
N SER H 289 18.99 -15.41 -15.87
CA SER H 289 18.44 -15.71 -17.19
C SER H 289 16.94 -15.45 -17.16
N TYR H 290 16.46 -14.65 -18.12
CA TYR H 290 15.03 -14.30 -18.16
C TYR H 290 14.20 -15.54 -18.52
N PRO H 291 13.09 -15.81 -17.82
CA PRO H 291 12.61 -15.12 -16.61
C PRO H 291 12.81 -15.90 -15.30
N HIS H 292 12.93 -15.21 -14.19
CA HIS H 292 12.98 -15.84 -12.88
C HIS H 292 11.64 -15.61 -12.21
N VAL H 293 10.95 -16.69 -11.88
CA VAL H 293 9.54 -16.67 -11.53
C VAL H 293 9.41 -16.84 -10.02
N SER H 294 9.09 -15.76 -9.31
CA SER H 294 8.99 -15.76 -7.85
C SER H 294 7.61 -15.25 -7.43
N CYS H 295 6.88 -16.06 -6.66
CA CYS H 295 5.49 -15.79 -6.29
C CYS H 295 4.64 -15.56 -7.55
N SER H 296 4.61 -16.59 -8.38
CA SER H 296 4.01 -16.55 -9.72
C SER H 296 4.67 -15.40 -10.47
N ASN H 297 3.93 -14.40 -10.96
CA ASN H 297 4.35 -13.30 -11.84
C ASN H 297 4.91 -13.79 -13.19
N GLY H 298 4.68 -15.06 -13.53
CA GLY H 298 5.09 -15.60 -14.80
C GLY H 298 4.13 -15.21 -15.89
N PRO H 299 4.61 -15.23 -17.11
CA PRO H 299 6.01 -15.50 -17.48
C PRO H 299 6.82 -14.20 -17.45
N ASN H 300 6.23 -13.13 -16.92
CA ASN H 300 6.94 -11.86 -16.80
C ASN H 300 8.26 -12.02 -16.04
N GLY H 301 8.28 -12.91 -15.05
CA GLY H 301 9.49 -13.12 -14.29
C GLY H 301 9.79 -11.97 -13.35
N ASP H 302 10.85 -12.14 -12.57
CA ASP H 302 11.24 -11.11 -11.63
C ASP H 302 11.84 -9.92 -12.38
N MET H 303 11.91 -8.78 -11.70
CA MET H 303 12.52 -7.60 -12.30
C MET H 303 13.97 -7.47 -11.83
N PHE H 304 14.79 -8.45 -12.26
CA PHE H 304 16.20 -8.46 -11.84
C PHE H 304 16.94 -7.26 -12.41
N MET H 305 16.47 -6.71 -13.51
CA MET H 305 17.03 -5.49 -14.04
C MET H 305 16.90 -4.32 -13.08
N ASN H 306 16.01 -4.44 -12.09
CA ASN H 306 15.80 -3.35 -11.15
C ASN H 306 16.99 -3.23 -10.19
N TYR H 307 17.38 -1.98 -9.89
CA TYR H 307 18.52 -1.73 -9.01
C TYR H 307 18.26 -2.20 -7.59
N MET H 308 17.02 -2.43 -7.22
CA MET H 308 16.72 -2.88 -5.87
C MET H 308 16.81 -4.39 -5.72
N ASP H 309 17.15 -5.13 -6.78
CA ASP H 309 17.50 -6.54 -6.65
C ASP H 309 18.99 -6.68 -6.42
N TYR H 310 19.39 -7.86 -5.97
CA TYR H 310 20.75 -8.09 -5.54
C TYR H 310 21.67 -8.54 -6.68
N VAL H 311 21.26 -8.34 -7.93
CA VAL H 311 22.02 -8.81 -9.09
C VAL H 311 23.36 -8.08 -9.15
N ASP H 312 24.25 -8.55 -10.02
CA ASP H 312 25.49 -7.84 -10.29
C ASP H 312 25.20 -6.46 -10.90
N ASP H 313 26.26 -5.65 -11.02
CA ASP H 313 26.09 -4.24 -11.40
C ASP H 313 25.66 -4.09 -12.86
N LYS H 314 26.17 -4.94 -13.75
CA LYS H 314 25.87 -4.81 -15.18
C LYS H 314 24.49 -5.34 -15.55
N CYS H 315 23.74 -5.91 -14.61
CA CYS H 315 22.41 -6.43 -14.89
C CYS H 315 21.30 -5.65 -14.20
N MET H 316 21.60 -4.94 -13.11
CA MET H 316 20.67 -3.97 -12.56
C MET H 316 20.86 -2.67 -13.32
N VAL H 317 19.82 -2.26 -14.06
CA VAL H 317 19.97 -1.16 -15.01
C VAL H 317 18.95 -0.05 -14.83
N MET H 318 17.82 -0.25 -14.16
CA MET H 318 16.74 0.71 -14.34
C MET H 318 15.97 0.93 -13.07
N PHE H 319 15.04 1.86 -13.14
CA PHE H 319 14.06 2.12 -12.10
C PHE H 319 12.68 2.15 -12.73
N THR H 320 11.66 1.77 -11.96
CA THR H 320 10.32 1.71 -12.49
C THR H 320 9.58 3.01 -12.29
N GLN H 321 8.58 3.23 -13.14
CA GLN H 321 7.74 4.40 -13.00
C GLN H 321 7.14 4.46 -11.60
N GLY H 322 6.59 3.34 -11.13
CA GLY H 322 6.00 3.32 -9.80
C GLY H 322 7.00 3.75 -8.75
N GLN H 323 8.23 3.21 -8.83
CA GLN H 323 9.25 3.53 -7.84
C GLN H 323 9.55 5.03 -7.82
N ALA H 324 9.68 5.61 -9.01
CA ALA H 324 9.90 7.04 -9.09
C ALA H 324 8.79 7.79 -8.37
N THR H 325 7.54 7.42 -8.64
CA THR H 325 6.40 8.05 -7.96
C THR H 325 6.56 7.95 -6.45
N ARG H 326 7.11 6.84 -5.95
CA ARG H 326 7.42 6.74 -4.53
C ARG H 326 8.54 7.69 -4.15
N VAL H 327 9.55 7.83 -5.02
CA VAL H 327 10.60 8.79 -4.74
C VAL H 327 9.98 10.18 -4.63
N ASN H 328 9.12 10.52 -5.59
CA ASN H 328 8.45 11.82 -5.58
C ASN H 328 7.85 12.09 -4.21
N ALA H 329 7.16 11.10 -3.64
CA ALA H 329 6.56 11.26 -2.32
C ALA H 329 7.60 11.46 -1.24
N CYS H 330 8.78 10.82 -1.37
CA CYS H 330 9.84 11.07 -0.40
C CYS H 330 10.34 12.51 -0.50
N LEU H 331 10.33 13.08 -1.70
CA LEU H 331 10.92 14.40 -1.89
C LEU H 331 10.01 15.49 -1.36
N ASP H 332 8.71 15.33 -1.55
CA ASP H 332 7.80 16.44 -1.25
C ASP H 332 7.68 16.66 0.25
N GLY H 333 7.45 15.59 1.01
CA GLY H 333 7.17 15.72 2.43
C GLY H 333 8.37 15.54 3.36
N PRO H 334 9.04 14.39 3.25
CA PRO H 334 10.23 14.17 4.09
C PRO H 334 11.40 15.05 3.72
N ARG H 335 11.71 15.15 2.43
CA ARG H 335 12.89 15.83 1.93
C ARG H 335 12.58 17.18 1.31
N SER H 336 11.47 17.82 1.72
CA SER H 336 11.06 19.10 1.17
C SER H 336 12.18 20.14 1.19
N SER H 337 13.19 19.92 2.03
CA SER H 337 14.29 20.87 2.14
C SER H 337 15.06 21.01 0.82
N PHE H 338 15.34 19.88 0.16
CA PHE H 338 16.26 19.92 -0.98
C PHE H 338 15.63 20.55 -2.22
N LEU H 339 14.32 20.47 -2.36
CA LEU H 339 13.67 21.04 -3.53
C LEU H 339 13.75 22.56 -3.55
N ALA H 340 13.68 23.19 -2.37
CA ALA H 340 13.57 24.64 -2.27
C ALA H 340 14.88 25.38 -2.55
N ARG H 341 16.00 24.67 -2.69
CA ARG H 341 17.33 25.29 -2.81
C ARG H 341 17.47 26.29 -3.94
N PRO I 36 -39.35 -25.95 17.24
CA PRO I 36 -37.88 -25.93 17.10
C PRO I 36 -37.11 -25.32 18.31
N THR I 37 -37.27 -25.87 19.52
CA THR I 37 -36.59 -25.35 20.72
C THR I 37 -35.20 -25.95 20.79
N GLN I 38 -34.18 -25.12 20.62
CA GLN I 38 -32.79 -25.53 20.61
C GLN I 38 -32.14 -25.09 21.92
N ARG I 39 -31.11 -25.82 22.33
CA ARG I 39 -30.37 -25.41 23.53
C ARG I 39 -29.44 -24.26 23.19
N ARG I 40 -29.52 -23.18 23.98
CA ARG I 40 -28.71 -21.99 23.76
C ARG I 40 -28.31 -21.41 25.10
N CYS I 41 -27.00 -21.39 25.37
CA CYS I 41 -26.44 -21.00 26.67
C CYS I 41 -25.77 -19.64 26.51
N GLY I 42 -26.31 -18.65 27.19
CA GLY I 42 -25.72 -17.33 27.11
C GLY I 42 -24.51 -17.11 27.99
N ALA I 43 -24.11 -18.10 28.79
CA ALA I 43 -23.04 -17.90 29.78
C ALA I 43 -21.78 -17.38 29.12
N MET I 44 -21.53 -17.80 27.89
CA MET I 44 -20.38 -17.28 27.19
C MET I 44 -20.61 -15.87 26.67
N GLU I 45 -21.86 -15.52 26.34
CA GLU I 45 -22.16 -14.14 25.99
C GLU I 45 -21.84 -13.21 27.15
N VAL I 46 -22.10 -13.68 28.38
CA VAL I 46 -21.68 -12.95 29.56
C VAL I 46 -20.17 -12.80 29.58
N HIS I 47 -19.44 -13.81 29.09
CA HIS I 47 -18.01 -13.87 29.33
C HIS I 47 -17.24 -12.76 28.61
N HIS I 48 -17.58 -12.46 27.35
CA HIS I 48 -16.97 -11.27 26.74
C HIS I 48 -17.26 -10.04 27.57
N ARG I 49 -18.54 -9.80 27.87
CA ARG I 49 -18.91 -8.60 28.61
C ARG I 49 -18.29 -8.59 29.99
N LEU I 50 -17.90 -9.77 30.51
CA LEU I 50 -17.18 -9.84 31.79
C LEU I 50 -15.79 -9.23 31.68
N LEU I 51 -15.14 -9.36 30.53
CA LEU I 51 -13.74 -8.98 30.43
C LEU I 51 -13.52 -7.50 30.69
N ARG I 52 -14.46 -6.66 30.26
CA ARG I 52 -14.16 -5.25 30.02
C ARG I 52 -13.66 -4.53 31.29
N SER I 53 -14.29 -4.76 32.45
CA SER I 53 -13.93 -3.98 33.64
C SER I 53 -12.54 -4.31 34.16
N ALA I 54 -11.96 -5.42 33.69
CA ALA I 54 -10.57 -5.80 33.94
C ALA I 54 -10.36 -6.11 35.41
N SER I 55 -11.35 -5.77 36.23
CA SER I 55 -11.36 -6.28 37.60
C SER I 55 -11.59 -7.78 37.57
N TYR I 56 -12.48 -8.22 36.68
CA TYR I 56 -12.68 -9.62 36.38
C TYR I 56 -11.50 -10.23 35.66
N VAL I 57 -10.70 -9.42 34.99
CA VAL I 57 -9.54 -9.94 34.27
C VAL I 57 -8.44 -10.36 35.24
N ARG I 58 -8.20 -9.57 36.28
CA ARG I 58 -7.19 -9.95 37.27
C ARG I 58 -7.50 -11.31 37.86
N GLU I 59 -8.72 -11.49 38.37
CA GLU I 59 -9.09 -12.75 39.02
C GLU I 59 -9.03 -13.91 38.05
N ARG I 60 -9.51 -13.70 36.82
CA ARG I 60 -9.66 -14.81 35.88
C ARG I 60 -8.33 -15.40 35.49
N ASP I 61 -7.27 -14.58 35.41
CA ASP I 61 -5.95 -15.13 35.18
C ASP I 61 -5.50 -15.99 36.36
N GLN I 62 -5.59 -15.45 37.57
CA GLN I 62 -5.23 -16.24 38.75
C GLN I 62 -6.03 -17.53 38.80
N ILE I 63 -7.32 -17.46 38.42
CA ILE I 63 -8.18 -18.62 38.49
C ILE I 63 -7.72 -19.72 37.54
N GLU I 64 -7.18 -19.34 36.38
CA GLU I 64 -6.80 -20.34 35.41
C GLU I 64 -5.45 -20.96 35.69
N ASN I 65 -4.55 -20.27 36.38
CA ASN I 65 -3.25 -20.84 36.67
C ASN I 65 -3.38 -22.03 37.61
N LEU I 66 -4.25 -21.93 38.61
CA LEU I 66 -4.55 -23.07 39.44
C LEU I 66 -5.11 -24.21 38.59
N ALA I 67 -6.11 -23.90 37.75
CA ALA I 67 -6.71 -24.92 36.88
C ALA I 67 -5.74 -25.40 35.83
N LEU I 68 -4.67 -24.65 35.57
CA LEU I 68 -3.62 -25.16 34.71
C LEU I 68 -2.67 -26.05 35.49
N LYS I 69 -2.12 -25.53 36.59
CA LYS I 69 -1.17 -26.31 37.38
C LYS I 69 -1.82 -27.61 37.87
N TYR I 70 -3.11 -27.55 38.23
CA TYR I 70 -3.81 -28.79 38.53
C TYR I 70 -3.79 -29.72 37.33
N LYS I 71 -3.95 -29.15 36.14
CA LYS I 71 -4.08 -29.98 34.95
C LYS I 71 -2.80 -30.79 34.70
N GLN I 72 -1.64 -30.13 34.76
CA GLN I 72 -0.40 -30.82 34.45
C GLN I 72 -0.13 -31.91 35.46
N GLY I 73 -0.68 -31.76 36.67
CA GLY I 73 -0.48 -32.66 37.78
C GLY I 73 0.22 -32.05 38.98
N PHE I 74 0.71 -30.81 38.87
CA PHE I 74 1.69 -30.25 39.80
C PHE I 74 1.29 -30.46 41.26
N ARG I 75 0.16 -29.87 41.66
CA ARG I 75 -0.37 -30.01 43.01
C ARG I 75 -1.74 -30.66 42.91
N ALA I 76 -1.91 -31.78 43.58
CA ALA I 76 -3.18 -32.48 43.53
C ALA I 76 -3.54 -33.01 44.91
N ILE I 77 -3.29 -32.23 45.96
CA ILE I 77 -3.80 -32.60 47.28
C ILE I 77 -5.32 -32.57 47.15
N SER I 78 -5.95 -33.75 47.20
CA SER I 78 -7.39 -33.86 46.99
C SER I 78 -8.06 -33.96 48.35
N ARG I 79 -9.15 -33.21 48.51
CA ARG I 79 -10.00 -33.40 49.67
C ARG I 79 -10.69 -34.74 49.53
N MET I 80 -10.74 -35.47 50.64
CA MET I 80 -11.44 -36.76 50.69
C MET I 80 -12.65 -36.64 51.62
N GLU I 81 -13.31 -35.49 51.53
CA GLU I 81 -14.63 -35.24 52.10
C GLU I 81 -15.42 -34.43 51.08
N ILE I 82 -16.63 -34.86 50.77
CA ILE I 82 -17.45 -34.08 49.85
C ILE I 82 -17.93 -32.82 50.56
N VAL I 83 -18.10 -31.75 49.79
CA VAL I 83 -18.53 -30.46 50.33
C VAL I 83 -19.96 -30.22 49.91
N LYS I 84 -20.80 -29.86 50.88
CA LYS I 84 -22.19 -29.51 50.65
C LYS I 84 -22.35 -27.99 50.71
N ILE I 85 -23.08 -27.42 49.74
CA ILE I 85 -23.01 -26.01 49.42
C ILE I 85 -24.40 -25.38 49.55
N PRO I 86 -24.54 -24.29 50.30
CA PRO I 86 -25.86 -23.67 50.47
C PRO I 86 -26.29 -22.92 49.21
N VAL I 87 -27.57 -23.05 48.89
CA VAL I 87 -28.13 -22.52 47.65
C VAL I 87 -29.45 -21.82 47.96
N VAL I 88 -29.68 -20.68 47.31
CA VAL I 88 -30.93 -19.94 47.41
C VAL I 88 -31.50 -19.77 46.00
N VAL I 89 -32.80 -20.04 45.86
CA VAL I 89 -33.50 -19.90 44.58
C VAL I 89 -34.29 -18.62 44.60
N HIS I 90 -34.12 -17.78 43.56
CA HIS I 90 -34.89 -16.57 43.38
C HIS I 90 -35.86 -16.81 42.21
N VAL I 91 -37.15 -16.87 42.52
CA VAL I 91 -38.18 -16.98 41.50
C VAL I 91 -38.68 -15.58 41.24
N VAL I 92 -38.67 -15.16 39.97
CA VAL I 92 -39.27 -13.89 39.55
C VAL I 92 -40.38 -14.21 38.57
N TRP I 93 -41.61 -14.07 39.04
CA TRP I 93 -42.79 -14.47 38.29
C TRP I 93 -43.56 -13.22 37.89
N ASN I 94 -43.80 -13.06 36.60
CA ASN I 94 -44.75 -12.08 36.11
C ASN I 94 -46.19 -12.55 36.33
N GLU I 95 -46.40 -13.86 36.36
CA GLU I 95 -47.68 -14.48 36.67
C GLU I 95 -47.41 -15.68 37.55
N GLU I 96 -48.47 -16.14 38.24
CA GLU I 96 -48.33 -17.27 39.16
C GLU I 96 -47.96 -18.57 38.45
N GLU I 97 -48.45 -18.79 37.23
CA GLU I 97 -48.07 -19.97 36.47
C GLU I 97 -46.56 -20.00 36.23
N GLU I 98 -45.96 -18.81 36.00
CA GLU I 98 -44.51 -18.69 35.95
C GLU I 98 -43.88 -19.06 37.29
N ASN I 99 -44.47 -18.58 38.39
CA ASN I 99 -43.99 -18.95 39.71
C ASN I 99 -44.06 -20.46 39.86
N ILE I 100 -42.94 -21.05 40.18
CA ILE I 100 -42.82 -22.49 40.15
C ILE I 100 -43.20 -23.06 41.50
N SER I 101 -43.80 -24.24 41.48
CA SER I 101 -44.11 -24.94 42.73
C SER I 101 -42.82 -25.24 43.48
N ASP I 102 -42.94 -25.32 44.81
CA ASP I 102 -41.81 -25.75 45.62
C ASP I 102 -41.41 -27.18 45.27
N ALA I 103 -42.40 -28.06 45.08
CA ALA I 103 -42.11 -29.42 44.65
C ALA I 103 -41.28 -29.44 43.36
N GLN I 104 -41.57 -28.51 42.45
CA GLN I 104 -40.75 -28.37 41.24
C GLN I 104 -39.31 -28.01 41.60
N ILE I 105 -39.13 -27.08 42.53
CA ILE I 105 -37.80 -26.62 42.90
C ILE I 105 -36.98 -27.78 43.44
N GLN I 106 -37.59 -28.63 44.26
CA GLN I 106 -36.88 -29.74 44.89
C GLN I 106 -36.45 -30.78 43.85
N SER I 107 -37.32 -31.08 42.88
CA SER I 107 -37.00 -32.08 41.86
C SER I 107 -35.68 -31.75 41.17
N GLN I 108 -35.42 -30.46 40.95
CA GLN I 108 -34.13 -30.03 40.44
C GLN I 108 -33.02 -30.26 41.46
N ILE I 109 -33.26 -29.86 42.73
CA ILE I 109 -32.25 -29.99 43.77
C ILE I 109 -31.78 -31.43 43.90
N ASP I 110 -32.73 -32.36 43.86
CA ASP I 110 -32.38 -33.77 43.98
C ASP I 110 -31.60 -34.26 42.77
N ILE I 111 -32.00 -33.84 41.55
CA ILE I 111 -31.38 -34.38 40.34
C ILE I 111 -29.92 -33.96 40.26
N LEU I 112 -29.58 -32.80 40.82
CA LEU I 112 -28.18 -32.38 40.85
C LEU I 112 -27.35 -33.27 41.77
N ASN I 113 -27.84 -33.54 42.97
CA ASN I 113 -27.13 -34.40 43.91
C ASN I 113 -27.01 -35.83 43.40
N LYS I 114 -27.91 -36.25 42.49
CA LYS I 114 -27.70 -37.50 41.76
C LYS I 114 -26.61 -37.35 40.71
N ASP I 115 -26.59 -36.23 39.98
CA ASP I 115 -25.69 -36.10 38.82
C ASP I 115 -24.23 -35.93 39.23
N PHE I 116 -23.97 -35.31 40.36
CA PHE I 116 -22.62 -34.86 40.68
C PHE I 116 -21.81 -35.87 41.49
N ARG I 117 -22.46 -36.89 42.05
CA ARG I 117 -21.76 -37.92 42.81
C ARG I 117 -21.73 -39.26 42.07
N LYS I 118 -22.00 -39.25 40.76
CA LYS I 118 -22.15 -40.45 39.93
C LYS I 118 -23.38 -41.28 40.32
N LEU I 119 -24.43 -40.62 40.80
CA LEU I 119 -25.61 -41.32 41.29
C LEU I 119 -26.74 -41.42 40.28
N ASN I 120 -26.65 -40.71 39.16
CA ASN I 120 -27.77 -40.68 38.22
C ASN I 120 -27.94 -42.05 37.55
N SER I 121 -29.21 -42.45 37.41
CA SER I 121 -29.51 -43.69 36.69
C SER I 121 -28.92 -43.64 35.28
N ASP I 122 -28.79 -42.43 34.71
CA ASP I 122 -28.34 -42.19 33.33
C ASP I 122 -26.87 -42.52 33.10
N VAL I 123 -26.07 -42.69 34.16
CA VAL I 123 -24.64 -42.91 33.99
C VAL I 123 -24.37 -44.15 33.15
N SER I 124 -25.32 -45.08 33.10
CA SER I 124 -25.23 -46.34 32.38
C SER I 124 -25.28 -46.17 30.85
N GLN I 125 -25.47 -44.96 30.36
CA GLN I 125 -25.54 -44.75 28.92
C GLN I 125 -24.19 -44.42 28.30
N VAL I 126 -23.16 -44.21 29.11
CA VAL I 126 -21.82 -43.90 28.58
C VAL I 126 -21.28 -45.11 27.84
N PRO I 127 -20.72 -44.94 26.65
CA PRO I 127 -20.07 -46.07 25.99
C PRO I 127 -18.94 -46.60 26.84
N SER I 128 -18.69 -47.90 26.68
CA SER I 128 -17.69 -48.57 27.49
C SER I 128 -16.30 -47.96 27.29
N VAL I 129 -16.07 -47.27 26.18
CA VAL I 129 -14.78 -46.64 25.91
C VAL I 129 -14.41 -45.68 27.04
N TRP I 130 -15.41 -45.14 27.73
CA TRP I 130 -15.18 -44.09 28.72
C TRP I 130 -15.80 -44.46 30.07
N SER I 131 -16.07 -45.74 30.29
CA SER I 131 -16.65 -46.15 31.56
C SER I 131 -15.70 -45.85 32.71
N ASN I 132 -14.40 -46.02 32.50
CA ASN I 132 -13.43 -45.75 33.56
C ASN I 132 -13.02 -44.28 33.62
N LEU I 133 -13.59 -43.44 32.76
CA LEU I 133 -13.31 -42.01 32.79
C LEU I 133 -14.42 -41.21 33.45
N ILE I 134 -15.60 -41.80 33.66
CA ILE I 134 -16.67 -41.10 34.35
C ILE I 134 -16.18 -40.70 35.73
N ALA I 135 -16.75 -39.62 36.27
CA ALA I 135 -16.25 -39.08 37.51
C ALA I 135 -17.37 -38.72 38.46
N ASP I 136 -17.02 -38.72 39.75
CA ASP I 136 -17.88 -38.23 40.82
C ASP I 136 -17.27 -36.93 41.30
N LEU I 137 -18.00 -35.84 41.11
CA LEU I 137 -17.43 -34.56 41.50
C LEU I 137 -17.20 -34.49 42.99
N GLY I 138 -17.79 -35.40 43.74
CA GLY I 138 -17.76 -35.32 45.18
C GLY I 138 -18.39 -34.03 45.64
N ILE I 139 -19.57 -33.70 45.10
CA ILE I 139 -20.26 -32.47 45.48
C ILE I 139 -21.77 -32.69 45.47
N GLU I 140 -22.43 -32.27 46.56
CA GLU I 140 -23.87 -32.13 46.70
C GLU I 140 -24.15 -30.71 47.22
N PHE I 141 -25.41 -30.29 47.23
CA PHE I 141 -25.77 -28.97 47.75
C PHE I 141 -27.19 -28.97 48.31
N PHE I 142 -27.49 -27.93 49.10
CA PHE I 142 -28.72 -27.87 49.88
C PHE I 142 -29.30 -26.46 49.87
N LEU I 143 -30.57 -26.36 50.24
CA LEU I 143 -31.27 -25.09 50.39
C LEU I 143 -31.11 -24.59 51.81
N ALA I 144 -30.32 -23.53 52.00
CA ALA I 144 -29.82 -23.18 53.32
C ALA I 144 -30.93 -23.00 54.33
N THR I 145 -30.72 -23.57 55.53
CA THR I 145 -31.63 -23.34 56.65
C THR I 145 -31.68 -21.86 57.00
N LYS I 146 -30.65 -21.09 56.62
CA LYS I 146 -30.47 -19.72 57.07
C LYS I 146 -30.24 -18.78 55.88
N ASP I 147 -30.87 -17.60 55.94
CA ASP I 147 -30.62 -16.54 54.98
C ASP I 147 -29.36 -15.76 55.40
N PRO I 148 -28.81 -14.91 54.52
CA PRO I 148 -27.51 -14.29 54.85
C PRO I 148 -27.53 -13.44 56.10
N ASN I 149 -28.69 -12.94 56.53
CA ASN I 149 -28.75 -12.17 57.77
C ASN I 149 -28.84 -13.04 59.01
N GLY I 150 -29.13 -14.34 58.88
CA GLY I 150 -29.09 -15.28 59.99
C GLY I 150 -30.40 -16.00 60.24
N ASN I 151 -31.52 -15.36 59.94
CA ASN I 151 -32.83 -15.94 60.24
C ASN I 151 -33.08 -17.20 59.42
N GLN I 152 -33.92 -18.09 59.96
CA GLN I 152 -34.23 -19.34 59.28
C GLN I 152 -34.98 -19.04 58.00
N THR I 153 -34.53 -19.63 56.90
CA THR I 153 -35.10 -19.33 55.60
C THR I 153 -35.32 -20.61 54.81
N THR I 154 -36.35 -20.57 53.96
CA THR I 154 -36.69 -21.73 53.14
C THR I 154 -35.55 -22.05 52.17
N GLY I 155 -35.08 -21.04 51.45
CA GLY I 155 -34.21 -21.22 50.31
C GLY I 155 -34.83 -20.84 49.00
N ILE I 156 -36.05 -20.28 49.00
CA ILE I 156 -36.75 -19.90 47.78
C ILE I 156 -37.38 -18.52 48.01
N THR I 157 -36.82 -17.49 47.37
CA THR I 157 -37.43 -16.16 47.36
C THR I 157 -38.29 -16.01 46.11
N ARG I 158 -39.54 -15.60 46.29
CA ARG I 158 -40.46 -15.36 45.19
C ARG I 158 -40.70 -13.87 45.07
N THR I 159 -40.43 -13.31 43.89
CA THR I 159 -40.58 -11.88 43.63
C THR I 159 -41.50 -11.66 42.44
N GLN I 160 -42.58 -10.92 42.65
CA GLN I 160 -43.43 -10.50 41.55
C GLN I 160 -42.71 -9.43 40.74
N THR I 161 -42.65 -9.60 39.43
CA THR I 161 -41.99 -8.65 38.54
C THR I 161 -42.96 -8.18 37.46
N SER I 162 -42.87 -6.89 37.13
CA SER I 162 -43.63 -6.37 36.00
C SER I 162 -43.00 -6.72 34.66
N VAL I 163 -41.70 -7.03 34.61
CA VAL I 163 -41.04 -7.34 33.34
C VAL I 163 -41.46 -8.74 32.86
N THR I 164 -41.31 -8.96 31.56
CA THR I 164 -41.68 -10.21 30.92
C THR I 164 -40.50 -10.99 30.37
N PHE I 165 -39.54 -10.30 29.78
CA PHE I 165 -38.37 -10.89 29.16
C PHE I 165 -37.15 -10.63 30.03
N PHE I 166 -36.12 -11.47 29.84
CA PHE I 166 -34.84 -11.26 30.50
C PHE I 166 -33.71 -11.70 29.58
N THR I 167 -32.56 -11.05 29.74
CA THR I 167 -31.49 -11.02 28.75
C THR I 167 -30.19 -11.56 29.33
N THR I 168 -29.17 -11.61 28.48
CA THR I 168 -27.80 -11.78 28.91
C THR I 168 -27.23 -10.51 29.53
N SER I 169 -28.05 -9.47 29.67
CA SER I 169 -27.69 -8.27 30.41
C SER I 169 -27.66 -8.51 31.91
N ASP I 170 -28.10 -9.68 32.36
CA ASP I 170 -28.15 -10.09 33.77
C ASP I 170 -29.04 -9.18 34.61
N GLU I 171 -29.90 -8.38 33.96
CA GLU I 171 -30.78 -7.45 34.66
C GLU I 171 -31.77 -8.15 35.60
N VAL I 172 -32.08 -9.42 35.35
CA VAL I 172 -32.96 -10.14 36.27
C VAL I 172 -32.29 -10.37 37.61
N LYS I 173 -30.96 -10.38 37.66
CA LYS I 173 -30.27 -10.59 38.93
C LYS I 173 -30.50 -9.44 39.91
N PHE I 174 -30.46 -8.19 39.43
CA PHE I 174 -30.51 -7.04 40.30
C PHE I 174 -31.95 -6.67 40.64
N ALA I 175 -32.12 -6.02 41.80
CA ALA I 175 -33.46 -5.70 42.30
C ALA I 175 -34.14 -4.60 41.48
N SER I 176 -33.37 -3.60 41.03
CA SER I 176 -33.91 -2.46 40.29
C SER I 176 -34.59 -2.89 39.00
N SER I 177 -34.25 -4.06 38.48
CA SER I 177 -34.78 -4.57 37.22
C SER I 177 -35.67 -5.79 37.46
N GLY I 178 -36.49 -5.72 38.51
CA GLY I 178 -37.47 -6.75 38.74
C GLY I 178 -36.84 -8.11 38.89
N GLY I 179 -35.88 -8.22 39.81
CA GLY I 179 -35.28 -9.51 40.10
C GLY I 179 -34.57 -9.49 41.43
N GLU I 180 -34.80 -10.49 42.26
CA GLU I 180 -34.37 -10.42 43.65
C GLU I 180 -32.85 -10.22 43.74
N ASP I 181 -32.45 -9.34 44.67
CA ASP I 181 -31.03 -9.10 44.93
C ASP I 181 -30.30 -10.39 45.21
N ALA I 182 -29.12 -10.53 44.61
CA ALA I 182 -28.31 -11.73 44.83
C ALA I 182 -27.83 -11.80 46.28
N TRP I 183 -27.96 -12.99 46.89
CA TRP I 183 -27.39 -13.23 48.20
C TRP I 183 -25.87 -13.34 48.10
N PRO I 184 -25.14 -13.05 49.18
CA PRO I 184 -23.67 -12.94 49.07
C PRO I 184 -23.05 -14.20 48.48
N ALA I 185 -22.04 -14.01 47.64
CA ALA I 185 -21.51 -15.07 46.79
C ALA I 185 -20.72 -16.10 47.57
N ASP I 186 -20.03 -15.70 48.64
CA ASP I 186 -19.22 -16.65 49.41
C ASP I 186 -20.09 -17.54 50.29
N ARG I 187 -21.19 -17.00 50.83
CA ARG I 187 -22.05 -17.81 51.70
C ARG I 187 -22.96 -18.75 50.90
N TYR I 188 -23.58 -18.26 49.84
CA TYR I 188 -24.54 -19.05 49.08
C TYR I 188 -24.22 -19.01 47.60
N LEU I 189 -24.80 -19.97 46.87
CA LEU I 189 -24.76 -19.97 45.42
C LEU I 189 -26.14 -19.56 44.91
N ASN I 190 -26.18 -18.43 44.20
CA ASN I 190 -27.44 -17.78 43.85
C ASN I 190 -28.05 -18.36 42.58
N ILE I 191 -29.37 -18.41 42.58
CA ILE I 191 -30.16 -19.02 41.52
C ILE I 191 -31.24 -18.04 41.11
N TRP I 192 -31.46 -17.89 39.82
CA TRP I 192 -32.58 -17.13 39.30
C TRP I 192 -33.38 -18.00 38.35
N VAL I 193 -34.69 -18.11 38.59
CA VAL I 193 -35.59 -18.89 37.75
C VAL I 193 -36.72 -17.98 37.30
N CYS I 194 -36.83 -17.77 35.98
CA CYS I 194 -37.86 -16.92 35.42
C CYS I 194 -38.45 -17.59 34.18
N HIS I 195 -39.46 -16.95 33.61
CA HIS I 195 -40.25 -17.56 32.56
C HIS I 195 -39.66 -17.39 31.17
N VAL I 196 -39.02 -16.26 30.88
CA VAL I 196 -38.55 -15.95 29.54
C VAL I 196 -37.10 -15.51 29.60
N LEU I 197 -36.21 -16.21 28.88
CA LEU I 197 -34.81 -15.86 28.81
C LEU I 197 -34.37 -15.74 27.36
N LYS I 198 -33.74 -14.61 27.02
CA LYS I 198 -33.38 -14.27 25.65
C LYS I 198 -31.94 -13.79 25.61
N SER I 199 -31.32 -13.95 24.43
CA SER I 199 -29.96 -13.50 24.18
C SER I 199 -29.96 -12.10 23.58
N GLU I 200 -28.78 -11.48 23.50
CA GLU I 200 -28.64 -10.22 22.77
C GLU I 200 -28.86 -10.41 21.28
N ILE I 201 -28.43 -11.55 20.73
CA ILE I 201 -28.80 -11.93 19.38
C ILE I 201 -30.31 -12.08 19.28
N GLY I 202 -30.97 -12.35 20.40
CA GLY I 202 -32.39 -12.55 20.46
C GLY I 202 -32.80 -14.00 20.62
N GLN I 203 -31.93 -14.93 20.21
CA GLN I 203 -32.27 -16.35 20.27
C GLN I 203 -32.61 -16.73 21.71
N ASP I 204 -33.75 -17.40 21.89
CA ASP I 204 -34.23 -17.71 23.23
C ASP I 204 -33.29 -18.72 23.90
N ILE I 205 -32.79 -18.36 25.06
CA ILE I 205 -31.86 -19.21 25.77
C ILE I 205 -32.63 -19.93 26.86
N LEU I 206 -32.08 -21.06 27.27
CA LEU I 206 -32.63 -21.83 28.39
C LEU I 206 -31.99 -21.42 29.73
N GLY I 207 -30.83 -20.80 29.69
CA GLY I 207 -30.16 -20.37 30.89
C GLY I 207 -28.76 -19.89 30.55
N TYR I 208 -28.10 -19.31 31.55
CA TYR I 208 -26.71 -18.90 31.43
C TYR I 208 -25.99 -19.22 32.74
N ALA I 209 -24.83 -18.61 32.92
CA ALA I 209 -24.02 -18.78 34.12
C ALA I 209 -22.94 -17.71 34.10
N GLN I 210 -22.51 -17.29 35.28
CA GLN I 210 -21.41 -16.33 35.38
C GLN I 210 -20.18 -17.06 35.87
N PHE I 211 -19.04 -16.83 35.23
CA PHE I 211 -17.87 -17.59 35.56
C PHE I 211 -17.29 -17.20 36.91
N PRO I 212 -16.55 -18.09 37.54
CA PRO I 212 -16.05 -17.83 38.89
C PRO I 212 -15.02 -16.72 38.90
N GLY I 213 -14.87 -16.13 40.09
CA GLY I 213 -14.10 -14.91 40.24
C GLY I 213 -14.80 -13.70 39.68
N GLY I 214 -16.03 -13.86 39.20
CA GLY I 214 -16.78 -12.77 38.64
C GLY I 214 -17.28 -11.84 39.74
N PRO I 215 -17.70 -10.65 39.33
CA PRO I 215 -18.22 -9.68 40.31
C PRO I 215 -19.39 -10.25 41.09
N ALA I 216 -19.44 -9.87 42.37
CA ALA I 216 -20.21 -10.61 43.35
C ALA I 216 -21.68 -10.69 42.97
N GLU I 217 -22.28 -9.56 42.63
CA GLU I 217 -23.72 -9.49 42.53
C GLU I 217 -24.27 -10.32 41.38
N THR I 218 -23.41 -10.80 40.47
CA THR I 218 -23.81 -11.71 39.42
C THR I 218 -23.30 -13.13 39.65
N ASP I 219 -22.66 -13.38 40.80
CA ASP I 219 -21.97 -14.65 41.03
C ASP I 219 -22.97 -15.76 41.29
N GLY I 220 -23.67 -16.16 40.23
CA GLY I 220 -24.67 -17.18 40.31
C GLY I 220 -25.03 -17.64 38.92
N VAL I 221 -26.15 -18.34 38.83
CA VAL I 221 -26.59 -18.91 37.56
C VAL I 221 -28.08 -18.66 37.42
N VAL I 222 -28.55 -18.58 36.18
CA VAL I 222 -29.95 -18.37 35.87
C VAL I 222 -30.41 -19.45 34.89
N ILE I 223 -31.54 -20.09 35.20
CA ILE I 223 -32.16 -21.09 34.35
C ILE I 223 -33.63 -20.75 34.20
N VAL I 224 -34.14 -20.86 32.97
CA VAL I 224 -35.55 -20.57 32.74
C VAL I 224 -36.39 -21.56 33.52
N ASP I 225 -37.67 -21.22 33.70
CA ASP I 225 -38.52 -22.06 34.53
C ASP I 225 -38.83 -23.41 33.88
N ALA I 226 -38.82 -23.48 32.55
CA ALA I 226 -39.21 -24.73 31.91
C ALA I 226 -38.07 -25.72 31.79
N ALA I 227 -36.88 -25.37 32.28
CA ALA I 227 -35.74 -26.29 32.33
C ALA I 227 -35.37 -26.69 33.75
N PHE I 228 -36.13 -26.21 34.72
CA PHE I 228 -35.78 -26.27 36.14
C PHE I 228 -36.60 -27.37 36.79
N GLY I 229 -35.99 -28.53 36.98
CA GLY I 229 -36.66 -29.57 37.73
C GLY I 229 -37.35 -30.59 36.84
N THR I 230 -38.11 -31.46 37.51
CA THR I 230 -38.70 -32.65 36.88
C THR I 230 -40.23 -32.65 36.94
N THR I 231 -40.86 -31.54 37.27
CA THR I 231 -42.31 -31.51 37.35
C THR I 231 -42.75 -30.05 37.33
N GLY I 232 -44.06 -29.84 37.49
CA GLY I 232 -44.59 -28.50 37.45
C GLY I 232 -44.41 -27.89 36.07
N THR I 233 -43.88 -26.67 36.04
CA THR I 233 -43.67 -25.95 34.78
C THR I 233 -42.47 -26.48 34.00
N ALA I 234 -41.76 -27.47 34.54
CA ALA I 234 -40.64 -28.09 33.83
C ALA I 234 -41.15 -28.91 32.64
N LEU I 235 -40.51 -28.73 31.49
CA LEU I 235 -40.92 -29.32 30.23
C LEU I 235 -39.75 -29.97 29.50
N PRO I 236 -39.99 -31.08 28.78
CA PRO I 236 -38.89 -31.80 28.11
C PRO I 236 -38.57 -31.17 26.78
N PRO I 237 -37.34 -31.39 26.26
CA PRO I 237 -36.26 -32.26 26.77
C PRO I 237 -35.38 -31.58 27.84
N PHE I 238 -36.01 -30.85 28.78
CA PHE I 238 -35.34 -30.31 29.96
C PHE I 238 -36.08 -30.68 31.24
N ASP I 239 -36.89 -31.75 31.18
CA ASP I 239 -37.59 -32.25 32.34
C ASP I 239 -36.66 -32.98 33.31
N LYS I 240 -35.57 -33.58 32.79
CA LYS I 240 -34.60 -34.20 33.69
C LYS I 240 -33.85 -33.16 34.53
N GLY I 241 -33.99 -31.87 34.20
CA GLY I 241 -33.36 -30.82 34.97
C GLY I 241 -31.85 -30.72 34.80
N ARG I 242 -31.25 -31.50 33.90
CA ARG I 242 -29.83 -31.41 33.60
C ARG I 242 -29.45 -30.04 33.00
N THR I 243 -30.44 -29.25 32.55
CA THR I 243 -30.16 -27.93 32.02
C THR I 243 -29.47 -27.06 33.05
N ALA I 244 -29.96 -27.09 34.28
CA ALA I 244 -29.27 -26.42 35.37
C ALA I 244 -27.90 -27.05 35.63
N THR I 245 -27.81 -28.38 35.60
CA THR I 245 -26.53 -29.06 35.80
C THR I 245 -25.46 -28.47 34.88
N HIS I 246 -25.82 -28.24 33.62
CA HIS I 246 -24.88 -27.77 32.61
C HIS I 246 -24.33 -26.39 32.95
N ALA I 247 -25.22 -25.40 33.03
CA ALA I 247 -24.82 -24.04 33.39
C ALA I 247 -24.26 -23.96 34.81
N ILE I 248 -24.48 -24.99 35.63
CA ILE I 248 -23.76 -25.05 36.89
C ILE I 248 -22.27 -25.22 36.62
N GLY I 249 -21.93 -26.04 35.63
CA GLY I 249 -20.53 -26.35 35.37
C GLY I 249 -19.71 -25.13 35.03
N HIS I 250 -20.34 -24.13 34.41
CA HIS I 250 -19.69 -22.84 34.25
C HIS I 250 -19.46 -22.15 35.59
N TRP I 251 -20.26 -22.48 36.62
CA TRP I 251 -20.00 -21.94 37.96
C TRP I 251 -18.86 -22.67 38.64
N LEU I 252 -18.56 -23.87 38.18
CA LEU I 252 -17.37 -24.58 38.55
C LEU I 252 -16.23 -24.33 37.58
N ASN I 253 -16.40 -23.37 36.66
CA ASN I 253 -15.36 -22.95 35.71
C ASN I 253 -15.07 -24.05 34.68
N LEU I 254 -16.15 -24.63 34.14
CA LEU I 254 -16.05 -25.61 33.07
C LEU I 254 -16.42 -24.95 31.75
N TYR I 255 -15.50 -24.98 30.79
CA TYR I 255 -15.81 -24.54 29.44
C TYR I 255 -16.63 -25.62 28.72
N HIS I 256 -17.49 -25.17 27.83
CA HIS I 256 -18.11 -26.08 26.87
C HIS I 256 -17.04 -26.95 26.23
N ILE I 257 -17.43 -28.16 25.81
CA ILE I 257 -16.46 -29.12 25.26
C ILE I 257 -15.77 -28.56 24.03
N TRP I 258 -16.45 -27.69 23.28
CA TRP I 258 -15.95 -27.28 21.98
C TRP I 258 -15.00 -26.10 22.03
N GLY I 259 -14.70 -25.57 23.21
CA GLY I 259 -14.01 -24.29 23.32
C GLY I 259 -15.06 -23.22 23.55
N ASP I 260 -15.11 -22.21 22.69
CA ASP I 260 -16.35 -21.46 22.58
C ASP I 260 -16.39 -20.69 21.27
N GLU I 261 -17.61 -20.29 20.91
CA GLU I 261 -17.85 -19.40 19.78
C GLU I 261 -17.64 -17.92 20.13
N LEU I 262 -17.57 -17.57 21.42
CA LEU I 262 -16.96 -16.29 21.78
C LEU I 262 -15.55 -16.23 21.24
N ARG I 263 -14.85 -17.37 21.27
CA ARG I 263 -13.45 -17.39 20.91
C ARG I 263 -13.29 -17.30 19.40
N PHE I 264 -12.50 -16.32 18.94
CA PHE I 264 -12.18 -16.20 17.53
C PHE I 264 -11.03 -17.16 17.23
N GLU I 265 -11.33 -18.25 16.54
CA GLU I 265 -10.28 -19.17 16.14
C GLU I 265 -10.85 -20.10 15.08
N ASP I 266 -9.96 -20.82 14.42
CA ASP I 266 -10.38 -22.02 13.70
C ASP I 266 -10.93 -23.02 14.71
N PRO I 267 -12.06 -23.69 14.41
CA PRO I 267 -12.84 -24.32 15.50
C PRO I 267 -12.11 -25.40 16.25
N CYS I 268 -11.05 -25.97 15.68
CA CYS I 268 -10.30 -27.03 16.35
C CYS I 268 -9.36 -26.50 17.42
N SER I 269 -8.94 -25.26 17.33
CA SER I 269 -7.98 -24.73 18.28
C SER I 269 -8.64 -24.04 19.45
N ARG I 270 -9.95 -24.19 19.61
CA ARG I 270 -10.64 -23.80 20.84
C ARG I 270 -10.94 -25.06 21.64
N SER I 271 -10.57 -25.06 22.92
CA SER I 271 -10.62 -26.25 23.74
C SER I 271 -11.14 -25.89 25.12
N ASP I 272 -11.70 -26.91 25.81
CA ASP I 272 -12.25 -26.79 27.16
C ASP I 272 -11.20 -26.93 28.24
N GLU I 273 -9.92 -27.07 27.84
CA GLU I 273 -8.79 -27.22 28.75
C GLU I 273 -8.99 -28.42 29.69
N VAL I 274 -9.59 -29.47 29.14
CA VAL I 274 -9.78 -30.75 29.82
C VAL I 274 -9.21 -31.82 28.91
N ASP I 275 -8.16 -32.49 29.36
CA ASP I 275 -7.44 -33.37 28.46
C ASP I 275 -8.26 -34.60 28.07
N ASP I 276 -9.06 -35.13 28.99
CA ASP I 276 -9.71 -36.42 28.71
C ASP I 276 -11.02 -36.29 27.95
N THR I 277 -11.47 -35.07 27.60
CA THR I 277 -12.64 -35.02 26.72
C THR I 277 -12.18 -34.79 25.29
N PRO I 278 -12.69 -35.54 24.30
CA PRO I 278 -12.16 -35.43 22.92
C PRO I 278 -12.48 -34.06 22.36
N ASN I 279 -11.45 -33.32 21.96
CA ASN I 279 -11.63 -31.92 21.62
C ASN I 279 -12.47 -31.82 20.36
N GLN I 280 -13.75 -31.53 20.55
CA GLN I 280 -14.70 -31.29 19.47
C GLN I 280 -14.79 -29.80 19.24
N ALA I 281 -15.47 -29.44 18.16
CA ALA I 281 -15.69 -28.03 17.84
C ALA I 281 -17.16 -27.68 17.61
N ASP I 282 -18.03 -28.67 17.43
CA ASP I 282 -19.44 -28.43 17.14
C ASP I 282 -20.31 -29.02 18.23
N PRO I 283 -21.08 -28.22 18.96
CA PRO I 283 -22.09 -28.77 19.86
C PRO I 283 -23.09 -29.63 19.12
N ASN I 284 -23.47 -30.74 19.75
CA ASN I 284 -24.54 -31.63 19.29
C ASN I 284 -25.76 -31.38 20.16
N PHE I 285 -26.91 -31.12 19.53
CA PHE I 285 -28.16 -30.99 20.26
C PHE I 285 -29.01 -32.22 20.04
N GLY I 286 -30.16 -32.26 20.73
CA GLY I 286 -31.02 -33.43 20.65
C GLY I 286 -30.37 -34.62 21.32
N CYS I 287 -30.53 -35.78 20.70
CA CYS I 287 -29.82 -36.95 21.15
C CYS I 287 -29.06 -37.56 19.99
N PRO I 288 -27.77 -37.81 20.14
CA PRO I 288 -26.96 -38.25 19.01
C PRO I 288 -26.81 -39.76 18.93
N SER I 289 -26.34 -40.22 17.79
CA SER I 289 -25.99 -41.62 17.58
C SER I 289 -24.48 -41.77 17.66
N TYR I 290 -24.01 -42.71 18.48
CA TYR I 290 -22.57 -42.89 18.67
C TYR I 290 -21.94 -43.48 17.41
N PRO I 291 -20.80 -42.95 16.93
CA PRO I 291 -20.10 -41.73 17.41
C PRO I 291 -20.23 -40.50 16.51
N HIS I 292 -20.15 -39.31 17.09
CA HIS I 292 -20.12 -38.07 16.34
C HIS I 292 -18.69 -37.57 16.34
N VAL I 293 -18.10 -37.45 15.15
CA VAL I 293 -16.67 -37.28 14.98
C VAL I 293 -16.39 -35.81 14.64
N SER I 294 -15.86 -35.04 15.58
CA SER I 294 -15.58 -33.61 15.41
C SER I 294 -14.13 -33.31 15.71
N CYS I 295 -13.42 -32.72 14.74
CA CYS I 295 -11.99 -32.52 14.79
C CYS I 295 -11.28 -33.85 15.04
N SER I 296 -11.46 -34.77 14.10
CA SER I 296 -11.05 -36.17 14.24
C SER I 296 -11.63 -36.73 15.53
N ASN I 297 -10.80 -37.21 16.48
CA ASN I 297 -11.16 -37.94 17.72
C ASN I 297 -11.93 -39.23 17.46
N GLY I 298 -11.94 -39.71 16.22
CA GLY I 298 -12.56 -40.96 15.88
C GLY I 298 -11.68 -42.13 16.25
N PRO I 299 -12.29 -43.30 16.43
CA PRO I 299 -13.74 -43.51 16.39
C PRO I 299 -14.36 -43.26 17.76
N ASN I 300 -13.58 -42.68 18.68
CA ASN I 300 -14.11 -42.35 19.99
C ASN I 300 -15.33 -41.44 19.89
N GLY I 301 -15.34 -40.53 18.92
CA GLY I 301 -16.49 -39.66 18.78
C GLY I 301 -16.51 -38.60 19.86
N ASP I 302 -17.48 -37.70 19.72
CA ASP I 302 -17.63 -36.62 20.69
C ASP I 302 -18.16 -37.18 22.00
N MET I 303 -18.01 -36.39 23.06
CA MET I 303 -18.53 -36.79 24.36
C MET I 303 -19.89 -36.14 24.60
N PHE I 304 -20.87 -36.53 23.77
CA PHE I 304 -22.21 -35.94 23.89
C PHE I 304 -22.87 -36.29 25.22
N MET I 305 -22.44 -37.38 25.85
CA MET I 305 -22.90 -37.74 27.18
C MET I 305 -22.51 -36.70 28.22
N ASN I 306 -21.53 -35.86 27.91
CA ASN I 306 -21.08 -34.83 28.84
C ASN I 306 -22.12 -33.73 28.99
N TYR I 307 -22.33 -33.28 30.23
CA TYR I 307 -23.32 -32.24 30.51
C TYR I 307 -22.95 -30.91 29.87
N MET I 308 -21.72 -30.73 29.44
CA MET I 308 -21.31 -29.48 28.82
C MET I 308 -21.57 -29.45 27.32
N ASP I 309 -22.10 -30.52 26.73
CA ASP I 309 -22.61 -30.48 25.37
C ASP I 309 -24.08 -30.04 25.38
N TYR I 310 -24.58 -29.68 24.21
CA TYR I 310 -25.91 -29.10 24.11
C TYR I 310 -27.01 -30.16 23.90
N VAL I 311 -26.72 -31.42 24.19
CA VAL I 311 -27.67 -32.51 23.95
C VAL I 311 -28.90 -32.33 24.84
N ASP I 312 -29.94 -33.12 24.56
CA ASP I 312 -31.10 -33.16 25.45
C ASP I 312 -30.72 -33.70 26.83
N ASP I 313 -31.68 -33.60 27.76
CA ASP I 313 -31.38 -33.87 29.16
C ASP I 313 -31.10 -35.33 29.41
N LYS I 314 -31.81 -36.22 28.72
CA LYS I 314 -31.67 -37.65 28.99
C LYS I 314 -30.41 -38.23 28.36
N CYS I 315 -29.65 -37.45 27.61
CA CYS I 315 -28.44 -37.95 26.96
C CYS I 315 -27.16 -37.34 27.53
N MET I 316 -27.22 -36.16 28.15
CA MET I 316 -26.12 -35.65 28.94
C MET I 316 -26.21 -36.26 30.34
N VAL I 317 -25.22 -37.07 30.69
CA VAL I 317 -25.34 -37.91 31.88
C VAL I 317 -24.18 -37.76 32.85
N MET I 318 -23.02 -37.23 32.45
CA MET I 318 -21.86 -37.47 33.28
C MET I 318 -20.90 -36.30 33.25
N PHE I 319 -19.87 -36.40 34.07
CA PHE I 319 -18.76 -35.48 34.10
C PHE I 319 -17.47 -36.28 34.06
N THR I 320 -16.43 -35.69 33.45
CA THR I 320 -15.15 -36.37 33.29
C THR I 320 -14.24 -36.16 34.49
N GLN I 321 -13.33 -37.11 34.68
CA GLN I 321 -12.34 -36.97 35.73
C GLN I 321 -11.55 -35.68 35.58
N GLY I 322 -11.12 -35.38 34.35
CA GLY I 322 -10.41 -34.15 34.12
C GLY I 322 -11.23 -32.94 34.53
N GLN I 323 -12.50 -32.91 34.14
CA GLN I 323 -13.35 -31.78 34.48
C GLN I 323 -13.43 -31.59 35.99
N ALA I 324 -13.63 -32.69 36.72
CA ALA I 324 -13.68 -32.61 38.17
C ALA I 324 -12.40 -31.98 38.71
N THR I 325 -11.26 -32.44 38.22
CA THR I 325 -9.98 -31.86 38.63
C THR I 325 -9.96 -30.35 38.39
N ARG I 326 -10.58 -29.90 37.29
CA ARG I 326 -10.74 -28.47 37.09
C ARG I 326 -11.67 -27.87 38.13
N VAL I 327 -12.76 -28.57 38.46
CA VAL I 327 -13.63 -28.06 39.51
C VAL I 327 -12.84 -27.91 40.80
N ASN I 328 -12.05 -28.93 41.14
CA ASN I 328 -11.22 -28.88 42.34
C ASN I 328 -10.42 -27.58 42.39
N ALA I 329 -9.83 -27.21 41.26
CA ALA I 329 -9.07 -25.97 41.21
C ALA I 329 -9.95 -24.75 41.41
N CYS I 330 -11.19 -24.78 40.95
CA CYS I 330 -12.09 -23.66 41.21
C CYS I 330 -12.43 -23.55 42.69
N LEU I 331 -12.49 -24.70 43.39
CA LEU I 331 -12.92 -24.70 44.78
C LEU I 331 -11.83 -24.18 45.71
N ASP I 332 -10.58 -24.56 45.43
CA ASP I 332 -9.50 -24.27 46.36
C ASP I 332 -9.17 -22.78 46.39
N GLY I 333 -8.99 -22.16 45.23
CA GLY I 333 -8.55 -20.78 45.16
C GLY I 333 -9.64 -19.73 45.01
N PRO I 334 -10.47 -19.84 43.96
CA PRO I 334 -11.56 -18.89 43.79
C PRO I 334 -12.63 -19.02 44.86
N ARG I 335 -13.07 -20.26 45.12
CA ARG I 335 -14.21 -20.54 45.98
C ARG I 335 -13.80 -21.07 47.35
N SER I 336 -12.59 -20.73 47.81
CA SER I 336 -12.09 -21.21 49.10
C SER I 336 -13.05 -20.94 50.24
N SER I 337 -13.97 -20.00 50.07
CA SER I 337 -14.92 -19.66 51.13
C SER I 337 -15.80 -20.85 51.49
N PHE I 338 -16.31 -21.57 50.49
CA PHE I 338 -17.33 -22.59 50.74
C PHE I 338 -16.77 -23.81 51.45
N LEU I 339 -15.51 -24.14 51.21
CA LEU I 339 -14.93 -25.34 51.82
C LEU I 339 -14.83 -25.20 53.33
N ALA I 340 -14.55 -23.99 53.82
CA ALA I 340 -14.23 -23.77 55.23
C ALA I 340 -15.45 -23.81 56.15
N ARG I 341 -16.66 -23.87 55.59
CA ARG I 341 -17.90 -23.73 56.37
C ARG I 341 -18.03 -24.75 57.52
N PRO J 36 20.05 -51.28 16.37
CA PRO J 36 18.81 -50.79 17.00
C PRO J 36 18.91 -49.39 17.67
N THR J 37 19.31 -48.34 16.92
CA THR J 37 19.45 -46.99 17.48
C THR J 37 18.08 -46.31 17.48
N GLN J 38 17.54 -46.09 18.67
CA GLN J 38 16.23 -45.49 18.85
C GLN J 38 16.40 -44.05 19.33
N ARG J 39 15.41 -43.22 19.02
CA ARG J 39 15.44 -41.84 19.48
C ARG J 39 15.05 -41.79 20.95
N ARG J 40 15.88 -41.13 21.76
CA ARG J 40 15.65 -41.02 23.19
C ARG J 40 16.10 -39.65 23.66
N CYS J 41 15.15 -38.85 24.14
CA CYS J 41 15.37 -37.46 24.52
C CYS J 41 15.34 -37.36 26.03
N GLY J 42 16.45 -37.00 26.63
CA GLY J 42 16.51 -36.86 28.07
C GLY J 42 15.96 -35.56 28.62
N ALA J 43 15.55 -34.63 27.77
CA ALA J 43 15.16 -33.29 28.23
C ALA J 43 14.08 -33.36 29.30
N MET J 44 13.23 -34.37 29.22
CA MET J 44 12.24 -34.54 30.26
C MET J 44 12.81 -35.15 31.52
N GLU J 45 13.84 -36.00 31.38
CA GLU J 45 14.54 -36.49 32.57
C GLU J 45 15.14 -35.33 33.34
N VAL J 46 15.62 -34.31 32.63
CA VAL J 46 16.06 -33.09 33.27
C VAL J 46 14.89 -32.44 34.02
N HIS J 47 13.70 -32.55 33.46
CA HIS J 47 12.60 -31.71 33.93
C HIS J 47 12.17 -32.07 35.35
N HIS J 48 12.07 -33.36 35.70
CA HIS J 48 11.84 -33.71 37.10
C HIS J 48 12.94 -33.11 37.98
N ARG J 49 14.19 -33.41 37.65
CA ARG J 49 15.28 -32.92 38.48
C ARG J 49 15.32 -31.40 38.52
N LEU J 50 14.70 -30.74 37.53
CA LEU J 50 14.59 -29.28 37.54
C LEU J 50 13.68 -28.79 38.66
N LEU J 51 12.64 -29.55 38.98
CA LEU J 51 11.61 -29.06 39.89
C LEU J 51 12.16 -28.79 41.29
N ARG J 52 13.10 -29.62 41.75
CA ARG J 52 13.35 -29.74 43.18
C ARG J 52 13.74 -28.41 43.82
N SER J 53 14.64 -27.64 43.18
CA SER J 53 15.15 -26.43 43.83
C SER J 53 14.08 -25.36 44.02
N ALA J 54 12.96 -25.49 43.33
CA ALA J 54 11.76 -24.68 43.50
C ALA J 54 12.04 -23.24 43.09
N SER J 55 13.32 -22.92 42.88
CA SER J 55 13.66 -21.68 42.19
C SER J 55 13.20 -21.75 40.75
N TYR J 56 13.38 -22.92 40.13
CA TYR J 56 12.84 -23.23 38.82
C TYR J 56 11.33 -23.36 38.86
N VAL J 57 10.76 -23.65 40.02
CA VAL J 57 9.30 -23.78 40.12
C VAL J 57 8.61 -22.42 40.03
N ARG J 58 9.17 -21.40 40.69
CA ARG J 58 8.57 -20.06 40.59
C ARG J 58 8.49 -19.62 39.14
N GLU J 59 9.61 -19.68 38.42
CA GLU J 59 9.65 -19.21 37.04
C GLU J 59 8.72 -20.04 36.15
N ARG J 60 8.72 -21.35 36.33
CA ARG J 60 8.00 -22.21 35.40
C ARG J 60 6.50 -21.97 35.46
N ASP J 61 5.96 -21.64 36.63
CA ASP J 61 4.55 -21.27 36.70
C ASP J 61 4.28 -19.98 35.94
N GLN J 62 5.07 -18.94 36.20
CA GLN J 62 4.92 -17.70 35.46
C GLN J 62 5.05 -17.97 33.96
N ILE J 63 5.97 -18.85 33.57
CA ILE J 63 6.21 -19.12 32.15
C ILE J 63 4.99 -19.75 31.50
N GLU J 64 4.26 -20.58 32.22
CA GLU J 64 3.13 -21.27 31.61
C GLU J 64 1.86 -20.42 31.54
N ASN J 65 1.72 -19.43 32.42
CA ASN J 65 0.52 -18.59 32.36
C ASN J 65 0.49 -17.75 31.10
N LEU J 66 1.65 -17.23 30.69
CA LEU J 66 1.76 -16.56 29.40
C LEU J 66 1.39 -17.53 28.28
N ALA J 67 2.00 -18.73 28.28
CA ALA J 67 1.70 -19.72 27.26
C ALA J 67 0.28 -20.27 27.37
N LEU J 68 -0.37 -20.07 28.51
CA LEU J 68 -1.79 -20.38 28.62
C LEU J 68 -2.64 -19.23 28.10
N LYS J 69 -2.42 -18.02 28.60
CA LYS J 69 -3.21 -16.88 28.15
C LYS J 69 -3.03 -16.65 26.65
N TYR J 70 -1.82 -16.88 26.12
CA TYR J 70 -1.65 -16.87 24.67
C TYR J 70 -2.53 -17.92 24.01
N LYS J 71 -2.63 -19.11 24.63
CA LYS J 71 -3.37 -20.20 24.02
C LYS J 71 -4.84 -19.87 23.84
N GLN J 72 -5.48 -19.36 24.89
CA GLN J 72 -6.91 -19.09 24.81
C GLN J 72 -7.20 -18.00 23.78
N GLY J 73 -6.22 -17.14 23.53
CA GLY J 73 -6.32 -16.02 22.61
C GLY J 73 -6.12 -14.66 23.27
N PHE J 74 -6.04 -14.59 24.59
CA PHE J 74 -6.23 -13.35 25.35
C PHE J 74 -5.42 -12.20 24.78
N ARG J 75 -4.10 -12.33 24.80
CA ARG J 75 -3.21 -11.32 24.25
C ARG J 75 -2.40 -11.96 23.14
N ALA J 76 -2.47 -11.38 21.95
CA ALA J 76 -1.75 -11.95 20.82
C ALA J 76 -1.12 -10.84 19.98
N ILE J 77 -0.58 -9.81 20.64
CA ILE J 77 0.19 -8.82 19.88
C ILE J 77 1.40 -9.56 19.33
N SER J 78 1.42 -9.74 18.01
CA SER J 78 2.45 -10.54 17.37
C SER J 78 3.49 -9.59 16.81
N ARG J 79 4.75 -9.94 17.03
CA ARG J 79 5.83 -9.25 16.34
C ARG J 79 5.78 -9.62 14.87
N MET J 80 5.96 -8.61 14.01
CA MET J 80 6.01 -8.83 12.57
C MET J 80 7.41 -8.51 12.05
N GLU J 81 8.41 -8.92 12.84
CA GLU J 81 9.81 -8.96 12.46
C GLU J 81 10.40 -10.24 13.04
N ILE J 82 11.08 -11.04 12.21
CA ILE J 82 11.70 -12.25 12.74
C ILE J 82 12.91 -11.85 13.57
N VAL J 83 13.22 -12.65 14.59
CA VAL J 83 14.32 -12.39 15.51
C VAL J 83 15.42 -13.39 15.21
N LYS J 84 16.64 -12.87 15.04
CA LYS J 84 17.84 -13.67 14.85
C LYS J 84 18.62 -13.73 16.17
N ILE J 85 19.07 -14.93 16.55
CA ILE J 85 19.48 -15.24 17.91
C ILE J 85 20.92 -15.72 17.90
N PRO J 86 21.80 -15.12 18.71
CA PRO J 86 23.20 -15.55 18.73
C PRO J 86 23.40 -16.90 19.43
N VAL J 87 24.26 -17.73 18.84
CA VAL J 87 24.45 -19.11 19.28
C VAL J 87 25.94 -19.41 19.34
N VAL J 88 26.35 -20.13 20.40
CA VAL J 88 27.73 -20.61 20.56
C VAL J 88 27.69 -22.13 20.71
N VAL J 89 28.57 -22.82 19.96
CA VAL J 89 28.67 -24.27 20.01
C VAL J 89 29.88 -24.63 20.86
N HIS J 90 29.68 -25.53 21.84
CA HIS J 90 30.76 -26.05 22.65
C HIS J 90 30.98 -27.49 22.21
N VAL J 91 32.13 -27.76 21.59
CA VAL J 91 32.52 -29.11 21.25
C VAL J 91 33.43 -29.63 22.36
N VAL J 92 33.09 -30.78 22.93
CA VAL J 92 33.94 -31.45 23.91
C VAL J 92 34.31 -32.81 23.33
N TRP J 93 35.57 -32.93 22.92
CA TRP J 93 36.06 -34.10 22.21
C TRP J 93 37.06 -34.82 23.09
N ASN J 94 36.81 -36.10 23.32
CA ASN J 94 37.82 -36.96 23.92
C ASN J 94 38.87 -37.35 22.89
N GLU J 95 38.49 -37.38 21.61
CA GLU J 95 39.40 -37.61 20.51
C GLU J 95 39.03 -36.66 19.37
N GLU J 96 39.97 -36.47 18.44
CA GLU J 96 39.74 -35.53 17.33
C GLU J 96 38.59 -35.98 16.42
N GLU J 97 38.43 -37.29 16.21
CA GLU J 97 37.30 -37.77 15.41
C GLU J 97 35.99 -37.34 16.03
N GLU J 98 35.91 -37.34 17.36
CA GLU J 98 34.75 -36.76 18.04
C GLU J 98 34.62 -35.28 17.77
N ASN J 99 35.74 -34.55 17.79
CA ASN J 99 35.71 -33.14 17.46
C ASN J 99 35.18 -32.98 16.04
N ILE J 100 34.15 -32.21 15.90
CA ILE J 100 33.43 -32.14 14.65
C ILE J 100 34.05 -31.06 13.79
N SER J 101 34.04 -31.29 12.47
CA SER J 101 34.48 -30.27 11.55
C SER J 101 33.59 -29.03 11.67
N ASP J 102 34.18 -27.87 11.33
CA ASP J 102 33.39 -26.63 11.27
C ASP J 102 32.32 -26.73 10.18
N ALA J 103 32.67 -27.30 9.03
CA ALA J 103 31.69 -27.53 7.97
C ALA J 103 30.50 -28.35 8.48
N GLN J 104 30.76 -29.33 9.34
CA GLN J 104 29.69 -30.06 9.99
C GLN J 104 28.81 -29.15 10.83
N ILE J 105 29.43 -28.26 11.61
CA ILE J 105 28.68 -27.37 12.50
C ILE J 105 27.73 -26.50 11.69
N GLN J 106 28.20 -25.98 10.55
CA GLN J 106 27.39 -25.08 9.72
C GLN J 106 26.19 -25.79 9.11
N SER J 107 26.38 -27.03 8.64
CA SER J 107 25.29 -27.78 8.02
C SER J 107 24.09 -27.87 8.94
N GLN J 108 24.34 -28.01 10.24
CA GLN J 108 23.27 -27.94 11.23
C GLN J 108 22.68 -26.53 11.30
N ILE J 109 23.55 -25.52 11.39
CA ILE J 109 23.08 -24.14 11.52
C ILE J 109 22.13 -23.80 10.39
N ASP J 110 22.50 -24.18 9.16
CA ASP J 110 21.67 -23.87 8.00
C ASP J 110 20.35 -24.63 8.05
N ILE J 111 20.38 -25.90 8.45
CA ILE J 111 19.16 -26.71 8.38
C ILE J 111 18.12 -26.17 9.36
N LEU J 112 18.56 -25.56 10.47
CA LEU J 112 17.62 -24.96 11.40
C LEU J 112 16.91 -23.76 10.79
N ASN J 113 17.68 -22.87 10.15
CA ASN J 113 17.10 -21.70 9.52
C ASN J 113 16.20 -22.06 8.35
N LYS J 114 16.39 -23.24 7.75
CA LYS J 114 15.40 -23.78 6.81
C LYS J 114 14.15 -24.27 7.55
N ASP J 115 14.33 -24.97 8.69
CA ASP J 115 13.21 -25.63 9.34
C ASP J 115 12.25 -24.65 10.01
N PHE J 116 12.75 -23.53 10.51
CA PHE J 116 11.96 -22.68 11.39
C PHE J 116 11.19 -21.58 10.67
N ARG J 117 11.51 -21.31 9.41
CA ARG J 117 10.80 -20.30 8.63
C ARG J 117 9.93 -20.92 7.53
N LYS J 118 9.63 -22.23 7.65
CA LYS J 118 8.91 -23.00 6.64
C LYS J 118 9.71 -23.14 5.35
N LEU J 119 11.03 -23.16 5.46
CA LEU J 119 11.89 -23.18 4.27
C LEU J 119 12.35 -24.58 3.88
N ASN J 120 12.13 -25.58 4.71
CA ASN J 120 12.68 -26.89 4.44
C ASN J 120 11.99 -27.52 3.23
N SER J 121 12.79 -28.18 2.40
CA SER J 121 12.25 -28.93 1.28
C SER J 121 11.23 -29.96 1.75
N ASP J 122 11.39 -30.46 2.99
CA ASP J 122 10.57 -31.52 3.58
C ASP J 122 9.15 -31.10 3.91
N VAL J 123 8.84 -29.80 3.91
CA VAL J 123 7.51 -29.33 4.31
C VAL J 123 6.43 -29.94 3.42
N SER J 124 6.80 -30.35 2.21
CA SER J 124 5.90 -30.92 1.22
C SER J 124 5.43 -32.32 1.57
N GLN J 125 5.90 -32.90 2.68
CA GLN J 125 5.49 -34.24 3.06
C GLN J 125 4.28 -34.25 4.01
N VAL J 126 3.84 -33.07 4.48
CA VAL J 126 2.68 -32.98 5.38
C VAL J 126 1.43 -33.38 4.61
N PRO J 127 0.59 -34.26 5.14
CA PRO J 127 -0.70 -34.53 4.49
C PRO J 127 -1.51 -33.26 4.32
N SER J 128 -2.31 -33.24 3.27
CA SER J 128 -3.10 -32.07 2.94
C SER J 128 -4.04 -31.68 4.07
N VAL J 129 -4.37 -32.62 4.96
CA VAL J 129 -5.26 -32.35 6.09
C VAL J 129 -4.71 -31.21 6.94
N TRP J 130 -3.39 -31.03 6.93
CA TRP J 130 -2.75 -30.06 7.80
C TRP J 130 -1.87 -29.10 7.01
N SER J 131 -2.10 -28.98 5.71
CA SER J 131 -1.31 -28.05 4.91
C SER J 131 -1.50 -26.61 5.38
N ASN J 132 -2.72 -26.24 5.79
CA ASN J 132 -2.97 -24.88 6.26
C ASN J 132 -2.64 -24.70 7.74
N LEU J 133 -2.18 -25.75 8.42
CA LEU J 133 -1.79 -25.65 9.81
C LEU J 133 -0.29 -25.57 10.02
N ILE J 134 0.50 -25.87 8.98
CA ILE J 134 1.94 -25.71 9.06
C ILE J 134 2.26 -24.25 9.41
N ALA J 135 3.40 -24.03 10.07
CA ALA J 135 3.70 -22.70 10.56
C ALA J 135 5.16 -22.34 10.30
N ASP J 136 5.39 -21.03 10.26
CA ASP J 136 6.72 -20.44 10.19
C ASP J 136 6.97 -19.78 11.54
N LEU J 137 7.93 -20.31 12.28
CA LEU J 137 8.16 -19.77 13.61
C LEU J 137 8.58 -18.32 13.54
N GLY J 138 8.98 -17.86 12.36
CA GLY J 138 9.57 -16.55 12.22
C GLY J 138 10.82 -16.45 13.06
N ILE J 139 11.71 -17.44 13.00
CA ILE J 139 12.94 -17.43 13.77
C ILE J 139 14.08 -18.07 12.98
N GLU J 140 15.22 -17.36 12.91
CA GLU J 140 16.52 -17.85 12.45
C GLU J 140 17.53 -17.52 13.54
N PHE J 141 18.75 -18.08 13.43
CA PHE J 141 19.81 -17.81 14.41
C PHE J 141 21.18 -17.88 13.76
N PHE J 142 22.19 -17.32 14.44
CA PHE J 142 23.52 -17.15 13.87
C PHE J 142 24.58 -17.45 14.92
N LEU J 143 25.82 -17.64 14.44
CA LEU J 143 26.98 -17.87 15.30
C LEU J 143 27.63 -16.52 15.60
N ALA J 144 27.52 -16.06 16.85
CA ALA J 144 27.76 -14.67 17.17
C ALA J 144 29.15 -14.24 16.74
N THR J 145 29.22 -13.05 16.13
CA THR J 145 30.50 -12.44 15.81
C THR J 145 31.30 -12.17 17.09
N LYS J 146 30.65 -12.12 18.25
CA LYS J 146 31.26 -11.68 19.49
C LYS J 146 31.01 -12.68 20.61
N ASP J 147 32.03 -12.92 21.42
CA ASP J 147 31.91 -13.73 22.63
C ASP J 147 31.38 -12.85 23.76
N PRO J 148 30.93 -13.44 24.88
CA PRO J 148 30.27 -12.62 25.91
C PRO J 148 31.15 -11.53 26.50
N ASN J 149 32.48 -11.63 26.39
CA ASN J 149 33.34 -10.58 26.88
C ASN J 149 33.53 -9.45 25.88
N GLY J 150 33.16 -9.66 24.61
CA GLY J 150 33.15 -8.60 23.60
C GLY J 150 34.02 -8.89 22.40
N ASN J 151 35.08 -9.66 22.58
CA ASN J 151 36.02 -9.92 21.48
C ASN J 151 35.36 -10.72 20.37
N GLN J 152 35.90 -10.56 19.16
CA GLN J 152 35.35 -11.28 18.01
C GLN J 152 35.59 -12.78 18.16
N THR J 153 34.54 -13.56 17.99
CA THR J 153 34.61 -15.01 18.22
C THR J 153 33.94 -15.77 17.09
N THR J 154 34.47 -16.98 16.84
CA THR J 154 33.91 -17.80 15.78
C THR J 154 32.47 -18.19 16.10
N GLY J 155 32.22 -18.64 17.32
CA GLY J 155 30.99 -19.31 17.68
C GLY J 155 31.13 -20.78 17.98
N ILE J 156 32.35 -21.32 18.00
CA ILE J 156 32.61 -22.73 18.25
C ILE J 156 33.80 -22.84 19.21
N THR J 157 33.53 -23.21 20.47
CA THR J 157 34.59 -23.51 21.42
C THR J 157 34.86 -25.02 21.38
N ARG J 158 36.12 -25.39 21.25
CA ARG J 158 36.54 -26.79 21.26
C ARG J 158 37.33 -27.05 22.55
N THR J 159 36.88 -28.03 23.34
CA THR J 159 37.49 -28.37 24.61
C THR J 159 37.86 -29.85 24.61
N GLN J 160 39.14 -30.15 24.83
CA GLN J 160 39.58 -31.51 25.05
C GLN J 160 39.13 -31.98 26.43
N THR J 161 38.47 -33.14 26.51
CA THR J 161 37.98 -33.69 27.77
C THR J 161 38.53 -35.11 27.96
N SER J 162 38.89 -35.43 29.20
CA SER J 162 39.28 -36.78 29.55
C SER J 162 38.09 -37.73 29.68
N VAL J 163 36.88 -37.21 29.93
CA VAL J 163 35.70 -38.07 30.10
C VAL J 163 35.27 -38.64 28.75
N THR J 164 34.52 -39.73 28.81
CA THR J 164 34.05 -40.43 27.62
C THR J 164 32.54 -40.40 27.47
N PHE J 165 31.81 -40.54 28.57
CA PHE J 165 30.36 -40.58 28.59
C PHE J 165 29.81 -39.30 29.19
N PHE J 166 28.55 -39.00 28.86
CA PHE J 166 27.87 -37.85 29.45
C PHE J 166 26.40 -38.18 29.64
N THR J 167 25.80 -37.57 30.65
CA THR J 167 24.55 -38.03 31.25
C THR J 167 23.49 -36.94 31.19
N THR J 168 22.30 -37.29 31.68
CA THR J 168 21.28 -36.31 32.02
C THR J 168 21.60 -35.57 33.30
N SER J 169 22.77 -35.82 33.89
CA SER J 169 23.26 -35.03 35.00
C SER J 169 23.72 -33.64 34.57
N ASP J 170 23.76 -33.38 33.26
CA ASP J 170 24.20 -32.11 32.67
C ASP J 170 25.65 -31.77 33.02
N GLU J 171 26.43 -32.75 33.48
CA GLU J 171 27.82 -32.51 33.86
C GLU J 171 28.70 -32.05 32.70
N VAL J 172 28.34 -32.36 31.46
CA VAL J 172 29.11 -31.88 30.31
C VAL J 172 28.99 -30.36 30.16
N LYS J 173 27.93 -29.75 30.70
CA LYS J 173 27.77 -28.31 30.60
C LYS J 173 28.83 -27.56 31.39
N PHE J 174 29.14 -28.03 32.60
CA PHE J 174 30.02 -27.29 33.50
C PHE J 174 31.48 -27.61 33.22
N ALA J 175 32.37 -26.66 33.57
CA ALA J 175 33.79 -26.78 33.24
C ALA J 175 34.48 -27.85 34.08
N SER J 176 34.10 -27.96 35.36
CA SER J 176 34.73 -28.90 36.28
C SER J 176 34.60 -30.35 35.84
N SER J 177 33.61 -30.65 34.99
CA SER J 177 33.34 -32.00 34.52
C SER J 177 33.66 -32.12 33.03
N GLY J 178 34.76 -31.51 32.59
CA GLY J 178 35.24 -31.66 31.24
C GLY J 178 34.21 -31.23 30.22
N GLY J 179 33.75 -29.99 30.35
CA GLY J 179 32.80 -29.43 29.40
C GLY J 179 32.74 -27.91 29.48
N GLU J 180 32.83 -27.22 28.34
CA GLU J 180 33.06 -25.78 28.38
C GLU J 180 31.94 -25.06 29.14
N ASP J 181 32.34 -24.07 29.95
CA ASP J 181 31.40 -23.26 30.71
C ASP J 181 30.36 -22.64 29.80
N ALA J 182 29.10 -22.69 30.23
CA ALA J 182 28.03 -22.13 29.43
C ALA J 182 28.16 -20.61 29.34
N TRP J 183 27.99 -20.07 28.12
CA TRP J 183 27.96 -18.63 27.94
C TRP J 183 26.64 -18.09 28.47
N PRO J 184 26.60 -16.82 28.87
CA PRO J 184 25.41 -16.29 29.56
C PRO J 184 24.14 -16.52 28.74
N ALA J 185 23.07 -16.86 29.46
CA ALA J 185 21.85 -17.36 28.81
C ALA J 185 21.09 -16.27 28.06
N ASP J 186 21.12 -15.03 28.55
CA ASP J 186 20.39 -13.96 27.89
C ASP J 186 21.07 -13.49 26.62
N ARG J 187 22.40 -13.49 26.59
CA ARG J 187 23.08 -13.04 25.37
C ARG J 187 23.10 -14.12 24.30
N TYR J 188 23.37 -15.37 24.66
CA TYR J 188 23.54 -16.42 23.67
C TYR J 188 22.70 -17.62 24.04
N LEU J 189 22.51 -18.49 23.06
CA LEU J 189 21.88 -19.79 23.29
C LEU J 189 22.97 -20.83 23.19
N ASN J 190 23.21 -21.53 24.31
CA ASN J 190 24.36 -22.41 24.44
C ASN J 190 24.10 -23.80 23.85
N ILE J 191 25.17 -24.37 23.29
CA ILE J 191 25.15 -25.64 22.57
C ILE J 191 26.30 -26.50 23.09
N TRP J 192 26.02 -27.77 23.35
CA TRP J 192 27.04 -28.75 23.68
C TRP J 192 26.93 -29.92 22.72
N VAL J 193 28.04 -30.25 22.06
CA VAL J 193 28.11 -31.37 21.13
C VAL J 193 29.25 -32.29 21.58
N CYS J 194 28.90 -33.53 21.94
CA CYS J 194 29.90 -34.50 22.38
C CYS J 194 29.60 -35.83 21.71
N HIS J 195 30.47 -36.81 21.98
CA HIS J 195 30.42 -38.07 21.27
C HIS J 195 29.47 -39.10 21.89
N VAL J 196 29.31 -39.12 23.21
CA VAL J 196 28.52 -40.15 23.88
C VAL J 196 27.54 -39.50 24.83
N LEU J 197 26.25 -39.76 24.64
CA LEU J 197 25.21 -39.26 25.53
C LEU J 197 24.33 -40.38 26.03
N LYS J 198 24.17 -40.46 27.35
CA LYS J 198 23.46 -41.55 28.03
C LYS J 198 22.48 -40.99 29.04
N SER J 199 21.45 -41.79 29.34
CA SER J 199 20.43 -41.45 30.32
C SER J 199 20.79 -42.06 31.67
N GLU J 200 20.04 -41.64 32.70
CA GLU J 200 20.20 -42.27 34.01
C GLU J 200 19.72 -43.70 33.98
N ILE J 201 18.65 -43.98 33.22
CA ILE J 201 18.25 -45.35 32.93
C ILE J 201 19.37 -46.09 32.20
N GLY J 202 20.26 -45.34 31.54
CA GLY J 202 21.36 -45.89 30.77
C GLY J 202 21.14 -45.86 29.28
N GLN J 203 19.88 -45.83 28.84
CA GLN J 203 19.59 -45.86 27.41
C GLN J 203 20.25 -44.69 26.71
N ASP J 204 20.98 -44.99 25.65
CA ASP J 204 21.77 -43.97 24.97
C ASP J 204 20.86 -42.95 24.32
N ILE J 205 21.06 -41.68 24.66
CA ILE J 205 20.23 -40.62 24.15
C ILE J 205 20.96 -39.94 23.03
N LEU J 206 20.19 -39.30 22.15
CA LEU J 206 20.76 -38.49 21.09
C LEU J 206 20.95 -37.04 21.51
N GLY J 207 20.25 -36.61 22.55
CA GLY J 207 20.36 -35.25 23.04
C GLY J 207 19.28 -34.98 24.06
N TYR J 208 19.38 -33.81 24.68
CA TYR J 208 18.37 -33.35 25.62
C TYR J 208 18.20 -31.85 25.44
N ALA J 209 17.59 -31.21 26.42
CA ALA J 209 17.34 -29.78 26.41
C ALA J 209 16.92 -29.38 27.81
N GLN J 210 17.20 -28.14 28.17
CA GLN J 210 16.74 -27.60 29.44
C GLN J 210 15.62 -26.59 29.17
N PHE J 211 14.54 -26.70 29.92
CA PHE J 211 13.37 -25.88 29.66
C PHE J 211 13.61 -24.43 30.06
N PRO J 212 12.87 -23.52 29.46
CA PRO J 212 13.12 -22.10 29.69
C PRO J 212 12.76 -21.69 31.10
N GLY J 213 13.33 -20.57 31.51
CA GLY J 213 13.27 -20.16 32.88
C GLY J 213 14.12 -20.98 33.80
N GLY J 214 14.87 -21.94 33.24
CA GLY J 214 15.73 -22.79 34.02
C GLY J 214 16.97 -22.06 34.49
N PRO J 215 17.68 -22.65 35.46
CA PRO J 215 18.90 -22.02 35.97
C PRO J 215 19.92 -21.77 34.87
N ALA J 216 20.61 -20.63 34.99
CA ALA J 216 21.33 -20.04 33.88
C ALA J 216 22.34 -21.01 33.29
N GLU J 217 23.18 -21.59 34.13
CA GLU J 217 24.33 -22.33 33.63
C GLU J 217 23.97 -23.59 32.84
N THR J 218 22.71 -24.02 32.88
CA THR J 218 22.23 -25.12 32.06
C THR J 218 21.29 -24.65 30.94
N ASP J 219 21.12 -23.33 30.78
CA ASP J 219 20.11 -22.76 29.86
C ASP J 219 20.58 -22.91 28.42
N GLY J 220 20.52 -24.13 27.94
CA GLY J 220 20.95 -24.46 26.60
C GLY J 220 20.50 -25.85 26.27
N VAL J 221 21.09 -26.39 25.21
CA VAL J 221 20.70 -27.71 24.73
C VAL J 221 21.96 -28.47 24.38
N VAL J 222 21.87 -29.81 24.45
CA VAL J 222 22.99 -30.69 24.12
C VAL J 222 22.51 -31.72 23.10
N ILE J 223 23.30 -31.90 22.03
CA ILE J 223 23.05 -32.91 21.01
C ILE J 223 24.35 -33.69 20.79
N VAL J 224 24.22 -35.01 20.66
CA VAL J 224 25.39 -35.84 20.40
C VAL J 224 25.97 -35.45 19.05
N ASP J 225 27.22 -35.83 18.84
CA ASP J 225 27.89 -35.42 17.62
C ASP J 225 27.31 -36.09 16.37
N ALA J 226 26.74 -37.29 16.50
CA ALA J 226 26.28 -37.98 15.31
C ALA J 226 24.88 -37.58 14.89
N ALA J 227 24.26 -36.65 15.61
CA ALA J 227 22.96 -36.09 15.24
C ALA J 227 23.05 -34.64 14.80
N PHE J 228 24.26 -34.09 14.77
CA PHE J 228 24.53 -32.66 14.63
C PHE J 228 25.00 -32.37 13.21
N GLY J 229 24.10 -31.89 12.37
CA GLY J 229 24.49 -31.47 11.04
C GLY J 229 24.26 -32.53 9.99
N THR J 230 24.75 -32.21 8.78
CA THR J 230 24.48 -33.00 7.58
C THR J 230 25.73 -33.60 6.95
N THR J 231 26.86 -33.59 7.65
CA THR J 231 28.09 -34.13 7.10
C THR J 231 29.06 -34.41 8.26
N GLY J 232 30.28 -34.80 7.90
CA GLY J 232 31.27 -35.12 8.92
C GLY J 232 30.80 -36.30 9.75
N THR J 233 30.88 -36.14 11.07
CA THR J 233 30.51 -37.21 11.99
C THR J 233 29.01 -37.42 12.09
N ALA J 234 28.23 -36.58 11.42
CA ALA J 234 26.78 -36.74 11.42
C ALA J 234 26.40 -38.02 10.67
N LEU J 235 25.47 -38.80 11.25
CA LEU J 235 25.07 -40.09 10.73
C LEU J 235 23.55 -40.22 10.71
N PRO J 236 22.99 -40.95 9.73
CA PRO J 236 21.53 -41.07 9.61
C PRO J 236 21.00 -42.16 10.52
N PRO J 237 19.69 -42.09 10.89
CA PRO J 237 18.65 -41.14 10.47
C PRO J 237 18.64 -39.83 11.25
N PHE J 238 19.83 -39.25 11.50
CA PHE J 238 19.98 -37.92 12.08
C PHE J 238 20.95 -37.09 11.26
N ASP J 239 21.13 -37.45 9.99
CA ASP J 239 21.95 -36.67 9.08
C ASP J 239 21.26 -35.38 8.65
N LYS J 240 19.92 -35.37 8.61
CA LYS J 240 19.23 -34.11 8.31
C LYS J 240 19.40 -33.08 9.42
N GLY J 241 19.89 -33.48 10.59
CA GLY J 241 20.13 -32.54 11.67
C GLY J 241 18.90 -32.06 12.38
N ARG J 242 17.72 -32.62 12.05
CA ARG J 242 16.48 -32.27 12.74
C ARG J 242 16.51 -32.69 14.22
N THR J 243 17.45 -33.55 14.59
CA THR J 243 17.57 -33.97 15.98
C THR J 243 17.78 -32.76 16.89
N ALA J 244 18.65 -31.86 16.48
CA ALA J 244 18.82 -30.61 17.19
C ALA J 244 17.54 -29.78 17.12
N THR J 245 16.90 -29.73 15.95
CA THR J 245 15.67 -28.98 15.81
C THR J 245 14.69 -29.36 16.90
N HIS J 246 14.61 -30.67 17.20
CA HIS J 246 13.63 -31.20 18.14
C HIS J 246 13.90 -30.72 19.56
N ALA J 247 15.08 -31.04 20.10
CA ALA J 247 15.45 -30.58 21.42
C ALA J 247 15.59 -29.06 21.50
N ILE J 248 15.66 -28.37 20.36
CA ILE J 248 15.53 -26.91 20.39
C ILE J 248 14.14 -26.53 20.89
N GLY J 249 13.12 -27.22 20.41
CA GLY J 249 11.75 -26.87 20.72
C GLY J 249 11.46 -26.90 22.21
N HIS J 250 12.16 -27.75 22.94
CA HIS J 250 12.15 -27.68 24.39
C HIS J 250 12.79 -26.40 24.91
N TRP J 251 13.69 -25.77 24.12
CA TRP J 251 14.22 -24.47 24.51
C TRP J 251 13.27 -23.34 24.19
N LEU J 252 12.32 -23.61 23.33
CA LEU J 252 11.17 -22.74 23.10
C LEU J 252 9.97 -23.17 23.92
N ASN J 253 10.15 -24.09 24.86
CA ASN J 253 9.10 -24.52 25.80
C ASN J 253 8.01 -25.29 25.07
N LEU J 254 8.40 -26.19 24.19
CA LEU J 254 7.49 -27.09 23.52
C LEU J 254 7.53 -28.47 24.16
N TYR J 255 6.40 -28.95 24.66
CA TYR J 255 6.31 -30.33 25.14
C TYR J 255 6.24 -31.28 23.95
N HIS J 256 6.77 -32.49 24.16
CA HIS J 256 6.52 -33.57 23.23
C HIS J 256 5.02 -33.66 22.96
N ILE J 257 4.67 -34.15 21.77
CA ILE J 257 3.25 -34.20 21.38
C ILE J 257 2.43 -35.05 22.34
N TRP J 258 3.05 -36.05 22.97
CA TRP J 258 2.32 -37.04 23.73
C TRP J 258 2.06 -36.64 25.18
N GLY J 259 2.54 -35.46 25.61
CA GLY J 259 2.56 -35.09 27.01
C GLY J 259 3.96 -35.37 27.51
N ASP J 260 4.08 -36.20 28.54
CA ASP J 260 5.36 -36.86 28.76
C ASP J 260 5.21 -38.10 29.62
N GLU J 261 6.24 -38.96 29.57
CA GLU J 261 6.34 -40.12 30.45
C GLU J 261 6.93 -39.77 31.81
N LEU J 262 7.54 -38.58 31.97
CA LEU J 262 7.72 -38.03 33.31
C LEU J 262 6.38 -37.95 34.02
N ARG J 263 5.35 -37.55 33.28
CA ARG J 263 4.04 -37.28 33.87
C ARG J 263 3.36 -38.59 34.25
N PHE J 264 2.95 -38.70 35.50
CA PHE J 264 2.16 -39.84 35.95
C PHE J 264 0.72 -39.59 35.58
N GLU J 265 0.23 -40.28 34.56
CA GLU J 265 -1.17 -40.17 34.20
C GLU J 265 -1.52 -41.33 33.27
N ASP J 266 -2.82 -41.53 33.08
CA ASP J 266 -3.27 -42.32 31.97
C ASP J 266 -2.87 -41.62 30.67
N PRO J 267 -2.35 -42.35 29.68
CA PRO J 267 -1.54 -41.69 28.64
C PRO J 267 -2.29 -40.67 27.82
N CYS J 268 -3.62 -40.73 27.81
CA CYS J 268 -4.41 -39.76 27.05
C CYS J 268 -4.53 -38.42 27.76
N SER J 269 -4.37 -38.38 29.07
CA SER J 269 -4.55 -37.13 29.78
C SER J 269 -3.26 -36.34 29.95
N ARG J 270 -2.19 -36.75 29.28
CA ARG J 270 -0.97 -35.95 29.16
C ARG J 270 -0.94 -35.31 27.78
N SER J 271 -0.75 -33.99 27.75
CA SER J 271 -0.89 -33.23 26.52
C SER J 271 0.24 -32.22 26.42
N ASP J 272 0.53 -31.80 25.17
CA ASP J 272 1.56 -30.80 24.85
C ASP J 272 1.06 -29.37 24.98
N GLU J 273 -0.17 -29.21 25.42
CA GLU J 273 -0.80 -27.90 25.61
C GLU J 273 -0.78 -27.11 24.32
N VAL J 274 -0.96 -27.83 23.21
CA VAL J 274 -1.09 -27.25 21.88
C VAL J 274 -2.37 -27.79 21.29
N ASP J 275 -3.32 -26.91 21.03
CA ASP J 275 -4.63 -27.40 20.64
C ASP J 275 -4.62 -28.06 19.27
N ASP J 276 -3.83 -27.55 18.32
CA ASP J 276 -3.96 -28.02 16.94
C ASP J 276 -3.10 -29.26 16.64
N THR J 277 -2.39 -29.81 17.62
CA THR J 277 -1.78 -31.10 17.33
C THR J 277 -2.62 -32.22 17.94
N PRO J 278 -2.90 -33.30 17.22
CA PRO J 278 -3.84 -34.31 17.72
C PRO J 278 -3.23 -35.01 18.92
N ASN J 279 -3.93 -34.95 20.06
CA ASN J 279 -3.31 -35.38 21.32
C ASN J 279 -3.08 -36.88 21.26
N GLN J 280 -1.83 -37.26 21.01
CA GLN J 280 -1.39 -38.64 21.00
C GLN J 280 -0.78 -38.94 22.35
N ALA J 281 -0.49 -40.22 22.56
CA ALA J 281 0.15 -40.66 23.79
C ALA J 281 1.39 -41.49 23.56
N ASP J 282 1.61 -42.00 22.35
CA ASP J 282 2.74 -42.87 22.06
C ASP J 282 3.65 -42.24 21.01
N PRO J 283 4.91 -41.95 21.32
CA PRO J 283 5.85 -41.55 20.28
C PRO J 283 6.01 -42.62 19.20
N ASN J 284 6.08 -42.16 17.94
CA ASN J 284 6.41 -42.99 16.80
C ASN J 284 7.85 -42.71 16.39
N PHE J 285 8.66 -43.77 16.26
CA PHE J 285 10.03 -43.63 15.78
C PHE J 285 10.11 -44.15 14.35
N GLY J 286 11.31 -44.04 13.78
CA GLY J 286 11.48 -44.45 12.40
C GLY J 286 10.71 -43.52 11.48
N CYS J 287 10.09 -44.11 10.47
CA CYS J 287 9.20 -43.35 9.62
C CYS J 287 7.85 -44.05 9.53
N PRO J 288 6.76 -43.36 9.78
CA PRO J 288 5.46 -44.02 9.88
C PRO J 288 4.66 -43.97 8.59
N SER J 289 3.63 -44.79 8.54
CA SER J 289 2.67 -44.79 7.44
C SER J 289 1.40 -44.07 7.90
N TYR J 290 0.95 -43.11 7.10
CA TYR J 290 -0.22 -42.32 7.47
C TYR J 290 -1.47 -43.19 7.37
N PRO J 291 -2.37 -43.16 8.39
CA PRO J 291 -2.24 -42.48 9.69
C PRO J 291 -1.96 -43.40 10.90
N HIS J 292 -1.31 -42.87 11.93
CA HIS J 292 -1.11 -43.58 13.18
C HIS J 292 -2.07 -42.98 14.20
N VAL J 293 -2.96 -43.81 14.72
CA VAL J 293 -4.12 -43.34 15.47
C VAL J 293 -3.86 -43.59 16.94
N SER J 294 -3.58 -42.53 17.71
CA SER J 294 -3.26 -42.62 19.14
C SER J 294 -4.23 -41.74 19.93
N CYS J 295 -4.91 -42.34 20.92
CA CYS J 295 -5.98 -41.69 21.67
C CYS J 295 -7.02 -41.10 20.70
N SER J 296 -7.62 -42.00 19.92
CA SER J 296 -8.53 -41.66 18.83
C SER J 296 -7.78 -40.73 17.90
N ASN J 297 -8.26 -39.51 17.64
CA ASN J 297 -7.78 -38.53 16.65
C ASN J 297 -7.82 -39.06 15.21
N GLY J 298 -8.52 -40.17 14.98
CA GLY J 298 -8.68 -40.70 13.64
C GLY J 298 -9.72 -39.93 12.87
N PRO J 299 -9.64 -40.00 11.55
CA PRO J 299 -8.58 -40.65 10.80
C PRO J 299 -7.42 -39.69 10.57
N ASN J 300 -7.45 -38.53 11.25
CA ASN J 300 -6.36 -37.58 11.13
C ASN J 300 -5.02 -38.20 11.49
N GLY J 301 -5.00 -39.13 12.44
CA GLY J 301 -3.76 -39.76 12.80
C GLY J 301 -2.86 -38.84 13.58
N ASP J 302 -1.73 -39.39 14.05
CA ASP J 302 -0.77 -38.61 14.81
C ASP J 302 -0.06 -37.63 13.90
N MET J 303 0.58 -36.64 14.50
CA MET J 303 1.33 -35.65 13.73
C MET J 303 2.81 -36.03 13.73
N PHE J 304 3.11 -37.18 13.12
CA PHE J 304 4.49 -37.66 13.12
C PHE J 304 5.38 -36.72 12.35
N MET J 305 4.82 -35.94 11.43
CA MET J 305 5.58 -34.93 10.72
C MET J 305 6.11 -33.86 11.66
N ASN J 306 5.55 -33.77 12.87
CA ASN J 306 5.99 -32.76 13.83
C ASN J 306 7.37 -33.10 14.39
N TYR J 307 8.21 -32.08 14.55
CA TYR J 307 9.58 -32.27 15.04
C TYR J 307 9.63 -32.77 16.48
N MET J 308 8.53 -32.63 17.23
CA MET J 308 8.48 -33.07 18.62
C MET J 308 8.08 -34.53 18.77
N ASP J 309 7.84 -35.25 17.67
CA ASP J 309 7.75 -36.70 17.71
C ASP J 309 9.12 -37.31 17.48
N TYR J 310 9.23 -38.59 17.78
CA TYR J 310 10.52 -39.27 17.79
C TYR J 310 10.86 -39.90 16.45
N VAL J 311 10.20 -39.49 15.37
CA VAL J 311 10.44 -40.07 14.05
C VAL J 311 11.85 -39.77 13.59
N ASP J 312 12.26 -40.44 12.50
CA ASP J 312 13.54 -40.14 11.86
C ASP J 312 13.54 -38.69 11.34
N ASP J 313 14.73 -38.25 10.90
CA ASP J 313 14.95 -36.84 10.56
C ASP J 313 14.20 -36.44 9.29
N LYS J 314 14.15 -37.31 8.29
CA LYS J 314 13.51 -36.97 7.02
C LYS J 314 11.99 -37.01 7.08
N CYS J 315 11.40 -37.40 8.22
CA CYS J 315 9.95 -37.47 8.36
C CYS J 315 9.39 -36.44 9.34
N MET J 316 10.19 -35.96 10.29
CA MET J 316 9.82 -34.78 11.06
C MET J 316 10.19 -33.53 10.26
N VAL J 317 9.17 -32.77 9.86
CA VAL J 317 9.39 -31.71 8.89
C VAL J 317 8.89 -30.35 9.35
N MET J 318 8.00 -30.24 10.32
CA MET J 318 7.27 -28.99 10.45
C MET J 318 6.98 -28.66 11.90
N PHE J 319 6.42 -27.48 12.08
CA PHE J 319 5.92 -26.99 13.36
C PHE J 319 4.50 -26.47 13.15
N THR J 320 3.69 -26.57 14.19
CA THR J 320 2.30 -26.16 14.07
C THR J 320 2.13 -24.70 14.44
N GLN J 321 1.05 -24.11 13.94
CA GLN J 321 0.71 -22.74 14.30
C GLN J 321 0.58 -22.60 15.80
N GLY J 322 -0.15 -23.53 16.43
CA GLY J 322 -0.28 -23.49 17.88
C GLY J 322 1.06 -23.50 18.58
N GLN J 323 1.95 -24.41 18.16
CA GLN J 323 3.25 -24.50 18.81
C GLN J 323 3.99 -23.18 18.71
N ALA J 324 3.98 -22.57 17.53
CA ALA J 324 4.62 -21.28 17.36
C ALA J 324 4.06 -20.27 18.36
N THR J 325 2.74 -20.21 18.48
CA THR J 325 2.11 -19.30 19.44
C THR J 325 2.65 -19.56 20.85
N ARG J 326 2.92 -20.82 21.18
CA ARG J 326 3.56 -21.15 22.45
C ARG J 326 4.99 -20.63 22.48
N VAL J 327 5.71 -20.75 21.36
CA VAL J 327 7.06 -20.17 21.29
C VAL J 327 6.99 -18.67 21.53
N ASN J 328 6.04 -17.99 20.89
CA ASN J 328 5.85 -16.56 21.08
C ASN J 328 5.76 -16.22 22.58
N ALA J 329 4.96 -16.99 23.31
CA ALA J 329 4.85 -16.77 24.75
C ALA J 329 6.17 -16.99 25.47
N CYS J 330 7.00 -17.94 25.00
CA CYS J 330 8.33 -18.12 25.62
C CYS J 330 9.23 -16.92 25.34
N LEU J 331 9.06 -16.28 24.18
CA LEU J 331 9.97 -15.21 23.82
C LEU J 331 9.65 -13.93 24.58
N ASP J 332 8.37 -13.65 24.78
CA ASP J 332 7.99 -12.36 25.33
C ASP J 332 8.36 -12.24 26.80
N GLY J 333 8.03 -13.24 27.61
CA GLY J 333 8.25 -13.14 29.04
C GLY J 333 9.53 -13.76 29.57
N PRO J 334 9.73 -15.06 29.31
CA PRO J 334 10.97 -15.73 29.77
C PRO J 334 12.19 -15.23 29.06
N ARG J 335 12.13 -15.11 27.72
CA ARG J 335 13.29 -14.81 26.90
C ARG J 335 13.28 -13.37 26.37
N SER J 336 12.61 -12.46 27.09
CA SER J 336 12.49 -11.06 26.66
C SER J 336 13.84 -10.44 26.33
N SER J 337 14.92 -11.03 26.84
CA SER J 337 16.25 -10.49 26.60
C SER J 337 16.61 -10.48 25.11
N PHE J 338 16.33 -11.59 24.42
CA PHE J 338 16.83 -11.76 23.05
C PHE J 338 16.13 -10.86 22.05
N LEU J 339 14.87 -10.50 22.30
CA LEU J 339 14.13 -9.67 21.37
C LEU J 339 14.70 -8.26 21.29
N ALA J 340 15.17 -7.73 22.41
CA ALA J 340 15.57 -6.32 22.52
C ALA J 340 16.90 -6.00 21.85
N ARG J 341 17.67 -7.02 21.42
CA ARG J 341 19.04 -6.85 20.94
C ARG J 341 19.17 -5.85 19.79
N PRO K 36 -43.40 -39.24 57.30
CA PRO K 36 -42.10 -39.64 56.73
C PRO K 36 -40.88 -39.41 57.66
N THR K 37 -40.88 -39.97 58.88
CA THR K 37 -39.78 -39.80 59.83
C THR K 37 -38.68 -40.83 59.51
N GLN K 38 -37.55 -40.33 59.02
CA GLN K 38 -36.42 -41.16 58.62
C GLN K 38 -35.32 -41.05 59.66
N ARG K 39 -34.51 -42.09 59.77
CA ARG K 39 -33.39 -42.05 60.70
C ARG K 39 -32.26 -41.22 60.11
N ARG K 40 -31.77 -40.25 60.88
CA ARG K 40 -30.71 -39.36 60.41
C ARG K 40 -29.79 -39.05 61.58
N CYS K 41 -28.52 -39.47 61.46
CA CYS K 41 -27.53 -39.38 62.52
C CYS K 41 -26.53 -38.29 62.15
N GLY K 42 -26.50 -37.22 62.94
CA GLY K 42 -25.56 -36.16 62.69
C GLY K 42 -24.15 -36.40 63.18
N ALA K 43 -23.89 -37.53 63.86
CA ALA K 43 -22.58 -37.74 64.48
C ALA K 43 -21.46 -37.59 63.47
N MET K 44 -21.71 -37.95 62.22
CA MET K 44 -20.70 -37.78 61.20
C MET K 44 -20.59 -36.34 60.75
N GLU K 45 -21.70 -35.59 60.80
CA GLU K 45 -21.62 -34.15 60.55
C GLU K 45 -20.71 -33.48 61.57
N VAL K 46 -20.76 -33.95 62.82
CA VAL K 46 -19.82 -33.49 63.83
C VAL K 46 -18.40 -33.82 63.41
N HIS K 47 -18.21 -34.96 62.75
CA HIS K 47 -16.86 -35.49 62.56
C HIS K 47 -16.01 -34.61 61.63
N HIS K 48 -16.57 -34.11 60.52
CA HIS K 48 -15.80 -33.13 59.74
C HIS K 48 -15.44 -31.94 60.61
N ARG K 49 -16.42 -31.34 61.27
CA ARG K 49 -16.16 -30.15 62.07
C ARG K 49 -15.20 -30.46 63.21
N LEU K 50 -15.08 -31.73 63.60
CA LEU K 50 -14.11 -32.14 64.62
C LEU K 50 -12.67 -31.99 64.12
N LEU K 51 -12.45 -32.22 62.82
CA LEU K 51 -11.09 -32.30 62.31
C LEU K 51 -10.34 -30.98 62.49
N ARG K 52 -11.04 -29.86 62.32
CA ARG K 52 -10.37 -28.60 62.00
C ARG K 52 -9.34 -28.18 63.05
N SER K 53 -9.68 -28.30 64.35
CA SER K 53 -8.76 -27.79 65.39
C SER K 53 -7.46 -28.58 65.48
N ALA K 54 -7.42 -29.77 64.89
CA ALA K 54 -6.22 -30.59 64.72
C ALA K 54 -5.72 -31.06 66.06
N SER K 55 -6.27 -30.51 67.14
CA SER K 55 -6.07 -31.09 68.46
C SER K 55 -6.77 -32.44 68.52
N TYR K 56 -7.97 -32.51 67.93
CA TYR K 56 -8.69 -33.75 67.71
C TYR K 56 -8.01 -34.63 66.69
N VAL K 57 -7.22 -34.04 65.79
CA VAL K 57 -6.53 -34.84 64.77
C VAL K 57 -5.40 -35.66 65.39
N ARG K 58 -4.63 -35.08 66.30
CA ARG K 58 -3.57 -35.84 66.96
C ARG K 58 -4.14 -37.09 67.63
N GLU K 59 -5.17 -36.90 68.47
CA GLU K 59 -5.74 -38.02 69.21
C GLU K 59 -6.33 -39.06 68.27
N ARG K 60 -7.03 -38.61 67.23
CA ARG K 60 -7.77 -39.52 66.39
C ARG K 60 -6.86 -40.48 65.64
N ASP K 61 -5.67 -40.04 65.26
CA ASP K 61 -4.71 -40.96 64.65
C ASP K 61 -4.26 -42.01 65.65
N GLN K 62 -3.83 -41.57 66.84
CA GLN K 62 -3.44 -42.53 67.87
C GLN K 62 -4.58 -43.50 68.16
N ILE K 63 -5.81 -43.00 68.17
CA ILE K 63 -6.95 -43.84 68.50
C ILE K 63 -7.15 -44.93 67.46
N GLU K 64 -6.86 -44.64 66.20
CA GLU K 64 -7.13 -45.63 65.16
C GLU K 64 -6.02 -46.66 65.04
N ASN K 65 -4.80 -46.36 65.46
CA ASN K 65 -3.73 -47.34 65.36
C ASN K 65 -3.95 -48.51 66.31
N LEU K 66 -4.45 -48.23 67.51
CA LEU K 66 -4.86 -49.29 68.42
C LEU K 66 -5.98 -50.11 67.79
N ALA K 67 -7.02 -49.44 67.28
CA ALA K 67 -8.12 -50.14 66.63
C ALA K 67 -7.70 -50.82 65.34
N LEU K 68 -6.55 -50.41 64.77
CA LEU K 68 -5.99 -51.14 63.63
C LEU K 68 -5.19 -52.34 64.09
N LYS K 69 -4.23 -52.12 64.98
CA LYS K 69 -3.42 -53.21 65.48
C LYS K 69 -4.29 -54.27 66.17
N TYR K 70 -5.34 -53.85 66.88
CA TYR K 70 -6.30 -54.82 67.39
C TYR K 70 -6.93 -55.61 66.25
N LYS K 71 -7.22 -54.93 65.14
CA LYS K 71 -7.93 -55.58 64.04
C LYS K 71 -7.10 -56.71 63.43
N GLN K 72 -5.83 -56.45 63.14
CA GLN K 72 -5.01 -57.47 62.48
C GLN K 72 -4.82 -58.67 63.39
N GLY K 73 -4.92 -58.45 64.71
CA GLY K 73 -4.74 -59.47 65.73
C GLY K 73 -3.57 -59.20 66.66
N PHE K 74 -2.77 -58.17 66.42
CA PHE K 74 -1.45 -58.04 67.02
C PHE K 74 -1.48 -58.23 68.54
N ARG K 75 -2.20 -57.36 69.23
CA ARG K 75 -2.34 -57.46 70.69
C ARG K 75 -3.80 -57.61 71.00
N ALA K 76 -4.13 -58.68 71.71
CA ALA K 76 -5.53 -58.95 72.04
C ALA K 76 -5.64 -59.46 73.46
N ILE K 77 -4.87 -58.88 74.38
CA ILE K 77 -5.09 -59.18 75.79
C ILE K 77 -6.49 -58.66 76.13
N SER K 78 -7.42 -59.58 76.35
CA SER K 78 -8.81 -59.23 76.56
C SER K 78 -9.09 -59.23 78.06
N ARG K 79 -9.78 -58.20 78.52
CA ARG K 79 -10.30 -58.21 79.87
C ARG K 79 -11.40 -59.24 79.96
N MET K 80 -11.38 -60.03 81.04
CA MET K 80 -12.42 -61.01 81.32
C MET K 80 -13.22 -60.60 82.56
N GLU K 81 -13.47 -59.30 82.66
CA GLU K 81 -14.42 -58.69 83.60
C GLU K 81 -15.14 -57.58 82.84
N ILE K 82 -16.47 -57.58 82.91
CA ILE K 82 -17.20 -56.51 82.24
C ILE K 82 -17.04 -55.22 83.04
N VAL K 83 -17.05 -54.09 82.35
CA VAL K 83 -16.86 -52.79 82.97
C VAL K 83 -18.21 -52.08 82.99
N LYS K 84 -18.58 -51.57 84.16
CA LYS K 84 -19.78 -50.79 84.33
C LYS K 84 -19.40 -49.30 84.42
N ILE K 85 -20.16 -48.45 83.71
CA ILE K 85 -19.72 -47.11 83.36
C ILE K 85 -20.73 -46.10 83.87
N PRO K 86 -20.31 -45.10 84.64
CA PRO K 86 -21.26 -44.10 85.16
C PRO K 86 -21.75 -43.14 84.08
N VAL K 87 -23.06 -42.83 84.15
CA VAL K 87 -23.72 -42.05 83.12
C VAL K 87 -24.60 -41.00 83.79
N VAL K 88 -24.61 -39.81 83.22
CA VAL K 88 -25.48 -38.72 83.65
C VAL K 88 -26.33 -38.26 82.47
N VAL K 89 -27.63 -38.10 82.71
CA VAL K 89 -28.58 -37.64 81.69
C VAL K 89 -28.87 -36.17 81.93
N HIS K 90 -28.74 -35.36 80.87
CA HIS K 90 -29.09 -33.95 80.91
C HIS K 90 -30.35 -33.79 80.10
N VAL K 91 -31.46 -33.46 80.76
CA VAL K 91 -32.71 -33.15 80.09
C VAL K 91 -32.79 -31.63 79.96
N VAL K 92 -33.00 -31.14 78.74
CA VAL K 92 -33.24 -29.72 78.48
C VAL K 92 -34.62 -29.58 77.87
N TRP K 93 -35.55 -29.09 78.66
CA TRP K 93 -36.96 -29.05 78.29
C TRP K 93 -37.37 -27.59 78.13
N ASN K 94 -37.90 -27.27 76.95
CA ASN K 94 -38.58 -26.00 76.77
C ASN K 94 -39.96 -26.01 77.40
N GLU K 95 -40.57 -27.19 77.49
CA GLU K 95 -41.84 -27.40 78.18
C GLU K 95 -41.75 -28.69 78.97
N GLU K 96 -42.66 -28.85 79.93
CA GLU K 96 -42.64 -30.04 80.79
C GLU K 96 -42.92 -31.32 80.02
N GLU K 97 -43.78 -31.27 78.99
CA GLU K 97 -44.02 -32.44 78.15
C GLU K 97 -42.72 -32.91 77.49
N GLU K 98 -41.87 -31.97 77.09
CA GLU K 98 -40.53 -32.31 76.62
C GLU K 98 -39.71 -32.97 77.73
N ASN K 99 -39.80 -32.43 78.96
CA ASN K 99 -39.11 -33.04 80.09
C ASN K 99 -39.62 -34.46 80.26
N ILE K 100 -38.72 -35.39 80.24
CA ILE K 100 -39.09 -36.80 80.18
C ILE K 100 -39.24 -37.32 81.60
N SER K 101 -40.18 -38.24 81.78
CA SER K 101 -40.34 -38.90 83.05
C SER K 101 -39.06 -39.66 83.41
N ASP K 102 -38.82 -39.82 84.71
CA ASP K 102 -37.70 -40.63 85.15
C ASP K 102 -37.90 -42.08 84.72
N ALA K 103 -39.13 -42.59 84.82
CA ALA K 103 -39.43 -43.93 84.35
C ALA K 103 -39.05 -44.10 82.88
N GLN K 104 -39.25 -43.05 82.09
CA GLN K 104 -38.80 -43.07 80.70
C GLN K 104 -37.29 -43.20 80.61
N ILE K 105 -36.55 -42.45 81.44
CA ILE K 105 -35.09 -42.49 81.39
C ILE K 105 -34.58 -43.89 81.68
N GLN K 106 -35.19 -44.57 82.67
CA GLN K 106 -34.73 -45.90 83.07
C GLN K 106 -34.96 -46.93 81.97
N SER K 107 -36.11 -46.86 81.31
CA SER K 107 -36.42 -47.83 80.25
C SER K 107 -35.33 -47.88 79.22
N GLN K 108 -34.73 -46.71 78.91
CA GLN K 108 -33.57 -46.67 78.03
C GLN K 108 -32.35 -47.29 78.70
N ILE K 109 -32.10 -46.95 79.96
CA ILE K 109 -30.95 -47.48 80.67
C ILE K 109 -30.97 -48.99 80.65
N ASP K 110 -32.14 -49.58 80.89
CA ASP K 110 -32.24 -51.04 80.93
C ASP K 110 -32.02 -51.65 79.55
N ILE K 111 -32.59 -51.04 78.52
CA ILE K 111 -32.52 -51.66 77.19
C ILE K 111 -31.09 -51.71 76.68
N LEU K 112 -30.25 -50.75 77.10
CA LEU K 112 -28.85 -50.79 76.71
C LEU K 112 -28.13 -51.97 77.35
N ASN K 113 -28.34 -52.17 78.65
CA ASN K 113 -27.71 -53.28 79.35
C ASN K 113 -28.21 -54.63 78.83
N LYS K 114 -29.42 -54.67 78.23
CA LYS K 114 -29.82 -55.86 77.50
C LYS K 114 -29.09 -55.96 76.17
N ASP K 115 -28.90 -54.84 75.46
CA ASP K 115 -28.38 -54.90 74.09
C ASP K 115 -26.90 -55.25 74.05
N PHE K 116 -26.13 -54.83 75.06
CA PHE K 116 -24.67 -54.85 74.97
C PHE K 116 -24.05 -56.14 75.50
N ARG K 117 -24.80 -56.95 76.23
CA ARG K 117 -24.31 -58.21 76.77
C ARG K 117 -24.94 -59.43 76.09
N LYS K 118 -25.54 -59.24 74.90
CA LYS K 118 -26.28 -60.26 74.17
C LYS K 118 -27.55 -60.69 74.90
N LEU K 119 -28.16 -59.77 75.65
CA LEU K 119 -29.30 -60.08 76.47
C LEU K 119 -30.64 -59.73 75.83
N ASN K 120 -30.65 -58.99 74.72
CA ASN K 120 -31.91 -58.53 74.16
C ASN K 120 -32.70 -59.70 73.59
N SER K 121 -34.02 -59.65 73.80
CA SER K 121 -34.89 -60.67 73.23
C SER K 121 -34.74 -60.71 71.70
N ASP K 122 -34.37 -59.57 71.10
CA ASP K 122 -34.27 -59.38 69.65
C ASP K 122 -33.11 -60.12 69.00
N VAL K 123 -32.15 -60.63 69.78
CA VAL K 123 -30.97 -61.28 69.22
C VAL K 123 -31.37 -62.47 68.35
N SER K 124 -32.54 -63.03 68.60
CA SER K 124 -33.06 -64.20 67.88
C SER K 124 -33.48 -63.90 66.45
N GLN K 125 -33.41 -62.64 66.02
CA GLN K 125 -33.79 -62.29 64.66
C GLN K 125 -32.63 -62.33 63.67
N VAL K 126 -31.41 -62.54 64.13
CA VAL K 126 -30.24 -62.62 63.25
C VAL K 126 -30.35 -63.87 62.39
N PRO K 127 -30.15 -63.79 61.08
CA PRO K 127 -30.10 -65.00 60.28
C PRO K 127 -29.00 -65.93 60.76
N SER K 128 -29.24 -67.22 60.57
CA SER K 128 -28.31 -68.24 61.05
C SER K 128 -26.93 -68.09 60.45
N VAL K 129 -26.81 -67.41 59.30
CA VAL K 129 -25.52 -67.19 58.68
C VAL K 129 -24.56 -66.50 59.63
N TRP K 130 -25.10 -65.71 60.57
CA TRP K 130 -24.29 -64.89 61.45
C TRP K 130 -24.60 -65.17 62.91
N SER K 131 -25.18 -66.33 63.22
CA SER K 131 -25.49 -66.65 64.61
C SER K 131 -24.21 -66.75 65.43
N ASN K 132 -23.14 -67.30 64.86
CA ASN K 132 -21.88 -67.43 65.59
C ASN K 132 -21.02 -66.17 65.52
N LEU K 133 -21.49 -65.13 64.85
CA LEU K 133 -20.75 -63.87 64.80
C LEU K 133 -21.33 -62.81 65.73
N ILE K 134 -22.53 -63.02 66.27
CA ILE K 134 -23.09 -62.09 67.23
C ILE K 134 -22.14 -61.99 68.43
N ALA K 135 -22.15 -60.84 69.09
CA ALA K 135 -21.17 -60.58 70.13
C ALA K 135 -21.80 -59.97 71.37
N ASP K 136 -21.14 -60.20 72.48
CA ASP K 136 -21.46 -59.56 73.75
C ASP K 136 -20.34 -58.54 74.02
N LEU K 137 -20.71 -57.27 74.04
CA LEU K 137 -19.68 -56.26 74.24
C LEU K 137 -19.03 -56.39 75.59
N GLY K 138 -19.64 -57.14 76.50
CA GLY K 138 -19.16 -57.19 77.85
C GLY K 138 -19.20 -55.82 78.49
N ILE K 139 -20.31 -55.09 78.30
CA ILE K 139 -20.44 -53.73 78.84
C ILE K 139 -21.88 -53.47 79.27
N GLU K 140 -22.03 -52.98 80.51
CA GLU K 140 -23.25 -52.40 81.07
C GLU K 140 -22.89 -51.02 81.63
N PHE K 141 -23.90 -50.22 82.00
CA PHE K 141 -23.66 -48.89 82.58
C PHE K 141 -24.77 -48.51 83.54
N PHE K 142 -24.49 -47.50 84.36
CA PHE K 142 -25.37 -47.12 85.46
C PHE K 142 -25.43 -45.60 85.60
N LEU K 143 -26.44 -45.14 86.32
CA LEU K 143 -26.63 -43.73 86.65
C LEU K 143 -25.93 -43.42 87.98
N ALA K 144 -24.83 -42.67 87.91
CA ALA K 144 -23.88 -42.62 89.02
C ALA K 144 -24.55 -42.18 90.32
N THR K 145 -24.22 -42.89 91.40
CA THR K 145 -24.64 -42.49 92.73
C THR K 145 -24.09 -41.11 93.08
N LYS K 146 -23.03 -40.66 92.41
CA LYS K 146 -22.30 -39.46 92.77
C LYS K 146 -22.12 -38.55 91.57
N ASP K 147 -22.29 -37.25 91.78
CA ASP K 147 -21.99 -36.23 90.78
C ASP K 147 -20.50 -35.93 90.80
N PRO K 148 -19.96 -35.23 89.79
CA PRO K 148 -18.50 -35.07 89.71
C PRO K 148 -17.88 -34.35 90.90
N ASN K 149 -18.66 -33.58 91.65
CA ASN K 149 -18.12 -32.93 92.84
C ASN K 149 -18.14 -33.83 94.08
N GLY K 150 -18.86 -34.95 94.04
CA GLY K 150 -18.81 -35.96 95.09
C GLY K 150 -20.16 -36.25 95.72
N ASN K 151 -21.05 -35.27 95.74
CA ASN K 151 -22.33 -35.43 96.42
C ASN K 151 -23.18 -36.48 95.73
N GLN K 152 -24.08 -37.10 96.51
CA GLN K 152 -24.95 -38.12 95.96
C GLN K 152 -25.91 -37.49 94.96
N THR K 153 -25.99 -38.07 93.75
CA THR K 153 -26.78 -37.50 92.67
C THR K 153 -27.61 -38.58 91.99
N THR K 154 -28.78 -38.15 91.50
CA THR K 154 -29.67 -39.08 90.82
C THR K 154 -29.00 -39.65 89.58
N GLY K 155 -28.43 -38.79 88.75
CA GLY K 155 -28.03 -39.14 87.41
C GLY K 155 -28.84 -38.48 86.32
N ILE K 156 -29.76 -37.57 86.67
CA ILE K 156 -30.61 -36.87 85.70
C ILE K 156 -30.67 -35.40 86.09
N THR K 157 -30.01 -34.54 85.31
CA THR K 157 -30.14 -33.10 85.47
C THR K 157 -31.22 -32.60 84.52
N ARG K 158 -32.16 -31.82 85.04
CA ARG K 158 -33.21 -31.22 84.25
C ARG K 158 -32.98 -29.72 84.19
N THR K 159 -32.89 -29.17 82.98
CA THR K 159 -32.63 -27.75 82.76
C THR K 159 -33.73 -27.16 81.89
N GLN K 160 -34.39 -26.13 82.39
CA GLN K 160 -35.33 -25.36 81.58
C GLN K 160 -34.57 -24.49 80.59
N THR K 161 -34.93 -24.57 79.31
CA THR K 161 -34.27 -23.80 78.26
C THR K 161 -35.29 -22.97 77.50
N SER K 162 -34.88 -21.75 77.13
CA SER K 162 -35.73 -20.94 76.26
C SER K 162 -35.65 -21.37 74.80
N VAL K 163 -34.57 -22.04 74.40
CA VAL K 163 -34.45 -22.43 72.99
C VAL K 163 -35.41 -23.56 72.67
N THR K 164 -35.69 -23.72 71.39
CA THR K 164 -36.62 -24.73 70.89
C THR K 164 -35.95 -25.79 70.03
N PHE K 165 -35.02 -25.39 69.18
CA PHE K 165 -34.34 -26.27 68.25
C PHE K 165 -32.91 -26.48 68.71
N PHE K 166 -32.30 -27.57 68.25
CA PHE K 166 -30.89 -27.85 68.53
C PHE K 166 -30.26 -28.53 67.32
N THR K 167 -28.97 -28.29 67.14
CA THR K 167 -28.27 -28.51 65.87
C THR K 167 -27.13 -29.50 66.06
N THR K 168 -26.45 -29.77 64.94
CA THR K 168 -25.14 -30.39 64.94
C THR K 168 -24.04 -29.43 65.36
N SER K 169 -24.41 -28.19 65.72
CA SER K 169 -23.48 -27.24 66.32
C SER K 169 -23.10 -27.63 67.75
N ASP K 170 -23.77 -28.62 68.33
CA ASP K 170 -23.56 -29.11 69.69
C ASP K 170 -23.84 -28.04 70.73
N GLU K 171 -24.53 -26.96 70.36
CA GLU K 171 -24.83 -25.87 71.28
C GLU K 171 -25.69 -26.30 72.47
N VAL K 172 -26.45 -27.39 72.34
CA VAL K 172 -27.23 -27.88 73.48
C VAL K 172 -26.32 -28.42 74.58
N LYS K 173 -25.09 -28.83 74.24
CA LYS K 173 -24.18 -29.36 75.25
C LYS K 173 -23.75 -28.28 76.24
N PHE K 174 -23.44 -27.07 75.76
CA PHE K 174 -22.86 -26.04 76.60
C PHE K 174 -23.95 -25.26 77.33
N ALA K 175 -23.58 -24.68 78.48
CA ALA K 175 -24.55 -24.01 79.35
C ALA K 175 -25.03 -22.69 78.76
N SER K 176 -24.14 -21.94 78.09
CA SER K 176 -24.47 -20.64 77.53
C SER K 176 -25.58 -20.70 76.49
N SER K 177 -25.80 -21.88 75.90
CA SER K 177 -26.81 -22.09 74.86
C SER K 177 -27.94 -22.98 75.36
N GLY K 178 -28.38 -22.75 76.62
CA GLY K 178 -29.53 -23.43 77.15
C GLY K 178 -29.35 -24.93 77.12
N GLY K 179 -28.27 -25.42 77.71
CA GLY K 179 -28.04 -26.85 77.82
C GLY K 179 -27.02 -27.19 78.89
N GLU K 180 -27.33 -28.14 79.75
CA GLU K 180 -26.54 -28.32 80.96
C GLU K 180 -25.09 -28.60 80.62
N ASP K 181 -24.18 -27.99 81.37
CA ASP K 181 -22.74 -28.21 81.21
C ASP K 181 -22.41 -29.69 81.27
N ALA K 182 -21.56 -30.14 80.36
CA ALA K 182 -21.15 -31.54 80.34
C ALA K 182 -20.34 -31.89 81.58
N TRP K 183 -20.68 -33.02 82.23
CA TRP K 183 -19.88 -33.54 83.32
C TRP K 183 -18.56 -34.12 82.78
N PRO K 184 -17.52 -34.17 83.60
CA PRO K 184 -16.19 -34.52 83.07
C PRO K 184 -16.20 -35.85 82.33
N ALA K 185 -15.44 -35.90 81.22
CA ALA K 185 -15.54 -37.00 80.27
C ALA K 185 -14.95 -38.30 80.79
N ASP K 186 -13.90 -38.22 81.62
CA ASP K 186 -13.27 -39.44 82.14
C ASP K 186 -14.10 -40.07 83.25
N ARG K 187 -14.76 -39.28 84.09
CA ARG K 187 -15.56 -39.85 85.17
C ARG K 187 -16.90 -40.38 84.67
N TYR K 188 -17.60 -39.64 83.81
CA TYR K 188 -18.95 -40.02 83.39
C TYR K 188 -19.06 -39.96 81.87
N LEU K 189 -20.10 -40.61 81.36
CA LEU K 189 -20.46 -40.51 79.96
C LEU K 189 -21.71 -39.64 79.85
N ASN K 190 -21.57 -38.51 79.19
CA ASN K 190 -22.60 -37.48 79.21
C ASN K 190 -23.70 -37.75 78.20
N ILE K 191 -24.91 -37.36 78.57
CA ILE K 191 -26.12 -37.59 77.79
C ILE K 191 -26.90 -36.30 77.72
N TRP K 192 -27.41 -35.98 76.54
CA TRP K 192 -28.32 -34.85 76.36
C TRP K 192 -29.59 -35.35 75.68
N VAL K 193 -30.73 -35.06 76.29
CA VAL K 193 -32.03 -35.44 75.75
C VAL K 193 -32.88 -34.18 75.62
N CYS K 194 -33.25 -33.82 74.40
CA CYS K 194 -34.09 -32.64 74.16
C CYS K 194 -35.18 -33.00 73.17
N HIS K 195 -36.06 -32.04 72.90
CA HIS K 195 -37.26 -32.30 72.14
C HIS K 195 -37.07 -32.19 70.63
N VAL K 196 -36.19 -31.30 70.16
CA VAL K 196 -36.04 -31.04 68.73
C VAL K 196 -34.56 -31.08 68.37
N LEU K 197 -34.21 -31.96 67.42
CA LEU K 197 -32.83 -32.06 66.92
C LEU K 197 -32.81 -31.95 65.40
N LYS K 198 -31.97 -31.06 64.90
CA LYS K 198 -31.90 -30.74 63.48
C LYS K 198 -30.45 -30.74 63.02
N SER K 199 -30.27 -31.00 61.73
CA SER K 199 -28.96 -30.97 61.08
C SER K 199 -28.68 -29.60 60.48
N GLU K 200 -27.43 -29.38 60.05
CA GLU K 200 -27.10 -28.14 59.32
C GLU K 200 -27.79 -28.12 57.96
N ILE K 201 -27.91 -29.28 57.32
CA ILE K 201 -28.75 -29.43 56.13
C ILE K 201 -30.19 -29.06 56.46
N GLY K 202 -30.58 -29.19 57.74
CA GLY K 202 -31.92 -28.95 58.19
C GLY K 202 -32.70 -30.22 58.50
N GLN K 203 -32.33 -31.35 57.86
CA GLN K 203 -33.06 -32.59 58.05
C GLN K 203 -33.09 -32.97 59.52
N ASP K 204 -34.28 -33.23 60.04
CA ASP K 204 -34.46 -33.50 61.46
C ASP K 204 -33.77 -34.81 61.84
N ILE K 205 -32.86 -34.73 62.80
CA ILE K 205 -32.11 -35.89 63.22
C ILE K 205 -32.72 -36.44 64.49
N LEU K 206 -32.47 -37.72 64.74
CA LEU K 206 -32.89 -38.35 65.97
C LEU K 206 -31.83 -38.27 67.05
N GLY K 207 -30.59 -38.04 66.68
CA GLY K 207 -29.51 -37.95 67.62
C GLY K 207 -28.19 -37.92 66.89
N TYR K 208 -27.13 -37.67 67.65
CA TYR K 208 -25.78 -37.71 67.12
C TYR K 208 -24.87 -38.33 68.17
N ALA K 209 -23.57 -38.14 67.99
CA ALA K 209 -22.56 -38.65 68.91
C ALA K 209 -21.24 -37.97 68.58
N GLN K 210 -20.39 -37.82 69.58
CA GLN K 210 -19.06 -37.26 69.36
C GLN K 210 -18.04 -38.39 69.50
N PHE K 211 -17.12 -38.47 68.55
CA PHE K 211 -16.20 -39.60 68.52
C PHE K 211 -15.17 -39.50 69.63
N PRO K 212 -14.61 -40.64 70.03
CA PRO K 212 -13.71 -40.66 71.17
C PRO K 212 -12.40 -39.93 70.87
N GLY K 213 -11.76 -39.52 71.96
CA GLY K 213 -10.63 -38.63 71.86
C GLY K 213 -11.02 -37.21 71.52
N GLY K 214 -12.31 -36.94 71.42
CA GLY K 214 -12.80 -35.63 71.10
C GLY K 214 -12.65 -34.69 72.26
N PRO K 215 -12.76 -33.39 71.99
CA PRO K 215 -12.64 -32.39 73.07
C PRO K 215 -13.65 -32.64 74.17
N ALA K 216 -13.21 -32.38 75.40
CA ALA K 216 -13.88 -32.91 76.58
C ALA K 216 -15.34 -32.49 76.65
N GLU K 217 -15.61 -31.21 76.48
CA GLU K 217 -16.93 -30.66 76.78
C GLU K 217 -18.02 -31.18 75.84
N THR K 218 -17.65 -31.84 74.74
CA THR K 218 -18.60 -32.49 73.86
C THR K 218 -18.53 -34.01 73.93
N ASP K 219 -17.72 -34.57 74.84
CA ASP K 219 -17.43 -36.00 74.90
C ASP K 219 -18.63 -36.76 75.47
N GLY K 220 -19.66 -36.84 74.65
CA GLY K 220 -20.88 -37.50 75.04
C GLY K 220 -21.74 -37.71 73.82
N VAL K 221 -23.02 -37.98 74.05
CA VAL K 221 -23.96 -38.27 72.98
C VAL K 221 -25.27 -37.56 73.28
N VAL K 222 -26.00 -37.24 72.21
CA VAL K 222 -27.30 -36.57 72.32
C VAL K 222 -28.31 -37.38 71.53
N ILE K 223 -29.46 -37.64 72.16
CA ILE K 223 -30.58 -38.32 71.53
C ILE K 223 -31.84 -37.50 71.79
N VAL K 224 -32.68 -37.35 70.78
CA VAL K 224 -33.92 -36.62 70.97
C VAL K 224 -34.80 -37.37 71.97
N ASP K 225 -35.79 -36.66 72.51
CA ASP K 225 -36.60 -37.25 73.56
C ASP K 225 -37.50 -38.36 73.04
N ALA K 226 -37.91 -38.32 71.77
CA ALA K 226 -38.83 -39.33 71.28
C ALA K 226 -38.14 -40.62 70.84
N ALA K 227 -36.81 -40.69 70.96
CA ALA K 227 -36.06 -41.91 70.68
C ALA K 227 -35.48 -42.53 71.95
N PHE K 228 -35.74 -41.93 73.10
CA PHE K 228 -35.05 -42.21 74.35
C PHE K 228 -35.98 -43.04 75.23
N GLY K 229 -35.74 -44.35 75.27
CA GLY K 229 -36.49 -45.19 76.17
C GLY K 229 -37.69 -45.86 75.53
N THR K 230 -38.46 -46.53 76.39
CA THR K 230 -39.55 -47.41 75.98
C THR K 230 -40.92 -46.95 76.48
N THR K 231 -41.05 -45.71 76.97
CA THR K 231 -42.33 -45.22 77.47
C THR K 231 -42.27 -43.70 77.55
N GLY K 232 -43.32 -43.11 78.11
CA GLY K 232 -43.37 -41.66 78.21
C GLY K 232 -43.39 -41.03 76.83
N THR K 233 -42.52 -40.03 76.63
CA THR K 233 -42.45 -39.33 75.35
C THR K 233 -41.77 -40.14 74.25
N ALA K 234 -41.29 -41.35 74.56
CA ALA K 234 -40.68 -42.21 73.55
C ALA K 234 -41.73 -42.73 72.57
N LEU K 235 -41.41 -42.66 71.28
CA LEU K 235 -42.35 -42.99 70.21
C LEU K 235 -41.70 -43.91 69.19
N PRO K 236 -42.47 -44.81 68.59
CA PRO K 236 -41.90 -45.78 67.64
C PRO K 236 -41.75 -45.17 66.26
N PRO K 237 -40.85 -45.72 65.41
CA PRO K 237 -40.02 -46.92 65.59
C PRO K 237 -38.72 -46.66 66.34
N PHE K 238 -38.79 -45.86 67.42
CA PHE K 238 -37.67 -45.67 68.35
C PHE K 238 -38.11 -45.89 69.79
N ASP K 239 -39.20 -46.63 69.96
CA ASP K 239 -39.69 -46.99 71.29
C ASP K 239 -38.81 -48.06 71.93
N LYS K 240 -38.17 -48.93 71.15
CA LYS K 240 -37.23 -49.89 71.73
C LYS K 240 -36.00 -49.21 72.32
N GLY K 241 -35.77 -47.93 72.00
CA GLY K 241 -34.66 -47.18 72.53
C GLY K 241 -33.31 -47.52 71.94
N ARG K 242 -33.27 -48.37 70.91
CA ARG K 242 -32.03 -48.71 70.23
C ARG K 242 -31.42 -47.51 69.53
N THR K 243 -32.18 -46.43 69.38
CA THR K 243 -31.65 -45.22 68.77
C THR K 243 -30.46 -44.71 69.57
N ALA K 244 -30.59 -44.68 70.89
CA ALA K 244 -29.45 -44.34 71.71
C ALA K 244 -28.35 -45.38 71.56
N THR K 245 -28.71 -46.67 71.51
CA THR K 245 -27.71 -47.73 71.35
C THR K 245 -26.81 -47.46 70.16
N HIS K 246 -27.40 -46.98 69.06
CA HIS K 246 -26.68 -46.76 67.81
C HIS K 246 -25.65 -45.65 67.95
N ALA K 247 -26.10 -44.43 68.30
CA ALA K 247 -25.19 -43.32 68.50
C ALA K 247 -24.26 -43.53 69.70
N ILE K 248 -24.54 -44.52 70.56
CA ILE K 248 -23.55 -44.94 71.56
C ILE K 248 -22.34 -45.53 70.87
N GLY K 249 -22.57 -46.36 69.85
CA GLY K 249 -21.49 -47.06 69.19
C GLY K 249 -20.46 -46.11 68.62
N HIS K 250 -20.88 -44.92 68.20
CA HIS K 250 -19.93 -43.87 67.84
C HIS K 250 -19.13 -43.41 69.06
N TRP K 251 -19.67 -43.57 70.27
CA TRP K 251 -18.88 -43.24 71.45
C TRP K 251 -17.90 -44.34 71.79
N LEU K 252 -18.14 -45.52 71.26
CA LEU K 252 -17.18 -46.61 71.28
C LEU K 252 -16.34 -46.65 70.01
N ASN K 253 -16.44 -45.60 69.19
CA ASN K 253 -15.63 -45.46 67.98
C ASN K 253 -16.01 -46.51 66.94
N LEU K 254 -17.32 -46.68 66.74
CA LEU K 254 -17.85 -47.53 65.69
C LEU K 254 -18.32 -46.67 64.51
N TYR K 255 -17.75 -46.90 63.33
CA TYR K 255 -18.26 -46.29 62.13
C TYR K 255 -19.55 -46.98 61.70
N HIS K 256 -20.45 -46.21 61.08
CA HIS K 256 -21.57 -46.79 60.34
C HIS K 256 -21.07 -47.90 59.43
N ILE K 257 -21.93 -48.89 59.16
CA ILE K 257 -21.50 -50.05 58.37
C ILE K 257 -21.04 -49.64 56.98
N TRP K 258 -21.59 -48.55 56.45
CA TRP K 258 -21.38 -48.20 55.06
C TRP K 258 -20.12 -47.38 54.81
N GLY K 259 -19.36 -47.07 55.86
CA GLY K 259 -18.29 -46.09 55.75
C GLY K 259 -18.81 -44.76 56.26
N ASP K 260 -18.74 -43.70 55.44
CA ASP K 260 -19.66 -42.61 55.69
C ASP K 260 -19.84 -41.78 54.44
N GLU K 261 -20.91 -40.97 54.44
CA GLU K 261 -21.15 -39.97 53.41
C GLU K 261 -20.41 -38.66 53.67
N LEU K 262 -19.87 -38.45 54.89
CA LEU K 262 -18.80 -37.47 55.04
C LEU K 262 -17.65 -37.81 54.10
N ARG K 263 -17.35 -39.09 53.95
CA ARG K 263 -16.19 -39.53 53.19
C ARG K 263 -16.43 -39.35 51.69
N PHE K 264 -15.53 -38.65 51.03
CA PHE K 264 -15.60 -38.52 49.58
C PHE K 264 -14.95 -39.77 49.00
N GLU K 265 -15.78 -40.64 48.42
CA GLU K 265 -15.24 -41.81 47.75
C GLU K 265 -16.35 -42.40 46.90
N ASP K 266 -15.97 -43.32 46.02
CA ASP K 266 -16.93 -44.26 45.47
C ASP K 266 -17.47 -45.14 46.60
N PRO K 267 -18.78 -45.39 46.65
CA PRO K 267 -19.40 -45.82 47.91
C PRO K 267 -18.88 -47.13 48.44
N CYS K 268 -18.28 -47.95 47.57
CA CYS K 268 -17.75 -49.25 48.00
C CYS K 268 -16.44 -49.13 48.75
N SER K 269 -15.70 -48.06 48.54
CA SER K 269 -14.39 -47.94 49.16
C SER K 269 -14.43 -47.20 50.49
N ARG K 270 -15.62 -46.92 51.02
CA ARG K 270 -15.77 -46.45 52.40
C ARG K 270 -16.22 -47.63 53.25
N SER K 271 -15.52 -47.85 54.36
CA SER K 271 -15.75 -49.04 55.18
C SER K 271 -15.74 -48.65 56.65
N ASP K 272 -16.38 -49.50 57.47
CA ASP K 272 -16.45 -49.33 58.93
C ASP K 272 -15.23 -49.89 59.65
N GLU K 273 -14.24 -50.39 58.90
CA GLU K 273 -13.01 -50.96 59.43
C GLU K 273 -13.32 -52.09 60.39
N VAL K 274 -14.36 -52.85 60.06
CA VAL K 274 -14.76 -54.06 60.78
C VAL K 274 -14.84 -55.17 59.75
N ASP K 275 -13.98 -56.18 59.89
CA ASP K 275 -13.87 -57.17 58.83
C ASP K 275 -15.11 -58.04 58.72
N ASP K 276 -15.77 -58.37 59.84
CA ASP K 276 -16.83 -59.36 59.77
C ASP K 276 -18.19 -58.76 59.43
N THR K 277 -18.30 -57.44 59.21
CA THR K 277 -19.58 -56.94 58.71
C THR K 277 -19.50 -56.74 57.20
N PRO K 278 -20.48 -57.21 56.41
CA PRO K 278 -20.34 -57.16 54.94
C PRO K 278 -20.33 -55.72 54.47
N ASN K 279 -19.26 -55.32 53.80
CA ASN K 279 -19.07 -53.90 53.52
C ASN K 279 -20.15 -53.43 52.56
N GLN K 280 -21.17 -52.78 53.11
CA GLN K 280 -22.23 -52.17 52.34
C GLN K 280 -21.90 -50.71 52.13
N ALA K 281 -22.71 -50.07 51.30
CA ALA K 281 -22.55 -48.64 51.03
C ALA K 281 -23.82 -47.83 51.24
N ASP K 282 -24.98 -48.47 51.31
CA ASP K 282 -26.24 -47.78 51.45
C ASP K 282 -26.92 -48.15 52.76
N PRO K 283 -27.17 -47.19 53.65
CA PRO K 283 -28.01 -47.48 54.81
C PRO K 283 -29.41 -47.93 54.40
N ASN K 284 -29.93 -48.93 55.14
CA ASN K 284 -31.31 -49.38 55.03
C ASN K 284 -32.10 -48.83 56.22
N PHE K 285 -33.23 -48.18 55.95
CA PHE K 285 -34.11 -47.74 57.01
C PHE K 285 -35.36 -48.60 57.05
N GLY K 286 -36.22 -48.32 58.03
CA GLY K 286 -37.39 -49.14 58.21
C GLY K 286 -36.99 -50.53 58.67
N CYS K 287 -37.68 -51.54 58.14
CA CYS K 287 -37.29 -52.90 58.40
C CYS K 287 -37.13 -53.64 57.07
N PRO K 288 -36.00 -54.30 56.86
CA PRO K 288 -35.73 -54.88 55.54
C PRO K 288 -36.08 -56.35 55.43
N SER K 289 -36.11 -56.83 54.20
CA SER K 289 -36.31 -58.24 53.90
C SER K 289 -34.97 -58.85 53.54
N TYR K 290 -34.62 -59.94 54.20
CA TYR K 290 -33.33 -60.60 53.96
C TYR K 290 -33.33 -61.23 52.57
N PRO K 291 -32.27 -61.04 51.77
CA PRO K 291 -31.11 -60.17 52.01
C PRO K 291 -31.08 -58.88 51.18
N HIS K 292 -30.45 -57.84 51.70
CA HIS K 292 -30.23 -56.60 50.97
C HIS K 292 -28.77 -56.57 50.54
N VAL K 293 -28.54 -56.53 49.24
CA VAL K 293 -27.24 -56.81 48.66
C VAL K 293 -26.61 -55.49 48.24
N SER K 294 -25.61 -55.01 49.00
CA SER K 294 -24.94 -53.73 48.74
C SER K 294 -23.44 -53.96 48.59
N CYS K 295 -22.88 -53.52 47.46
CA CYS K 295 -21.48 -53.79 47.09
C CYS K 295 -21.20 -55.29 47.14
N SER K 296 -21.94 -56.02 46.32
CA SER K 296 -21.96 -57.49 46.32
C SER K 296 -22.32 -57.93 47.73
N ASN K 297 -21.49 -58.72 48.42
CA ASN K 297 -21.72 -59.39 49.71
C ASN K 297 -22.91 -60.36 49.69
N GLY K 298 -23.40 -60.71 48.51
CA GLY K 298 -24.46 -61.67 48.37
C GLY K 298 -23.93 -63.09 48.48
N PRO K 299 -24.81 -64.02 48.85
CA PRO K 299 -26.21 -63.76 49.24
C PRO K 299 -26.30 -63.44 50.72
N ASN K 300 -25.15 -63.23 51.37
CA ASN K 300 -25.17 -62.86 52.78
C ASN K 300 -25.99 -61.60 53.03
N GLY K 301 -25.99 -60.66 52.10
CA GLY K 301 -26.77 -59.46 52.27
C GLY K 301 -26.16 -58.54 53.32
N ASP K 302 -26.78 -57.37 53.45
CA ASP K 302 -26.29 -56.39 54.41
C ASP K 302 -26.58 -56.86 55.82
N MET K 303 -25.91 -56.25 56.78
CA MET K 303 -26.14 -56.59 58.18
C MET K 303 -27.08 -55.57 58.80
N PHE K 304 -28.33 -55.58 58.31
CA PHE K 304 -29.30 -54.61 58.80
C PHE K 304 -29.63 -54.84 60.26
N MET K 305 -29.45 -56.06 60.74
CA MET K 305 -29.62 -56.36 62.16
C MET K 305 -28.64 -55.59 63.02
N ASN K 306 -27.58 -55.03 62.42
CA ASN K 306 -26.59 -54.29 63.16
C ASN K 306 -27.12 -52.92 63.60
N TYR K 307 -26.81 -52.54 64.84
CA TYR K 307 -27.29 -51.28 65.40
C TYR K 307 -26.71 -50.08 64.66
N MET K 308 -25.66 -50.25 63.89
CA MET K 308 -25.05 -49.15 63.15
C MET K 308 -25.67 -48.93 61.80
N ASP K 309 -26.67 -49.72 61.41
CA ASP K 309 -27.51 -49.40 60.27
C ASP K 309 -28.70 -48.55 60.72
N TYR K 310 -29.36 -47.93 59.75
CA TYR K 310 -30.40 -46.97 60.03
C TYR K 310 -31.79 -47.60 60.14
N VAL K 311 -31.86 -48.92 60.34
CA VAL K 311 -33.14 -49.63 60.40
C VAL K 311 -33.94 -49.16 61.60
N ASP K 312 -35.21 -49.55 61.65
CA ASP K 312 -36.04 -49.31 62.83
C ASP K 312 -35.47 -50.04 64.05
N ASP K 313 -36.04 -49.73 65.22
CA ASP K 313 -35.47 -50.19 66.48
C ASP K 313 -35.62 -51.70 66.67
N LYS K 314 -36.75 -52.26 66.23
CA LYS K 314 -37.01 -53.69 66.45
C LYS K 314 -36.25 -54.59 65.48
N CYS K 315 -35.51 -54.02 64.52
CA CYS K 315 -34.76 -54.80 63.56
C CYS K 315 -33.25 -54.68 63.71
N MET K 316 -32.76 -53.60 64.33
CA MET K 316 -31.37 -53.51 64.76
C MET K 316 -31.27 -54.18 66.13
N VAL K 317 -30.54 -55.30 66.20
CA VAL K 317 -30.58 -56.14 67.39
C VAL K 317 -29.20 -56.46 67.96
N MET K 318 -28.10 -56.30 67.24
CA MET K 318 -26.89 -56.96 67.68
C MET K 318 -25.65 -56.13 67.33
N PHE K 319 -24.52 -56.61 67.83
CA PHE K 319 -23.21 -56.09 67.53
C PHE K 319 -22.32 -57.24 67.12
N THR K 320 -21.34 -56.97 66.25
CA THR K 320 -20.48 -58.02 65.74
C THR K 320 -19.26 -58.21 66.62
N GLN K 321 -18.69 -59.41 66.53
CA GLN K 321 -17.44 -59.68 67.25
C GLN K 321 -16.36 -58.69 66.85
N GLY K 322 -16.22 -58.43 65.56
CA GLY K 322 -15.24 -57.47 65.12
C GLY K 322 -15.47 -56.11 65.75
N GLN K 323 -16.72 -55.65 65.75
CA GLN K 323 -17.03 -54.33 66.31
C GLN K 323 -16.61 -54.25 67.77
N ALA K 324 -16.96 -55.28 68.54
CA ALA K 324 -16.57 -55.32 69.94
C ALA K 324 -15.07 -55.15 70.07
N THR K 325 -14.30 -55.91 69.27
CA THR K 325 -12.85 -55.79 69.29
C THR K 325 -12.40 -54.37 69.04
N ARG K 326 -13.12 -53.65 68.16
CA ARG K 326 -12.87 -52.22 68.00
C ARG K 326 -13.22 -51.46 69.26
N VAL K 327 -14.33 -51.82 69.91
CA VAL K 327 -14.67 -51.16 71.16
C VAL K 327 -13.56 -51.37 72.17
N ASN K 328 -13.06 -52.61 72.27
CA ASN K 328 -11.96 -52.93 73.17
C ASN K 328 -10.80 -51.96 72.97
N ALA K 329 -10.46 -51.70 71.71
CA ALA K 329 -9.38 -50.75 71.42
C ALA K 329 -9.73 -49.32 71.85
N CYS K 330 -11.00 -48.92 71.78
CA CYS K 330 -11.37 -47.60 72.29
C CYS K 330 -11.25 -47.52 73.80
N LEU K 331 -11.48 -48.64 74.50
CA LEU K 331 -11.48 -48.63 75.97
C LEU K 331 -10.06 -48.58 76.53
N ASP K 332 -9.13 -49.29 75.89
CA ASP K 332 -7.80 -49.43 76.47
C ASP K 332 -7.00 -48.13 76.39
N GLY K 333 -6.96 -47.50 75.22
CA GLY K 333 -6.13 -46.33 75.03
C GLY K 333 -6.83 -44.99 75.21
N PRO K 334 -7.90 -44.75 74.44
CA PRO K 334 -8.64 -43.48 74.57
C PRO K 334 -9.36 -43.36 75.91
N ARG K 335 -10.07 -44.42 76.30
CA ARG K 335 -10.96 -44.40 77.46
C ARG K 335 -10.37 -45.13 78.66
N SER K 336 -9.04 -45.24 78.73
CA SER K 336 -8.38 -45.95 79.82
C SER K 336 -8.86 -45.51 81.19
N SER K 337 -9.44 -44.32 81.27
CA SER K 337 -9.89 -43.79 82.55
C SER K 337 -10.96 -44.68 83.18
N PHE K 338 -11.94 -45.12 82.38
CA PHE K 338 -13.12 -45.77 82.93
C PHE K 338 -12.82 -47.17 83.47
N LEU K 339 -11.85 -47.85 82.87
CA LEU K 339 -11.54 -49.22 83.29
C LEU K 339 -11.00 -49.26 84.71
N ALA K 340 -10.20 -48.25 85.08
CA ALA K 340 -9.46 -48.26 86.34
C ALA K 340 -10.32 -47.99 87.57
N ARG K 341 -11.59 -47.60 87.39
CA ARG K 341 -12.45 -47.15 88.48
C ARG K 341 -12.58 -48.17 89.61
N PRO L 36 1.74 -81.68 39.51
CA PRO L 36 0.96 -80.88 40.47
C PRO L 36 1.70 -79.66 41.07
N THR L 37 2.20 -78.73 40.23
CA THR L 37 2.92 -77.56 40.71
C THR L 37 1.92 -76.48 41.09
N GLN L 38 1.84 -76.16 42.38
CA GLN L 38 0.90 -75.21 42.92
C GLN L 38 1.65 -73.95 43.31
N ARG L 39 0.95 -72.82 43.29
CA ARG L 39 1.56 -71.57 43.69
C ARG L 39 1.63 -71.51 45.21
N ARG L 40 2.82 -71.22 45.74
CA ARG L 40 3.03 -71.17 47.18
C ARG L 40 4.02 -70.05 47.48
N CYS L 41 3.57 -69.04 48.22
CA CYS L 41 4.32 -67.83 48.50
C CYS L 41 4.75 -67.86 49.97
N GLY L 42 6.05 -67.94 50.21
CA GLY L 42 6.53 -67.95 51.57
C GLY L 42 6.61 -66.60 52.24
N ALA L 43 6.30 -65.52 51.54
CA ALA L 43 6.51 -64.18 52.08
C ALA L 43 5.82 -64.00 53.41
N MET L 44 4.69 -64.66 53.59
CA MET L 44 4.02 -64.59 54.86
C MET L 44 4.67 -65.45 55.92
N GLU L 45 5.31 -66.56 55.51
CA GLU L 45 6.11 -67.34 56.44
C GLU L 45 7.25 -66.51 57.01
N VAL L 46 7.83 -65.65 56.17
CA VAL L 46 8.81 -64.68 56.64
C VAL L 46 8.17 -63.76 57.69
N HIS L 47 6.90 -63.42 57.50
CA HIS L 47 6.30 -62.33 58.26
C HIS L 47 6.20 -62.66 59.75
N HIS L 48 5.77 -63.88 60.11
CA HIS L 48 5.85 -64.25 61.52
C HIS L 48 7.27 -64.10 62.03
N ARG L 49 8.23 -64.73 61.34
CA ARG L 49 9.59 -64.71 61.83
C ARG L 49 10.15 -63.29 61.83
N LEU L 50 9.53 -62.38 61.07
CA LEU L 50 9.92 -60.98 61.12
C LEU L 50 9.57 -60.33 62.46
N LEU L 51 8.46 -60.75 63.07
CA LEU L 51 7.94 -60.03 64.22
C LEU L 51 8.92 -60.06 65.38
N ARG L 52 9.64 -61.16 65.55
CA ARG L 52 10.22 -61.49 66.84
C ARG L 52 11.20 -60.43 67.33
N SER L 53 12.09 -59.92 66.46
CA SER L 53 13.12 -59.00 66.94
C SER L 53 12.54 -57.67 67.42
N ALA L 54 11.28 -57.37 67.07
CA ALA L 54 10.52 -56.23 67.56
C ALA L 54 11.13 -54.93 67.07
N SER L 55 12.33 -55.02 66.49
CA SER L 55 12.86 -53.90 65.74
C SER L 55 12.02 -53.69 64.50
N TYR L 56 11.64 -54.79 63.85
CA TYR L 56 10.67 -54.80 62.76
C TYR L 56 9.27 -54.46 63.23
N VAL L 57 8.99 -54.65 64.51
CA VAL L 57 7.67 -54.34 65.04
C VAL L 57 7.47 -52.82 65.13
N ARG L 58 8.48 -52.09 65.60
CA ARG L 58 8.34 -50.63 65.66
C ARG L 58 8.00 -50.06 64.29
N GLU L 59 8.80 -50.41 63.28
CA GLU L 59 8.61 -49.85 61.94
C GLU L 59 7.26 -50.26 61.37
N ARG L 60 6.87 -51.52 61.58
CA ARG L 60 5.67 -52.05 60.92
C ARG L 60 4.41 -51.35 61.39
N ASP L 61 4.37 -50.94 62.66
CA ASP L 61 3.24 -50.14 63.13
C ASP L 61 3.20 -48.78 62.46
N GLN L 62 4.33 -48.07 62.48
CA GLN L 62 4.39 -46.79 61.79
C GLN L 62 4.00 -46.95 60.32
N ILE L 63 4.45 -48.04 59.69
CA ILE L 63 4.18 -48.26 58.27
C ILE L 63 2.68 -48.41 58.00
N GLU L 64 1.96 -49.03 58.93
CA GLU L 64 0.54 -49.27 58.68
C GLU L 64 -0.34 -48.07 58.99
N ASN L 65 0.10 -47.15 59.85
CA ASN L 65 -0.72 -45.98 60.13
C ASN L 65 -0.83 -45.06 58.92
N LEU L 66 0.27 -44.90 58.18
CA LEU L 66 0.21 -44.20 56.90
C LEU L 66 -0.75 -44.91 55.95
N ALA L 67 -0.57 -46.23 55.77
CA ALA L 67 -1.46 -46.98 54.89
C ALA L 67 -2.89 -47.03 55.40
N LEU L 68 -3.10 -46.75 56.69
CA LEU L 68 -4.46 -46.61 57.21
C LEU L 68 -5.01 -45.22 56.94
N LYS L 69 -4.26 -44.20 57.36
CA LYS L 69 -4.71 -42.82 57.14
C LYS L 69 -4.90 -42.55 55.66
N TYR L 70 -4.02 -43.11 54.81
CA TYR L 70 -4.27 -43.03 53.37
C TYR L 70 -5.59 -43.69 53.00
N LYS L 71 -5.89 -44.82 53.66
CA LYS L 71 -7.08 -45.58 53.30
C LYS L 71 -8.36 -44.78 53.54
N GLN L 72 -8.47 -44.17 54.72
CA GLN L 72 -9.69 -43.45 55.06
C GLN L 72 -9.88 -42.25 54.13
N GLY L 73 -8.78 -41.73 53.60
CA GLY L 73 -8.77 -40.56 52.74
C GLY L 73 -8.00 -39.37 53.29
N PHE L 74 -7.52 -39.46 54.53
CA PHE L 74 -7.09 -38.29 55.29
C PHE L 74 -6.12 -37.41 54.50
N ARG L 75 -4.97 -37.96 54.14
CA ARG L 75 -3.97 -37.25 53.36
C ARG L 75 -3.76 -38.01 52.07
N ALA L 76 -3.97 -37.35 50.94
CA ALA L 76 -3.82 -38.00 49.65
C ALA L 76 -3.13 -37.07 48.66
N ILE L 77 -2.12 -36.33 49.11
CA ILE L 77 -1.29 -35.58 48.17
C ILE L 77 -0.61 -36.61 47.29
N SER L 78 -1.01 -36.69 46.03
CA SER L 78 -0.52 -37.71 45.12
C SER L 78 0.58 -37.12 44.26
N ARG L 79 1.67 -37.85 44.12
CA ARG L 79 2.68 -37.48 43.15
C ARG L 79 2.10 -37.69 41.75
N MET L 80 2.35 -36.73 40.87
CA MET L 80 1.94 -36.81 39.47
C MET L 80 3.17 -36.90 38.57
N GLU L 81 4.15 -37.67 39.04
CA GLU L 81 5.30 -38.12 38.26
C GLU L 81 5.57 -39.56 38.68
N ILE L 82 5.68 -40.46 37.69
CA ILE L 82 5.99 -41.84 38.04
C ILE L 82 7.45 -41.92 38.48
N VAL L 83 7.74 -42.86 39.39
CA VAL L 83 9.08 -43.02 39.93
C VAL L 83 9.68 -44.29 39.33
N LYS L 84 10.89 -44.17 38.81
CA LYS L 84 11.65 -45.30 38.30
C LYS L 84 12.70 -45.73 39.33
N ILE L 85 12.82 -47.03 39.55
CA ILE L 85 13.47 -47.59 40.74
C ILE L 85 14.61 -48.50 40.32
N PRO L 86 15.82 -48.29 40.83
CA PRO L 86 16.95 -49.14 40.44
C PRO L 86 16.87 -50.52 41.08
N VAL L 87 17.22 -51.53 40.28
CA VAL L 87 17.08 -52.93 40.67
C VAL L 87 18.33 -53.69 40.30
N VAL L 88 18.76 -54.58 41.18
CA VAL L 88 19.88 -55.49 40.95
C VAL L 88 19.38 -56.93 41.11
N VAL L 89 19.75 -57.79 40.15
CA VAL L 89 19.40 -59.20 40.18
C VAL L 89 20.60 -60.00 40.65
N HIS L 90 20.39 -60.87 41.63
CA HIS L 90 21.42 -61.78 42.12
C HIS L 90 21.03 -63.18 41.66
N VAL L 91 21.79 -63.73 40.74
CA VAL L 91 21.61 -65.11 40.31
C VAL L 91 22.58 -65.97 41.11
N VAL L 92 22.06 -67.00 41.77
CA VAL L 92 22.89 -67.99 42.46
C VAL L 92 22.63 -69.34 41.81
N TRP L 93 23.62 -69.80 41.06
CA TRP L 93 23.47 -71.00 40.25
C TRP L 93 24.38 -72.09 40.79
N ASN L 94 23.79 -73.23 41.12
CA ASN L 94 24.58 -74.42 41.39
C ASN L 94 25.13 -75.02 40.10
N GLU L 95 24.41 -74.83 39.00
CA GLU L 95 24.85 -75.25 37.67
C GLU L 95 24.52 -74.13 36.68
N GLU L 96 25.17 -74.18 35.52
CA GLU L 96 24.96 -73.13 34.53
C GLU L 96 23.54 -73.10 33.99
N GLU L 97 22.89 -74.27 33.84
CA GLU L 97 21.50 -74.29 33.41
C GLU L 97 20.61 -73.53 34.37
N GLU L 98 20.91 -73.61 35.68
CA GLU L 98 20.24 -72.77 36.66
C GLU L 98 20.53 -71.30 36.41
N ASN L 99 21.80 -70.97 36.11
CA ASN L 99 22.13 -69.60 35.77
C ASN L 99 21.31 -69.17 34.58
N ILE L 100 20.60 -68.10 34.73
CA ILE L 100 19.62 -67.69 33.74
C ILE L 100 20.29 -66.79 32.71
N SER L 101 19.83 -66.89 31.47
CA SER L 101 20.32 -66.00 30.43
C SER L 101 19.95 -64.55 30.80
N ASP L 102 20.76 -63.61 30.29
CA ASP L 102 20.44 -62.20 30.47
C ASP L 102 19.14 -61.86 29.75
N ALA L 103 18.95 -62.41 28.55
CA ALA L 103 17.70 -62.22 27.82
C ALA L 103 16.50 -62.66 28.65
N GLN L 104 16.67 -63.73 29.42
CA GLN L 104 15.62 -64.15 30.34
C GLN L 104 15.36 -63.07 31.39
N ILE L 105 16.43 -62.50 31.95
CA ILE L 105 16.28 -61.49 33.01
C ILE L 105 15.50 -60.30 32.50
N GLN L 106 15.78 -59.87 31.27
CA GLN L 106 15.11 -58.69 30.71
C GLN L 106 13.63 -58.94 30.49
N SER L 107 13.27 -60.14 30.00
CA SER L 107 11.86 -60.46 29.74
C SER L 107 11.01 -60.22 30.97
N GLN L 108 11.56 -60.54 32.14
CA GLN L 108 10.89 -60.21 33.39
C GLN L 108 10.84 -58.71 33.61
N ILE L 109 11.97 -58.02 33.44
CA ILE L 109 12.03 -56.58 33.68
C ILE L 109 10.98 -55.86 32.84
N ASP L 110 10.84 -56.26 31.58
CA ASP L 110 9.87 -55.60 30.71
C ASP L 110 8.45 -55.89 31.15
N ILE L 111 8.16 -57.14 31.54
CA ILE L 111 6.78 -57.50 31.84
C ILE L 111 6.28 -56.75 33.08
N LEU L 112 7.18 -56.42 34.00
CA LEU L 112 6.79 -55.63 35.18
C LEU L 112 6.39 -54.22 34.77
N ASN L 113 7.19 -53.58 33.92
CA ASN L 113 6.87 -52.22 33.46
C ASN L 113 5.62 -52.16 32.61
N LYS L 114 5.22 -53.30 32.00
CA LYS L 114 3.90 -53.41 31.40
C LYS L 114 2.80 -53.55 32.47
N ASP L 115 3.06 -54.36 33.51
CA ASP L 115 2.00 -54.68 34.47
C ASP L 115 1.63 -53.50 35.38
N PHE L 116 2.60 -52.65 35.71
CA PHE L 116 2.43 -51.67 36.78
C PHE L 116 1.88 -50.34 36.30
N ARG L 117 1.90 -50.08 35.00
CA ARG L 117 1.38 -48.83 34.46
C ARG L 117 0.09 -49.05 33.69
N LYS L 118 -0.57 -50.20 33.88
CA LYS L 118 -1.75 -50.61 33.11
C LYS L 118 -1.42 -50.87 31.64
N LEU L 119 -0.21 -51.33 31.35
CA LEU L 119 0.22 -51.53 29.97
C LEU L 119 0.09 -52.97 29.48
N ASN L 120 -0.18 -53.92 30.37
CA ASN L 120 -0.18 -55.31 29.96
C ASN L 120 -1.36 -55.59 29.02
N SER L 121 -1.09 -56.41 28.00
CA SER L 121 -2.15 -56.83 27.10
C SER L 121 -3.28 -57.52 27.86
N ASP L 122 -2.96 -58.15 28.99
CA ASP L 122 -3.88 -58.94 29.81
C ASP L 122 -4.94 -58.12 30.53
N VAL L 123 -4.79 -56.79 30.60
CA VAL L 123 -5.72 -55.96 31.35
C VAL L 123 -7.13 -56.11 30.83
N SER L 124 -7.28 -56.52 29.56
CA SER L 124 -8.56 -56.70 28.87
C SER L 124 -9.35 -57.90 29.38
N GLN L 125 -8.80 -58.68 30.30
CA GLN L 125 -9.52 -59.84 30.80
C GLN L 125 -10.35 -59.54 32.05
N VAL L 126 -10.22 -58.34 32.61
CA VAL L 126 -10.99 -57.96 33.80
C VAL L 126 -12.47 -57.88 33.43
N PRO L 127 -13.37 -58.48 34.22
CA PRO L 127 -14.79 -58.28 33.96
C PRO L 127 -15.16 -56.81 34.04
N SER L 128 -16.20 -56.47 33.27
CA SER L 128 -16.62 -55.08 33.17
C SER L 128 -17.02 -54.50 34.52
N VAL L 129 -17.38 -55.35 35.48
CA VAL L 129 -17.77 -54.91 36.81
C VAL L 129 -16.67 -54.07 37.45
N TRP L 130 -15.42 -54.32 37.06
CA TRP L 130 -14.27 -53.69 37.70
C TRP L 130 -13.38 -52.98 36.68
N SER L 131 -13.91 -52.67 35.49
CA SER L 131 -13.11 -51.98 34.49
C SER L 131 -12.67 -50.62 34.99
N ASN L 132 -13.54 -49.91 35.72
CA ASN L 132 -13.18 -48.60 36.23
C ASN L 132 -12.42 -48.65 37.54
N LEU L 133 -12.16 -49.84 38.06
CA LEU L 133 -11.40 -49.98 39.29
C LEU L 133 -9.97 -50.39 39.03
N ILE L 134 -9.64 -50.85 37.81
CA ILE L 134 -8.26 -51.17 37.48
C ILE L 134 -7.39 -49.92 37.70
N ALA L 135 -6.10 -50.14 38.00
CA ALA L 135 -5.25 -49.03 38.38
C ALA L 135 -3.90 -49.11 37.70
N ASP L 136 -3.27 -47.94 37.57
CA ASP L 136 -1.89 -47.80 37.12
C ASP L 136 -1.08 -47.37 38.32
N LEU L 137 -0.18 -48.24 38.75
CA LEU L 137 0.58 -47.91 39.95
C LEU L 137 1.44 -46.68 39.74
N GLY L 138 1.60 -46.26 38.50
CA GLY L 138 2.52 -45.20 38.19
C GLY L 138 3.92 -45.55 38.63
N ILE L 139 4.37 -46.78 38.32
CA ILE L 139 5.70 -47.22 38.70
C ILE L 139 6.29 -48.12 37.62
N GLU L 140 7.54 -47.81 37.22
CA GLU L 140 8.42 -48.64 36.41
C GLU L 140 9.75 -48.76 37.14
N PHE L 141 10.63 -49.66 36.68
CA PHE L 141 11.95 -49.83 37.31
C PHE L 141 12.98 -50.28 36.28
N PHE L 142 14.26 -50.14 36.66
CA PHE L 142 15.37 -50.35 35.73
C PHE L 142 16.51 -51.05 36.45
N LEU L 143 17.43 -51.60 35.64
CA LEU L 143 18.65 -52.23 36.12
C LEU L 143 19.76 -51.19 36.19
N ALA L 144 20.15 -50.82 37.41
CA ALA L 144 20.94 -49.61 37.63
C ALA L 144 22.22 -49.59 36.81
N THR L 145 22.49 -48.44 36.19
CA THR L 145 23.76 -48.22 35.50
C THR L 145 24.92 -48.35 36.48
N LYS L 146 24.67 -48.20 37.78
CA LYS L 146 25.72 -48.08 38.79
C LYS L 146 25.46 -49.04 39.95
N ASP L 147 26.53 -49.66 40.43
CA ASP L 147 26.50 -50.49 41.64
C ASP L 147 26.63 -49.59 42.85
N PRO L 148 26.35 -50.10 44.06
CA PRO L 148 26.30 -49.21 45.24
C PRO L 148 27.60 -48.49 45.52
N ASN L 149 28.73 -49.01 45.04
CA ASN L 149 30.00 -48.34 45.26
C ASN L 149 30.26 -47.25 44.22
N GLY L 150 29.51 -47.22 43.12
CA GLY L 150 29.56 -46.15 42.14
C GLY L 150 29.91 -46.59 40.73
N ASN L 151 30.68 -47.67 40.61
CA ASN L 151 31.14 -48.12 39.30
C ASN L 151 29.97 -48.56 38.43
N GLN L 152 30.15 -48.45 37.12
CA GLN L 152 29.11 -48.86 36.19
C GLN L 152 28.89 -50.36 36.28
N THR L 153 27.62 -50.77 36.44
CA THR L 153 27.30 -52.17 36.65
C THR L 153 26.12 -52.58 35.77
N THR L 154 26.13 -53.86 35.39
CA THR L 154 25.06 -54.39 34.55
C THR L 154 23.73 -54.33 35.27
N GLY L 155 23.70 -54.80 36.51
CA GLY L 155 22.46 -55.05 37.22
C GLY L 155 22.19 -56.52 37.47
N ILE L 156 23.13 -57.40 37.16
CA ILE L 156 22.97 -58.85 37.34
C ILE L 156 24.27 -59.42 37.91
N THR L 157 24.25 -59.79 39.20
CA THR L 157 25.37 -60.49 39.80
C THR L 157 25.11 -61.99 39.71
N ARG L 158 26.09 -62.74 39.22
CA ARG L 158 26.01 -64.19 39.14
C ARG L 158 26.99 -64.80 40.13
N THR L 159 26.48 -65.64 41.03
CA THR L 159 27.29 -66.27 42.06
C THR L 159 27.14 -67.78 41.99
N GLN L 160 28.26 -68.48 41.83
CA GLN L 160 28.27 -69.94 41.92
C GLN L 160 28.10 -70.35 43.38
N THR L 161 27.14 -71.25 43.65
CA THR L 161 26.88 -71.73 45.00
C THR L 161 26.98 -73.24 45.05
N SER L 162 27.52 -73.75 46.15
CA SER L 162 27.53 -75.19 46.38
C SER L 162 26.17 -75.71 46.84
N VAL L 163 25.32 -74.86 47.44
CA VAL L 163 24.03 -75.33 47.94
C VAL L 163 23.09 -75.61 46.78
N THR L 164 22.06 -76.41 47.06
CA THR L 164 21.08 -76.82 46.07
C THR L 164 19.68 -76.32 46.37
N PHE L 165 19.30 -76.29 47.64
CA PHE L 165 17.97 -75.88 48.07
C PHE L 165 18.06 -74.54 48.78
N PHE L 166 16.93 -73.82 48.84
CA PHE L 166 16.84 -72.58 49.59
C PHE L 166 15.45 -72.44 50.20
N THR L 167 15.40 -71.76 51.34
CA THR L 167 14.29 -71.85 52.28
C THR L 167 13.67 -70.49 52.51
N THR L 168 12.61 -70.47 53.33
CA THR L 168 12.11 -69.26 53.94
C THR L 168 12.99 -68.77 55.06
N SER L 169 14.13 -69.42 55.30
CA SER L 169 15.15 -68.93 56.21
C SER L 169 15.90 -67.73 55.64
N ASP L 170 15.67 -67.39 54.37
CA ASP L 170 16.30 -66.29 53.67
C ASP L 170 17.82 -66.44 53.58
N GLU L 171 18.33 -67.66 53.81
CA GLU L 171 19.77 -67.91 53.78
C GLU L 171 20.39 -67.66 52.41
N VAL L 172 19.61 -67.71 51.32
CA VAL L 172 20.15 -67.41 50.01
C VAL L 172 20.51 -65.92 49.88
N LYS L 173 19.90 -65.06 50.69
CA LYS L 173 20.20 -63.63 50.62
C LYS L 173 21.62 -63.33 51.06
N PHE L 174 22.08 -63.97 52.14
CA PHE L 174 23.36 -63.62 52.73
C PHE L 174 24.50 -64.37 52.05
N ALA L 175 25.71 -63.80 52.13
CA ALA L 175 26.85 -64.33 51.40
C ALA L 175 27.37 -65.62 52.01
N SER L 176 27.35 -65.71 53.34
CA SER L 176 27.87 -66.88 54.06
C SER L 176 27.14 -68.18 53.68
N SER L 177 25.93 -68.07 53.15
CA SER L 177 25.10 -69.20 52.79
C SER L 177 24.93 -69.30 51.28
N GLY L 178 26.02 -69.04 50.54
CA GLY L 178 26.02 -69.21 49.10
C GLY L 178 24.94 -68.37 48.43
N GLY L 179 24.97 -67.07 48.67
CA GLY L 179 24.04 -66.18 48.03
C GLY L 179 24.50 -64.73 48.12
N GLU L 180 24.49 -64.01 47.00
CA GLU L 180 25.18 -62.73 46.95
C GLU L 180 24.63 -61.76 48.00
N ASP L 181 25.54 -61.03 48.64
CA ASP L 181 25.17 -60.03 49.63
C ASP L 181 24.18 -59.05 49.05
N ALA L 182 23.14 -58.73 49.84
CA ALA L 182 22.13 -57.79 49.39
C ALA L 182 22.73 -56.38 49.23
N TRP L 183 22.44 -55.72 48.09
CA TRP L 183 22.83 -54.33 47.91
C TRP L 183 21.95 -53.44 48.80
N PRO L 184 22.45 -52.26 49.19
CA PRO L 184 21.73 -51.45 50.17
C PRO L 184 20.28 -51.18 49.77
N ALA L 185 19.39 -51.23 50.77
CA ALA L 185 17.94 -51.27 50.52
C ALA L 185 17.39 -49.94 50.01
N ASP L 186 17.97 -48.81 50.45
CA ASP L 186 17.47 -47.51 50.02
C ASP L 186 17.89 -47.19 48.60
N ARG L 187 19.09 -47.60 48.18
CA ARG L 187 19.52 -47.29 46.82
C ARG L 187 18.89 -48.23 45.80
N TYR L 188 18.85 -49.53 46.07
CA TYR L 188 18.36 -50.49 45.09
C TYR L 188 17.30 -51.40 45.71
N LEU L 189 16.55 -52.06 44.84
CA LEU L 189 15.63 -53.11 45.25
C LEU L 189 16.23 -54.45 44.86
N ASN L 190 16.56 -55.26 45.87
CA ASN L 190 17.35 -56.46 45.66
C ASN L 190 16.50 -57.64 45.19
N ILE L 191 17.12 -58.46 44.36
CA ILE L 191 16.48 -59.60 43.70
C ILE L 191 17.37 -60.82 43.88
N TRP L 192 16.75 -61.96 44.20
CA TRP L 192 17.47 -63.23 44.22
C TRP L 192 16.71 -64.22 43.34
N VAL L 193 17.43 -64.83 42.40
CA VAL L 193 16.89 -65.84 41.50
C VAL L 193 17.72 -67.09 41.62
N CYS L 194 17.11 -68.18 42.07
CA CYS L 194 17.80 -69.46 42.22
C CYS L 194 16.90 -70.57 41.68
N HIS L 195 17.44 -71.79 41.69
CA HIS L 195 16.79 -72.90 41.03
C HIS L 195 15.76 -73.62 41.90
N VAL L 196 15.99 -73.70 43.21
CA VAL L 196 15.13 -74.49 44.10
C VAL L 196 14.73 -73.64 45.29
N LEU L 197 13.42 -73.48 45.50
CA LEU L 197 12.91 -72.74 46.64
C LEU L 197 11.88 -73.58 47.38
N LYS L 198 12.06 -73.69 48.70
CA LYS L 198 11.25 -74.55 49.55
C LYS L 198 10.82 -73.80 50.80
N SER L 199 9.72 -74.25 51.38
CA SER L 199 9.19 -73.70 52.62
C SER L 199 9.70 -74.49 53.82
N GLU L 200 9.45 -73.95 55.02
CA GLU L 200 9.74 -74.71 56.24
C GLU L 200 8.83 -75.93 56.36
N ILE L 201 7.56 -75.78 55.94
CA ILE L 201 6.67 -76.92 55.78
C ILE L 201 7.24 -77.92 54.79
N GLY L 202 8.10 -77.43 53.88
CA GLY L 202 8.69 -78.24 52.84
C GLY L 202 8.09 -78.03 51.46
N GLN L 203 6.83 -77.58 51.40
CA GLN L 203 6.16 -77.39 50.13
C GLN L 203 6.96 -76.42 49.26
N ASP L 204 7.23 -76.84 48.02
CA ASP L 204 8.09 -76.07 47.13
C ASP L 204 7.41 -74.75 46.76
N ILE L 205 8.10 -73.65 47.04
CA ILE L 205 7.55 -72.33 46.78
C ILE L 205 8.13 -71.81 45.47
N LEU L 206 7.41 -70.88 44.86
CA LEU L 206 7.87 -70.21 43.67
C LEU L 206 8.64 -68.95 44.00
N GLY L 207 8.44 -68.39 45.19
CA GLY L 207 9.14 -67.20 45.59
C GLY L 207 8.52 -66.68 46.88
N TYR L 208 9.20 -65.68 47.44
CA TYR L 208 8.69 -64.99 48.63
C TYR L 208 8.96 -63.50 48.47
N ALA L 209 8.87 -62.78 49.59
CA ALA L 209 9.10 -61.34 49.65
C ALA L 209 9.23 -60.94 51.09
N GLN L 210 9.98 -59.89 51.35
CA GLN L 210 10.12 -59.36 52.70
C GLN L 210 9.37 -58.04 52.76
N PHE L 211 8.56 -57.86 53.80
CA PHE L 211 7.72 -56.70 53.86
C PHE L 211 8.53 -55.44 54.17
N PRO L 212 7.99 -54.28 53.80
CA PRO L 212 8.74 -53.05 53.94
C PRO L 212 8.93 -52.65 55.38
N GLY L 213 9.94 -51.82 55.60
CA GLY L 213 10.43 -51.53 56.92
C GLY L 213 11.18 -52.66 57.55
N GLY L 214 11.40 -53.75 56.82
CA GLY L 214 12.10 -54.90 57.32
C GLY L 214 13.59 -54.64 57.41
N PRO L 215 14.30 -55.49 58.14
CA PRO L 215 15.75 -55.33 58.28
C PRO L 215 16.44 -55.32 56.93
N ALA L 216 17.49 -54.50 56.84
CA ALA L 216 18.01 -54.06 55.55
C ALA L 216 18.44 -55.24 54.69
N GLU L 217 19.23 -56.14 55.25
CA GLU L 217 19.90 -57.16 54.46
C GLU L 217 18.94 -58.17 53.82
N THR L 218 17.68 -58.19 54.23
CA THR L 218 16.65 -58.99 53.59
C THR L 218 15.65 -58.16 52.79
N ASP L 219 15.88 -56.84 52.67
CA ASP L 219 14.90 -55.91 52.08
C ASP L 219 14.87 -56.07 50.56
N GLY L 220 14.29 -57.17 50.14
CA GLY L 220 14.20 -57.50 48.74
C GLY L 220 13.24 -58.65 48.56
N VAL L 221 13.31 -59.27 47.39
CA VAL L 221 12.39 -60.35 47.05
C VAL L 221 13.18 -61.44 46.34
N VAL L 222 12.69 -62.67 46.44
CA VAL L 222 13.31 -63.83 45.82
C VAL L 222 12.27 -64.57 45.01
N ILE L 223 12.61 -64.89 43.76
CA ILE L 223 11.76 -65.67 42.87
C ILE L 223 12.62 -66.79 42.29
N VAL L 224 12.04 -67.99 42.23
CA VAL L 224 12.75 -69.12 41.64
C VAL L 224 13.03 -68.82 40.16
N ASP L 225 13.96 -69.57 39.59
CA ASP L 225 14.37 -69.29 38.23
C ASP L 225 13.28 -69.64 37.21
N ALA L 226 12.42 -70.61 37.51
CA ALA L 226 11.42 -71.01 36.53
C ALA L 226 10.17 -70.16 36.53
N ALA L 227 10.11 -69.14 37.39
CA ALA L 227 9.03 -68.16 37.41
C ALA L 227 9.47 -66.78 36.94
N PHE L 228 10.75 -66.64 36.57
CA PHE L 228 11.41 -65.36 36.34
C PHE L 228 11.53 -65.14 34.84
N GLY L 229 10.64 -64.33 34.29
CA GLY L 229 10.77 -63.94 32.90
C GLY L 229 9.92 -64.77 31.97
N THR L 230 10.13 -64.52 30.67
CA THR L 230 9.31 -65.05 29.60
C THR L 230 10.08 -65.97 28.64
N THR L 231 11.29 -66.38 28.99
CA THR L 231 12.07 -67.24 28.11
C THR L 231 13.18 -67.89 28.93
N GLY L 232 14.04 -68.64 28.24
CA GLY L 232 15.11 -69.34 28.93
C GLY L 232 14.55 -70.40 29.87
N THR L 233 15.04 -70.39 31.11
CA THR L 233 14.59 -71.37 32.10
C THR L 233 13.19 -71.08 32.65
N ALA L 234 12.57 -69.98 32.22
CA ALA L 234 11.21 -69.68 32.65
C ALA L 234 10.24 -70.68 32.05
N LEU L 235 9.32 -71.17 32.89
CA LEU L 235 8.38 -72.22 32.50
C LEU L 235 6.97 -71.87 32.94
N PRO L 236 5.96 -72.29 32.17
CA PRO L 236 4.56 -71.92 32.50
C PRO L 236 3.97 -72.85 33.53
N PRO L 237 2.93 -72.42 34.26
CA PRO L 237 2.18 -71.17 34.14
C PRO L 237 2.82 -69.99 34.87
N PHE L 238 4.15 -69.85 34.77
CA PHE L 238 4.88 -68.69 35.28
C PHE L 238 5.80 -68.12 34.20
N ASP L 239 5.47 -68.39 32.94
CA ASP L 239 6.22 -67.84 31.81
C ASP L 239 5.89 -66.37 31.57
N LYS L 240 4.69 -65.92 31.93
CA LYS L 240 4.38 -64.50 31.84
C LYS L 240 5.18 -63.67 32.83
N GLY L 241 5.84 -64.31 33.80
CA GLY L 241 6.67 -63.61 34.76
C GLY L 241 5.90 -62.81 35.81
N ARG L 242 4.58 -62.92 35.83
CA ARG L 242 3.77 -62.27 36.86
C ARG L 242 4.05 -62.82 38.26
N THR L 243 4.74 -63.96 38.37
CA THR L 243 5.10 -64.51 39.67
C THR L 243 5.93 -63.52 40.46
N ALA L 244 6.91 -62.91 39.79
CA ALA L 244 7.66 -61.83 40.41
C ALA L 244 6.77 -60.64 40.71
N THR L 245 5.89 -60.28 39.77
CA THR L 245 4.97 -59.17 40.00
C THR L 245 4.24 -59.32 41.33
N HIS L 246 3.80 -60.56 41.64
CA HIS L 246 3.01 -60.83 42.84
C HIS L 246 3.81 -60.59 44.10
N ALA L 247 4.93 -61.31 44.27
CA ALA L 247 5.78 -61.11 45.43
C ALA L 247 6.42 -59.72 45.45
N ILE L 248 6.39 -58.98 44.35
CA ILE L 248 6.75 -57.56 44.39
C ILE L 248 5.77 -56.79 45.26
N GLY L 249 4.49 -57.10 45.12
CA GLY L 249 3.45 -56.37 45.82
C GLY L 249 3.61 -56.44 47.32
N HIS L 250 4.15 -57.54 47.82
CA HIS L 250 4.55 -57.58 49.22
C HIS L 250 5.69 -56.59 49.49
N TRP L 251 6.46 -56.21 48.47
CA TRP L 251 7.51 -55.20 48.68
C TRP L 251 6.93 -53.80 48.63
N LEU L 252 5.76 -53.68 48.07
CA LEU L 252 4.97 -52.49 48.20
C LEU L 252 3.98 -52.57 49.36
N ASN L 253 4.10 -53.60 50.21
CA ASN L 253 3.27 -53.74 51.40
C ASN L 253 1.82 -54.04 51.03
N LEU L 254 1.65 -54.97 50.10
CA LEU L 254 0.33 -55.47 49.73
C LEU L 254 0.10 -56.84 50.34
N TYR L 255 -0.96 -56.97 51.15
CA TYR L 255 -1.36 -58.27 51.65
C TYR L 255 -2.07 -59.04 50.55
N HIS L 256 -1.91 -60.37 50.59
CA HIS L 256 -2.76 -61.26 49.80
C HIS L 256 -4.23 -60.85 49.97
N ILE L 257 -5.03 -61.11 48.94
CA ILE L 257 -6.43 -60.67 48.99
C ILE L 257 -7.18 -61.28 50.15
N TRP L 258 -6.78 -62.48 50.59
CA TRP L 258 -7.56 -63.26 51.55
C TRP L 258 -7.26 -62.92 53.00
N GLY L 259 -6.36 -61.98 53.25
CA GLY L 259 -5.80 -61.78 54.58
C GLY L 259 -4.49 -62.52 54.69
N ASP L 260 -4.35 -63.43 55.64
CA ASP L 260 -3.35 -64.46 55.46
C ASP L 260 -3.66 -65.66 56.36
N GLU L 261 -3.04 -66.79 56.01
CA GLU L 261 -3.06 -68.00 56.83
C GLU L 261 -2.03 -67.97 57.96
N LEU L 262 -1.06 -67.05 57.92
CA LEU L 262 -0.34 -66.70 59.15
C LEU L 262 -1.33 -66.23 60.21
N ARG L 263 -2.35 -65.48 59.79
CA ARG L 263 -3.26 -64.85 60.74
C ARG L 263 -4.21 -65.91 61.31
N PHE L 264 -4.27 -66.00 62.63
CA PHE L 264 -5.22 -66.88 63.29
C PHE L 264 -6.55 -66.15 63.37
N GLU L 265 -7.51 -66.58 62.56
CA GLU L 265 -8.83 -65.98 62.61
C GLU L 265 -9.78 -66.90 61.86
N ASP L 266 -11.07 -66.67 62.05
CA ASP L 266 -12.05 -67.19 61.10
C ASP L 266 -11.79 -66.53 59.74
N PRO L 267 -11.84 -67.29 58.64
CA PRO L 267 -11.18 -66.84 57.40
C PRO L 267 -11.75 -65.56 56.82
N CYS L 268 -12.98 -65.19 57.20
CA CYS L 268 -13.58 -63.98 56.69
C CYS L 268 -13.06 -62.73 57.39
N SER L 269 -12.55 -62.85 58.60
CA SER L 269 -12.11 -61.67 59.33
C SER L 269 -10.64 -61.36 59.11
N ARG L 270 -9.99 -62.03 58.16
CA ARG L 270 -8.67 -61.64 57.67
C ARG L 270 -8.81 -60.94 56.32
N SER L 271 -8.22 -59.74 56.22
CA SER L 271 -8.43 -58.86 55.07
C SER L 271 -7.11 -58.26 54.64
N ASP L 272 -7.04 -57.86 53.36
CA ASP L 272 -5.86 -57.23 52.75
C ASP L 272 -5.79 -55.73 53.01
N GLU L 273 -6.74 -55.21 53.80
CA GLU L 273 -6.84 -53.79 54.14
C GLU L 273 -6.93 -52.93 52.88
N VAL L 274 -7.63 -53.45 51.88
CA VAL L 274 -7.93 -52.76 50.64
C VAL L 274 -9.43 -52.82 50.45
N ASP L 275 -10.08 -51.66 50.47
CA ASP L 275 -11.53 -51.66 50.48
C ASP L 275 -12.13 -52.16 49.17
N ASP L 276 -11.51 -51.87 48.03
CA ASP L 276 -12.16 -52.15 46.75
C ASP L 276 -11.89 -53.56 46.23
N THR L 277 -11.14 -54.40 46.97
CA THR L 277 -11.09 -55.80 46.54
C THR L 277 -12.04 -56.64 47.39
N PRO L 278 -12.87 -57.50 46.79
CA PRO L 278 -13.91 -58.20 47.56
C PRO L 278 -13.24 -59.16 48.53
N ASN L 279 -13.51 -58.99 49.82
CA ASN L 279 -12.75 -59.70 50.85
C ASN L 279 -13.04 -61.19 50.76
N GLN L 280 -12.13 -61.91 50.12
CA GLN L 280 -12.19 -63.35 50.02
C GLN L 280 -11.37 -63.96 51.13
N ALA L 281 -11.46 -65.27 51.26
CA ALA L 281 -10.68 -65.98 52.26
C ALA L 281 -9.88 -67.13 51.68
N ASP L 282 -10.19 -67.59 50.48
CA ASP L 282 -9.53 -68.75 49.88
C ASP L 282 -8.80 -68.34 48.61
N PRO L 283 -7.48 -68.50 48.54
CA PRO L 283 -6.79 -68.32 47.25
C PRO L 283 -7.29 -69.28 46.19
N ASN L 284 -7.41 -68.77 44.96
CA ASN L 284 -7.72 -69.57 43.79
C ASN L 284 -6.44 -69.74 42.99
N PHE L 285 -6.11 -70.98 42.65
CA PHE L 285 -4.96 -71.24 41.79
C PHE L 285 -5.47 -71.65 40.40
N GLY L 286 -4.51 -71.83 39.49
CA GLY L 286 -4.86 -72.15 38.11
C GLY L 286 -5.50 -70.96 37.43
N CYS L 287 -6.53 -71.24 36.64
CA CYS L 287 -7.33 -70.18 36.09
C CYS L 287 -8.81 -70.40 36.41
N PRO L 288 -9.49 -69.42 36.97
CA PRO L 288 -10.84 -69.65 37.45
C PRO L 288 -11.90 -69.26 36.44
N SER L 289 -13.12 -69.71 36.69
CA SER L 289 -14.31 -69.32 35.93
C SER L 289 -15.08 -68.27 36.74
N TYR L 290 -15.38 -67.13 36.11
CA TYR L 290 -16.08 -66.06 36.80
C TYR L 290 -17.53 -66.47 37.09
N PRO L 291 -18.05 -66.22 38.30
CA PRO L 291 -17.34 -65.72 39.50
C PRO L 291 -17.06 -66.79 40.58
N HIS L 292 -16.00 -66.60 41.36
CA HIS L 292 -15.70 -67.44 42.51
C HIS L 292 -16.09 -66.67 43.76
N VAL L 293 -17.01 -67.21 44.52
CA VAL L 293 -17.70 -66.47 45.57
C VAL L 293 -17.15 -66.91 46.93
N SER L 294 -16.35 -66.07 47.57
CA SER L 294 -15.70 -66.37 48.84
C SER L 294 -16.05 -65.31 49.87
N CYS L 295 -16.61 -65.74 51.00
CA CYS L 295 -17.14 -64.84 52.02
C CYS L 295 -18.16 -63.88 51.40
N SER L 296 -19.20 -64.48 50.84
CA SER L 296 -20.21 -63.78 50.03
C SER L 296 -19.47 -63.06 48.91
N ASN L 297 -19.59 -61.73 48.79
CA ASN L 297 -19.12 -60.86 47.69
C ASN L 297 -19.72 -61.23 46.33
N GLY L 298 -20.77 -62.05 46.33
CA GLY L 298 -21.47 -62.38 45.11
C GLY L 298 -22.39 -61.26 44.68
N PRO L 299 -22.71 -61.23 43.38
CA PRO L 299 -22.17 -62.11 42.35
C PRO L 299 -20.87 -61.54 41.78
N ASN L 300 -20.33 -60.50 42.42
CA ASN L 300 -19.06 -59.94 41.99
C ASN L 300 -17.95 -60.98 41.95
N GLY L 301 -17.98 -61.94 42.86
CA GLY L 301 -16.96 -62.97 42.86
C GLY L 301 -15.63 -62.44 43.35
N ASP L 302 -14.69 -63.36 43.47
CA ASP L 302 -13.35 -63.00 43.91
C ASP L 302 -12.63 -62.22 42.81
N MET L 303 -11.57 -61.53 43.21
CA MET L 303 -10.77 -60.78 42.25
C MET L 303 -9.56 -61.62 41.83
N PHE L 304 -9.84 -62.72 41.14
CA PHE L 304 -8.75 -63.62 40.75
C PHE L 304 -7.83 -62.96 39.73
N MET L 305 -8.34 -61.97 39.00
CA MET L 305 -7.50 -61.19 38.10
C MET L 305 -6.41 -60.43 38.84
N ASN L 306 -6.55 -60.26 40.15
CA ASN L 306 -5.56 -59.53 40.94
C ASN L 306 -4.27 -60.34 41.07
N TYR L 307 -3.13 -59.65 40.97
CA TYR L 307 -1.83 -60.31 41.06
C TYR L 307 -1.57 -60.91 42.44
N MET L 308 -2.31 -60.48 43.46
CA MET L 308 -2.11 -61.00 44.81
C MET L 308 -2.88 -62.29 45.07
N ASP L 309 -3.64 -62.77 44.09
CA ASP L 309 -4.20 -64.11 44.18
C ASP L 309 -3.21 -65.11 43.58
N TYR L 310 -3.45 -66.39 43.86
CA TYR L 310 -2.53 -67.44 43.51
C TYR L 310 -2.79 -68.02 42.12
N VAL L 311 -3.54 -67.32 41.27
CA VAL L 311 -3.89 -67.83 39.95
C VAL L 311 -2.65 -67.98 39.10
N ASP L 312 -2.80 -68.65 37.96
CA ASP L 312 -1.74 -68.72 36.96
C ASP L 312 -1.41 -67.31 36.43
N ASP L 313 -0.30 -67.25 35.66
CA ASP L 313 0.25 -65.96 35.26
C ASP L 313 -0.66 -65.24 34.28
N LYS L 314 -1.27 -65.97 33.35
CA LYS L 314 -2.08 -65.34 32.33
C LYS L 314 -3.46 -64.89 32.82
N CYS L 315 -3.79 -65.15 34.08
CA CYS L 315 -5.08 -64.75 34.63
C CYS L 315 -4.99 -63.69 35.72
N MET L 316 -3.84 -63.57 36.38
CA MET L 316 -3.57 -62.40 37.22
C MET L 316 -3.04 -61.28 36.32
N VAL L 317 -3.80 -60.20 36.22
CA VAL L 317 -3.53 -59.18 35.21
C VAL L 317 -3.41 -57.77 35.76
N MET L 318 -3.90 -57.46 36.97
CA MET L 318 -4.12 -56.06 37.29
C MET L 318 -3.87 -55.79 38.77
N PHE L 319 -3.94 -54.50 39.10
CA PHE L 319 -3.88 -54.01 40.45
C PHE L 319 -5.03 -53.04 40.67
N THR L 320 -5.52 -52.96 41.91
CA THR L 320 -6.67 -52.13 42.20
C THR L 320 -6.26 -50.72 42.59
N GLN L 321 -7.19 -49.79 42.41
CA GLN L 321 -6.95 -48.41 42.83
C GLN L 321 -6.61 -48.37 44.31
N GLY L 322 -7.38 -49.08 45.13
CA GLY L 322 -7.09 -49.10 46.55
C GLY L 322 -5.70 -49.61 46.83
N GLN L 323 -5.30 -50.71 46.19
CA GLN L 323 -3.98 -51.26 46.40
C GLN L 323 -2.90 -50.23 46.10
N ALA L 324 -3.03 -49.55 44.96
CA ALA L 324 -2.07 -48.52 44.59
C ALA L 324 -1.96 -47.47 45.69
N THR L 325 -3.11 -47.02 46.19
CA THR L 325 -3.12 -46.06 47.30
C THR L 325 -2.34 -46.58 48.50
N ARG L 326 -2.44 -47.89 48.76
CA ARG L 326 -1.58 -48.50 49.76
C ARG L 326 -0.12 -48.46 49.36
N VAL L 327 0.18 -48.71 48.09
CA VAL L 327 1.57 -48.60 47.64
C VAL L 327 2.07 -47.19 47.89
N ASN L 328 1.25 -46.18 47.54
CA ASN L 328 1.60 -44.79 47.75
C ASN L 328 2.05 -44.56 49.19
N ALA L 329 1.31 -45.12 50.15
CA ALA L 329 1.68 -44.98 51.54
C ALA L 329 2.99 -45.68 51.86
N CYS L 330 3.29 -46.79 51.19
CA CYS L 330 4.59 -47.43 51.40
C CYS L 330 5.72 -46.58 50.85
N LEU L 331 5.46 -45.82 49.78
CA LEU L 331 6.54 -45.06 49.15
C LEU L 331 6.88 -43.81 49.94
N ASP L 332 5.87 -43.16 50.51
CA ASP L 332 6.09 -41.86 51.13
C ASP L 332 6.88 -41.99 52.44
N GLY L 333 6.47 -42.90 53.33
CA GLY L 333 7.10 -42.99 54.63
C GLY L 333 8.20 -44.03 54.76
N PRO L 334 7.88 -45.29 54.46
CA PRO L 334 8.90 -46.34 54.56
C PRO L 334 9.98 -46.21 53.50
N ARG L 335 9.59 -45.98 52.26
CA ARG L 335 10.52 -45.99 51.13
C ARG L 335 10.83 -44.58 50.62
N SER L 336 10.72 -43.56 51.49
CA SER L 336 10.96 -42.16 51.08
C SER L 336 12.28 -41.98 50.37
N SER L 337 13.21 -42.92 50.56
CA SER L 337 14.52 -42.82 49.94
C SER L 337 14.42 -42.80 48.42
N PHE L 338 13.60 -43.69 47.85
CA PHE L 338 13.63 -43.91 46.41
C PHE L 338 13.02 -42.74 45.64
N LEU L 339 12.08 -42.03 46.25
CA LEU L 339 11.42 -40.94 45.55
C LEU L 339 12.38 -39.78 45.29
N ALA L 340 13.30 -39.53 46.23
CA ALA L 340 14.15 -38.34 46.21
C ALA L 340 15.29 -38.41 45.18
N ARG L 341 15.50 -39.56 44.55
CA ARG L 341 16.67 -39.79 43.67
C ARG L 341 16.79 -38.78 42.54
N PRO M 36 -40.22 -53.93 97.04
CA PRO M 36 -39.36 -54.68 96.11
C PRO M 36 -37.91 -54.93 96.62
N THR M 37 -37.75 -55.55 97.78
CA THR M 37 -36.42 -55.82 98.35
C THR M 37 -35.85 -57.10 97.73
N GLN M 38 -34.81 -56.95 96.93
CA GLN M 38 -34.19 -58.06 96.22
C GLN M 38 -32.87 -58.40 96.90
N ARG M 39 -32.44 -59.65 96.76
CA ARG M 39 -31.16 -60.06 97.34
C ARG M 39 -30.03 -59.58 96.42
N ARG M 40 -29.05 -58.91 97.01
CA ARG M 40 -27.95 -58.35 96.24
C ARG M 40 -26.68 -58.46 97.08
N CYS M 41 -25.72 -59.23 96.60
CA CYS M 41 -24.49 -59.55 97.31
C CYS M 41 -23.34 -58.80 96.66
N GLY M 42 -22.74 -57.88 97.40
CA GLY M 42 -21.61 -57.14 96.87
C GLY M 42 -20.28 -57.85 96.92
N ALA M 43 -20.21 -59.06 97.50
CA ALA M 43 -18.93 -59.74 97.70
C ALA M 43 -18.14 -59.88 96.40
N MET M 44 -18.84 -60.00 95.29
CA MET M 44 -18.16 -60.07 94.01
C MET M 44 -17.74 -58.69 93.52
N GLU M 45 -18.47 -57.63 93.88
CA GLU M 45 -18.01 -56.28 93.61
C GLU M 45 -16.69 -56.03 94.31
N VAL M 46 -16.53 -56.56 95.52
CA VAL M 46 -15.24 -56.52 96.20
C VAL M 46 -14.18 -57.23 95.37
N HIS M 47 -14.57 -58.32 94.70
CA HIS M 47 -13.59 -59.23 94.13
C HIS M 47 -12.79 -58.59 92.98
N HIS M 48 -13.45 -57.84 92.09
CA HIS M 48 -12.67 -57.08 91.11
C HIS M 48 -11.70 -56.16 91.84
N ARG M 49 -12.21 -55.34 92.76
CA ARG M 49 -11.36 -54.37 93.43
C ARG M 49 -10.28 -55.05 94.24
N LEU M 50 -10.47 -56.33 94.58
CA LEU M 50 -9.44 -57.11 95.25
C LEU M 50 -8.24 -57.37 94.34
N LEU M 51 -8.47 -57.54 93.04
CA LEU M 51 -7.42 -58.01 92.16
C LEU M 51 -6.26 -57.03 92.08
N ARG M 52 -6.56 -55.72 92.13
CA ARG M 52 -5.65 -54.71 91.62
C ARG M 52 -4.28 -54.74 92.31
N SER M 53 -4.25 -54.86 93.66
CA SER M 53 -2.96 -54.76 94.36
C SER M 53 -2.03 -55.92 94.07
N ALA M 54 -2.55 -57.00 93.49
CA ALA M 54 -1.79 -58.14 92.98
C ALA M 54 -1.11 -58.87 94.13
N SER M 55 -1.13 -58.26 95.32
CA SER M 55 -0.77 -58.99 96.51
C SER M 55 -1.81 -60.06 96.78
N TYR M 56 -3.08 -59.69 96.60
CA TYR M 56 -4.20 -60.62 96.63
C TYR M 56 -4.16 -61.58 95.45
N VAL M 57 -3.49 -61.20 94.36
CA VAL M 57 -3.43 -62.05 93.19
C VAL M 57 -2.50 -63.24 93.44
N ARG M 58 -1.35 -63.01 94.09
CA ARG M 58 -0.47 -64.13 94.41
C ARG M 58 -1.21 -65.19 95.22
N GLU M 59 -1.84 -64.77 96.33
CA GLU M 59 -2.51 -65.72 97.21
C GLU M 59 -3.65 -66.42 96.51
N ARG M 60 -4.43 -65.68 95.72
CA ARG M 60 -5.65 -66.25 95.14
C ARG M 60 -5.33 -67.37 94.17
N ASP M 61 -4.22 -67.29 93.45
CA ASP M 61 -3.83 -68.41 92.59
C ASP M 61 -3.49 -69.63 93.42
N GLN M 62 -2.62 -69.46 94.41
CA GLN M 62 -2.29 -70.57 95.30
C GLN M 62 -3.55 -71.16 95.90
N ILE M 63 -4.49 -70.30 96.29
CA ILE M 63 -5.70 -70.75 96.95
C ILE M 63 -6.53 -71.65 96.03
N GLU M 64 -6.55 -71.34 94.74
CA GLU M 64 -7.39 -72.11 93.84
C GLU M 64 -6.76 -73.42 93.39
N ASN M 65 -5.45 -73.55 93.45
CA ASN M 65 -4.82 -74.81 93.04
C ASN M 65 -5.13 -75.93 94.01
N LEU M 66 -5.15 -75.60 95.30
CA LEU M 66 -5.63 -76.56 96.30
C LEU M 66 -7.08 -76.92 96.03
N ALA M 67 -7.96 -75.92 95.86
CA ALA M 67 -9.37 -76.18 95.57
C ALA M 67 -9.57 -76.83 94.21
N LEU M 68 -8.58 -76.77 93.32
CA LEU M 68 -8.62 -77.53 92.09
C LEU M 68 -8.16 -78.96 92.31
N LYS M 69 -6.96 -79.13 92.87
CA LYS M 69 -6.44 -80.47 93.11
C LYS M 69 -7.35 -81.27 94.02
N TYR M 70 -7.96 -80.60 95.00
CA TYR M 70 -9.01 -81.27 95.78
C TYR M 70 -10.16 -81.70 94.89
N LYS M 71 -10.52 -80.86 93.92
CA LYS M 71 -11.68 -81.15 93.08
C LYS M 71 -11.49 -82.43 92.28
N GLN M 72 -10.33 -82.57 91.62
CA GLN M 72 -10.11 -83.73 90.75
C GLN M 72 -10.09 -85.01 91.58
N GLY M 73 -9.74 -84.89 92.86
CA GLY M 73 -9.61 -86.01 93.79
C GLY M 73 -8.22 -86.21 94.34
N PHE M 74 -7.23 -85.45 93.86
CA PHE M 74 -5.81 -85.78 94.03
C PHE M 74 -5.47 -86.09 95.48
N ARG M 75 -5.63 -85.10 96.36
CA ARG M 75 -5.37 -85.26 97.78
C ARG M 75 -6.66 -84.99 98.52
N ALA M 76 -7.11 -85.97 99.30
CA ALA M 76 -8.36 -85.83 100.04
C ALA M 76 -8.22 -86.41 101.44
N ILE M 77 -7.08 -86.17 102.09
CA ILE M 77 -6.98 -86.52 103.51
C ILE M 77 -7.97 -85.61 104.23
N SER M 78 -9.05 -86.20 104.72
CA SER M 78 -10.13 -85.45 105.34
C SER M 78 -9.94 -85.49 106.86
N ARG M 79 -10.10 -84.34 107.49
CA ARG M 79 -10.18 -84.30 108.93
C ARG M 79 -11.49 -84.94 109.37
N MET M 80 -11.40 -85.78 110.40
CA MET M 80 -12.58 -86.42 110.98
C MET M 80 -12.83 -85.87 112.39
N GLU M 81 -12.60 -84.57 112.52
CA GLU M 81 -13.00 -83.77 113.68
C GLU M 81 -13.49 -82.43 113.17
N ILE M 82 -14.68 -82.03 113.61
CA ILE M 82 -15.20 -80.73 113.20
C ILE M 82 -14.40 -79.65 113.92
N VAL M 83 -14.23 -78.51 113.25
CA VAL M 83 -13.46 -77.39 113.78
C VAL M 83 -14.44 -76.30 114.20
N LYS M 84 -14.28 -75.81 115.42
CA LYS M 84 -15.06 -74.69 115.93
C LYS M 84 -14.21 -73.41 115.87
N ILE M 85 -14.82 -72.31 115.44
CA ILE M 85 -14.09 -71.14 114.96
C ILE M 85 -14.52 -69.92 115.74
N PRO M 86 -13.59 -69.18 116.34
CA PRO M 86 -13.97 -67.99 117.11
C PRO M 86 -14.42 -66.84 116.22
N VAL M 87 -15.47 -66.15 116.66
CA VAL M 87 -16.11 -65.11 115.87
C VAL M 87 -16.36 -63.89 116.75
N VAL M 88 -16.14 -62.71 116.20
CA VAL M 88 -16.44 -61.44 116.88
C VAL M 88 -17.39 -60.66 116.00
N VAL M 89 -18.44 -60.10 116.61
CA VAL M 89 -19.42 -59.28 115.92
C VAL M 89 -19.14 -57.82 116.22
N HIS M 90 -19.06 -56.99 115.17
CA HIS M 90 -18.90 -55.55 115.28
C HIS M 90 -20.22 -54.90 114.88
N VAL M 91 -20.92 -54.32 115.84
CA VAL M 91 -22.14 -53.57 115.57
C VAL M 91 -21.76 -52.10 115.46
N VAL M 92 -22.13 -51.47 114.35
CA VAL M 92 -21.94 -50.03 114.18
C VAL M 92 -23.32 -49.42 113.99
N TRP M 93 -23.77 -48.72 115.03
CA TRP M 93 -25.13 -48.20 115.07
C TRP M 93 -25.08 -46.68 115.03
N ASN M 94 -25.80 -46.11 114.07
CA ASN M 94 -26.03 -44.68 114.07
C ASN M 94 -27.10 -44.32 115.09
N GLU M 95 -28.02 -45.25 115.36
CA GLU M 95 -29.04 -45.10 116.38
C GLU M 95 -29.16 -46.42 117.12
N GLU M 96 -29.76 -46.37 118.32
CA GLU M 96 -29.88 -47.58 119.15
C GLU M 96 -30.77 -48.64 118.52
N GLU M 97 -31.82 -48.23 117.78
CA GLU M 97 -32.65 -49.19 117.06
C GLU M 97 -31.83 -49.98 116.04
N GLU M 98 -30.87 -49.31 115.39
CA GLU M 98 -29.90 -50.02 114.57
C GLU M 98 -29.07 -51.00 115.39
N ASN M 99 -28.62 -50.57 116.58
CA ASN M 99 -27.89 -51.46 117.45
C ASN M 99 -28.76 -52.66 117.80
N ILE M 100 -28.24 -53.81 117.53
CA ILE M 100 -29.04 -55.02 117.60
C ILE M 100 -28.96 -55.57 119.00
N SER M 101 -30.06 -56.17 119.45
CA SER M 101 -30.05 -56.86 120.73
C SER M 101 -29.05 -58.01 120.68
N ASP M 102 -28.52 -58.36 121.86
CA ASP M 102 -27.65 -59.53 121.94
C ASP M 102 -28.41 -60.81 121.60
N ALA M 103 -29.65 -60.92 122.08
CA ALA M 103 -30.51 -62.05 121.73
C ALA M 103 -30.64 -62.20 120.22
N GLN M 104 -30.72 -61.08 119.51
CA GLN M 104 -30.71 -61.11 118.05
C GLN M 104 -29.41 -61.69 117.52
N ILE M 105 -28.28 -61.29 118.09
CA ILE M 105 -26.97 -61.78 117.61
C ILE M 105 -26.89 -63.29 117.76
N GLN M 106 -27.39 -63.82 118.87
CA GLN M 106 -27.29 -65.26 119.13
C GLN M 106 -28.15 -66.07 118.16
N SER M 107 -29.36 -65.59 117.87
CA SER M 107 -30.25 -66.31 116.96
C SER M 107 -29.57 -66.60 115.63
N GLN M 108 -28.75 -65.66 115.16
CA GLN M 108 -27.93 -65.89 113.98
C GLN M 108 -26.85 -66.94 114.26
N ILE M 109 -26.15 -66.82 115.39
CA ILE M 109 -25.07 -67.74 115.71
C ILE M 109 -25.59 -69.16 115.73
N ASP M 110 -26.76 -69.37 116.31
CA ASP M 110 -27.33 -70.70 116.40
C ASP M 110 -27.70 -71.23 115.01
N ILE M 111 -28.33 -70.39 114.19
CA ILE M 111 -28.85 -70.87 112.91
C ILE M 111 -27.71 -71.32 112.00
N LEU M 112 -26.52 -70.71 112.14
CA LEU M 112 -25.37 -71.15 111.36
C LEU M 112 -24.94 -72.55 111.77
N ASN M 113 -24.84 -72.79 113.07
CA ASN M 113 -24.43 -74.10 113.55
C ASN M 113 -25.46 -75.17 113.23
N LYS M 114 -26.73 -74.78 113.01
CA LYS M 114 -27.69 -75.72 112.44
C LYS M 114 -27.44 -75.94 110.96
N ASP M 115 -27.11 -74.87 110.21
CA ASP M 115 -27.03 -74.97 108.75
C ASP M 115 -25.82 -75.75 108.28
N PHE M 116 -24.71 -75.69 109.01
CA PHE M 116 -23.45 -76.17 108.49
C PHE M 116 -23.15 -77.63 108.83
N ARG M 117 -23.90 -78.22 109.76
CA ARG M 117 -23.70 -79.61 110.13
C ARG M 117 -24.86 -80.49 109.67
N LYS M 118 -25.66 -80.01 108.72
CA LYS M 118 -26.89 -80.67 108.25
C LYS M 118 -27.96 -80.74 109.32
N LEU M 119 -27.99 -79.76 110.22
CA LEU M 119 -28.91 -79.78 111.36
C LEU M 119 -30.18 -78.98 111.14
N ASN M 120 -30.26 -78.19 110.07
CA ASN M 120 -31.41 -77.31 109.91
C ASN M 120 -32.66 -78.13 109.60
N SER M 121 -33.78 -77.70 110.20
CA SER M 121 -35.06 -78.32 109.91
C SER M 121 -35.37 -78.25 108.42
N ASP M 122 -34.84 -77.23 107.73
CA ASP M 122 -35.10 -76.95 106.32
C ASP M 122 -34.47 -77.96 105.37
N VAL M 123 -33.56 -78.82 105.84
CA VAL M 123 -32.86 -79.74 104.95
C VAL M 123 -33.84 -80.67 104.25
N SER M 124 -35.04 -80.85 104.83
CA SER M 124 -36.09 -81.71 104.32
C SER M 124 -36.77 -81.16 103.07
N GLN M 125 -36.41 -79.97 102.60
CA GLN M 125 -37.02 -79.39 101.41
C GLN M 125 -36.27 -79.71 100.13
N VAL M 126 -35.10 -80.33 100.22
CA VAL M 126 -34.32 -80.72 99.04
C VAL M 126 -35.06 -81.79 98.27
N PRO M 127 -35.24 -81.66 96.96
CA PRO M 127 -35.82 -82.76 96.18
C PRO M 127 -35.01 -84.03 96.32
N SER M 128 -35.70 -85.15 96.21
CA SER M 128 -35.07 -86.45 96.40
C SER M 128 -33.94 -86.69 95.43
N VAL M 129 -33.93 -85.97 94.30
CA VAL M 129 -32.88 -86.12 93.30
C VAL M 129 -31.50 -85.86 93.92
N TRP M 130 -31.47 -85.02 94.96
CA TRP M 130 -30.21 -84.58 95.55
C TRP M 130 -30.14 -84.88 97.05
N SER M 131 -30.98 -85.80 97.54
CA SER M 131 -30.96 -86.14 98.96
C SER M 131 -29.61 -86.73 99.37
N ASN M 132 -29.00 -87.54 98.51
CA ASN M 132 -27.70 -88.11 98.84
C ASN M 132 -26.54 -87.19 98.51
N LEU M 133 -26.81 -86.00 97.99
CA LEU M 133 -25.77 -85.03 97.69
C LEU M 133 -25.67 -83.93 98.74
N ILE M 134 -26.66 -83.80 99.62
CA ILE M 134 -26.58 -82.84 100.70
C ILE M 134 -25.34 -83.14 101.54
N ALA M 135 -24.79 -82.11 102.18
CA ALA M 135 -23.53 -82.27 102.88
C ALA M 135 -23.55 -81.61 104.24
N ASP M 136 -22.70 -82.12 105.12
CA ASP M 136 -22.42 -81.52 106.42
C ASP M 136 -21.01 -80.96 106.35
N LEU M 137 -20.90 -79.63 106.44
CA LEU M 137 -19.60 -79.03 106.31
C LEU M 137 -18.67 -79.46 107.43
N GLY M 138 -19.22 -80.05 108.48
CA GLY M 138 -18.44 -80.38 109.64
C GLY M 138 -17.84 -79.13 110.23
N ILE M 139 -18.65 -78.07 110.37
CA ILE M 139 -18.16 -76.81 110.93
C ILE M 139 -19.25 -76.14 111.77
N GLU M 140 -18.87 -75.74 112.98
CA GLU M 140 -19.62 -74.85 113.88
C GLU M 140 -18.68 -73.71 114.30
N PHE M 141 -19.24 -72.68 114.95
CA PHE M 141 -18.41 -71.56 115.40
C PHE M 141 -19.03 -70.93 116.66
N PHE M 142 -18.22 -70.13 117.36
CA PHE M 142 -18.57 -69.59 118.67
C PHE M 142 -18.09 -68.15 118.80
N LEU M 143 -18.65 -67.46 119.80
CA LEU M 143 -18.26 -66.08 120.14
C LEU M 143 -17.16 -66.12 121.17
N ALA M 144 -15.94 -65.75 120.77
CA ALA M 144 -14.75 -66.09 121.54
C ALA M 144 -14.83 -65.58 122.98
N THR M 145 -14.45 -66.46 123.93
CA THR M 145 -14.32 -66.06 125.32
C THR M 145 -13.29 -64.96 125.49
N LYS M 146 -12.39 -64.82 124.52
CA LYS M 146 -11.22 -63.95 124.65
C LYS M 146 -11.11 -63.03 123.44
N ASP M 147 -10.77 -61.78 123.69
CA ASP M 147 -10.45 -60.83 122.63
C ASP M 147 -9.00 -61.01 122.21
N PRO M 148 -8.58 -60.42 121.06
CA PRO M 148 -7.22 -60.73 120.56
C PRO M 148 -6.09 -60.36 121.51
N ASN M 149 -6.33 -59.45 122.45
CA ASN M 149 -5.31 -59.11 123.43
C ASN M 149 -5.26 -60.06 124.62
N GLY M 150 -6.29 -60.90 124.80
CA GLY M 150 -6.28 -61.96 125.80
C GLY M 150 -7.39 -61.87 126.82
N ASN M 151 -7.87 -60.65 127.10
CA ASN M 151 -8.88 -60.47 128.12
C ASN M 151 -10.21 -61.13 127.73
N GLN M 152 -10.99 -61.50 128.73
CA GLN M 152 -12.27 -62.15 128.46
C GLN M 152 -13.21 -61.17 127.78
N THR M 153 -13.81 -61.59 126.68
CA THR M 153 -14.64 -60.71 125.87
C THR M 153 -15.94 -61.40 125.48
N THR M 154 -16.99 -60.58 125.35
CA THR M 154 -18.29 -61.10 124.97
C THR M 154 -18.23 -61.74 123.58
N GLY M 155 -17.68 -61.02 122.62
CA GLY M 155 -17.80 -61.36 121.21
C GLY M 155 -18.62 -60.37 120.41
N ILE M 156 -19.06 -59.27 121.01
CA ILE M 156 -19.88 -58.26 120.34
C ILE M 156 -19.34 -56.88 120.72
N THR M 157 -18.67 -56.21 119.77
CA THR M 157 -18.27 -54.82 119.94
C THR M 157 -19.36 -53.92 119.35
N ARG M 158 -19.80 -52.93 120.11
CA ARG M 158 -20.79 -51.96 119.68
C ARG M 158 -20.11 -50.60 119.53
N THR M 159 -20.18 -50.02 118.32
CA THR M 159 -19.55 -48.74 118.03
C THR M 159 -20.60 -47.76 117.52
N GLN M 160 -20.72 -46.62 118.20
CA GLN M 160 -21.56 -45.54 117.70
C GLN M 160 -20.85 -44.88 116.52
N THR M 161 -21.57 -44.72 115.40
CA THR M 161 -21.02 -44.09 114.20
C THR M 161 -21.89 -42.92 113.77
N SER M 162 -21.24 -41.86 113.30
CA SER M 162 -21.95 -40.74 112.71
C SER M 162 -22.44 -41.03 111.28
N VAL M 163 -21.81 -41.98 110.57
CA VAL M 163 -22.22 -42.27 109.20
C VAL M 163 -23.54 -43.02 109.20
N THR M 164 -24.22 -42.96 108.05
CA THR M 164 -25.53 -43.58 107.88
C THR M 164 -25.51 -44.71 106.86
N PHE M 165 -24.78 -44.56 105.77
CA PHE M 165 -24.71 -45.52 104.68
C PHE M 165 -23.35 -46.21 104.70
N PHE M 166 -23.30 -47.40 104.09
CA PHE M 166 -22.04 -48.11 103.94
C PHE M 166 -22.04 -48.86 102.61
N THR M 167 -20.84 -49.03 102.06
CA THR M 167 -20.65 -49.34 100.65
C THR M 167 -19.87 -50.64 100.49
N THR M 168 -19.68 -51.03 99.23
CA THR M 168 -18.70 -52.03 98.84
C THR M 168 -17.28 -51.50 98.90
N SER M 169 -17.11 -50.26 99.35
CA SER M 169 -15.79 -49.70 99.63
C SER M 169 -15.17 -50.29 100.89
N ASP M 170 -15.94 -51.08 101.64
CA ASP M 170 -15.50 -51.72 102.88
C ASP M 170 -15.10 -50.72 103.94
N GLU M 171 -15.49 -49.45 103.79
CA GLU M 171 -15.14 -48.41 104.74
C GLU M 171 -15.72 -48.65 106.14
N VAL M 172 -16.80 -49.42 106.26
CA VAL M 172 -17.33 -49.73 107.59
C VAL M 172 -16.39 -50.64 108.38
N LYS M 173 -15.52 -51.38 107.69
CA LYS M 173 -14.58 -52.25 108.39
C LYS M 173 -13.57 -51.45 109.20
N PHE M 174 -13.03 -50.38 108.63
CA PHE M 174 -11.94 -49.64 109.26
C PHE M 174 -12.46 -48.64 110.28
N ALA M 175 -11.62 -48.32 111.27
CA ALA M 175 -12.03 -47.45 112.37
C ALA M 175 -12.20 -46.01 111.93
N SER M 176 -11.34 -45.53 111.01
CA SER M 176 -11.36 -44.15 110.56
C SER M 176 -12.68 -43.77 109.90
N SER M 177 -13.43 -44.76 109.42
CA SER M 177 -14.68 -44.54 108.73
C SER M 177 -15.85 -45.06 109.56
N GLY M 178 -15.81 -44.81 110.87
CA GLY M 178 -16.94 -45.14 111.73
C GLY M 178 -17.27 -46.61 111.64
N GLY M 179 -16.29 -47.46 111.89
CA GLY M 179 -16.51 -48.90 111.95
C GLY M 179 -15.41 -49.63 112.67
N GLU M 180 -15.76 -50.49 113.62
CA GLU M 180 -14.75 -51.01 114.53
C GLU M 180 -13.63 -51.71 113.75
N ASP M 181 -12.39 -51.51 114.21
CA ASP M 181 -11.23 -52.15 113.63
C ASP M 181 -11.40 -53.67 113.62
N ALA M 182 -11.03 -54.29 112.49
CA ALA M 182 -11.13 -55.73 112.37
C ALA M 182 -10.16 -56.44 113.31
N TRP M 183 -10.65 -57.45 114.02
CA TRP M 183 -9.78 -58.29 114.82
C TRP M 183 -8.93 -59.17 113.91
N PRO M 184 -7.77 -59.63 114.40
CA PRO M 184 -6.84 -60.33 113.51
C PRO M 184 -7.49 -61.53 112.83
N ALA M 185 -7.15 -61.70 111.55
CA ALA M 185 -7.88 -62.63 110.68
C ALA M 185 -7.61 -64.09 111.04
N ASP M 186 -6.41 -64.43 111.51
CA ASP M 186 -6.10 -65.81 111.81
C ASP M 186 -6.75 -66.26 113.12
N ARG M 187 -6.85 -65.37 114.10
CA ARG M 187 -7.43 -65.77 115.38
C ARG M 187 -8.96 -65.80 115.32
N TYR M 188 -9.59 -64.80 114.70
CA TYR M 188 -11.04 -64.69 114.70
C TYR M 188 -11.56 -64.47 113.28
N LEU M 189 -12.85 -64.71 113.11
CA LEU M 189 -13.54 -64.39 111.89
C LEU M 189 -14.42 -63.17 112.17
N ASN M 190 -14.11 -62.07 111.47
CA ASN M 190 -14.69 -60.77 111.77
C ASN M 190 -16.05 -60.59 111.12
N ILE M 191 -16.93 -59.88 111.83
CA ILE M 191 -18.31 -59.65 111.44
C ILE M 191 -18.61 -58.17 111.59
N TRP M 192 -19.30 -57.60 110.61
CA TRP M 192 -19.80 -56.24 110.70
C TRP M 192 -21.30 -56.25 110.45
N VAL M 193 -22.06 -55.67 111.37
CA VAL M 193 -23.52 -55.56 111.24
C VAL M 193 -23.90 -54.11 111.37
N CYS M 194 -24.49 -53.54 110.32
CA CYS M 194 -24.90 -52.14 110.31
C CYS M 194 -26.28 -52.05 109.69
N HIS M 195 -26.82 -50.84 109.68
CA HIS M 195 -28.21 -50.64 109.31
C HIS M 195 -28.42 -50.47 107.80
N VAL M 196 -27.48 -49.87 107.08
CA VAL M 196 -27.67 -49.54 105.68
C VAL M 196 -26.47 -50.01 104.89
N LEU M 197 -26.70 -50.85 103.89
CA LEU M 197 -25.64 -51.33 103.02
C LEU M 197 -26.02 -51.11 101.56
N LYS M 198 -25.11 -50.50 100.81
CA LYS M 198 -25.35 -50.10 99.44
C LYS M 198 -24.18 -50.50 98.56
N SER M 199 -24.45 -50.67 97.27
CA SER M 199 -23.45 -51.01 96.27
C SER M 199 -22.91 -49.74 95.62
N GLU M 200 -21.84 -49.91 94.84
CA GLU M 200 -21.35 -48.79 94.03
C GLU M 200 -22.34 -48.44 92.92
N ILE M 201 -23.02 -49.45 92.36
CA ILE M 201 -24.16 -49.21 91.48
C ILE M 201 -25.24 -48.45 92.23
N GLY M 202 -25.27 -48.58 93.55
CA GLY M 202 -26.26 -47.94 94.40
C GLY M 202 -27.30 -48.91 94.91
N GLN M 203 -27.53 -50.02 94.21
CA GLN M 203 -28.54 -50.97 94.61
C GLN M 203 -28.27 -51.46 96.04
N ASP M 204 -29.29 -51.38 96.88
CA ASP M 204 -29.11 -51.70 98.29
C ASP M 204 -28.80 -53.18 98.45
N ILE M 205 -27.70 -53.49 99.10
CA ILE M 205 -27.27 -54.85 99.29
C ILE M 205 -27.65 -55.30 100.70
N LEU M 206 -27.76 -56.61 100.87
CA LEU M 206 -28.01 -57.19 102.17
C LEU M 206 -26.73 -57.53 102.90
N GLY M 207 -25.63 -57.68 102.16
CA GLY M 207 -24.35 -58.02 102.74
C GLY M 207 -23.36 -58.34 101.65
N TYR M 208 -22.12 -58.52 102.06
CA TYR M 208 -21.06 -58.93 101.15
C TYR M 208 -20.15 -59.89 101.89
N ALA M 209 -18.95 -60.09 101.34
CA ALA M 209 -17.95 -60.96 101.92
C ALA M 209 -16.65 -60.70 101.21
N GLN M 210 -15.54 -60.93 101.89
CA GLN M 210 -14.22 -60.81 101.29
C GLN M 210 -13.63 -62.21 101.15
N PHE M 211 -13.09 -62.51 99.96
CA PHE M 211 -12.65 -63.84 99.68
C PHE M 211 -11.37 -64.18 100.43
N PRO M 212 -11.12 -65.46 100.64
CA PRO M 212 -9.99 -65.86 101.47
C PRO M 212 -8.67 -65.57 100.79
N GLY M 213 -7.64 -65.48 101.62
CA GLY M 213 -6.35 -64.97 101.19
C GLY M 213 -6.34 -63.49 100.96
N GLY M 214 -7.45 -62.80 101.27
CA GLY M 214 -7.53 -61.38 101.09
C GLY M 214 -6.76 -60.64 102.15
N PRO M 215 -6.52 -59.36 101.92
CA PRO M 215 -5.79 -58.55 102.89
C PRO M 215 -6.48 -58.56 104.25
N ALA M 216 -5.65 -58.57 105.29
CA ALA M 216 -6.10 -58.98 106.62
C ALA M 216 -7.26 -58.12 107.12
N GLU M 217 -7.12 -56.81 107.02
CA GLU M 217 -8.04 -55.91 107.69
C GLU M 217 -9.45 -55.96 107.11
N THR M 218 -9.65 -56.61 105.97
CA THR M 218 -10.97 -56.83 105.41
C THR M 218 -11.38 -58.31 105.49
N ASP M 219 -10.57 -59.16 106.12
CA ASP M 219 -10.77 -60.61 106.11
C ASP M 219 -11.94 -61.03 106.98
N GLY M 220 -13.13 -60.72 106.51
CA GLY M 220 -14.35 -60.99 107.24
C GLY M 220 -15.52 -60.77 106.32
N VAL M 221 -16.69 -60.65 106.93
CA VAL M 221 -17.93 -60.53 106.18
C VAL M 221 -18.79 -59.47 106.85
N VAL M 222 -19.66 -58.84 106.06
CA VAL M 222 -20.58 -57.82 106.55
C VAL M 222 -22.00 -58.18 106.12
N ILE M 223 -22.93 -58.13 107.06
CA ILE M 223 -24.35 -58.37 106.81
C ILE M 223 -25.13 -57.22 107.43
N VAL M 224 -26.13 -56.73 106.70
CA VAL M 224 -26.96 -55.66 107.24
C VAL M 224 -27.70 -56.17 108.48
N ASP M 225 -28.21 -55.24 109.27
CA ASP M 225 -28.85 -55.63 110.52
C ASP M 225 -30.18 -56.35 110.29
N ALA M 226 -30.88 -56.07 109.21
CA ALA M 226 -32.19 -56.70 109.03
C ALA M 226 -32.11 -58.10 108.42
N ALA M 227 -30.91 -58.61 108.15
CA ALA M 227 -30.72 -59.97 107.68
C ALA M 227 -30.03 -60.85 108.70
N PHE M 228 -29.74 -60.30 109.88
CA PHE M 228 -28.86 -60.89 110.87
C PHE M 228 -29.71 -61.46 112.00
N GLY M 229 -29.92 -62.77 111.96
CA GLY M 229 -30.61 -63.42 113.06
C GLY M 229 -32.09 -63.62 112.81
N THR M 230 -32.76 -64.10 113.86
CA THR M 230 -34.15 -64.54 113.80
C THR M 230 -35.09 -63.72 114.68
N THR M 231 -34.65 -62.57 115.19
CA THR M 231 -35.51 -61.75 116.04
C THR M 231 -34.93 -60.34 116.08
N GLY M 232 -35.54 -59.49 116.91
CA GLY M 232 -35.09 -58.11 117.01
C GLY M 232 -35.30 -57.38 115.69
N THR M 233 -34.24 -56.69 115.23
CA THR M 233 -34.32 -55.93 113.99
C THR M 233 -34.27 -56.81 112.74
N ALA M 234 -34.13 -58.14 112.90
CA ALA M 234 -34.14 -59.06 111.77
C ALA M 234 -35.53 -59.12 111.16
N LEU M 235 -35.60 -59.04 109.83
CA LEU M 235 -36.85 -58.97 109.09
C LEU M 235 -36.85 -59.96 107.93
N PRO M 236 -38.02 -60.52 107.59
CA PRO M 236 -38.09 -61.53 106.53
C PRO M 236 -38.16 -60.87 105.15
N PRO M 237 -37.78 -61.60 104.08
CA PRO M 237 -37.34 -63.01 104.01
C PRO M 237 -35.87 -63.23 104.34
N PHE M 238 -35.37 -62.56 105.38
CA PHE M 238 -34.04 -62.80 105.94
C PHE M 238 -34.11 -62.99 107.45
N ASP M 239 -35.28 -63.39 107.95
CA ASP M 239 -35.47 -63.70 109.37
C ASP M 239 -34.83 -65.04 109.74
N LYS M 240 -34.76 -65.98 108.82
CA LYS M 240 -34.06 -67.23 109.10
C LYS M 240 -32.56 -67.02 109.29
N GLY M 241 -32.04 -65.86 108.90
CA GLY M 241 -30.63 -65.58 109.07
C GLY M 241 -29.70 -66.28 108.11
N ARG M 242 -30.25 -66.99 107.12
CA ARG M 242 -29.42 -67.64 106.10
C ARG M 242 -28.67 -66.63 105.25
N THR M 243 -29.05 -65.35 105.31
CA THR M 243 -28.34 -64.32 104.56
C THR M 243 -26.87 -64.27 104.94
N ALA M 244 -26.59 -64.32 106.24
CA ALA M 244 -25.21 -64.45 106.69
C ALA M 244 -24.60 -65.78 106.24
N THR M 245 -25.37 -66.88 106.32
CA THR M 245 -24.86 -68.16 105.87
C THR M 245 -24.29 -68.08 104.47
N HIS M 246 -24.99 -67.35 103.60
CA HIS M 246 -24.62 -67.25 102.18
C HIS M 246 -23.30 -66.53 101.99
N ALA M 247 -23.21 -65.27 102.45
CA ALA M 247 -21.96 -64.53 102.35
C ALA M 247 -20.86 -65.14 103.23
N ILE M 248 -21.20 -66.04 104.15
CA ILE M 248 -20.17 -66.84 104.82
C ILE M 248 -19.45 -67.72 103.81
N GLY M 249 -20.21 -68.34 102.92
CA GLY M 249 -19.64 -69.27 101.96
C GLY M 249 -18.57 -68.65 101.10
N HIS M 250 -18.70 -67.35 100.80
CA HIS M 250 -17.61 -66.63 100.18
C HIS M 250 -16.39 -66.54 101.10
N TRP M 251 -16.58 -66.65 102.41
CA TRP M 251 -15.42 -66.70 103.30
C TRP M 251 -14.81 -68.08 103.35
N LEU M 252 -15.57 -69.08 102.92
CA LEU M 252 -15.06 -70.40 102.65
C LEU M 252 -14.65 -70.58 101.20
N ASN M 253 -14.62 -69.50 100.43
CA ASN M 253 -14.19 -69.52 99.04
C ASN M 253 -15.17 -70.30 98.16
N LEU M 254 -16.46 -70.03 98.35
CA LEU M 254 -17.52 -70.58 97.51
C LEU M 254 -18.01 -69.52 96.54
N TYR M 255 -17.90 -69.80 95.24
CA TYR M 255 -18.51 -68.94 94.24
C TYR M 255 -20.03 -69.14 94.22
N HIS M 256 -20.75 -68.08 93.88
CA HIS M 256 -22.15 -68.23 93.52
C HIS M 256 -22.33 -69.35 92.52
N ILE M 257 -23.50 -69.99 92.53
CA ILE M 257 -23.72 -71.15 91.66
C ILE M 257 -23.57 -70.79 90.20
N TRP M 258 -23.86 -69.54 89.83
CA TRP M 258 -23.95 -69.16 88.44
C TRP M 258 -22.61 -68.76 87.82
N GLY M 259 -21.52 -68.79 88.58
CA GLY M 259 -20.26 -68.18 88.17
C GLY M 259 -20.16 -66.81 88.81
N ASP M 260 -20.02 -65.76 88.00
CA ASP M 260 -20.41 -64.45 88.49
C ASP M 260 -20.64 -63.49 87.33
N GLU M 261 -21.35 -62.39 87.66
CA GLU M 261 -21.52 -61.28 86.74
C GLU M 261 -20.35 -60.31 86.74
N LEU M 262 -19.45 -60.38 87.73
CA LEU M 262 -18.11 -59.81 87.56
C LEU M 262 -17.45 -60.41 86.32
N ARG M 263 -17.65 -61.71 86.10
CA ARG M 263 -16.95 -62.41 85.05
C ARG M 263 -17.55 -62.05 83.69
N PHE M 264 -16.68 -61.60 82.77
CA PHE M 264 -17.11 -61.34 81.41
C PHE M 264 -17.10 -62.66 80.64
N GLU M 265 -18.28 -63.19 80.36
CA GLU M 265 -18.38 -64.40 79.56
C GLU M 265 -19.83 -64.55 79.09
N ASP M 266 -20.02 -65.46 78.15
CA ASP M 266 -21.36 -65.99 77.92
C ASP M 266 -21.81 -66.72 79.18
N PRO M 267 -23.06 -66.55 79.62
CA PRO M 267 -23.41 -66.88 81.01
C PRO M 267 -23.23 -68.33 81.37
N CYS M 268 -23.20 -69.23 80.38
CA CYS M 268 -23.02 -70.64 80.66
C CYS M 268 -21.58 -71.02 80.95
N SER M 269 -20.62 -70.22 80.53
CA SER M 269 -19.23 -70.58 80.73
C SER M 269 -18.64 -69.99 81.99
N ARG M 270 -19.46 -69.40 82.85
CA ARG M 270 -19.07 -69.03 84.21
C ARG M 270 -19.61 -70.07 85.18
N SER M 271 -18.73 -70.60 86.03
CA SER M 271 -19.08 -71.73 86.88
C SER M 271 -18.53 -71.50 88.29
N ASP M 272 -19.16 -72.16 89.27
CA ASP M 272 -18.76 -72.11 90.68
C ASP M 272 -17.64 -73.09 91.01
N GLU M 273 -17.13 -73.81 90.00
CA GLU M 273 -16.05 -74.78 90.15
C GLU M 273 -16.43 -75.85 91.18
N VAL M 274 -17.71 -76.20 91.18
CA VAL M 274 -18.26 -77.29 91.99
C VAL M 274 -18.99 -78.22 91.05
N ASP M 275 -18.51 -79.45 90.95
CA ASP M 275 -19.03 -80.34 89.91
C ASP M 275 -20.47 -80.75 90.17
N ASP M 276 -20.85 -80.96 91.42
CA ASP M 276 -22.15 -81.55 91.68
C ASP M 276 -23.30 -80.53 91.76
N THR M 277 -23.03 -79.22 91.58
CA THR M 277 -24.16 -78.31 91.47
C THR M 277 -24.44 -78.00 90.00
N PRO M 278 -25.71 -78.06 89.55
CA PRO M 278 -25.98 -77.93 88.10
C PRO M 278 -25.63 -76.52 87.65
N ASN M 279 -24.73 -76.42 86.67
CA ASN M 279 -24.16 -75.12 86.32
C ASN M 279 -25.26 -74.26 85.72
N GLN M 280 -25.81 -73.37 86.54
CA GLN M 280 -26.79 -72.39 86.13
C GLN M 280 -26.07 -71.09 85.80
N ALA M 281 -26.83 -70.16 85.24
CA ALA M 281 -26.29 -68.85 84.93
C ALA M 281 -27.11 -67.70 85.50
N ASP M 282 -28.35 -67.94 85.93
CA ASP M 282 -29.22 -66.90 86.43
C ASP M 282 -29.58 -67.15 87.88
N PRO M 283 -29.24 -66.25 88.79
CA PRO M 283 -29.76 -66.36 90.15
C PRO M 283 -31.29 -66.30 90.19
N ASN M 284 -31.88 -67.15 91.04
CA ASN M 284 -33.31 -67.12 91.34
C ASN M 284 -33.50 -66.47 92.70
N PHE M 285 -34.38 -65.47 92.78
CA PHE M 285 -34.72 -64.87 94.05
C PHE M 285 -36.12 -65.31 94.46
N GLY M 286 -36.50 -64.89 95.66
CA GLY M 286 -37.79 -65.31 96.21
C GLY M 286 -37.75 -66.78 96.57
N CYS M 287 -38.86 -67.47 96.28
CA CYS M 287 -38.89 -68.90 96.40
C CYS M 287 -39.35 -69.52 95.09
N PRO M 288 -38.60 -70.48 94.56
CA PRO M 288 -38.90 -70.99 93.21
C PRO M 288 -39.76 -72.25 93.22
N SER M 289 -40.30 -72.57 92.07
CA SER M 289 -41.03 -73.82 91.84
C SER M 289 -40.11 -74.79 91.10
N TYR M 290 -39.96 -76.00 91.65
CA TYR M 290 -39.08 -76.99 91.05
C TYR M 290 -39.67 -77.47 89.72
N PRO M 291 -38.87 -77.58 88.66
CA PRO M 291 -37.47 -77.15 88.55
C PRO M 291 -37.28 -75.86 87.75
N HIS M 292 -36.21 -75.11 88.03
CA HIS M 292 -35.83 -73.96 87.24
C HIS M 292 -34.63 -74.35 86.40
N VAL M 293 -34.77 -74.26 85.08
CA VAL M 293 -33.85 -74.88 84.14
C VAL M 293 -32.97 -73.79 83.52
N SER M 294 -31.70 -73.73 83.94
CA SER M 294 -30.76 -72.70 83.47
C SER M 294 -29.52 -73.37 82.90
N CYS M 295 -29.19 -73.02 81.65
CA CYS M 295 -28.13 -73.69 80.91
C CYS M 295 -28.35 -75.20 80.88
N SER M 296 -29.50 -75.57 80.33
CA SER M 296 -29.99 -76.96 80.35
C SER M 296 -30.05 -77.39 81.80
N ASN M 297 -29.37 -78.46 82.21
CA ASN M 297 -29.43 -79.15 83.52
C ASN M 297 -30.82 -79.68 83.86
N GLY M 298 -31.71 -79.75 82.88
CA GLY M 298 -33.02 -80.31 83.08
C GLY M 298 -32.99 -81.82 83.05
N PRO M 299 -33.99 -82.44 83.65
CA PRO M 299 -35.06 -81.79 84.43
C PRO M 299 -34.61 -81.59 85.88
N ASN M 300 -33.33 -81.83 86.18
CA ASN M 300 -32.81 -81.61 87.52
C ASN M 300 -33.08 -80.18 88.01
N GLY M 301 -33.03 -79.21 87.11
CA GLY M 301 -33.29 -77.83 87.50
C GLY M 301 -32.13 -77.26 88.29
N ASP M 302 -32.26 -75.97 88.58
CA ASP M 302 -31.24 -75.29 89.35
C ASP M 302 -31.26 -75.77 90.79
N MET M 303 -30.17 -75.51 91.50
CA MET M 303 -30.10 -75.86 92.91
C MET M 303 -30.45 -74.66 93.77
N PHE M 304 -31.71 -74.23 93.68
CA PHE M 304 -32.14 -73.04 94.42
C PHE M 304 -32.10 -73.28 95.92
N MET M 305 -32.19 -74.53 96.34
CA MET M 305 -32.03 -74.89 97.74
C MET M 305 -30.64 -74.56 98.27
N ASN M 306 -29.67 -74.35 97.38
CA ASN M 306 -28.32 -74.02 97.80
C ASN M 306 -28.25 -72.60 98.37
N TYR M 307 -27.47 -72.44 99.44
CA TYR M 307 -27.33 -71.14 100.09
C TYR M 307 -26.63 -70.11 99.21
N MET M 308 -25.94 -70.54 98.15
CA MET M 308 -25.25 -69.63 97.26
C MET M 308 -26.15 -69.08 96.15
N ASP M 309 -27.41 -69.48 96.10
CA ASP M 309 -28.39 -68.81 95.25
C ASP M 309 -29.05 -67.68 96.02
N TYR M 310 -29.71 -66.80 95.28
CA TYR M 310 -30.26 -65.60 95.85
C TYR M 310 -31.67 -65.78 96.38
N VAL M 311 -32.12 -67.02 96.61
CA VAL M 311 -33.49 -67.28 97.04
C VAL M 311 -33.72 -66.69 98.42
N ASP M 312 -34.98 -66.64 98.84
CA ASP M 312 -35.30 -66.26 100.21
C ASP M 312 -34.68 -67.25 101.22
N ASP M 313 -34.77 -66.87 102.50
CA ASP M 313 -34.06 -67.61 103.53
C ASP M 313 -34.64 -69.01 103.76
N LYS M 314 -35.97 -69.14 103.70
CA LYS M 314 -36.60 -70.42 103.99
C LYS M 314 -36.49 -71.42 102.85
N CYS M 315 -35.90 -71.03 101.72
CA CYS M 315 -35.76 -71.92 100.58
C CYS M 315 -34.31 -72.29 100.27
N MET M 316 -33.35 -71.48 100.71
CA MET M 316 -31.95 -71.89 100.71
C MET M 316 -31.69 -72.67 102.00
N VAL M 317 -31.38 -73.96 101.85
CA VAL M 317 -31.35 -74.85 103.01
C VAL M 317 -30.05 -75.62 103.16
N MET M 318 -29.21 -75.77 102.14
CA MET M 318 -28.20 -76.82 102.21
C MET M 318 -26.91 -76.41 101.52
N PHE M 319 -25.91 -77.28 101.67
CA PHE M 319 -24.64 -77.16 100.99
C PHE M 319 -24.33 -78.50 100.34
N THR M 320 -23.62 -78.45 99.21
CA THR M 320 -23.32 -79.66 98.47
C THR M 320 -22.04 -80.30 98.95
N GLN M 321 -21.93 -81.60 98.69
CA GLN M 321 -20.70 -82.31 99.02
C GLN M 321 -19.51 -81.67 98.30
N GLY M 322 -19.67 -81.37 97.01
CA GLY M 322 -18.59 -80.73 96.29
C GLY M 322 -18.17 -79.42 96.95
N GLN M 323 -19.15 -78.59 97.33
CA GLN M 323 -18.84 -77.31 97.93
C GLN M 323 -18.03 -77.49 99.20
N ALA M 324 -18.44 -78.43 100.05
CA ALA M 324 -17.71 -78.71 101.28
C ALA M 324 -16.26 -79.06 100.98
N THR M 325 -16.04 -79.93 99.99
CA THR M 325 -14.70 -80.28 99.56
C THR M 325 -13.91 -79.04 99.18
N ARG M 326 -14.56 -78.07 98.55
CA ARG M 326 -13.92 -76.78 98.30
C ARG M 326 -13.65 -76.04 99.60
N VAL M 327 -14.58 -76.10 100.57
CA VAL M 327 -14.30 -75.48 101.86
C VAL M 327 -13.09 -76.12 102.49
N ASN M 328 -13.02 -77.46 102.44
CA ASN M 328 -11.87 -78.18 102.97
C ASN M 328 -10.56 -77.60 102.43
N ALA M 329 -10.51 -77.37 101.12
CA ALA M 329 -9.30 -76.80 100.53
C ALA M 329 -9.02 -75.39 101.03
N CYS M 330 -10.06 -74.60 101.32
CA CYS M 330 -9.84 -73.28 101.90
C CYS M 330 -9.28 -73.36 103.32
N LEU M 331 -9.64 -74.42 104.06
CA LEU M 331 -9.21 -74.54 105.44
C LEU M 331 -7.77 -74.99 105.57
N ASP M 332 -7.35 -75.90 104.69
CA ASP M 332 -6.04 -76.50 104.85
C ASP M 332 -4.92 -75.52 104.53
N GLY M 333 -5.00 -74.83 103.40
CA GLY M 333 -3.93 -73.95 102.96
C GLY M 333 -4.06 -72.47 103.30
N PRO M 334 -5.17 -71.84 102.87
CA PRO M 334 -5.37 -70.43 103.22
C PRO M 334 -5.61 -70.20 104.71
N ARG M 335 -6.50 -70.99 105.31
CA ARG M 335 -6.96 -70.81 106.69
C ARG M 335 -6.33 -71.82 107.67
N SER M 336 -5.15 -72.34 107.36
CA SER M 336 -4.48 -73.33 108.21
C SER M 336 -4.37 -72.87 109.65
N SER M 337 -4.47 -71.57 109.90
CA SER M 337 -4.34 -71.05 111.25
C SER M 337 -5.42 -71.59 112.17
N PHE M 338 -6.68 -71.62 111.71
CA PHE M 338 -7.80 -71.92 112.59
C PHE M 338 -7.84 -73.38 113.00
N LEU M 339 -7.35 -74.28 112.16
CA LEU M 339 -7.40 -75.70 112.47
C LEU M 339 -6.52 -76.03 113.66
N ALA M 340 -5.37 -75.35 113.78
CA ALA M 340 -4.34 -75.71 114.76
C ALA M 340 -4.67 -75.29 116.19
N ARG M 341 -5.75 -74.52 116.40
CA ARG M 341 -6.07 -73.94 117.70
C ARG M 341 -6.19 -74.96 118.83
N PRO N 36 -18.31 -106.62 66.97
CA PRO N 36 -18.51 -105.71 68.11
C PRO N 36 -17.27 -104.85 68.47
N THR N 37 -16.72 -104.07 67.52
CA THR N 37 -15.55 -103.23 67.77
C THR N 37 -16.00 -101.92 68.42
N GLN N 38 -15.64 -101.74 69.67
CA GLN N 38 -16.03 -100.56 70.44
C GLN N 38 -14.83 -99.63 70.57
N ARG N 39 -15.11 -98.35 70.76
CA ARG N 39 -14.02 -97.41 70.97
C ARG N 39 -13.52 -97.50 72.40
N ARG N 40 -12.21 -97.66 72.57
CA ARG N 40 -11.60 -97.81 73.89
C ARG N 40 -10.26 -97.10 73.91
N CYS N 41 -10.14 -96.08 74.73
CA CYS N 41 -8.98 -95.20 74.77
C CYS N 41 -8.19 -95.48 76.04
N GLY N 42 -6.98 -95.99 75.88
CA GLY N 42 -6.17 -96.27 77.04
C GLY N 42 -5.49 -95.09 77.67
N ALA N 43 -5.60 -93.90 77.08
CA ALA N 43 -4.82 -92.75 77.54
C ALA N 43 -5.01 -92.48 79.02
N MET N 44 -6.20 -92.76 79.53
CA MET N 44 -6.44 -92.59 80.94
C MET N 44 -5.84 -93.73 81.76
N GLU N 45 -5.76 -94.93 81.18
CA GLU N 45 -5.03 -96.00 81.85
C GLU N 45 -3.57 -95.62 82.05
N VAL N 46 -2.99 -94.93 81.07
CA VAL N 46 -1.66 -94.36 81.25
C VAL N 46 -1.65 -93.39 82.41
N HIS N 47 -2.75 -92.66 82.60
CA HIS N 47 -2.72 -91.50 83.50
C HIS N 47 -2.53 -91.92 84.97
N HIS N 48 -3.20 -92.97 85.44
CA HIS N 48 -2.87 -93.46 86.77
C HIS N 48 -1.38 -93.81 86.85
N ARG N 49 -0.91 -94.65 85.91
CA ARG N 49 0.47 -95.11 85.98
C ARG N 49 1.44 -93.94 85.83
N LEU N 50 0.98 -92.82 85.25
CA LEU N 50 1.80 -91.62 85.18
C LEU N 50 2.05 -91.02 86.57
N LEU N 51 1.08 -91.12 87.47
CA LEU N 51 1.16 -90.38 88.73
C LEU N 51 2.35 -90.82 89.55
N ARG N 52 2.68 -92.10 89.50
CA ARG N 52 3.46 -92.72 90.58
C ARG N 52 4.83 -92.06 90.78
N SER N 53 5.55 -91.77 89.68
CA SER N 53 6.92 -91.27 89.84
C SER N 53 6.98 -89.88 90.46
N ALA N 54 5.85 -89.18 90.49
CA ALA N 54 5.67 -87.91 91.17
C ALA N 54 6.50 -86.83 90.50
N SER N 55 7.39 -87.23 89.60
CA SER N 55 8.03 -86.27 88.73
C SER N 55 7.00 -85.69 87.78
N TYR N 56 6.13 -86.56 87.29
CA TYR N 56 4.95 -86.16 86.52
C TYR N 56 3.94 -85.43 87.37
N VAL N 57 3.98 -85.65 88.69
CA VAL N 57 3.02 -84.98 89.55
C VAL N 57 3.35 -83.51 89.70
N ARG N 58 4.64 -83.17 89.85
CA ARG N 58 5.01 -81.76 89.94
C ARG N 58 4.50 -80.99 88.73
N GLU N 59 4.83 -81.48 87.52
CA GLU N 59 4.47 -80.78 86.30
C GLU N 59 2.96 -80.69 86.14
N ARG N 60 2.26 -81.78 86.45
CA ARG N 60 0.82 -81.83 86.18
C ARG N 60 0.05 -80.81 87.01
N ASP N 61 0.49 -80.52 88.23
CA ASP N 61 -0.14 -79.46 89.00
C ASP N 61 0.09 -78.10 88.36
N GLN N 62 1.34 -77.78 88.03
CA GLN N 62 1.61 -76.52 87.35
C GLN N 62 0.81 -76.42 86.07
N ILE N 63 0.67 -77.54 85.33
CA ILE N 63 -0.02 -77.52 84.06
C ILE N 63 -1.49 -77.18 84.24
N GLU N 64 -2.09 -77.61 85.32
CA GLU N 64 -3.52 -77.37 85.50
C GLU N 64 -3.83 -75.99 86.04
N ASN N 65 -2.89 -75.34 86.73
CA ASN N 65 -3.17 -74.00 87.24
C ASN N 65 -3.30 -72.99 86.11
N LEU N 66 -2.48 -73.13 85.07
CA LEU N 66 -2.65 -72.32 83.86
C LEU N 66 -4.00 -72.60 83.22
N ALA N 67 -4.33 -73.88 83.00
CA ALA N 67 -5.62 -74.24 82.42
C ALA N 67 -6.78 -73.90 83.33
N LEU N 68 -6.52 -73.67 84.63
CA LEU N 68 -7.56 -73.17 85.52
C LEU N 68 -7.67 -71.65 85.41
N LYS N 69 -6.55 -70.95 85.61
CA LYS N 69 -6.58 -69.50 85.53
C LYS N 69 -7.05 -69.03 84.15
N TYR N 70 -6.68 -69.75 83.10
CA TYR N 70 -7.27 -69.47 81.80
C TYR N 70 -8.78 -69.66 81.84
N LYS N 71 -9.24 -70.68 82.54
CA LYS N 71 -10.67 -70.99 82.55
C LYS N 71 -11.48 -69.85 83.14
N GLN N 72 -11.06 -69.34 84.30
CA GLN N 72 -11.85 -68.31 84.98
C GLN N 72 -11.88 -67.05 84.16
N GLY N 73 -10.87 -66.85 83.31
CA GLY N 73 -10.70 -65.68 82.47
C GLY N 73 -9.46 -64.86 82.78
N PHE N 74 -8.71 -65.21 83.83
CA PHE N 74 -7.73 -64.31 84.43
C PHE N 74 -6.79 -63.71 83.38
N ARG N 75 -6.02 -64.57 82.71
CA ARG N 75 -5.11 -64.14 81.66
C ARG N 75 -5.52 -64.81 80.37
N ALA N 76 -5.79 -64.01 79.35
CA ALA N 76 -6.22 -64.54 78.07
C ALA N 76 -5.58 -63.79 76.92
N ILE N 77 -4.29 -63.44 77.07
CA ILE N 77 -3.56 -62.91 75.92
C ILE N 77 -3.52 -64.03 74.89
N SER N 78 -4.25 -63.86 73.79
CA SER N 78 -4.38 -64.90 72.79
C SER N 78 -3.42 -64.60 71.66
N ARG N 79 -2.72 -65.63 71.20
CA ARG N 79 -1.96 -65.52 69.97
C ARG N 79 -2.93 -65.39 68.80
N MET N 80 -2.65 -64.47 67.89
CA MET N 80 -3.43 -64.30 66.67
C MET N 80 -2.60 -64.69 65.45
N GLU N 81 -1.83 -65.77 65.62
CA GLU N 81 -1.15 -66.50 64.56
C GLU N 81 -1.27 -67.98 64.87
N ILE N 82 -1.72 -68.77 63.90
CA ILE N 82 -1.80 -70.21 64.13
C ILE N 82 -0.39 -70.78 64.15
N VAL N 83 -0.19 -71.83 64.94
CA VAL N 83 1.12 -72.47 65.08
C VAL N 83 1.07 -73.81 64.34
N LYS N 84 2.06 -74.04 63.49
CA LYS N 84 2.23 -75.29 62.78
C LYS N 84 3.33 -76.12 63.46
N ILE N 85 3.07 -77.42 63.64
CA ILE N 85 3.80 -78.24 64.59
C ILE N 85 4.41 -79.43 63.86
N PRO N 86 5.71 -79.66 64.01
CA PRO N 86 6.36 -80.78 63.31
C PRO N 86 6.01 -82.12 63.94
N VAL N 87 5.76 -83.12 63.09
CA VAL N 87 5.27 -84.42 63.50
C VAL N 87 6.07 -85.51 62.80
N VAL N 88 6.40 -86.57 63.53
CA VAL N 88 7.05 -87.75 62.97
C VAL N 88 6.19 -88.96 63.29
N VAL N 89 5.98 -89.81 62.28
CA VAL N 89 5.20 -91.03 62.42
C VAL N 89 6.15 -92.21 62.52
N HIS N 90 5.96 -93.06 63.54
CA HIS N 90 6.73 -94.29 63.70
C HIS N 90 5.79 -95.44 63.39
N VAL N 91 6.05 -96.12 62.28
CA VAL N 91 5.31 -97.33 61.92
C VAL N 91 6.11 -98.52 62.41
N VAL N 92 5.46 -99.40 63.18
CA VAL N 92 6.09 -100.64 63.62
C VAL N 92 5.24 -101.77 63.07
N TRP N 93 5.77 -102.46 62.08
CA TRP N 93 5.02 -103.47 61.36
C TRP N 93 5.64 -104.82 61.63
N ASN N 94 4.82 -105.75 62.10
CA ASN N 94 5.22 -107.14 62.14
C ASN N 94 5.16 -107.77 60.76
N GLU N 95 4.28 -107.27 59.90
CA GLU N 95 4.17 -107.69 58.51
C GLU N 95 3.97 -106.45 57.66
N GLU N 96 4.20 -106.60 56.35
CA GLU N 96 4.09 -105.44 55.45
C GLU N 96 2.67 -104.91 55.34
N GLU N 97 1.66 -105.80 55.39
CA GLU N 97 0.27 -105.34 55.38
C GLU N 97 -0.01 -104.43 56.56
N GLU N 98 0.60 -104.72 57.71
CA GLU N 98 0.56 -103.81 58.86
C GLU N 98 1.24 -102.48 58.51
N ASN N 99 2.40 -102.53 57.87
CA ASN N 99 3.07 -101.32 57.45
C ASN N 99 2.14 -100.54 56.53
N ILE N 100 1.90 -99.32 56.87
CA ILE N 100 0.86 -98.54 56.22
C ILE N 100 1.49 -97.81 55.04
N SER N 101 0.70 -97.65 53.98
CA SER N 101 1.14 -96.86 52.84
C SER N 101 1.40 -95.42 53.28
N ASP N 102 2.29 -94.74 52.57
CA ASP N 102 2.50 -93.32 52.82
C ASP N 102 1.24 -92.52 52.51
N ALA N 103 0.56 -92.86 51.41
CA ALA N 103 -0.70 -92.23 51.07
C ALA N 103 -1.70 -92.33 52.22
N GLN N 104 -1.70 -93.47 52.90
CA GLN N 104 -2.52 -93.62 54.10
C GLN N 104 -2.10 -92.62 55.18
N ILE N 105 -0.79 -92.46 55.39
CA ILE N 105 -0.32 -91.56 56.44
C ILE N 105 -0.78 -90.14 56.17
N GLN N 106 -0.72 -89.72 54.91
CA GLN N 106 -1.10 -88.35 54.57
C GLN N 106 -2.58 -88.09 54.80
N SER N 107 -3.43 -89.05 54.43
CA SER N 107 -4.88 -88.87 54.57
C SER N 107 -5.24 -88.50 56.00
N GLN N 108 -4.51 -89.05 56.97
CA GLN N 108 -4.68 -88.67 58.37
C GLN N 108 -4.15 -87.26 58.60
N ILE N 109 -2.96 -86.96 58.10
CA ILE N 109 -2.38 -85.64 58.31
C ILE N 109 -3.32 -84.56 57.82
N ASP N 110 -3.92 -84.78 56.65
CA ASP N 110 -4.83 -83.78 56.08
C ASP N 110 -6.08 -83.63 56.92
N ILE N 111 -6.66 -84.76 57.37
CA ILE N 111 -7.95 -84.69 58.06
C ILE N 111 -7.81 -83.94 59.39
N LEU N 112 -6.61 -83.98 60.00
CA LEU N 112 -6.39 -83.22 61.23
C LEU N 112 -6.40 -81.73 60.97
N ASN N 113 -5.68 -81.28 59.93
CA ASN N 113 -5.66 -79.87 59.58
C ASN N 113 -7.01 -79.35 59.12
N LYS N 114 -7.91 -80.25 58.65
CA LYS N 114 -9.31 -79.87 58.45
C LYS N 114 -10.04 -79.76 59.79
N ASP N 115 -9.80 -80.70 60.72
CA ASP N 115 -10.60 -80.76 61.95
C ASP N 115 -10.30 -79.61 62.90
N PHE N 116 -9.06 -79.13 62.92
CA PHE N 116 -8.61 -78.25 63.99
C PHE N 116 -8.79 -76.77 63.69
N ARG N 117 -9.05 -76.42 62.45
CA ARG N 117 -9.25 -75.02 62.08
C ARG N 117 -10.71 -74.74 61.70
N LYS N 118 -11.63 -75.63 62.08
CA LYS N 118 -13.04 -75.58 61.70
C LYS N 118 -13.25 -75.82 60.20
N LEU N 119 -12.39 -76.62 59.58
CA LEU N 119 -12.43 -76.83 58.13
C LEU N 119 -13.14 -78.10 57.70
N ASN N 120 -13.48 -78.98 58.63
CA ASN N 120 -14.05 -80.26 58.25
C ASN N 120 -15.45 -80.07 57.70
N SER N 121 -15.76 -80.84 56.65
CA SER N 121 -17.11 -80.81 56.09
C SER N 121 -18.14 -81.17 57.14
N ASP N 122 -17.73 -81.96 58.15
CA ASP N 122 -18.59 -82.50 59.19
C ASP N 122 -19.08 -81.45 60.20
N VAL N 123 -18.49 -80.24 60.20
CA VAL N 123 -18.86 -79.24 61.18
C VAL N 123 -20.33 -78.88 61.09
N SER N 124 -20.94 -79.11 59.92
CA SER N 124 -22.34 -78.82 59.63
C SER N 124 -23.31 -79.75 60.35
N GLN N 125 -22.82 -80.75 61.10
CA GLN N 125 -23.69 -81.68 61.79
C GLN N 125 -24.01 -81.25 63.22
N VAL N 126 -23.36 -80.22 63.72
CA VAL N 126 -23.61 -79.72 65.09
C VAL N 126 -25.02 -79.15 65.16
N PRO N 127 -25.81 -79.48 66.17
CA PRO N 127 -27.10 -78.83 66.34
C PRO N 127 -26.94 -77.34 66.51
N SER N 128 -27.95 -76.60 66.04
CA SER N 128 -27.91 -75.14 66.06
C SER N 128 -27.73 -74.59 67.47
N VAL N 129 -28.10 -75.37 68.50
CA VAL N 129 -27.93 -74.94 69.88
C VAL N 129 -26.48 -74.56 70.15
N TRP N 130 -25.53 -75.17 69.44
CA TRP N 130 -24.12 -74.99 69.72
C TRP N 130 -23.36 -74.53 68.49
N SER N 131 -24.07 -73.94 67.51
CA SER N 131 -23.39 -73.46 66.31
C SER N 131 -22.40 -72.33 66.64
N ASN N 132 -22.76 -71.46 67.60
CA ASN N 132 -21.86 -70.37 67.97
C ASN N 132 -20.83 -70.78 69.02
N LEU N 133 -20.84 -72.05 69.45
CA LEU N 133 -19.87 -72.55 70.40
C LEU N 133 -18.77 -73.38 69.75
N ILE N 134 -18.96 -73.79 68.48
CA ILE N 134 -17.90 -74.49 67.77
C ILE N 134 -16.66 -73.61 67.72
N ALA N 135 -15.48 -74.24 67.65
CA ALA N 135 -14.23 -73.50 67.76
C ALA N 135 -13.21 -73.95 66.71
N ASP N 136 -12.32 -73.03 66.40
CA ASP N 136 -11.15 -73.28 65.56
C ASP N 136 -9.95 -73.24 66.49
N LEU N 137 -9.30 -74.38 66.63
CA LEU N 137 -8.17 -74.42 67.55
C LEU N 137 -7.05 -73.51 67.10
N GLY N 138 -7.10 -73.06 65.86
CA GLY N 138 -6.02 -72.29 65.29
C GLY N 138 -4.75 -73.12 65.32
N ILE N 139 -4.83 -74.38 64.88
CA ILE N 139 -3.66 -75.25 64.88
C ILE N 139 -3.72 -76.19 63.67
N GLU N 140 -2.59 -76.25 62.94
CA GLU N 140 -2.29 -77.25 61.91
C GLU N 140 -0.93 -77.86 62.24
N PHE N 141 -0.55 -78.94 61.55
CA PHE N 141 0.76 -79.57 61.77
C PHE N 141 1.25 -80.25 60.49
N PHE N 142 2.56 -80.55 60.48
CA PHE N 142 3.24 -81.01 59.28
C PHE N 142 4.25 -82.09 59.63
N LEU N 143 4.67 -82.82 58.59
CA LEU N 143 5.70 -83.86 58.70
C LEU N 143 7.06 -83.23 58.45
N ALA N 144 7.87 -83.12 59.50
CA ALA N 144 9.04 -82.24 59.49
C ALA N 144 9.98 -82.56 58.33
N THR N 145 10.44 -81.50 57.66
CA THR N 145 11.47 -81.63 56.63
C THR N 145 12.75 -82.21 57.23
N LYS N 146 12.93 -82.09 58.54
CA LYS N 146 14.19 -82.41 59.19
C LYS N 146 13.96 -83.34 60.37
N ASP N 147 14.84 -84.32 60.53
CA ASP N 147 14.85 -85.19 61.70
C ASP N 147 15.60 -84.49 62.82
N PRO N 148 15.52 -84.99 64.06
CA PRO N 148 16.10 -84.23 65.20
C PRO N 148 17.60 -84.00 65.10
N ASN N 149 18.31 -84.80 64.30
CA ASN N 149 19.74 -84.58 64.13
C ASN N 149 20.06 -83.53 63.07
N GLY N 150 19.10 -83.16 62.22
CA GLY N 150 19.25 -82.07 61.27
C GLY N 150 19.02 -82.47 59.83
N ASN N 151 19.32 -83.72 59.48
CA ASN N 151 19.22 -84.17 58.10
C ASN N 151 17.77 -84.16 57.61
N GLN N 152 17.63 -84.01 56.30
CA GLN N 152 16.29 -83.99 55.72
C GLN N 152 15.63 -85.34 55.90
N THR N 153 14.40 -85.33 56.41
CA THR N 153 13.70 -86.57 56.72
C THR N 153 12.27 -86.50 56.21
N THR N 154 11.74 -87.68 55.87
CA THR N 154 10.38 -87.77 55.38
C THR N 154 9.38 -87.35 56.45
N GLY N 155 9.55 -87.89 57.65
CA GLY N 155 8.54 -87.82 58.69
C GLY N 155 7.87 -89.14 59.01
N ILE N 156 8.33 -90.24 58.41
CA ILE N 156 7.76 -91.57 58.64
C ILE N 156 8.91 -92.57 58.81
N THR N 157 9.14 -93.02 60.05
CA THR N 157 10.09 -94.10 60.32
C THR N 157 9.32 -95.43 60.33
N ARG N 158 9.84 -96.40 59.58
CA ARG N 158 9.26 -97.74 59.52
C ARG N 158 10.22 -98.71 60.21
N THR N 159 9.71 -99.42 61.22
CA THR N 159 10.52 -100.37 61.98
C THR N 159 9.86 -101.74 61.94
N GLN N 160 10.59 -102.74 61.47
CA GLN N 160 10.15 -104.12 61.56
C GLN N 160 10.26 -104.59 63.01
N THR N 161 9.17 -105.15 63.54
CA THR N 161 9.14 -105.66 64.92
C THR N 161 8.73 -107.13 64.94
N SER N 162 9.37 -107.88 65.83
CA SER N 162 8.98 -109.26 66.05
C SER N 162 7.71 -109.36 66.90
N VAL N 163 7.42 -108.35 67.72
CA VAL N 163 6.24 -108.43 68.59
C VAL N 163 4.97 -108.30 67.75
N THR N 164 3.86 -108.75 68.33
CA THR N 164 2.57 -108.73 67.66
C THR N 164 1.54 -107.85 68.34
N PHE N 165 1.55 -107.82 69.66
CA PHE N 165 0.60 -107.07 70.46
C PHE N 165 1.31 -105.89 71.11
N PHE N 166 0.54 -104.87 71.48
CA PHE N 166 1.08 -103.72 72.21
C PHE N 166 0.05 -103.21 73.20
N THR N 167 0.53 -102.66 74.31
CA THR N 167 -0.25 -102.47 75.53
C THR N 167 -0.30 -101.00 75.93
N THR N 168 -1.03 -100.74 77.02
CA THR N 168 -0.93 -99.48 77.73
C THR N 168 0.35 -99.38 78.54
N SER N 169 1.22 -100.39 78.43
CA SER N 169 2.55 -100.33 79.01
C SER N 169 3.47 -99.39 78.26
N ASP N 170 3.03 -98.88 77.10
CA ASP N 170 3.79 -97.97 76.24
C ASP N 170 5.10 -98.59 75.74
N GLU N 171 5.22 -99.91 75.80
CA GLU N 171 6.43 -100.60 75.36
C GLU N 171 6.70 -100.41 73.86
N VAL N 172 5.67 -100.14 73.05
CA VAL N 172 5.89 -99.91 71.63
C VAL N 172 6.66 -98.62 71.39
N LYS N 173 6.61 -97.68 72.33
CA LYS N 173 7.34 -96.43 72.18
C LYS N 173 8.85 -96.64 72.18
N PHE N 174 9.34 -97.47 73.09
CA PHE N 174 10.78 -97.60 73.29
C PHE N 174 11.38 -98.59 72.29
N ALA N 175 12.68 -98.41 72.01
CA ALA N 175 13.35 -99.23 70.99
C ALA N 175 13.54 -100.67 71.45
N SER N 176 13.86 -100.88 72.74
CA SER N 176 14.14 -102.20 73.28
C SER N 176 12.97 -103.17 73.12
N SER N 177 11.75 -102.64 72.98
CA SER N 177 10.53 -103.43 72.87
C SER N 177 9.93 -103.33 71.47
N GLY N 178 10.79 -103.36 70.45
CA GLY N 178 10.32 -103.39 69.08
C GLY N 178 9.45 -102.20 68.77
N GLY N 179 9.97 -101.00 68.97
CA GLY N 179 9.26 -99.78 68.63
C GLY N 179 10.18 -98.59 68.57
N GLU N 180 10.11 -97.81 67.50
CA GLU N 180 11.13 -96.80 67.23
C GLU N 180 11.24 -95.82 68.38
N ASP N 181 12.49 -95.47 68.73
CA ASP N 181 12.75 -94.49 69.77
C ASP N 181 12.00 -93.19 69.50
N ALA N 182 11.40 -92.64 70.54
CA ALA N 182 10.67 -91.39 70.39
C ALA N 182 11.62 -90.24 70.06
N TRP N 183 11.26 -89.42 69.07
CA TRP N 183 12.01 -88.21 68.79
C TRP N 183 11.77 -87.18 69.89
N PRO N 184 12.69 -86.24 70.09
CA PRO N 184 12.59 -85.33 71.24
C PRO N 184 11.26 -84.60 71.28
N ALA N 185 10.72 -84.44 72.51
CA ALA N 185 9.34 -84.00 72.68
C ALA N 185 9.14 -82.53 72.34
N ASP N 186 10.15 -81.68 72.60
CA ASP N 186 9.99 -80.25 72.33
C ASP N 186 10.07 -79.95 70.85
N ARG N 187 10.90 -80.68 70.09
CA ARG N 187 11.02 -80.41 68.67
C ARG N 187 9.86 -80.99 67.87
N TYR N 188 9.48 -82.24 68.15
CA TYR N 188 8.45 -82.91 67.35
C TYR N 188 7.38 -83.49 68.26
N LEU N 189 6.25 -83.83 67.65
CA LEU N 189 5.19 -84.56 68.31
C LEU N 189 5.18 -85.99 67.77
N ASN N 190 5.48 -86.94 68.64
CA ASN N 190 5.75 -88.31 68.23
C ASN N 190 4.46 -89.09 68.02
N ILE N 191 4.52 -90.00 67.04
CA ILE N 191 3.38 -90.80 66.62
C ILE N 191 3.83 -92.26 66.53
N TRP N 192 3.02 -93.17 67.03
CA TRP N 192 3.24 -94.59 66.86
C TRP N 192 2.01 -95.22 66.24
N VAL N 193 2.20 -95.93 65.13
CA VAL N 193 1.13 -96.63 64.43
C VAL N 193 1.51 -98.11 64.30
N CYS N 194 0.70 -98.98 64.90
CA CYS N 194 0.96 -100.41 64.85
C CYS N 194 -0.36 -101.13 64.62
N HIS N 195 -0.27 -102.45 64.49
CA HIS N 195 -1.40 -103.24 64.05
C HIS N 195 -2.34 -103.65 65.18
N VAL N 196 -1.80 -103.91 66.37
CA VAL N 196 -2.59 -104.48 67.47
C VAL N 196 -2.35 -103.66 68.72
N LEU N 197 -3.42 -103.09 69.29
CA LEU N 197 -3.33 -102.35 70.54
C LEU N 197 -4.34 -102.89 71.54
N LYS N 198 -3.85 -103.19 72.76
CA LYS N 198 -4.63 -103.83 73.81
C LYS N 198 -4.43 -103.10 75.14
N SER N 199 -5.43 -103.22 76.00
CA SER N 199 -5.39 -102.63 77.33
C SER N 199 -4.86 -103.65 78.33
N GLU N 200 -4.57 -103.17 79.56
CA GLU N 200 -4.22 -104.09 80.64
C GLU N 200 -5.41 -104.96 81.03
N ILE N 201 -6.61 -104.39 80.99
CA ILE N 201 -7.84 -105.18 81.11
C ILE N 201 -7.91 -106.20 79.99
N GLY N 202 -7.23 -105.94 78.86
CA GLY N 202 -7.26 -106.79 77.70
C GLY N 202 -8.11 -106.26 76.56
N GLN N 203 -9.10 -105.43 76.87
CA GLN N 203 -9.99 -104.92 75.84
C GLN N 203 -9.20 -104.18 74.77
N ASP N 204 -9.43 -104.55 73.51
CA ASP N 204 -8.65 -104.00 72.40
C ASP N 204 -8.94 -102.52 72.24
N ILE N 205 -7.89 -101.72 72.31
CA ILE N 205 -8.01 -100.29 72.21
C ILE N 205 -7.67 -99.88 70.79
N LEU N 206 -8.19 -98.72 70.39
CA LEU N 206 -7.86 -98.12 69.12
C LEU N 206 -6.67 -97.18 69.19
N GLY N 207 -6.35 -96.71 70.39
CA GLY N 207 -5.22 -95.82 70.59
C GLY N 207 -5.24 -95.28 72.01
N TYR N 208 -4.17 -94.57 72.34
CA TYR N 208 -4.08 -93.90 73.63
C TYR N 208 -3.37 -92.56 73.40
N ALA N 209 -2.90 -91.97 74.49
CA ALA N 209 -2.21 -90.69 74.47
C ALA N 209 -1.56 -90.49 75.83
N GLN N 210 -0.45 -89.76 75.85
CA GLN N 210 0.21 -89.41 77.10
C GLN N 210 -0.01 -87.94 77.36
N PHE N 211 -0.40 -87.61 78.59
CA PHE N 211 -0.78 -86.24 78.88
C PHE N 211 0.44 -85.32 78.93
N PRO N 212 0.23 -84.02 78.74
CA PRO N 212 1.35 -83.10 78.64
C PRO N 212 2.05 -82.92 79.96
N GLY N 213 3.30 -82.49 79.86
CA GLY N 213 4.20 -82.47 80.99
C GLY N 213 4.66 -83.84 81.40
N GLY N 214 4.30 -84.87 80.63
CA GLY N 214 4.70 -86.23 80.92
C GLY N 214 6.15 -86.46 80.56
N PRO N 215 6.71 -87.57 81.04
CA PRO N 215 8.12 -87.86 80.77
C PRO N 215 8.38 -87.96 79.27
N ALA N 216 9.57 -87.51 78.89
CA ALA N 216 9.83 -87.15 77.49
C ALA N 216 9.61 -88.32 76.56
N GLU N 217 10.19 -89.47 76.85
CA GLU N 217 10.24 -90.55 75.89
C GLU N 217 8.88 -91.16 75.58
N THR N 218 7.84 -90.80 76.34
CA THR N 218 6.47 -91.18 76.03
C THR N 218 5.62 -90.01 75.54
N ASP N 219 6.23 -88.84 75.35
CA ASP N 219 5.48 -87.59 75.09
C ASP N 219 4.97 -87.59 73.65
N GLY N 220 3.96 -88.42 73.43
CA GLY N 220 3.38 -88.56 72.12
C GLY N 220 2.09 -89.34 72.24
N VAL N 221 1.62 -89.84 71.10
CA VAL N 221 0.35 -90.54 71.03
C VAL N 221 0.53 -91.76 70.15
N VAL N 222 -0.30 -92.77 70.38
CA VAL N 222 -0.28 -93.99 69.59
C VAL N 222 -1.69 -94.29 69.12
N ILE N 223 -1.83 -94.61 67.83
CA ILE N 223 -3.10 -94.98 67.23
C ILE N 223 -2.85 -96.26 66.44
N VAL N 224 -3.80 -97.20 66.53
CA VAL N 224 -3.67 -98.42 65.76
C VAL N 224 -3.72 -98.09 64.27
N ASP N 225 -3.26 -99.02 63.46
CA ASP N 225 -3.19 -98.77 62.03
C ASP N 225 -4.57 -98.67 61.38
N ALA N 226 -5.59 -99.36 61.91
CA ALA N 226 -6.87 -99.35 61.24
C ALA N 226 -7.72 -98.13 61.59
N ALA N 227 -7.20 -97.23 62.43
CA ALA N 227 -7.87 -95.97 62.76
C ALA N 227 -7.15 -94.76 62.20
N PHE N 228 -6.06 -94.99 61.47
CA PHE N 228 -5.10 -93.97 61.07
C PHE N 228 -5.31 -93.65 59.59
N GLY N 229 -6.02 -92.57 59.32
CA GLY N 229 -6.16 -92.11 57.96
C GLY N 229 -7.46 -92.55 57.30
N THR N 230 -7.53 -92.27 56.00
CA THR N 230 -8.76 -92.42 55.22
C THR N 230 -8.63 -93.44 54.08
N THR N 231 -7.57 -94.25 54.07
CA THR N 231 -7.40 -95.24 53.01
C THR N 231 -6.37 -96.27 53.48
N GLY N 232 -6.01 -97.17 52.58
CA GLY N 232 -5.07 -98.24 52.93
C GLY N 232 -5.67 -99.14 53.99
N THR N 233 -4.89 -99.40 55.04
CA THR N 233 -5.34 -100.28 56.11
C THR N 233 -6.36 -99.62 57.03
N ALA N 234 -6.69 -98.35 56.79
CA ALA N 234 -7.71 -97.67 57.59
C ALA N 234 -9.08 -98.26 57.32
N LEU N 235 -9.85 -98.51 58.40
CA LEU N 235 -11.14 -99.16 58.30
C LEU N 235 -12.18 -98.42 59.13
N PRO N 236 -13.45 -98.44 58.69
CA PRO N 236 -14.50 -97.69 59.38
C PRO N 236 -15.06 -98.47 60.56
N PRO N 237 -15.65 -97.80 61.54
CA PRO N 237 -15.94 -96.36 61.64
C PRO N 237 -14.78 -95.54 62.18
N PHE N 238 -13.56 -95.80 61.69
CA PHE N 238 -12.38 -94.98 61.96
C PHE N 238 -11.65 -94.64 60.65
N ASP N 239 -12.39 -94.68 59.53
CA ASP N 239 -11.85 -94.29 58.23
C ASP N 239 -11.73 -92.77 58.11
N LYS N 240 -12.59 -92.00 58.79
CA LYS N 240 -12.42 -90.56 58.77
C LYS N 240 -11.14 -90.12 59.48
N GLY N 241 -10.48 -91.01 60.23
CA GLY N 241 -9.25 -90.68 60.90
C GLY N 241 -9.40 -89.79 62.12
N ARG N 242 -10.63 -89.50 62.54
CA ARG N 242 -10.87 -88.72 63.74
C ARG N 242 -10.40 -89.44 65.00
N THR N 243 -10.11 -90.75 64.91
CA THR N 243 -9.60 -91.50 66.05
C THR N 243 -8.30 -90.91 66.56
N ALA N 244 -7.40 -90.58 65.64
CA ALA N 244 -6.20 -89.86 66.03
C ALA N 244 -6.54 -88.46 66.57
N THR N 245 -7.49 -87.76 65.94
CA THR N 245 -7.90 -86.44 66.41
C THR N 245 -8.23 -86.45 67.89
N HIS N 246 -8.94 -87.50 68.32
CA HIS N 246 -9.42 -87.63 69.69
C HIS N 246 -8.27 -87.77 70.68
N ALA N 247 -7.45 -88.82 70.52
CA ALA N 247 -6.29 -89.01 71.37
C ALA N 247 -5.25 -87.90 71.19
N ILE N 248 -5.35 -87.10 70.14
CA ILE N 248 -4.54 -85.88 70.07
C ILE N 248 -4.94 -84.92 71.19
N GLY N 249 -6.24 -84.77 71.40
CA GLY N 249 -6.74 -83.80 72.37
C GLY N 249 -6.19 -84.04 73.76
N HIS N 250 -5.94 -85.31 74.11
CA HIS N 250 -5.20 -85.61 75.33
C HIS N 250 -3.78 -85.07 75.26
N TRP N 251 -3.22 -84.90 74.05
CA TRP N 251 -1.91 -84.29 73.97
C TRP N 251 -1.98 -82.79 74.10
N LEU N 252 -3.17 -82.24 73.90
CA LEU N 252 -3.46 -80.87 74.23
C LEU N 252 -4.06 -80.72 75.61
N ASN N 253 -4.05 -81.80 76.40
CA ASN N 253 -4.52 -81.78 77.78
C ASN N 253 -6.03 -81.58 77.86
N LEU N 254 -6.75 -82.33 77.03
CA LEU N 254 -8.20 -82.35 77.04
C LEU N 254 -8.70 -83.63 77.72
N TYR N 255 -9.48 -83.48 78.79
CA TYR N 255 -10.12 -84.64 79.38
C TYR N 255 -11.31 -85.04 78.53
N HIS N 256 -11.60 -86.35 78.54
CA HIS N 256 -12.87 -86.84 78.03
C HIS N 256 -14.01 -86.01 78.61
N ILE N 257 -15.11 -85.92 77.88
CA ILE N 257 -16.22 -85.07 78.30
C ILE N 257 -16.78 -85.52 79.65
N TRP N 258 -16.68 -86.82 79.95
CA TRP N 258 -17.38 -87.37 81.09
C TRP N 258 -16.60 -87.28 82.39
N GLY N 259 -15.39 -86.71 82.37
CA GLY N 259 -14.48 -86.81 83.50
C GLY N 259 -13.50 -87.93 83.22
N ASP N 260 -13.44 -88.94 84.09
CA ASP N 260 -12.92 -90.21 83.62
C ASP N 260 -13.35 -91.32 84.56
N GLU N 261 -13.23 -92.56 84.07
CA GLU N 261 -13.42 -93.76 84.89
C GLU N 261 -12.17 -94.17 85.66
N LEU N 262 -11.01 -93.61 85.32
CA LEU N 262 -9.90 -93.61 86.27
C LEU N 262 -10.36 -92.97 87.57
N ARG N 263 -11.14 -91.89 87.48
CA ARG N 263 -11.50 -91.11 88.66
C ARG N 263 -12.55 -91.85 89.48
N PHE N 264 -12.27 -92.05 90.76
CA PHE N 264 -13.24 -92.64 91.68
C PHE N 264 -14.18 -91.54 92.13
N GLU N 265 -15.40 -91.57 91.63
CA GLU N 265 -16.40 -90.60 92.06
C GLU N 265 -17.77 -91.11 91.63
N ASP N 266 -18.80 -90.48 92.17
CA ASP N 266 -20.11 -90.56 91.55
C ASP N 266 -20.04 -89.89 90.17
N PRO N 267 -20.64 -90.51 89.13
CA PRO N 267 -20.23 -90.18 87.76
C PRO N 267 -20.48 -88.74 87.38
N CYS N 268 -21.36 -88.05 88.09
CA CYS N 268 -21.66 -86.65 87.79
C CYS N 268 -20.59 -85.69 88.28
N SER N 269 -19.83 -86.07 89.29
CA SER N 269 -18.84 -85.16 89.85
C SER N 269 -17.46 -85.31 89.21
N ARG N 270 -17.35 -86.06 88.12
CA ARG N 270 -16.16 -86.08 87.27
C ARG N 270 -16.42 -85.22 86.03
N SER N 271 -15.51 -84.29 85.74
CA SER N 271 -15.75 -83.31 84.70
C SER N 271 -14.46 -83.12 83.89
N ASP N 272 -14.63 -82.63 82.66
CA ASP N 272 -13.52 -82.34 81.73
C ASP N 272 -12.92 -80.97 81.95
N GLU N 273 -13.40 -80.24 82.96
CA GLU N 273 -12.92 -78.91 83.32
C GLU N 273 -13.06 -77.96 82.14
N VAL N 274 -14.13 -78.14 81.38
CA VAL N 274 -14.51 -77.27 80.27
C VAL N 274 -15.94 -76.84 80.51
N ASP N 275 -16.14 -75.53 80.71
CA ASP N 275 -17.45 -75.07 81.15
C ASP N 275 -18.52 -75.24 80.08
N ASP N 276 -18.18 -75.06 78.81
CA ASP N 276 -19.22 -75.02 77.78
C ASP N 276 -19.60 -76.38 77.22
N THR N 277 -18.98 -77.48 77.71
CA THR N 277 -19.49 -78.78 77.28
C THR N 277 -20.41 -79.36 78.37
N PRO N 278 -21.60 -79.85 78.02
CA PRO N 278 -22.56 -80.26 79.07
C PRO N 278 -21.99 -81.46 79.81
N ASN N 279 -21.85 -81.33 81.13
CA ASN N 279 -21.12 -82.32 81.90
C ASN N 279 -21.90 -83.62 81.90
N GLN N 280 -21.49 -84.55 81.04
CA GLN N 280 -22.03 -85.89 80.96
C GLN N 280 -21.18 -86.82 81.81
N ALA N 281 -21.66 -88.03 81.96
CA ALA N 281 -20.90 -89.04 82.68
C ALA N 281 -20.72 -90.34 81.91
N ASP N 282 -21.48 -90.56 80.85
CA ASP N 282 -21.43 -91.80 80.09
C ASP N 282 -20.98 -91.54 78.67
N PRO N 283 -19.86 -92.10 78.23
CA PRO N 283 -19.52 -92.03 76.80
C PRO N 283 -20.60 -92.68 75.93
N ASN N 284 -20.88 -92.04 74.80
CA ASN N 284 -21.73 -92.59 73.74
C ASN N 284 -20.84 -93.08 72.61
N PHE N 285 -21.06 -94.33 72.18
CA PHE N 285 -20.35 -94.86 71.02
C PHE N 285 -21.33 -94.98 69.85
N GLY N 286 -20.76 -95.38 68.70
CA GLY N 286 -21.56 -95.43 67.49
C GLY N 286 -21.94 -94.05 67.02
N CYS N 287 -23.17 -93.92 66.55
CA CYS N 287 -23.69 -92.61 66.25
C CYS N 287 -25.01 -92.40 66.99
N PRO N 288 -25.15 -91.32 67.73
CA PRO N 288 -26.32 -91.15 68.59
C PRO N 288 -27.44 -90.35 67.92
N SER N 289 -28.61 -90.41 68.54
CA SER N 289 -29.74 -89.60 68.14
C SER N 289 -29.88 -88.43 69.13
N TYR N 290 -29.96 -87.20 68.60
CA TYR N 290 -30.06 -86.01 69.44
C TYR N 290 -31.42 -85.96 70.14
N PRO N 291 -31.47 -85.69 71.45
CA PRO N 291 -30.34 -85.55 72.40
C PRO N 291 -30.12 -86.74 73.34
N HIS N 292 -28.89 -86.95 73.78
CA HIS N 292 -28.59 -87.95 74.80
C HIS N 292 -28.34 -87.22 76.10
N VAL N 293 -29.15 -87.52 77.11
CA VAL N 293 -29.25 -86.70 78.32
C VAL N 293 -28.52 -87.41 79.45
N SER N 294 -27.34 -86.91 79.83
CA SER N 294 -26.50 -87.53 80.86
C SER N 294 -26.19 -86.49 81.95
N CYS N 295 -26.53 -86.82 83.19
CA CYS N 295 -26.45 -85.90 84.33
C CYS N 295 -27.23 -84.61 84.03
N SER N 296 -28.52 -84.80 83.79
CA SER N 296 -29.41 -83.74 83.31
C SER N 296 -28.82 -83.18 82.02
N ASN N 297 -28.52 -81.89 81.93
CA ASN N 297 -28.11 -81.13 80.74
C ASN N 297 -29.13 -81.17 79.61
N GLY N 298 -30.36 -81.59 79.90
CA GLY N 298 -31.42 -81.58 78.94
C GLY N 298 -32.02 -80.20 78.79
N PRO N 299 -32.66 -79.96 77.64
CA PRO N 299 -32.73 -80.88 76.50
C PRO N 299 -31.53 -80.71 75.60
N ASN N 300 -30.52 -79.95 76.04
CA ASN N 300 -29.31 -79.77 75.26
C ASN N 300 -28.66 -81.10 74.90
N GLY N 301 -28.76 -82.08 75.79
CA GLY N 301 -28.17 -83.35 75.48
C GLY N 301 -26.66 -83.34 75.56
N ASP N 302 -26.06 -84.51 75.41
CA ASP N 302 -24.61 -84.62 75.46
C ASP N 302 -24.01 -84.01 74.20
N MET N 303 -22.72 -83.74 74.26
CA MET N 303 -22.03 -83.21 73.09
C MET N 303 -21.33 -84.35 72.37
N PHE N 304 -22.13 -85.26 71.79
CA PHE N 304 -21.54 -86.40 71.09
C PHE N 304 -20.77 -85.98 69.85
N MET N 305 -21.09 -84.80 69.31
CA MET N 305 -20.34 -84.23 68.20
C MET N 305 -18.90 -83.92 68.58
N ASN N 306 -18.61 -83.83 69.87
CA ASN N 306 -17.26 -83.53 70.32
C ASN N 306 -16.32 -84.72 70.09
N TYR N 307 -15.09 -84.43 69.67
CA TYR N 307 -14.12 -85.47 69.38
C TYR N 307 -13.69 -86.23 70.62
N MET N 308 -13.96 -85.69 71.80
CA MET N 308 -13.59 -86.35 73.04
C MET N 308 -14.64 -87.34 73.52
N ASP N 309 -15.75 -87.48 72.81
CA ASP N 309 -16.67 -88.58 73.07
C ASP N 309 -16.27 -89.79 72.23
N TYR N 310 -16.83 -90.94 72.58
CA TYR N 310 -16.43 -92.19 71.97
C TYR N 310 -17.24 -92.54 70.72
N VAL N 311 -17.91 -91.56 70.12
CA VAL N 311 -18.76 -91.81 68.95
C VAL N 311 -17.92 -92.28 67.77
N ASP N 312 -18.58 -92.76 66.72
CA ASP N 312 -17.90 -93.06 65.48
C ASP N 312 -17.27 -91.79 64.87
N ASP N 313 -16.46 -91.99 63.83
CA ASP N 313 -15.66 -90.90 63.28
C ASP N 313 -16.52 -89.84 62.57
N LYS N 314 -17.56 -90.27 61.87
CA LYS N 314 -18.38 -89.34 61.10
C LYS N 314 -19.33 -88.53 61.97
N CYS N 315 -19.39 -88.79 63.28
CA CYS N 315 -20.28 -88.06 64.17
C CYS N 315 -19.54 -87.19 65.18
N MET N 316 -18.27 -87.47 65.48
CA MET N 316 -17.42 -86.54 66.20
C MET N 316 -16.83 -85.58 65.18
N VAL N 317 -17.19 -84.30 65.30
CA VAL N 317 -16.88 -83.33 64.25
C VAL N 317 -16.16 -82.09 64.75
N MET N 318 -16.16 -81.74 66.04
CA MET N 318 -15.81 -80.39 66.40
C MET N 318 -15.10 -80.33 67.74
N PHE N 319 -14.64 -79.13 68.07
CA PHE N 319 -14.06 -78.81 69.35
C PHE N 319 -14.73 -77.55 69.89
N THR N 320 -14.82 -77.44 71.21
CA THR N 320 -15.51 -76.31 71.84
C THR N 320 -14.56 -75.16 72.09
N GLN N 321 -15.15 -73.97 72.17
CA GLN N 321 -14.36 -72.79 72.49
C GLN N 321 -13.63 -72.98 73.82
N GLY N 322 -14.34 -73.49 74.83
CA GLY N 322 -13.70 -73.74 76.10
C GLY N 322 -12.52 -74.67 75.97
N GLN N 323 -12.70 -75.77 75.22
CA GLN N 323 -11.61 -76.73 75.07
C GLN N 323 -10.39 -76.07 74.45
N ALA N 324 -10.60 -75.29 73.40
CA ALA N 324 -9.49 -74.58 72.78
C ALA N 324 -8.75 -73.74 73.81
N THR N 325 -9.51 -72.99 74.62
CA THR N 325 -8.90 -72.17 75.66
C THR N 325 -8.04 -73.02 76.59
N ARG N 326 -8.48 -74.25 76.84
CA ARG N 326 -7.63 -75.17 77.58
C ARG N 326 -6.41 -75.56 76.77
N VAL N 327 -6.58 -75.77 75.46
CA VAL N 327 -5.42 -76.07 74.63
C VAL N 327 -4.42 -74.92 74.71
N ASN N 328 -4.92 -73.68 74.61
CA ASN N 328 -4.07 -72.49 74.71
C ASN N 328 -3.20 -72.56 75.97
N ALA N 329 -3.80 -72.93 77.10
CA ALA N 329 -3.04 -73.05 78.34
C ALA N 329 -1.98 -74.15 78.28
N CYS N 330 -2.27 -75.24 77.55
CA CYS N 330 -1.26 -76.28 77.37
C CYS N 330 -0.09 -75.80 76.51
N LEU N 331 -0.37 -74.89 75.56
CA LEU N 331 0.67 -74.44 74.64
C LEU N 331 1.61 -73.43 75.31
N ASP N 332 1.06 -72.54 76.14
CA ASP N 332 1.86 -71.44 76.67
C ASP N 332 2.89 -71.93 77.69
N GLY N 333 2.46 -72.74 78.66
CA GLY N 333 3.35 -73.15 79.74
C GLY N 333 4.04 -74.49 79.55
N PRO N 334 3.24 -75.55 79.34
CA PRO N 334 3.86 -76.88 79.13
C PRO N 334 4.61 -77.01 77.83
N ARG N 335 3.98 -76.56 76.74
CA ARG N 335 4.51 -76.75 75.39
C ARG N 335 5.12 -75.47 74.81
N SER N 336 5.59 -74.56 75.67
CA SER N 336 6.15 -73.28 75.20
C SER N 336 7.22 -73.45 74.14
N SER N 337 7.80 -74.65 74.05
CA SER N 337 8.85 -74.90 73.07
C SER N 337 8.35 -74.73 71.64
N PHE N 338 7.17 -75.25 71.33
CA PHE N 338 6.73 -75.32 69.94
C PHE N 338 6.35 -73.97 69.38
N LEU N 339 5.88 -73.06 70.23
CA LEU N 339 5.45 -71.75 69.74
C LEU N 339 6.63 -70.94 69.22
N ALA N 340 7.80 -71.05 69.86
CA ALA N 340 8.95 -70.20 69.59
C ALA N 340 9.67 -70.53 68.28
N ARG N 341 9.31 -71.62 67.61
CA ARG N 341 10.04 -72.13 66.44
C ARG N 341 10.17 -71.12 65.30
#